data_8UAS
#
_entry.id   8UAS
#
_cell.length_a   78.144
_cell.length_b   157.745
_cell.length_c   272.429
_cell.angle_alpha   90.00
_cell.angle_beta   91.06
_cell.angle_gamma   90.00
#
_symmetry.space_group_name_H-M   'P 1 21 1'
#
loop_
_entity.id
_entity.type
_entity.pdbx_description
1 polymer 'Rhodococcus ruber Alcohol Dehydrogenase Chain A'
2 non-polymer 'ISOPROPYL ALCOHOL'
3 non-polymer 'ZINC ION'
4 non-polymer 'SODIUM ION'
5 non-polymer 1-[3-[~{tert}-butyl(dimethyl)silyl]oxypropyl]pyridine-3-carboxamide
6 non-polymer 'CITRIC ACID'
7 water water
#
_entity_poly.entity_id   1
_entity_poly.type   'polypeptide(L)'
_entity_poly.pdbx_seq_one_letter_code
;MGSSHHHHHHSSGLVPRGSHMKAVQYTEIGSEPVVVDIPTPTPGPGEILLKVTAAGLCHSDIFVMDMPAAQYAYGLPLTL
GHEGVGTVAELGEGVTGFGVGDAVAVYGPWGCGACHACARGRENYCTRAADLGITPPGLGSPGSMAEYMIVDSARHLVPI
GDLDPVAAAPLTDAGLTPYHAISRVLPLLGPGSTAVVIGVGGLGHVGIQILRAVSAARVIAVDLDDDRLALAREVGADAA
VKSGAGAADAIRELTGGQGATAVFDFVGAQSTIDTAQQVVAVDGHISVVGIHAGAHAKVGFFMIPFGASVVTPYWGTRSE
LMEVVALARAGRLDIHTETFTLDEGPAAYRRLREGSIRGRGVVVP
;
_entity_poly.pdbx_strand_id   A,B,C,D,E,F,G,H,I,J,K,L
#
# COMPACT_ATOMS: atom_id res chain seq x y z
N LEU A 14 -30.24 -69.94 49.28
CA LEU A 14 -30.75 -70.08 50.64
C LEU A 14 -31.76 -71.23 50.74
N VAL A 15 -31.41 -72.25 51.51
CA VAL A 15 -32.29 -73.42 51.66
C VAL A 15 -33.46 -73.04 52.56
N PRO A 16 -34.70 -73.30 52.13
CA PRO A 16 -35.85 -73.03 53.01
C PRO A 16 -35.72 -73.81 54.31
N ARG A 17 -36.09 -73.16 55.43
CA ARG A 17 -35.78 -73.73 56.73
C ARG A 17 -36.91 -73.63 57.76
N GLY A 18 -38.12 -73.21 57.38
CA GLY A 18 -39.21 -73.30 58.34
C GLY A 18 -40.24 -72.19 58.34
N SER A 19 -40.67 -71.78 59.53
CA SER A 19 -41.80 -70.88 59.72
C SER A 19 -41.42 -69.41 59.70
N HIS A 20 -40.15 -69.08 59.56
CA HIS A 20 -39.71 -67.71 59.37
C HIS A 20 -38.94 -67.59 58.06
N MET A 21 -38.93 -66.39 57.50
CA MET A 21 -38.18 -66.10 56.28
C MET A 21 -37.36 -64.83 56.45
N LYS A 22 -36.26 -64.76 55.69
CA LYS A 22 -35.50 -63.52 55.60
C LYS A 22 -36.21 -62.53 54.69
N ALA A 23 -36.19 -61.27 55.08
CA ALA A 23 -36.83 -60.21 54.31
C ALA A 23 -36.04 -58.93 54.44
N VAL A 24 -36.04 -58.14 53.38
CA VAL A 24 -35.41 -56.82 53.35
C VAL A 24 -36.49 -55.78 53.59
N GLN A 25 -36.40 -55.07 54.71
CA GLN A 25 -37.48 -54.23 55.18
C GLN A 25 -37.00 -52.79 55.40
N TYR A 26 -37.84 -51.85 55.02
CA TYR A 26 -37.72 -50.45 55.44
C TYR A 26 -38.44 -50.32 56.77
N THR A 27 -37.70 -50.04 57.84
CA THR A 27 -38.23 -50.13 59.20
C THR A 27 -38.36 -48.80 59.93
N GLU A 28 -37.55 -47.79 59.59
CA GLU A 28 -37.68 -46.49 60.23
C GLU A 28 -37.28 -45.41 59.24
N ILE A 29 -37.97 -44.27 59.32
CA ILE A 29 -37.78 -43.21 58.34
C ILE A 29 -36.35 -42.70 58.37
N GLY A 30 -35.77 -42.53 57.19
CA GLY A 30 -34.42 -42.01 57.04
C GLY A 30 -33.32 -43.03 57.18
N SER A 31 -33.62 -44.26 57.56
CA SER A 31 -32.61 -45.28 57.75
C SER A 31 -32.50 -46.18 56.52
N GLU A 32 -31.43 -46.96 56.50
CA GLU A 32 -31.26 -47.97 55.45
C GLU A 32 -32.15 -49.18 55.76
N PRO A 33 -32.55 -49.92 54.72
CA PRO A 33 -33.29 -51.16 54.97
C PRO A 33 -32.40 -52.20 55.63
N VAL A 34 -33.04 -53.16 56.29
CA VAL A 34 -32.33 -54.19 57.04
C VAL A 34 -32.92 -55.55 56.72
N VAL A 35 -32.10 -56.58 56.90
CA VAL A 35 -32.53 -57.96 56.73
C VAL A 35 -33.05 -58.46 58.07
N VAL A 36 -34.25 -59.04 58.05
CA VAL A 36 -34.91 -59.50 59.26
C VAL A 36 -35.53 -60.87 59.02
N ASP A 37 -35.66 -61.65 60.08
CA ASP A 37 -36.30 -62.96 60.05
C ASP A 37 -37.74 -62.78 60.55
N ILE A 38 -38.69 -62.70 59.62
CA ILE A 38 -40.08 -62.44 59.98
C ILE A 38 -40.92 -63.69 59.72
N PRO A 39 -42.11 -63.79 60.30
CA PRO A 39 -42.94 -64.98 60.07
C PRO A 39 -43.25 -65.17 58.60
N THR A 40 -43.25 -66.43 58.17
CA THR A 40 -43.65 -66.77 56.81
C THR A 40 -45.16 -66.68 56.69
N PRO A 41 -45.71 -65.85 55.81
CA PRO A 41 -47.16 -65.69 55.76
C PRO A 41 -47.84 -66.95 55.22
N THR A 42 -49.15 -67.02 55.48
CA THR A 42 -49.99 -68.10 55.00
C THR A 42 -51.13 -67.53 54.18
N PRO A 43 -51.44 -68.13 53.03
CA PRO A 43 -52.44 -67.52 52.12
C PRO A 43 -53.85 -67.78 52.61
N GLY A 44 -54.66 -66.72 52.64
CA GLY A 44 -56.08 -66.85 52.87
C GLY A 44 -56.82 -67.24 51.61
N PRO A 45 -58.15 -67.33 51.71
CA PRO A 45 -58.95 -67.70 50.54
C PRO A 45 -58.73 -66.71 49.39
N GLY A 46 -58.49 -67.26 48.20
CA GLY A 46 -58.21 -66.46 47.03
C GLY A 46 -56.77 -66.01 46.89
N GLU A 47 -55.96 -66.13 47.94
CA GLU A 47 -54.57 -65.69 47.90
C GLU A 47 -53.66 -66.82 47.47
N ILE A 48 -52.45 -66.45 47.07
CA ILE A 48 -51.43 -67.41 46.65
C ILE A 48 -50.13 -67.06 47.36
N LEU A 49 -49.47 -68.07 47.92
CA LEU A 49 -48.14 -67.92 48.48
C LEU A 49 -47.12 -68.36 47.44
N LEU A 50 -46.16 -67.48 47.16
CA LEU A 50 -45.09 -67.77 46.23
C LEU A 50 -43.78 -67.96 46.98
N LYS A 51 -42.97 -68.91 46.53
CA LYS A 51 -41.55 -68.92 46.88
C LYS A 51 -40.84 -68.01 45.88
N VAL A 52 -40.26 -66.93 46.39
CA VAL A 52 -39.64 -65.94 45.51
C VAL A 52 -38.37 -66.53 44.89
N THR A 53 -38.23 -66.37 43.58
CA THR A 53 -37.04 -66.80 42.87
C THR A 53 -36.17 -65.64 42.41
N ALA A 54 -36.71 -64.42 42.32
CA ALA A 54 -35.94 -63.25 41.96
C ALA A 54 -36.73 -61.99 42.30
N ALA A 55 -36.06 -61.00 42.88
CA ALA A 55 -36.69 -59.75 43.27
C ALA A 55 -35.80 -58.60 42.82
N GLY A 56 -36.35 -57.71 42.00
CA GLY A 56 -35.56 -56.64 41.41
C GLY A 56 -35.57 -55.37 42.23
N LEU A 57 -34.47 -54.62 42.13
CA LEU A 57 -34.35 -53.31 42.75
C LEU A 57 -34.72 -52.22 41.75
N CYS A 58 -35.44 -51.22 42.23
CA CYS A 58 -35.93 -50.13 41.40
C CYS A 58 -35.55 -48.80 42.05
N HIS A 59 -35.22 -47.81 41.21
CA HIS A 59 -34.89 -46.49 41.74
C HIS A 59 -36.05 -45.89 42.49
N SER A 60 -37.29 -46.28 42.14
CA SER A 60 -38.45 -45.80 42.89
C SER A 60 -38.39 -46.23 44.34
N ASP A 61 -37.71 -47.34 44.63
CA ASP A 61 -37.50 -47.73 46.03
C ASP A 61 -36.68 -46.67 46.76
N ILE A 62 -35.71 -46.07 46.08
CA ILE A 62 -34.93 -45.00 46.68
C ILE A 62 -35.81 -43.78 46.93
N PHE A 63 -36.63 -43.41 45.93
CA PHE A 63 -37.52 -42.28 46.11
C PHE A 63 -38.43 -42.48 47.32
N VAL A 64 -39.00 -43.68 47.46
CA VAL A 64 -39.88 -43.95 48.59
C VAL A 64 -39.12 -43.83 49.90
N MET A 65 -37.93 -44.41 49.97
CA MET A 65 -37.16 -44.39 51.20
C MET A 65 -36.59 -43.03 51.53
N ASP A 66 -36.63 -42.07 50.59
CA ASP A 66 -36.19 -40.71 50.84
C ASP A 66 -37.33 -39.77 51.16
N MET A 67 -38.56 -40.25 51.22
CA MET A 67 -39.68 -39.39 51.57
C MET A 67 -39.62 -39.02 53.05
N PRO A 68 -39.94 -37.78 53.41
CA PRO A 68 -40.00 -37.43 54.83
C PRO A 68 -41.17 -38.11 55.52
N ALA A 69 -41.11 -38.15 56.85
CA ALA A 69 -42.17 -38.78 57.62
C ALA A 69 -43.53 -38.23 57.26
N ALA A 70 -43.60 -36.93 56.95
CA ALA A 70 -44.88 -36.31 56.63
C ALA A 70 -45.45 -36.83 55.31
N GLN A 71 -44.60 -37.26 54.39
CA GLN A 71 -45.03 -37.69 53.07
C GLN A 71 -45.16 -39.21 52.95
N TYR A 72 -44.26 -39.97 53.57
CA TYR A 72 -44.30 -41.42 53.47
C TYR A 72 -45.61 -41.96 54.02
N ALA A 73 -46.34 -42.72 53.19
CA ALA A 73 -47.67 -43.21 53.55
C ALA A 73 -47.82 -44.69 53.21
N TYR A 74 -46.74 -45.47 53.36
CA TYR A 74 -46.76 -46.89 53.03
C TYR A 74 -46.55 -47.78 54.24
N GLY A 75 -46.55 -47.22 55.45
CA GLY A 75 -46.48 -48.01 56.67
C GLY A 75 -45.12 -48.60 56.95
N LEU A 76 -44.80 -48.80 58.23
CA LEU A 76 -43.56 -49.40 58.65
C LEU A 76 -43.86 -50.57 59.59
N PRO A 77 -43.16 -51.70 59.46
CA PRO A 77 -42.10 -51.99 58.48
C PRO A 77 -42.69 -52.30 57.11
N LEU A 78 -41.90 -52.18 56.05
CA LEU A 78 -42.35 -52.50 54.70
C LEU A 78 -41.31 -53.43 54.07
N THR A 79 -41.73 -54.66 53.76
CA THR A 79 -40.90 -55.54 52.94
C THR A 79 -40.82 -54.96 51.54
N LEU A 80 -39.61 -54.56 51.13
CA LEU A 80 -39.41 -53.91 49.85
C LEU A 80 -39.57 -54.90 48.71
N GLY A 81 -39.63 -54.36 47.49
CA GLY A 81 -39.58 -55.17 46.28
C GLY A 81 -40.91 -55.27 45.56
N HIS A 82 -41.07 -54.49 44.48
CA HIS A 82 -42.26 -54.58 43.63
C HIS A 82 -41.95 -55.20 42.27
N GLU A 83 -40.80 -55.86 42.14
CA GLU A 83 -40.36 -56.54 40.92
C GLU A 83 -40.14 -58.01 41.25
N GLY A 84 -41.19 -58.80 41.23
CA GLY A 84 -41.15 -60.16 41.78
C GLY A 84 -41.53 -61.22 40.76
N VAL A 85 -40.78 -62.33 40.77
CA VAL A 85 -41.18 -63.58 40.14
C VAL A 85 -40.94 -64.69 41.17
N GLY A 86 -41.68 -65.78 41.02
CA GLY A 86 -41.51 -66.88 41.94
C GLY A 86 -42.19 -68.13 41.43
N THR A 87 -42.32 -69.10 42.31
CA THR A 87 -43.03 -70.34 42.04
C THR A 87 -44.14 -70.51 43.06
N VAL A 88 -45.28 -71.03 42.61
CA VAL A 88 -46.41 -71.22 43.52
C VAL A 88 -46.02 -72.23 44.58
N ALA A 89 -46.11 -71.81 45.85
CA ALA A 89 -45.78 -72.66 46.99
C ALA A 89 -47.01 -73.23 47.67
N GLU A 90 -48.03 -72.40 47.90
CA GLU A 90 -49.26 -72.84 48.53
C GLU A 90 -50.42 -72.06 47.93
N LEU A 91 -51.49 -72.77 47.58
CA LEU A 91 -52.69 -72.16 47.03
C LEU A 91 -53.69 -71.90 48.15
N GLY A 92 -54.15 -70.67 48.25
CA GLY A 92 -55.23 -70.36 49.18
C GLY A 92 -56.51 -71.05 48.77
N GLU A 93 -57.45 -71.06 49.71
CA GLU A 93 -58.72 -71.75 49.50
C GLU A 93 -59.39 -71.25 48.22
N GLY A 94 -59.82 -72.20 47.39
CA GLY A 94 -60.56 -71.88 46.19
C GLY A 94 -59.75 -71.46 44.99
N VAL A 95 -58.42 -71.36 45.13
CA VAL A 95 -57.59 -70.88 44.03
C VAL A 95 -57.30 -72.06 43.10
N THR A 96 -57.86 -72.01 41.90
CA THR A 96 -57.49 -72.88 40.81
C THR A 96 -56.94 -72.02 39.67
N GLY A 97 -56.38 -72.67 38.66
CA GLY A 97 -55.74 -72.00 37.56
C GLY A 97 -54.22 -71.98 37.65
N PHE A 98 -53.67 -72.28 38.83
CA PHE A 98 -52.24 -72.48 39.00
C PHE A 98 -52.04 -73.70 39.89
N GLY A 99 -50.95 -74.43 39.61
CA GLY A 99 -50.57 -75.55 40.45
C GLY A 99 -49.30 -75.26 41.23
N VAL A 100 -49.08 -76.00 42.32
CA VAL A 100 -47.85 -75.83 43.08
C VAL A 100 -46.67 -76.07 42.16
N GLY A 101 -45.69 -75.17 42.22
CA GLY A 101 -44.50 -75.25 41.40
C GLY A 101 -44.53 -74.39 40.15
N ASP A 102 -45.69 -73.87 39.77
CA ASP A 102 -45.80 -73.06 38.56
C ASP A 102 -44.98 -71.78 38.71
N ALA A 103 -44.19 -71.48 37.69
CA ALA A 103 -43.40 -70.25 37.67
C ALA A 103 -44.27 -69.10 37.19
N VAL A 104 -44.32 -68.01 37.96
CA VAL A 104 -45.21 -66.91 37.68
C VAL A 104 -44.51 -65.58 37.96
N ALA A 105 -44.91 -64.56 37.22
CA ALA A 105 -44.51 -63.18 37.48
C ALA A 105 -45.64 -62.45 38.19
N VAL A 106 -45.27 -61.53 39.07
CA VAL A 106 -46.23 -60.83 39.90
C VAL A 106 -46.62 -59.52 39.23
N TYR A 107 -47.91 -59.41 38.86
CA TYR A 107 -48.44 -58.14 38.41
C TYR A 107 -48.53 -57.18 39.60
N GLY A 108 -47.88 -56.02 39.48
CA GLY A 108 -47.64 -55.16 40.62
C GLY A 108 -48.78 -54.22 40.97
N PRO A 109 -49.25 -53.41 40.01
CA PRO A 109 -50.22 -52.35 40.36
C PRO A 109 -51.64 -52.88 40.60
N TRP A 110 -51.82 -53.48 41.78
CA TRP A 110 -53.09 -54.10 42.12
C TRP A 110 -54.22 -53.07 42.08
N GLY A 111 -55.36 -53.47 41.50
CA GLY A 111 -56.54 -52.67 41.46
C GLY A 111 -57.73 -53.39 42.07
N CYS A 112 -58.88 -52.71 42.04
CA CYS A 112 -60.08 -53.29 42.64
C CYS A 112 -60.68 -54.40 41.79
N GLY A 113 -60.42 -54.39 40.48
CA GLY A 113 -60.94 -55.41 39.60
C GLY A 113 -62.37 -55.22 39.13
N ALA A 114 -63.05 -54.16 39.60
CA ALA A 114 -64.47 -53.98 39.34
C ALA A 114 -64.84 -52.65 38.70
N CYS A 115 -63.96 -51.65 38.75
CA CYS A 115 -64.28 -50.38 38.12
C CYS A 115 -64.13 -50.49 36.60
N HIS A 116 -64.54 -49.44 35.91
CA HIS A 116 -64.50 -49.44 34.45
C HIS A 116 -63.07 -49.67 33.94
N ALA A 117 -62.09 -49.01 34.55
CA ALA A 117 -60.70 -49.18 34.12
C ALA A 117 -60.24 -50.61 34.35
N CYS A 118 -60.55 -51.18 35.52
CA CYS A 118 -60.15 -52.56 35.79
C CYS A 118 -60.82 -53.53 34.83
N ALA A 119 -62.09 -53.26 34.48
CA ALA A 119 -62.81 -54.17 33.59
C ALA A 119 -62.19 -54.24 32.20
N ARG A 120 -61.31 -53.29 31.85
CA ARG A 120 -60.58 -53.32 30.60
C ARG A 120 -59.15 -53.83 30.78
N GLY A 121 -58.80 -54.31 31.97
CA GLY A 121 -57.45 -54.76 32.25
C GLY A 121 -56.52 -53.69 32.75
N ARG A 122 -56.88 -52.42 32.58
CA ARG A 122 -56.05 -51.28 32.99
C ARG A 122 -56.13 -51.07 34.50
N GLU A 123 -55.75 -52.11 35.24
CA GLU A 123 -55.76 -52.02 36.70
C GLU A 123 -54.76 -50.99 37.20
N ASN A 124 -53.73 -50.69 36.41
CA ASN A 124 -52.79 -49.65 36.81
C ASN A 124 -53.45 -48.28 36.91
N TYR A 125 -54.61 -48.12 36.27
CA TYR A 125 -55.39 -46.88 36.35
C TYR A 125 -56.71 -47.10 37.06
N CYS A 126 -56.75 -48.05 37.98
CA CYS A 126 -57.93 -48.27 38.81
C CYS A 126 -58.31 -46.98 39.54
N THR A 127 -59.58 -46.59 39.44
CA THR A 127 -60.07 -45.37 40.06
C THR A 127 -60.54 -45.57 41.50
N ARG A 128 -60.44 -46.78 42.04
CA ARG A 128 -60.88 -47.06 43.39
C ARG A 128 -59.79 -47.59 44.31
N ALA A 129 -58.63 -47.96 43.78
CA ALA A 129 -57.59 -48.56 44.61
C ALA A 129 -57.18 -47.63 45.75
N ALA A 130 -57.04 -46.34 45.48
CA ALA A 130 -56.66 -45.40 46.53
C ALA A 130 -57.68 -45.37 47.65
N ASP A 131 -58.96 -45.22 47.29
CA ASP A 131 -60.02 -45.15 48.30
C ASP A 131 -60.10 -46.43 49.10
N LEU A 132 -59.87 -47.58 48.47
CA LEU A 132 -60.00 -48.87 49.12
C LEU A 132 -58.73 -49.31 49.84
N GLY A 133 -57.63 -48.57 49.69
CA GLY A 133 -56.38 -48.98 50.32
C GLY A 133 -55.66 -50.12 49.64
N ILE A 134 -55.92 -50.35 48.35
CA ILE A 134 -55.24 -51.39 47.60
C ILE A 134 -53.91 -50.82 47.11
N THR A 135 -52.81 -51.38 47.61
CA THR A 135 -51.46 -50.92 47.29
C THR A 135 -50.64 -52.06 46.71
N PRO A 136 -49.61 -51.76 45.93
CA PRO A 136 -48.81 -52.80 45.28
C PRO A 136 -47.88 -53.48 46.28
N PRO A 137 -47.46 -54.72 46.00
CA PRO A 137 -46.43 -55.34 46.84
C PRO A 137 -45.14 -54.53 46.78
N GLY A 138 -44.54 -54.31 47.96
CA GLY A 138 -43.35 -53.49 48.06
C GLY A 138 -43.59 -52.00 48.10
N LEU A 139 -44.83 -51.54 47.91
CA LEU A 139 -45.16 -50.13 47.95
C LEU A 139 -46.45 -49.92 48.74
N GLY A 140 -46.51 -50.54 49.92
CA GLY A 140 -47.70 -50.47 50.75
C GLY A 140 -48.16 -51.83 51.22
N SER A 141 -47.91 -52.84 50.40
CA SER A 141 -48.11 -54.23 50.75
C SER A 141 -46.75 -54.94 50.83
N PRO A 142 -46.67 -56.07 51.51
CA PRO A 142 -45.38 -56.78 51.60
C PRO A 142 -44.87 -57.15 50.22
N GLY A 143 -43.59 -56.88 49.99
CA GLY A 143 -42.98 -57.01 48.68
C GLY A 143 -42.33 -58.36 48.46
N SER A 144 -41.57 -58.44 47.37
CA SER A 144 -40.99 -59.70 46.92
C SER A 144 -39.55 -59.92 47.42
N MET A 145 -38.92 -58.93 48.05
CA MET A 145 -37.55 -59.10 48.53
C MET A 145 -37.57 -59.91 49.83
N ALA A 146 -37.98 -61.16 49.68
CA ALA A 146 -38.05 -62.10 50.79
C ALA A 146 -38.14 -63.50 50.19
N GLU A 147 -38.02 -64.51 51.06
CA GLU A 147 -38.07 -65.88 50.56
C GLU A 147 -39.47 -66.24 50.06
N TYR A 148 -40.51 -65.64 50.65
CA TYR A 148 -41.88 -65.91 50.26
C TYR A 148 -42.65 -64.60 50.23
N MET A 149 -43.76 -64.60 49.51
CA MET A 149 -44.61 -63.42 49.42
C MET A 149 -46.04 -63.87 49.11
N ILE A 150 -46.99 -63.07 49.57
CA ILE A 150 -48.40 -63.29 49.30
C ILE A 150 -48.81 -62.44 48.11
N VAL A 151 -49.61 -63.03 47.22
CA VAL A 151 -50.27 -62.30 46.15
C VAL A 151 -51.78 -62.37 46.41
N ASP A 152 -52.45 -61.24 46.24
CA ASP A 152 -53.83 -61.12 46.69
C ASP A 152 -54.78 -61.96 45.86
N SER A 153 -54.52 -62.12 44.56
CA SER A 153 -55.46 -62.80 43.69
C SER A 153 -54.73 -63.46 42.53
N ALA A 154 -55.34 -64.52 42.00
CA ALA A 154 -54.73 -65.24 40.89
C ALA A 154 -54.58 -64.36 39.66
N ARG A 155 -55.46 -63.38 39.47
CA ARG A 155 -55.37 -62.54 38.28
C ARG A 155 -54.16 -61.64 38.29
N HIS A 156 -53.43 -61.56 39.41
CA HIS A 156 -52.18 -60.81 39.49
C HIS A 156 -50.96 -61.71 39.35
N LEU A 157 -51.14 -62.92 38.82
CA LEU A 157 -50.04 -63.82 38.51
C LEU A 157 -50.04 -64.08 37.01
N VAL A 158 -48.87 -64.00 36.40
CA VAL A 158 -48.70 -64.23 34.97
C VAL A 158 -47.68 -65.35 34.79
N PRO A 159 -48.02 -66.45 34.11
CA PRO A 159 -47.03 -67.53 33.93
C PRO A 159 -45.84 -67.06 33.11
N ILE A 160 -44.66 -67.56 33.47
CA ILE A 160 -43.43 -67.27 32.76
C ILE A 160 -42.76 -68.53 32.23
N GLY A 161 -43.32 -69.71 32.47
CA GLY A 161 -42.70 -70.92 31.96
C GLY A 161 -41.32 -71.13 32.53
N ASP A 162 -40.40 -71.56 31.66
CA ASP A 162 -39.03 -71.85 32.08
C ASP A 162 -38.09 -70.66 31.92
N LEU A 163 -38.62 -69.44 31.89
CA LEU A 163 -37.77 -68.26 31.86
C LEU A 163 -36.89 -68.20 33.09
N ASP A 164 -35.64 -67.82 32.89
CA ASP A 164 -34.70 -67.65 34.00
C ASP A 164 -35.24 -66.59 34.96
N PRO A 165 -35.44 -66.91 36.24
CA PRO A 165 -36.01 -65.91 37.16
C PRO A 165 -35.26 -64.59 37.19
N VAL A 166 -33.91 -64.63 37.21
CA VAL A 166 -33.13 -63.41 37.29
C VAL A 166 -33.48 -62.47 36.13
N ALA A 167 -33.59 -63.02 34.93
CA ALA A 167 -33.94 -62.20 33.78
C ALA A 167 -35.43 -61.87 33.75
N ALA A 168 -36.26 -62.70 34.36
CA ALA A 168 -37.70 -62.48 34.32
C ALA A 168 -38.17 -61.42 35.31
N ALA A 169 -37.50 -61.30 36.46
CA ALA A 169 -37.97 -60.37 37.48
C ALA A 169 -38.07 -58.94 36.97
N PRO A 170 -37.06 -58.38 36.29
CA PRO A 170 -37.20 -56.99 35.80
C PRO A 170 -38.34 -56.79 34.81
N LEU A 171 -38.86 -57.87 34.22
CA LEU A 171 -39.95 -57.72 33.27
C LEU A 171 -41.18 -57.09 33.92
N THR A 172 -41.33 -57.24 35.23
CA THR A 172 -42.54 -56.79 35.91
C THR A 172 -42.60 -55.28 36.07
N ASP A 173 -41.48 -54.58 35.92
CA ASP A 173 -41.48 -53.12 35.99
C ASP A 173 -40.48 -52.52 35.01
N ALA A 174 -39.24 -53.01 35.01
CA ALA A 174 -38.24 -52.50 34.07
C ALA A 174 -38.69 -52.73 32.63
N GLY A 175 -39.45 -53.79 32.38
CA GLY A 175 -40.00 -54.01 31.05
C GLY A 175 -41.42 -53.50 30.92
N LEU A 176 -42.26 -53.79 31.91
CA LEU A 176 -43.68 -53.43 31.81
C LEU A 176 -43.88 -51.93 31.72
N THR A 177 -43.10 -51.15 32.49
CA THR A 177 -43.33 -49.71 32.51
C THR A 177 -42.94 -49.05 31.19
N PRO A 178 -41.75 -49.31 30.62
CA PRO A 178 -41.49 -48.78 29.27
C PRO A 178 -42.44 -49.33 28.22
N TYR A 179 -42.81 -50.61 28.34
CA TYR A 179 -43.72 -51.20 27.37
C TYR A 179 -45.05 -50.47 27.34
N HIS A 180 -45.58 -50.13 28.52
CA HIS A 180 -46.84 -49.41 28.58
C HIS A 180 -46.71 -48.01 27.97
N ALA A 181 -45.65 -47.29 28.34
CA ALA A 181 -45.45 -45.95 27.80
C ALA A 181 -45.37 -45.97 26.29
N ILE A 182 -44.64 -46.93 25.73
CA ILE A 182 -44.54 -47.06 24.28
C ILE A 182 -45.90 -47.43 23.68
N SER A 183 -46.62 -48.35 24.33
CA SER A 183 -47.89 -48.82 23.77
C SER A 183 -48.90 -47.69 23.66
N ARG A 184 -48.83 -46.69 24.54
CA ARG A 184 -49.83 -45.62 24.54
C ARG A 184 -49.87 -44.88 23.20
N VAL A 185 -48.75 -44.87 22.46
CA VAL A 185 -48.69 -44.13 21.21
C VAL A 185 -48.08 -45.00 20.11
N LEU A 186 -48.16 -46.31 20.26
CA LEU A 186 -47.54 -47.21 19.30
C LEU A 186 -48.01 -46.96 17.87
N PRO A 187 -49.28 -46.67 17.61
CA PRO A 187 -49.69 -46.40 16.21
C PRO A 187 -48.95 -45.24 15.57
N LEU A 188 -48.37 -44.33 16.36
CA LEU A 188 -47.59 -43.23 15.80
C LEU A 188 -46.20 -43.67 15.36
N LEU A 189 -45.73 -44.82 15.79
CA LEU A 189 -44.34 -45.23 15.60
C LEU A 189 -44.21 -46.19 14.42
N GLY A 190 -44.65 -45.70 13.24
CA GLY A 190 -44.55 -46.47 12.04
C GLY A 190 -43.23 -46.25 11.34
N PRO A 191 -43.02 -46.92 10.21
CA PRO A 191 -41.80 -46.68 9.42
C PRO A 191 -41.68 -45.22 9.05
N GLY A 192 -40.50 -44.66 9.25
CA GLY A 192 -40.25 -43.25 9.04
C GLY A 192 -40.36 -42.42 10.30
N SER A 193 -40.90 -42.97 11.38
CA SER A 193 -41.00 -42.26 12.64
C SER A 193 -39.68 -42.35 13.40
N THR A 194 -39.53 -41.45 14.38
CA THR A 194 -38.36 -41.42 15.23
C THR A 194 -38.79 -41.41 16.68
N ALA A 195 -38.22 -42.31 17.48
CA ALA A 195 -38.47 -42.39 18.90
C ALA A 195 -37.17 -42.09 19.63
N VAL A 196 -37.21 -41.09 20.52
CA VAL A 196 -36.06 -40.70 21.31
C VAL A 196 -36.20 -41.32 22.70
N VAL A 197 -35.14 -41.97 23.16
CA VAL A 197 -35.08 -42.58 24.49
C VAL A 197 -34.04 -41.81 25.29
N ILE A 198 -34.47 -41.15 26.35
CA ILE A 198 -33.58 -40.42 27.25
C ILE A 198 -33.33 -41.28 28.47
N GLY A 199 -32.08 -41.66 28.68
CA GLY A 199 -31.73 -42.57 29.76
C GLY A 199 -31.62 -44.00 29.26
N VAL A 200 -30.48 -44.64 29.53
CA VAL A 200 -30.26 -46.02 29.14
C VAL A 200 -29.96 -46.83 30.40
N GLY A 201 -30.71 -46.57 31.47
CA GLY A 201 -30.55 -47.28 32.71
C GLY A 201 -31.39 -48.54 32.80
N GLY A 202 -31.94 -48.82 33.98
CA GLY A 202 -32.70 -50.05 34.16
C GLY A 202 -33.89 -50.15 33.23
N LEU A 203 -34.58 -49.04 33.01
CA LEU A 203 -35.77 -49.03 32.15
C LEU A 203 -35.42 -48.67 30.71
N GLY A 204 -34.55 -47.67 30.51
CA GLY A 204 -34.28 -47.21 29.16
C GLY A 204 -33.68 -48.27 28.26
N HIS A 205 -32.73 -49.05 28.80
CA HIS A 205 -32.10 -50.09 27.99
C HIS A 205 -33.07 -51.20 27.62
N VAL A 206 -34.16 -51.35 28.35
CA VAL A 206 -35.22 -52.27 27.94
C VAL A 206 -36.17 -51.59 26.95
N GLY A 207 -36.48 -50.31 27.18
CA GLY A 207 -37.35 -49.61 26.26
C GLY A 207 -36.84 -49.59 24.84
N ILE A 208 -35.52 -49.42 24.67
CA ILE A 208 -34.93 -49.45 23.34
C ILE A 208 -35.24 -50.78 22.65
N GLN A 209 -35.07 -51.88 23.37
CA GLN A 209 -35.31 -53.19 22.77
C GLN A 209 -36.79 -53.38 22.43
N ILE A 210 -37.68 -52.88 23.29
CA ILE A 210 -39.11 -52.97 23.00
C ILE A 210 -39.45 -52.23 21.72
N LEU A 211 -38.95 -51.00 21.59
CA LEU A 211 -39.21 -50.22 20.39
C LEU A 211 -38.76 -50.96 19.13
N ARG A 212 -37.60 -51.64 19.20
CA ARG A 212 -37.13 -52.38 18.05
C ARG A 212 -38.02 -53.58 17.74
N ALA A 213 -38.66 -54.15 18.76
CA ALA A 213 -39.42 -55.38 18.58
C ALA A 213 -40.86 -55.15 18.13
N VAL A 214 -41.48 -54.05 18.57
CA VAL A 214 -42.90 -53.81 18.31
C VAL A 214 -43.13 -52.64 17.37
N SER A 215 -42.07 -52.07 16.80
CA SER A 215 -42.22 -50.97 15.87
C SER A 215 -41.04 -50.94 14.91
N ALA A 216 -41.20 -50.17 13.84
CA ALA A 216 -40.14 -49.90 12.88
C ALA A 216 -39.56 -48.51 13.04
N ALA A 217 -39.79 -47.88 14.19
CA ALA A 217 -39.32 -46.52 14.42
C ALA A 217 -37.81 -46.49 14.54
N ARG A 218 -37.22 -45.38 14.09
CA ARG A 218 -35.81 -45.10 14.34
C ARG A 218 -35.63 -44.73 15.81
N VAL A 219 -34.62 -45.31 16.46
CA VAL A 219 -34.43 -45.17 17.90
C VAL A 219 -33.13 -44.39 18.15
N ILE A 220 -33.26 -43.23 18.79
CA ILE A 220 -32.11 -42.41 19.17
C ILE A 220 -32.05 -42.38 20.69
N ALA A 221 -30.93 -42.81 21.25
CA ALA A 221 -30.73 -42.85 22.69
C ALA A 221 -29.97 -41.62 23.15
N VAL A 222 -30.20 -41.24 24.40
CA VAL A 222 -29.59 -40.06 25.01
C VAL A 222 -29.12 -40.43 26.41
N ASP A 223 -27.85 -40.21 26.70
CA ASP A 223 -27.30 -40.48 28.02
C ASP A 223 -25.97 -39.76 28.16
N LEU A 224 -25.40 -39.84 29.37
CA LEU A 224 -24.18 -39.11 29.68
C LEU A 224 -22.92 -39.93 29.37
N ASP A 225 -22.81 -41.11 29.96
CA ASP A 225 -21.58 -41.88 29.89
C ASP A 225 -21.41 -42.53 28.52
N ASP A 226 -20.16 -42.58 28.05
CA ASP A 226 -19.86 -43.35 26.85
C ASP A 226 -20.27 -44.81 27.02
N ASP A 227 -20.23 -45.32 28.25
CA ASP A 227 -20.69 -46.68 28.52
C ASP A 227 -22.17 -46.82 28.22
N ARG A 228 -22.97 -45.85 28.67
CA ARG A 228 -24.42 -45.92 28.45
C ARG A 228 -24.75 -45.79 26.96
N LEU A 229 -24.06 -44.89 26.25
CA LEU A 229 -24.29 -44.75 24.82
C LEU A 229 -23.95 -46.02 24.08
N ALA A 230 -22.84 -46.67 24.47
CA ALA A 230 -22.48 -47.95 23.85
C ALA A 230 -23.51 -49.03 24.20
N LEU A 231 -23.96 -49.06 25.45
CA LEU A 231 -25.01 -50.00 25.82
C LEU A 231 -26.24 -49.81 24.94
N ALA A 232 -26.61 -48.56 24.67
CA ALA A 232 -27.76 -48.29 23.82
C ALA A 232 -27.58 -48.91 22.45
N ARG A 233 -26.39 -48.75 21.86
CA ARG A 233 -26.12 -49.37 20.56
C ARG A 233 -26.13 -50.88 20.66
N GLU A 234 -25.59 -51.42 21.76
CA GLU A 234 -25.57 -52.87 21.92
C GLU A 234 -26.97 -53.46 21.96
N VAL A 235 -27.91 -52.76 22.60
CA VAL A 235 -29.27 -53.29 22.73
C VAL A 235 -30.18 -52.89 21.58
N GLY A 236 -29.63 -52.22 20.56
CA GLY A 236 -30.36 -52.02 19.31
C GLY A 236 -30.62 -50.57 18.93
N ALA A 237 -30.16 -49.57 19.68
CA ALA A 237 -30.39 -48.19 19.28
C ALA A 237 -29.69 -47.88 17.97
N ASP A 238 -30.41 -47.25 17.04
CA ASP A 238 -29.81 -46.86 15.78
C ASP A 238 -28.74 -45.78 15.97
N ALA A 239 -28.93 -44.90 16.94
CA ALA A 239 -27.99 -43.82 17.19
C ALA A 239 -28.02 -43.46 18.67
N ALA A 240 -26.93 -42.87 19.13
CA ALA A 240 -26.80 -42.48 20.53
C ALA A 240 -26.05 -41.16 20.62
N VAL A 241 -26.57 -40.22 21.40
CA VAL A 241 -25.97 -38.90 21.55
C VAL A 241 -25.84 -38.59 23.04
N LYS A 242 -24.99 -37.62 23.34
CA LYS A 242 -24.75 -37.23 24.73
C LYS A 242 -25.86 -36.31 25.22
N SER A 243 -26.27 -36.53 26.47
CA SER A 243 -27.26 -35.67 27.09
C SER A 243 -26.65 -34.32 27.43
N GLY A 244 -27.51 -33.34 27.69
CA GLY A 244 -27.08 -32.03 28.12
C GLY A 244 -27.51 -30.90 27.21
N ALA A 245 -26.79 -29.78 27.27
CA ALA A 245 -27.19 -28.59 26.53
C ALA A 245 -27.23 -28.83 25.03
N GLY A 246 -26.33 -29.68 24.51
CA GLY A 246 -26.29 -29.97 23.09
C GLY A 246 -27.14 -31.14 22.63
N ALA A 247 -27.89 -31.76 23.54
CA ALA A 247 -28.64 -32.96 23.17
C ALA A 247 -29.71 -32.66 22.14
N ALA A 248 -30.44 -31.55 22.31
CA ALA A 248 -31.52 -31.23 21.39
C ALA A 248 -30.99 -31.02 19.97
N ASP A 249 -29.90 -30.26 19.84
CA ASP A 249 -29.32 -30.02 18.51
C ASP A 249 -28.83 -31.32 17.88
N ALA A 250 -28.17 -32.17 18.66
CA ALA A 250 -27.64 -33.42 18.12
C ALA A 250 -28.76 -34.30 17.58
N ILE A 251 -29.88 -34.37 18.30
CA ILE A 251 -31.01 -35.18 17.84
C ILE A 251 -31.56 -34.63 16.53
N ARG A 252 -31.76 -33.32 16.48
CA ARG A 252 -32.31 -32.71 15.27
C ARG A 252 -31.35 -32.80 14.10
N GLU A 253 -30.04 -32.91 14.37
CA GLU A 253 -29.09 -33.18 13.30
C GLU A 253 -29.36 -34.54 12.68
N LEU A 254 -29.61 -35.55 13.52
CA LEU A 254 -29.86 -36.89 13.01
C LEU A 254 -31.20 -37.00 12.30
N THR A 255 -32.21 -36.25 12.76
CA THR A 255 -33.54 -36.27 12.14
C THR A 255 -33.67 -35.30 10.98
N GLY A 256 -32.58 -34.62 10.58
CA GLY A 256 -32.67 -33.62 9.54
C GLY A 256 -33.46 -32.40 9.95
N GLY A 257 -33.54 -32.11 11.25
CA GLY A 257 -34.27 -30.96 11.73
C GLY A 257 -35.77 -31.12 11.73
N GLN A 258 -36.28 -32.34 11.67
CA GLN A 258 -37.72 -32.58 11.56
C GLN A 258 -38.40 -32.82 12.90
N GLY A 259 -37.64 -33.18 13.93
CA GLY A 259 -38.28 -33.43 15.22
C GLY A 259 -38.66 -34.89 15.39
N ALA A 260 -38.69 -35.32 16.65
CA ALA A 260 -38.92 -36.72 16.99
C ALA A 260 -40.40 -36.99 17.20
N THR A 261 -40.88 -38.11 16.65
CA THR A 261 -42.28 -38.46 16.77
C THR A 261 -42.67 -38.63 18.24
N ALA A 262 -41.85 -39.32 19.02
CA ALA A 262 -42.11 -39.54 20.43
C ALA A 262 -40.81 -39.49 21.20
N VAL A 263 -40.86 -38.89 22.38
CA VAL A 263 -39.73 -38.85 23.30
C VAL A 263 -40.14 -39.58 24.56
N PHE A 264 -39.37 -40.60 24.93
CA PHE A 264 -39.60 -41.38 26.15
C PHE A 264 -38.49 -41.02 27.13
N ASP A 265 -38.84 -40.22 28.14
CA ASP A 265 -37.86 -39.69 29.09
C ASP A 265 -37.91 -40.54 30.36
N PHE A 266 -36.96 -41.46 30.49
CA PHE A 266 -36.84 -42.30 31.65
C PHE A 266 -36.02 -41.66 32.77
N VAL A 267 -35.40 -40.51 32.50
CA VAL A 267 -34.74 -39.76 33.57
C VAL A 267 -35.76 -38.91 34.32
N GLY A 268 -36.48 -38.05 33.60
CA GLY A 268 -37.52 -37.24 34.20
C GLY A 268 -37.03 -35.98 34.87
N ALA A 269 -35.76 -35.62 34.70
CA ALA A 269 -35.27 -34.35 35.21
C ALA A 269 -35.82 -33.21 34.37
N GLN A 270 -35.80 -32.00 34.94
CA GLN A 270 -36.29 -30.84 34.21
C GLN A 270 -35.49 -30.62 32.94
N SER A 271 -34.18 -30.87 32.98
CA SER A 271 -33.35 -30.66 31.80
C SER A 271 -33.67 -31.66 30.70
N THR A 272 -33.96 -32.91 31.06
CA THR A 272 -34.30 -33.91 30.05
C THR A 272 -35.69 -33.65 29.49
N ILE A 273 -36.63 -33.21 30.33
CA ILE A 273 -37.95 -32.83 29.83
C ILE A 273 -37.83 -31.61 28.93
N ASP A 274 -36.97 -30.66 29.29
CA ASP A 274 -36.71 -29.52 28.41
C ASP A 274 -36.21 -29.98 27.05
N THR A 275 -35.25 -30.91 27.05
CA THR A 275 -34.75 -31.44 25.78
C THR A 275 -35.87 -32.12 25.00
N ALA A 276 -36.73 -32.86 25.68
CA ALA A 276 -37.84 -33.54 25.01
C ALA A 276 -38.74 -32.53 24.29
N GLN A 277 -39.05 -31.41 24.95
CA GLN A 277 -39.93 -30.42 24.33
C GLN A 277 -39.25 -29.71 23.17
N GLN A 278 -37.92 -29.63 23.18
CA GLN A 278 -37.19 -28.96 22.12
C GLN A 278 -37.03 -29.82 20.87
N VAL A 279 -37.29 -31.12 20.95
CA VAL A 279 -37.12 -32.02 19.81
C VAL A 279 -38.42 -32.70 19.39
N VAL A 280 -39.47 -32.66 20.20
CA VAL A 280 -40.69 -33.38 19.86
C VAL A 280 -41.30 -32.78 18.60
N ALA A 281 -41.86 -33.63 17.77
CA ALA A 281 -42.46 -33.20 16.51
C ALA A 281 -43.88 -32.71 16.74
N VAL A 282 -44.34 -31.88 15.80
CA VAL A 282 -45.75 -31.49 15.76
C VAL A 282 -46.60 -32.75 15.74
N ASP A 283 -47.64 -32.78 16.57
CA ASP A 283 -48.53 -33.93 16.70
C ASP A 283 -47.82 -35.14 17.30
N GLY A 284 -46.70 -34.93 17.97
CA GLY A 284 -45.92 -36.00 18.57
C GLY A 284 -46.36 -36.33 19.98
N HIS A 285 -45.41 -36.84 20.78
CA HIS A 285 -45.72 -37.31 22.12
C HIS A 285 -44.47 -37.23 22.99
N ILE A 286 -44.66 -36.83 24.25
CA ILE A 286 -43.61 -36.89 25.27
C ILE A 286 -44.14 -37.71 26.43
N SER A 287 -43.42 -38.77 26.78
CA SER A 287 -43.78 -39.63 27.91
C SER A 287 -42.76 -39.39 29.02
N VAL A 288 -43.22 -38.81 30.12
CA VAL A 288 -42.37 -38.52 31.27
C VAL A 288 -42.47 -39.73 32.20
N VAL A 289 -41.49 -40.62 32.12
CA VAL A 289 -41.50 -41.87 32.87
C VAL A 289 -40.66 -41.78 34.13
N GLY A 290 -39.49 -41.13 34.06
CA GLY A 290 -38.67 -40.99 35.25
C GLY A 290 -39.22 -39.96 36.21
N ILE A 291 -38.90 -40.15 37.50
CA ILE A 291 -39.47 -39.37 38.58
C ILE A 291 -38.38 -38.47 39.16
N HIS A 292 -38.56 -37.15 39.02
CA HIS A 292 -37.77 -36.16 39.73
C HIS A 292 -38.75 -35.16 40.32
N ALA A 293 -38.78 -35.06 41.65
CA ALA A 293 -39.78 -34.24 42.32
C ALA A 293 -39.73 -32.80 41.82
N GLY A 294 -40.89 -32.31 41.37
CA GLY A 294 -41.01 -30.96 40.89
C GLY A 294 -40.78 -30.79 39.40
N ALA A 295 -40.09 -31.73 38.76
CA ALA A 295 -39.86 -31.63 37.33
C ALA A 295 -41.16 -31.84 36.57
N HIS A 296 -41.38 -31.02 35.54
CA HIS A 296 -42.63 -31.07 34.81
C HIS A 296 -42.45 -30.52 33.42
N ALA A 297 -43.21 -31.07 32.48
CA ALA A 297 -43.34 -30.45 31.17
C ALA A 297 -44.26 -29.25 31.26
N LYS A 298 -44.09 -28.31 30.34
CA LYS A 298 -44.88 -27.09 30.27
C LYS A 298 -45.67 -27.12 28.97
N VAL A 299 -46.92 -27.54 29.05
CA VAL A 299 -47.76 -27.76 27.89
C VAL A 299 -48.64 -26.51 27.73
N GLY A 300 -48.21 -25.61 26.85
CA GLY A 300 -48.97 -24.41 26.54
C GLY A 300 -48.62 -23.95 25.14
N PHE A 301 -49.45 -23.06 24.62
CA PHE A 301 -49.24 -22.57 23.25
C PHE A 301 -47.89 -21.88 23.15
N PHE A 302 -47.15 -22.19 22.09
CA PHE A 302 -45.84 -21.63 21.80
C PHE A 302 -44.80 -22.02 22.83
N MET A 303 -45.11 -22.96 23.72
CA MET A 303 -44.11 -23.60 24.58
C MET A 303 -43.89 -25.06 24.21
N ILE A 304 -44.71 -25.61 23.31
CA ILE A 304 -44.63 -27.00 22.87
C ILE A 304 -45.30 -27.04 21.51
N PRO A 305 -44.85 -27.90 20.58
CA PRO A 305 -45.48 -27.92 19.25
C PRO A 305 -46.96 -28.27 19.34
N PHE A 306 -47.72 -27.77 18.36
CA PHE A 306 -49.13 -28.10 18.26
C PHE A 306 -49.32 -29.61 18.23
N GLY A 307 -50.35 -30.09 18.94
CA GLY A 307 -50.74 -31.47 18.90
C GLY A 307 -49.80 -32.44 19.58
N ALA A 308 -48.71 -31.97 20.17
CA ALA A 308 -47.78 -32.84 20.88
C ALA A 308 -48.29 -33.08 22.29
N SER A 309 -48.74 -34.30 22.57
CA SER A 309 -49.31 -34.64 23.86
C SER A 309 -48.22 -35.05 24.84
N VAL A 310 -48.50 -34.83 26.11
CA VAL A 310 -47.58 -35.18 27.19
C VAL A 310 -48.36 -35.92 28.28
N VAL A 311 -47.72 -36.93 28.88
CA VAL A 311 -48.35 -37.73 29.92
C VAL A 311 -47.27 -38.27 30.84
N THR A 312 -47.64 -38.49 32.11
CA THR A 312 -46.85 -39.28 33.02
C THR A 312 -47.51 -40.65 33.14
N PRO A 313 -47.04 -41.67 32.43
CA PRO A 313 -47.67 -42.99 32.54
C PRO A 313 -47.31 -43.65 33.86
N TYR A 314 -48.10 -44.66 34.22
CA TYR A 314 -47.91 -45.38 35.47
C TYR A 314 -47.89 -46.88 35.20
N TRP A 315 -46.72 -47.51 35.39
CA TRP A 315 -46.59 -48.96 35.31
C TRP A 315 -47.22 -49.47 34.01
N GLY A 316 -48.01 -50.54 34.07
CA GLY A 316 -48.64 -51.06 32.86
C GLY A 316 -49.80 -51.97 33.18
N THR A 317 -50.46 -52.44 32.12
CA THR A 317 -51.63 -53.27 32.24
C THR A 317 -51.25 -54.74 32.33
N ARG A 318 -52.22 -55.58 32.69
CA ARG A 318 -51.98 -57.01 32.80
C ARG A 318 -51.66 -57.62 31.45
N SER A 319 -52.48 -57.30 30.43
CA SER A 319 -52.21 -57.82 29.09
C SER A 319 -50.85 -57.37 28.58
N GLU A 320 -50.43 -56.16 28.96
CA GLU A 320 -49.10 -55.70 28.55
C GLU A 320 -48.01 -56.55 29.20
N LEU A 321 -48.18 -56.87 30.49
CA LEU A 321 -47.19 -57.72 31.15
C LEU A 321 -47.11 -59.08 30.47
N MET A 322 -48.24 -59.63 30.04
CA MET A 322 -48.20 -60.88 29.29
C MET A 322 -47.45 -60.70 27.97
N GLU A 323 -47.65 -59.57 27.31
CA GLU A 323 -46.92 -59.31 26.06
C GLU A 323 -45.43 -59.13 26.32
N VAL A 324 -45.06 -58.55 27.46
CA VAL A 324 -43.65 -58.40 27.80
C VAL A 324 -43.01 -59.77 28.03
N VAL A 325 -43.72 -60.67 28.72
CA VAL A 325 -43.21 -62.02 28.92
C VAL A 325 -43.07 -62.73 27.59
N ALA A 326 -44.04 -62.54 26.69
CA ALA A 326 -43.96 -63.18 25.38
C ALA A 326 -42.73 -62.70 24.61
N LEU A 327 -42.42 -61.42 24.69
CA LEU A 327 -41.20 -60.90 24.08
C LEU A 327 -39.97 -61.62 24.65
N ALA A 328 -39.92 -61.76 25.97
CA ALA A 328 -38.77 -62.42 26.59
C ALA A 328 -38.66 -63.87 26.16
N ARG A 329 -39.79 -64.60 26.16
CA ARG A 329 -39.75 -66.01 25.79
C ARG A 329 -39.38 -66.20 24.31
N ALA A 330 -39.60 -65.19 23.48
CA ALA A 330 -39.22 -65.25 22.07
C ALA A 330 -37.79 -64.81 21.81
N GLY A 331 -37.05 -64.44 22.86
CA GLY A 331 -35.67 -64.03 22.70
C GLY A 331 -35.48 -62.59 22.27
N ARG A 332 -36.51 -61.75 22.40
CA ARG A 332 -36.44 -60.38 21.92
C ARG A 332 -35.99 -59.40 22.99
N LEU A 333 -35.79 -59.85 24.24
CA LEU A 333 -35.39 -58.98 25.33
C LEU A 333 -34.16 -59.55 26.01
N ASP A 334 -33.09 -58.77 26.05
CA ASP A 334 -31.84 -59.13 26.72
C ASP A 334 -31.68 -58.17 27.90
N ILE A 335 -32.15 -58.60 29.07
CA ILE A 335 -32.15 -57.77 30.26
C ILE A 335 -30.80 -57.92 30.95
N HIS A 336 -30.09 -56.80 31.11
CA HIS A 336 -28.81 -56.81 31.81
C HIS A 336 -29.05 -56.74 33.31
N THR A 337 -28.48 -57.71 34.04
CA THR A 337 -28.75 -57.84 35.46
C THR A 337 -27.45 -58.10 36.23
N GLU A 338 -27.50 -57.76 37.51
CA GLU A 338 -26.47 -58.12 38.48
C GLU A 338 -27.17 -58.77 39.66
N THR A 339 -26.67 -59.93 40.09
CA THR A 339 -27.36 -60.75 41.08
C THR A 339 -26.81 -60.49 42.47
N PHE A 340 -27.72 -60.44 43.46
CA PHE A 340 -27.38 -60.27 44.85
C PHE A 340 -28.11 -61.31 45.68
N THR A 341 -27.60 -61.56 46.88
CA THR A 341 -28.30 -62.38 47.85
C THR A 341 -29.23 -61.52 48.69
N LEU A 342 -30.12 -62.17 49.43
CA LEU A 342 -31.00 -61.44 50.33
C LEU A 342 -30.19 -60.65 51.34
N ASP A 343 -29.17 -61.28 51.94
CA ASP A 343 -28.34 -60.59 52.92
C ASP A 343 -27.63 -59.38 52.31
N GLU A 344 -27.42 -59.38 50.99
CA GLU A 344 -26.78 -58.26 50.30
C GLU A 344 -27.78 -57.18 49.90
N GLY A 345 -29.06 -57.35 50.21
CA GLY A 345 -30.08 -56.43 49.81
C GLY A 345 -29.74 -54.98 50.14
N PRO A 346 -29.52 -54.69 51.42
CA PRO A 346 -29.12 -53.33 51.81
C PRO A 346 -27.91 -52.82 51.03
N ALA A 347 -26.89 -53.65 50.86
CA ALA A 347 -25.72 -53.24 50.09
C ALA A 347 -26.09 -52.98 48.64
N ALA A 348 -27.01 -53.78 48.08
CA ALA A 348 -27.44 -53.56 46.71
C ALA A 348 -28.10 -52.19 46.54
N TYR A 349 -28.92 -51.79 47.51
CA TYR A 349 -29.55 -50.48 47.45
C TYR A 349 -28.52 -49.36 47.56
N ARG A 350 -27.43 -49.59 48.28
CA ARG A 350 -26.35 -48.62 48.29
C ARG A 350 -25.70 -48.51 46.91
N ARG A 351 -25.48 -49.64 46.25
CA ARG A 351 -24.97 -49.61 44.89
C ARG A 351 -25.93 -48.86 43.96
N LEU A 352 -27.24 -49.05 44.16
CA LEU A 352 -28.21 -48.36 43.34
C LEU A 352 -28.14 -46.84 43.55
N ARG A 353 -27.93 -46.41 44.79
CA ARG A 353 -27.86 -44.98 45.08
C ARG A 353 -26.75 -44.31 44.30
N GLU A 354 -25.56 -44.92 44.30
CA GLU A 354 -24.41 -44.36 43.60
C GLU A 354 -24.42 -44.64 42.11
N GLY A 355 -25.42 -45.35 41.59
CA GLY A 355 -25.52 -45.60 40.17
C GLY A 355 -24.47 -46.53 39.61
N SER A 356 -23.91 -47.41 40.44
CA SER A 356 -22.89 -48.36 39.99
C SER A 356 -23.47 -49.68 39.53
N ILE A 357 -24.79 -49.83 39.51
CA ILE A 357 -25.42 -51.05 39.02
C ILE A 357 -25.60 -50.93 37.51
N ARG A 358 -24.94 -51.82 36.77
CA ARG A 358 -25.10 -51.87 35.32
C ARG A 358 -26.36 -52.66 35.01
N GLY A 359 -27.37 -51.99 34.46
CA GLY A 359 -28.64 -52.64 34.17
C GLY A 359 -29.53 -52.62 35.40
N ARG A 360 -30.05 -53.80 35.77
CA ARG A 360 -31.00 -53.93 36.86
C ARG A 360 -30.42 -54.86 37.93
N GLY A 361 -30.45 -54.41 39.19
CA GLY A 361 -30.07 -55.29 40.29
C GLY A 361 -31.22 -56.22 40.64
N VAL A 362 -30.86 -57.48 40.91
CA VAL A 362 -31.85 -58.51 41.21
C VAL A 362 -31.37 -59.32 42.42
N VAL A 363 -32.23 -59.44 43.42
CA VAL A 363 -31.97 -60.28 44.59
C VAL A 363 -32.52 -61.67 44.31
N VAL A 364 -31.71 -62.69 44.58
CA VAL A 364 -32.13 -64.08 44.42
C VAL A 364 -32.10 -64.74 45.79
N PRO A 365 -33.25 -65.08 46.39
CA PRO A 365 -33.23 -65.78 47.68
C PRO A 365 -32.51 -67.13 47.59
N ARG B 17 45.10 25.34 14.74
CA ARG B 17 44.27 25.36 15.94
C ARG B 17 43.43 24.09 16.03
N GLY B 18 42.12 24.26 16.18
CA GLY B 18 41.21 23.14 16.26
C GLY B 18 39.98 23.40 15.42
N SER B 19 39.42 22.31 14.87
CA SER B 19 38.22 22.42 14.04
C SER B 19 37.01 22.90 14.83
N HIS B 20 37.00 22.69 16.14
CA HIS B 20 35.90 23.12 16.99
C HIS B 20 36.42 24.07 18.07
N MET B 21 35.48 24.73 18.76
CA MET B 21 35.83 25.68 19.79
C MET B 21 34.76 25.67 20.87
N LYS B 22 35.18 25.94 22.10
CA LYS B 22 34.25 26.06 23.21
C LYS B 22 33.51 27.38 23.16
N ALA B 23 32.23 27.35 23.48
CA ALA B 23 31.40 28.56 23.43
C ALA B 23 30.27 28.45 24.44
N VAL B 24 29.79 29.60 24.89
CA VAL B 24 28.64 29.70 25.79
C VAL B 24 27.49 30.27 24.95
N GLN B 25 26.42 29.47 24.80
CA GLN B 25 25.34 29.79 23.89
C GLN B 25 24.01 29.82 24.62
N TYR B 26 23.11 30.69 24.13
CA TYR B 26 21.71 30.70 24.52
C TYR B 26 20.94 29.90 23.48
N THR B 27 20.38 28.76 23.89
CA THR B 27 19.85 27.79 22.95
C THR B 27 18.33 27.61 23.02
N GLU B 28 17.73 27.79 24.20
CA GLU B 28 16.29 27.63 24.37
C GLU B 28 15.73 28.79 25.18
N ILE B 29 14.55 29.26 24.78
CA ILE B 29 13.89 30.35 25.49
C ILE B 29 13.56 29.89 26.91
N GLY B 30 13.94 30.71 27.89
CA GLY B 30 13.68 30.41 29.28
C GLY B 30 14.71 29.53 29.95
N SER B 31 15.68 29.02 29.20
CA SER B 31 16.72 28.15 29.74
C SER B 31 18.02 28.91 29.93
N GLU B 32 18.85 28.40 30.83
CA GLU B 32 20.16 28.99 31.06
C GLU B 32 21.08 28.70 29.89
N PRO B 33 22.09 29.54 29.66
CA PRO B 33 23.05 29.26 28.60
C PRO B 33 23.85 28.00 28.89
N VAL B 34 24.39 27.41 27.83
CA VAL B 34 25.09 26.13 27.92
C VAL B 34 26.45 26.26 27.26
N VAL B 35 27.40 25.45 27.75
CA VAL B 35 28.74 25.38 27.18
C VAL B 35 28.75 24.26 26.15
N VAL B 36 29.08 24.60 24.89
CA VAL B 36 29.03 23.66 23.78
C VAL B 36 30.30 23.77 22.97
N ASP B 37 30.55 22.74 22.16
CA ASP B 37 31.67 22.70 21.23
C ASP B 37 31.11 22.88 19.82
N ILE B 38 31.29 24.07 19.26
CA ILE B 38 30.74 24.39 17.94
C ILE B 38 31.90 24.54 16.96
N PRO B 39 31.64 24.54 15.65
CA PRO B 39 32.73 24.67 14.68
C PRO B 39 33.44 26.00 14.81
N THR B 40 34.75 25.98 14.56
CA THR B 40 35.54 27.21 14.55
C THR B 40 35.34 27.92 13.22
N PRO B 41 34.88 29.17 13.22
CA PRO B 41 34.61 29.85 11.95
C PRO B 41 35.88 30.29 11.25
N THR B 42 35.73 30.64 9.97
CA THR B 42 36.81 31.10 9.12
C THR B 42 36.45 32.45 8.53
N PRO B 43 37.41 33.37 8.41
CA PRO B 43 37.08 34.74 7.99
C PRO B 43 36.85 34.83 6.49
N GLY B 44 35.74 35.44 6.09
CA GLY B 44 35.50 35.74 4.71
C GLY B 44 36.29 36.95 4.27
N PRO B 45 36.04 37.44 3.04
CA PRO B 45 36.78 38.61 2.57
C PRO B 45 36.36 39.86 3.34
N GLY B 46 37.36 40.59 3.83
CA GLY B 46 37.12 41.76 4.65
C GLY B 46 36.91 41.47 6.12
N GLU B 47 36.74 40.22 6.50
CA GLU B 47 36.51 39.84 7.89
C GLU B 47 37.83 39.53 8.59
N ILE B 48 37.76 39.47 9.92
CA ILE B 48 38.90 39.14 10.77
C ILE B 48 38.45 38.12 11.80
N LEU B 49 39.23 37.06 11.97
CA LEU B 49 39.01 36.08 13.02
C LEU B 49 39.95 36.39 14.18
N LEU B 50 39.40 36.43 15.39
CA LEU B 50 40.16 36.72 16.58
C LEU B 50 40.21 35.50 17.50
N LYS B 51 41.33 35.36 18.20
CA LYS B 51 41.42 34.44 19.33
C LYS B 51 41.05 35.23 20.58
N VAL B 52 39.86 34.95 21.13
CA VAL B 52 39.35 35.74 22.23
C VAL B 52 40.26 35.59 23.44
N THR B 53 40.63 36.72 24.05
CA THR B 53 41.43 36.73 25.25
C THR B 53 40.65 37.08 26.50
N ALA B 54 39.48 37.71 26.36
CA ALA B 54 38.61 38.01 27.49
C ALA B 54 37.25 38.44 26.96
N ALA B 55 36.20 37.93 27.59
CA ALA B 55 34.82 38.23 27.19
C ALA B 55 34.03 38.58 28.44
N GLY B 56 33.40 39.75 28.44
CA GLY B 56 32.73 40.25 29.62
C GLY B 56 31.25 39.92 29.66
N LEU B 57 30.72 39.79 30.87
CA LEU B 57 29.30 39.59 31.10
C LEU B 57 28.61 40.92 31.33
N CYS B 58 27.44 41.08 30.74
CA CYS B 58 26.66 42.31 30.86
C CYS B 58 25.26 41.97 31.36
N HIS B 59 24.73 42.83 32.23
CA HIS B 59 23.40 42.58 32.78
C HIS B 59 22.33 42.58 31.69
N SER B 60 22.58 43.26 30.56
CA SER B 60 21.64 43.22 29.45
C SER B 60 21.59 41.84 28.80
N ASP B 61 22.61 41.00 29.02
CA ASP B 61 22.51 39.60 28.59
C ASP B 61 21.39 38.90 29.34
N ILE B 62 21.24 39.18 30.64
CA ILE B 62 20.12 38.64 31.40
C ILE B 62 18.81 39.14 30.84
N PHE B 63 18.74 40.43 30.50
CA PHE B 63 17.51 40.99 29.93
C PHE B 63 17.13 40.28 28.65
N VAL B 64 18.10 40.06 27.76
CA VAL B 64 17.81 39.38 26.50
C VAL B 64 17.31 37.96 26.78
N MET B 65 18.01 37.23 27.64
CA MET B 65 17.62 35.86 27.95
C MET B 65 16.31 35.78 28.73
N ASP B 66 15.84 36.88 29.29
CA ASP B 66 14.58 36.90 30.02
C ASP B 66 13.40 37.30 29.14
N MET B 67 13.64 37.70 27.89
CA MET B 67 12.54 38.05 27.00
C MET B 67 11.73 36.79 26.66
N PRO B 68 10.42 36.93 26.49
CA PRO B 68 9.62 35.80 26.03
C PRO B 68 9.88 35.50 24.56
N ALA B 69 9.44 34.32 24.12
CA ALA B 69 9.66 33.91 22.75
C ALA B 69 9.12 34.93 21.76
N ALA B 70 8.00 35.59 22.09
CA ALA B 70 7.43 36.56 21.17
C ALA B 70 8.34 37.76 20.97
N GLN B 71 9.02 38.20 22.03
CA GLN B 71 9.88 39.38 21.95
C GLN B 71 11.28 39.05 21.47
N TYR B 72 11.85 37.94 21.92
CA TYR B 72 13.20 37.57 21.52
C TYR B 72 13.28 37.43 20.00
N ALA B 73 14.24 38.14 19.39
CA ALA B 73 14.39 38.14 17.95
C ALA B 73 15.86 38.13 17.53
N TYR B 74 16.72 37.54 18.35
CA TYR B 74 18.15 37.48 18.07
C TYR B 74 18.61 36.09 17.66
N GLY B 75 17.68 35.20 17.29
CA GLY B 75 18.03 33.91 16.76
C GLY B 75 18.58 32.94 17.78
N LEU B 76 18.39 31.65 17.55
CA LEU B 76 18.92 30.59 18.41
C LEU B 76 19.59 29.53 17.55
N PRO B 77 20.75 29.02 17.96
CA PRO B 77 21.52 29.38 19.16
C PRO B 77 22.23 30.71 18.99
N LEU B 78 22.66 31.34 20.08
CA LEU B 78 23.35 32.62 20.03
C LEU B 78 24.55 32.55 20.95
N THR B 79 25.75 32.62 20.39
CA THR B 79 26.96 32.75 21.19
C THR B 79 26.93 34.10 21.91
N LEU B 80 26.88 34.06 23.23
CA LEU B 80 26.76 35.28 24.02
C LEU B 80 28.10 36.03 24.03
N GLY B 81 28.05 37.27 24.55
CA GLY B 81 29.24 38.05 24.76
C GLY B 81 29.42 39.18 23.77
N HIS B 82 29.08 40.41 24.17
CA HIS B 82 29.32 41.59 23.36
C HIS B 82 30.42 42.48 23.96
N GLU B 83 31.16 41.99 24.95
CA GLU B 83 32.31 42.66 25.54
C GLU B 83 33.54 41.84 25.16
N GLY B 84 34.14 42.16 24.02
CA GLY B 84 35.18 41.30 23.48
C GLY B 84 36.52 41.94 23.22
N VAL B 85 37.58 41.25 23.63
CA VAL B 85 38.95 41.60 23.31
CA VAL B 85 38.95 41.60 23.29
C VAL B 85 39.67 40.33 22.86
N GLY B 86 40.62 40.48 21.95
CA GLY B 86 41.34 39.33 21.47
C GLY B 86 42.56 39.73 20.68
N THR B 87 43.17 38.72 20.06
CA THR B 87 44.33 38.90 19.19
C THR B 87 43.98 38.42 17.80
N VAL B 88 44.49 39.13 16.79
CA VAL B 88 44.20 38.77 15.41
C VAL B 88 44.71 37.37 15.14
N ALA B 89 43.80 36.45 14.82
CA ALA B 89 44.16 35.07 14.52
C ALA B 89 44.36 34.85 13.02
N GLU B 90 43.42 35.29 12.20
CA GLU B 90 43.48 35.12 10.76
C GLU B 90 42.85 36.33 10.07
N LEU B 91 43.53 36.83 9.05
CA LEU B 91 43.06 37.96 8.28
C LEU B 91 42.29 37.48 7.05
N GLY B 92 41.11 38.04 6.84
CA GLY B 92 40.36 37.75 5.64
C GLY B 92 41.01 38.39 4.42
N GLU B 93 40.47 38.03 3.26
CA GLU B 93 41.02 38.51 1.99
C GLU B 93 40.91 40.03 1.89
N GLY B 94 42.02 40.69 1.62
CA GLY B 94 42.05 42.12 1.43
C GLY B 94 42.06 42.94 2.69
N VAL B 95 42.19 42.32 3.85
CA VAL B 95 42.16 43.04 5.12
C VAL B 95 43.58 43.51 5.44
N THR B 96 43.81 44.81 5.29
CA THR B 96 45.04 45.45 5.73
C THR B 96 44.72 46.42 6.87
N GLY B 97 45.74 46.71 7.67
CA GLY B 97 45.61 47.57 8.83
C GLY B 97 45.86 46.87 10.13
N PHE B 98 45.86 45.54 10.15
CA PHE B 98 46.16 44.76 11.35
C PHE B 98 46.97 43.54 10.95
N GLY B 99 48.01 43.25 11.73
CA GLY B 99 48.81 42.06 11.55
C GLY B 99 48.37 40.96 12.52
N VAL B 100 48.67 39.72 12.13
CA VAL B 100 48.34 38.58 12.98
C VAL B 100 49.03 38.75 14.32
N GLY B 101 48.28 38.56 15.40
CA GLY B 101 48.79 38.71 16.75
C GLY B 101 48.46 40.04 17.40
N ASP B 102 47.98 41.02 16.63
CA ASP B 102 47.68 42.33 17.19
C ASP B 102 46.56 42.22 18.22
N ALA B 103 46.77 42.84 19.38
CA ALA B 103 45.74 42.90 20.40
C ALA B 103 44.73 43.98 20.03
N VAL B 104 43.45 43.63 20.05
CA VAL B 104 42.39 44.51 19.56
C VAL B 104 41.15 44.36 20.42
N ALA B 105 40.39 45.45 20.53
CA ALA B 105 39.07 45.45 21.14
C ALA B 105 38.01 45.49 20.04
N VAL B 106 36.87 44.86 20.32
CA VAL B 106 35.80 44.75 19.34
C VAL B 106 34.81 45.88 19.56
N TYR B 107 34.68 46.75 18.56
CA TYR B 107 33.61 47.75 18.56
C TYR B 107 32.29 47.04 18.28
N GLY B 108 31.35 47.14 19.23
CA GLY B 108 30.18 46.30 19.24
C GLY B 108 29.06 46.71 18.31
N PRO B 109 28.54 47.93 18.45
CA PRO B 109 27.33 48.30 17.72
C PRO B 109 27.58 48.52 16.24
N TRP B 110 27.68 47.42 15.49
CA TRP B 110 28.00 47.50 14.08
C TRP B 110 26.92 48.25 13.31
N GLY B 111 27.34 49.08 12.36
CA GLY B 111 26.44 49.82 11.50
C GLY B 111 26.74 49.56 10.03
N CYS B 112 25.98 50.23 9.18
CA CYS B 112 26.14 50.07 7.74
C CYS B 112 27.39 50.77 7.21
N GLY B 113 27.88 51.78 7.91
CA GLY B 113 29.06 52.50 7.49
C GLY B 113 28.86 53.53 6.40
N ALA B 114 27.62 53.71 5.93
CA ALA B 114 27.36 54.59 4.80
C ALA B 114 26.28 55.64 5.04
N CYS B 115 25.48 55.52 6.09
CA CYS B 115 24.47 56.53 6.34
C CYS B 115 25.10 57.77 6.97
N HIS B 116 24.30 58.82 7.13
CA HIS B 116 24.82 60.06 7.68
C HIS B 116 25.37 59.86 9.09
N ALA B 117 24.69 59.07 9.92
CA ALA B 117 25.19 58.83 11.27
C ALA B 117 26.51 58.08 11.26
N CYS B 118 26.64 57.07 10.39
CA CYS B 118 27.86 56.28 10.34
C CYS B 118 29.05 57.11 9.87
N ALA B 119 28.84 57.99 8.89
CA ALA B 119 29.94 58.79 8.38
C ALA B 119 30.45 59.79 9.40
N ARG B 120 29.65 60.15 10.39
CA ARG B 120 30.10 61.00 11.48
C ARG B 120 30.80 60.23 12.59
N GLY B 121 30.93 58.91 12.44
CA GLY B 121 31.50 58.06 13.47
C GLY B 121 30.49 57.47 14.42
N ARG B 122 29.24 57.95 14.40
CA ARG B 122 28.21 57.51 15.34
C ARG B 122 27.51 56.26 14.81
N GLU B 123 28.30 55.19 14.63
CA GLU B 123 27.75 53.95 14.10
C GLU B 123 26.73 53.34 15.06
N ASN B 124 26.82 53.65 16.35
CA ASN B 124 25.84 53.14 17.29
C ASN B 124 24.45 53.67 17.01
N TYR B 125 24.34 54.76 16.24
CA TYR B 125 23.06 55.34 15.87
C TYR B 125 22.78 55.19 14.37
N CYS B 126 23.30 54.12 13.78
CA CYS B 126 23.05 53.84 12.37
C CYS B 126 21.56 53.73 12.10
N THR B 127 21.09 54.46 11.08
CA THR B 127 19.69 54.48 10.72
C THR B 127 19.30 53.40 9.72
N ARG B 128 20.21 52.48 9.40
CA ARG B 128 19.94 51.43 8.44
C ARG B 128 20.32 50.04 8.92
N ALA B 129 20.97 49.92 10.07
CA ALA B 129 21.39 48.61 10.55
C ALA B 129 20.19 47.69 10.79
N ALA B 130 19.12 48.22 11.39
CA ALA B 130 17.94 47.41 11.64
C ALA B 130 17.36 46.87 10.34
N ASP B 131 17.23 47.74 9.32
CA ASP B 131 16.66 47.31 8.06
C ASP B 131 17.55 46.30 7.35
N LEU B 132 18.88 46.49 7.44
CA LEU B 132 19.82 45.62 6.77
C LEU B 132 20.18 44.38 7.58
N GLY B 133 19.61 44.22 8.78
CA GLY B 133 19.93 43.06 9.59
C GLY B 133 21.34 43.03 10.14
N ILE B 134 21.93 44.19 10.39
CA ILE B 134 23.27 44.29 10.97
C ILE B 134 23.11 44.35 12.48
N THR B 135 23.58 43.33 13.18
CA THR B 135 23.45 43.19 14.62
C THR B 135 24.81 43.04 15.27
N PRO B 136 24.94 43.41 16.55
CA PRO B 136 26.24 43.33 17.21
C PRO B 136 26.58 41.89 17.58
N PRO B 137 27.86 41.58 17.77
CA PRO B 137 28.22 40.27 18.33
C PRO B 137 27.55 40.06 19.67
N GLY B 138 27.00 38.86 19.87
CA GLY B 138 26.31 38.53 21.09
C GLY B 138 24.89 39.04 21.19
N LEU B 139 24.45 39.89 20.25
CA LEU B 139 23.10 40.41 20.21
C LEU B 139 22.49 40.22 18.82
N GLY B 140 22.67 39.02 18.26
CA GLY B 140 22.19 38.74 16.91
C GLY B 140 23.26 38.09 16.06
N SER B 141 24.51 38.48 16.27
CA SER B 141 25.66 37.85 15.64
C SER B 141 26.45 37.07 16.69
N PRO B 142 27.25 36.09 16.25
CA PRO B 142 28.02 35.31 17.23
C PRO B 142 28.91 36.19 18.10
N GLY B 143 28.83 35.98 19.41
CA GLY B 143 29.49 36.84 20.37
C GLY B 143 30.92 36.43 20.67
N SER B 144 31.48 37.06 21.70
CA SER B 144 32.87 36.87 22.07
C SER B 144 33.08 35.84 23.16
N MET B 145 32.02 35.33 23.78
CA MET B 145 32.17 34.29 24.81
C MET B 145 32.44 32.94 24.15
N ALA B 146 33.58 32.88 23.48
CA ALA B 146 34.02 31.67 22.79
C ALA B 146 35.53 31.76 22.61
N GLU B 147 36.14 30.64 22.21
CA GLU B 147 37.58 30.63 21.98
C GLU B 147 37.95 31.53 20.81
N TYR B 148 37.06 31.68 19.84
CA TYR B 148 37.31 32.50 18.66
C TYR B 148 36.03 33.22 18.28
N MET B 149 36.18 34.30 17.50
CA MET B 149 35.02 35.04 17.01
C MET B 149 35.38 35.73 15.70
N ILE B 150 34.35 36.02 14.92
CA ILE B 150 34.49 36.72 13.65
C ILE B 150 34.10 38.18 13.84
N VAL B 151 34.87 39.08 13.24
CA VAL B 151 34.54 40.50 13.19
C VAL B 151 34.34 40.87 11.74
N ASP B 152 33.24 41.60 11.46
CA ASP B 152 32.81 41.80 10.08
C ASP B 152 33.79 42.67 9.30
N SER B 153 34.35 43.69 9.93
CA SER B 153 35.18 44.67 9.24
C SER B 153 36.33 45.11 10.12
N ALA B 154 37.40 45.58 9.48
CA ALA B 154 38.55 46.11 10.21
C ALA B 154 38.22 47.39 10.94
N ARG B 155 37.21 48.14 10.49
CA ARG B 155 36.85 49.38 11.15
C ARG B 155 36.19 49.14 12.51
N HIS B 156 35.86 47.89 12.84
CA HIS B 156 35.30 47.54 14.13
C HIS B 156 36.34 46.93 15.06
N LEU B 157 37.62 47.14 14.78
CA LEU B 157 38.72 46.71 15.63
C LEU B 157 39.48 47.94 16.10
N VAL B 158 39.74 48.02 17.40
CA VAL B 158 40.47 49.13 18.01
C VAL B 158 41.69 48.53 18.72
N PRO B 159 42.91 48.97 18.40
CA PRO B 159 44.08 48.39 19.08
C PRO B 159 44.15 48.79 20.54
N ILE B 160 44.56 47.84 21.38
CA ILE B 160 44.68 48.06 22.81
C ILE B 160 46.12 47.92 23.29
N GLY B 161 47.06 47.63 22.41
CA GLY B 161 48.45 47.51 22.83
C GLY B 161 48.63 46.39 23.83
N ASP B 162 49.45 46.66 24.86
CA ASP B 162 49.78 45.67 25.87
C ASP B 162 48.84 45.72 27.09
N LEU B 163 47.61 46.22 26.90
CA LEU B 163 46.66 46.23 27.99
C LEU B 163 46.28 44.81 28.39
N ASP B 164 46.11 44.58 29.68
CA ASP B 164 45.70 43.27 30.16
C ASP B 164 44.30 42.96 29.63
N PRO B 165 44.11 41.86 28.89
CA PRO B 165 42.79 41.60 28.30
C PRO B 165 41.65 41.58 29.31
N VAL B 166 41.88 41.07 30.53
CA VAL B 166 40.81 40.97 31.51
C VAL B 166 40.24 42.35 31.83
N ALA B 167 41.11 43.33 32.03
CA ALA B 167 40.66 44.69 32.28
C ALA B 167 40.29 45.44 31.01
N ALA B 168 40.69 44.93 29.85
CA ALA B 168 40.37 45.59 28.59
C ALA B 168 38.99 45.22 28.06
N ALA B 169 38.52 44.01 28.31
CA ALA B 169 37.22 43.60 27.81
C ALA B 169 36.10 44.53 28.27
N PRO B 170 35.97 44.87 29.55
CA PRO B 170 34.87 45.76 29.96
C PRO B 170 34.90 47.12 29.29
N LEU B 171 36.06 47.58 28.80
CA LEU B 171 36.12 48.88 28.15
C LEU B 171 35.17 48.98 26.96
N THR B 172 34.84 47.84 26.34
CA THR B 172 34.04 47.85 25.13
C THR B 172 32.57 48.16 25.41
N ASP B 173 32.10 47.99 26.65
CA ASP B 173 30.72 48.29 26.98
C ASP B 173 30.61 48.94 28.36
N ALA B 174 31.23 48.33 29.37
CA ALA B 174 31.20 48.91 30.71
C ALA B 174 31.90 50.25 30.77
N GLY B 175 32.84 50.52 29.87
CA GLY B 175 33.48 51.81 29.79
C GLY B 175 32.89 52.66 28.68
N LEU B 176 32.66 52.05 27.51
CA LEU B 176 32.21 52.80 26.36
C LEU B 176 30.81 53.38 26.56
N THR B 177 29.91 52.62 27.19
CA THR B 177 28.54 53.09 27.33
C THR B 177 28.45 54.24 28.34
N PRO B 178 29.04 54.15 29.54
CA PRO B 178 29.08 55.35 30.40
C PRO B 178 29.82 56.50 29.75
N TYR B 179 30.91 56.23 29.03
CA TYR B 179 31.66 57.29 28.38
C TYR B 179 30.80 58.05 27.38
N HIS B 180 30.01 57.32 26.58
CA HIS B 180 29.14 57.97 25.61
C HIS B 180 28.07 58.79 26.32
N ALA B 181 27.41 58.19 27.32
CA ALA B 181 26.38 58.92 28.06
C ALA B 181 26.93 60.21 28.64
N ILE B 182 28.14 60.16 29.20
CA ILE B 182 28.75 61.36 29.75
C ILE B 182 29.11 62.34 28.64
N SER B 183 29.62 61.84 27.52
CA SER B 183 30.11 62.72 26.46
C SER B 183 28.97 63.54 25.84
N ARG B 184 27.75 63.00 25.82
CA ARG B 184 26.64 63.72 25.21
C ARG B 184 26.42 65.08 25.84
N VAL B 185 26.79 65.24 27.11
CA VAL B 185 26.53 66.48 27.83
C VAL B 185 27.78 66.94 28.56
N LEU B 186 28.96 66.53 28.09
CA LEU B 186 30.19 66.90 28.76
C LEU B 186 30.37 68.42 28.91
N PRO B 187 30.02 69.24 27.92
CA PRO B 187 30.20 70.69 28.10
C PRO B 187 29.42 71.28 29.28
N LEU B 188 28.40 70.59 29.77
CA LEU B 188 27.65 71.07 30.92
C LEU B 188 28.34 70.77 32.25
N LEU B 189 29.42 69.99 32.23
CA LEU B 189 30.02 69.48 33.47
C LEU B 189 31.35 70.16 33.77
N GLY B 190 31.35 71.50 33.76
CA GLY B 190 32.53 72.24 34.16
C GLY B 190 32.66 72.34 35.65
N PRO B 191 33.73 73.00 36.10
CA PRO B 191 33.90 73.22 37.55
C PRO B 191 32.67 73.89 38.15
N GLY B 192 32.29 73.42 39.32
CA GLY B 192 31.07 73.87 39.97
C GLY B 192 29.85 73.03 39.70
N SER B 193 29.88 72.19 38.67
CA SER B 193 28.76 71.34 38.35
C SER B 193 28.77 70.09 39.23
N THR B 194 27.62 69.42 39.29
CA THR B 194 27.47 68.19 40.04
C THR B 194 26.86 67.13 39.14
N ALA B 195 27.48 65.95 39.10
CA ALA B 195 26.99 64.82 38.35
C ALA B 195 26.61 63.71 39.33
N VAL B 196 25.35 63.27 39.27
CA VAL B 196 24.85 62.19 40.12
C VAL B 196 24.94 60.89 39.34
N VAL B 197 25.49 59.86 39.97
CA VAL B 197 25.63 58.54 39.37
C VAL B 197 24.81 57.56 40.19
N ILE B 198 23.76 57.01 39.60
CA ILE B 198 22.90 56.04 40.26
C ILE B 198 23.28 54.65 39.77
N GLY B 199 23.63 53.77 40.70
CA GLY B 199 24.11 52.45 40.36
C GLY B 199 25.61 52.42 40.25
N VAL B 200 26.27 51.66 41.13
CA VAL B 200 27.73 51.56 41.16
C VAL B 200 28.12 50.13 40.82
N GLY B 201 27.48 49.57 39.80
CA GLY B 201 27.82 48.24 39.33
C GLY B 201 28.89 48.23 38.27
N GLY B 202 28.74 47.35 37.27
CA GLY B 202 29.76 47.23 36.24
C GLY B 202 29.96 48.52 35.46
N LEU B 203 28.86 49.19 35.11
CA LEU B 203 28.95 50.43 34.35
C LEU B 203 29.23 51.62 35.26
N GLY B 204 28.49 51.73 36.36
CA GLY B 204 28.58 52.93 37.19
C GLY B 204 29.97 53.13 37.79
N HIS B 205 30.57 52.05 38.29
CA HIS B 205 31.89 52.18 38.91
C HIS B 205 32.95 52.63 37.91
N VAL B 206 32.72 52.43 36.62
CA VAL B 206 33.59 53.01 35.59
C VAL B 206 33.13 54.43 35.24
N GLY B 207 31.83 54.67 35.21
CA GLY B 207 31.33 56.00 34.92
C GLY B 207 31.87 57.04 35.89
N ILE B 208 31.96 56.68 37.17
CA ILE B 208 32.52 57.59 38.17
C ILE B 208 33.94 57.97 37.79
N GLN B 209 34.76 56.98 37.44
CA GLN B 209 36.15 57.25 37.11
C GLN B 209 36.27 58.10 35.85
N ILE B 210 35.39 57.87 34.87
CA ILE B 210 35.42 58.67 33.65
C ILE B 210 35.12 60.13 33.99
N LEU B 211 34.12 60.37 34.84
CA LEU B 211 33.77 61.73 35.22
C LEU B 211 34.96 62.45 35.86
N ARG B 212 35.71 61.74 36.72
CA ARG B 212 36.86 62.35 37.37
C ARG B 212 37.97 62.68 36.39
N ALA B 213 38.02 61.97 35.26
CA ALA B 213 39.15 62.09 34.34
C ALA B 213 38.94 63.12 33.25
N VAL B 214 37.71 63.27 32.76
CA VAL B 214 37.43 64.17 31.64
C VAL B 214 36.62 65.38 32.06
N SER B 215 36.42 65.58 33.37
CA SER B 215 35.68 66.74 33.86
C SER B 215 36.13 67.04 35.28
N ALA B 216 35.78 68.25 35.73
CA ALA B 216 36.02 68.68 37.10
C ALA B 216 34.73 68.70 37.92
N ALA B 217 33.71 67.99 37.47
CA ALA B 217 32.43 67.98 38.16
C ALA B 217 32.53 67.21 39.48
N ARG B 218 31.71 67.63 40.44
CA ARG B 218 31.56 66.89 41.69
C ARG B 218 30.67 65.68 41.43
N VAL B 219 31.11 64.52 41.90
CA VAL B 219 30.44 63.24 41.64
C VAL B 219 29.80 62.74 42.92
N ILE B 220 28.48 62.54 42.88
CA ILE B 220 27.71 61.98 43.99
C ILE B 220 27.14 60.66 43.52
N ALA B 221 27.48 59.58 44.23
CA ALA B 221 27.06 58.24 43.85
C ALA B 221 25.83 57.82 44.67
N VAL B 222 25.05 56.91 44.09
CA VAL B 222 23.83 56.40 44.72
C VAL B 222 23.75 54.91 44.47
N ASP B 223 23.50 54.14 45.53
CA ASP B 223 23.35 52.70 45.42
C ASP B 223 22.65 52.19 46.68
N LEU B 224 22.41 50.88 46.71
CA LEU B 224 21.65 50.24 47.78
C LEU B 224 22.54 49.60 48.84
N ASP B 225 23.66 48.99 48.43
CA ASP B 225 24.52 48.26 49.35
C ASP B 225 25.62 49.17 49.89
N ASP B 226 25.95 48.98 51.17
CA ASP B 226 27.07 49.72 51.75
C ASP B 226 28.38 49.40 51.04
N ASP B 227 28.49 48.21 50.45
CA ASP B 227 29.70 47.86 49.71
C ASP B 227 29.77 48.62 48.39
N ARG B 228 28.64 48.84 47.74
CA ARG B 228 28.64 49.63 46.50
C ARG B 228 28.98 51.08 46.79
N LEU B 229 28.47 51.63 47.89
CA LEU B 229 28.80 53.01 48.26
C LEU B 229 30.29 53.15 48.56
N ALA B 230 30.86 52.17 49.27
CA ALA B 230 32.29 52.21 49.53
C ALA B 230 33.09 52.10 48.24
N LEU B 231 32.63 51.26 47.31
CA LEU B 231 33.28 51.16 46.02
C LEU B 231 33.27 52.51 45.29
N ALA B 232 32.15 53.23 45.37
CA ALA B 232 32.05 54.53 44.71
C ALA B 232 33.13 55.48 45.24
N ARG B 233 33.28 55.55 46.57
CA ARG B 233 34.35 56.36 47.14
C ARG B 233 35.71 55.82 46.75
N GLU B 234 35.84 54.49 46.64
CA GLU B 234 37.12 53.89 46.30
C GLU B 234 37.61 54.35 44.92
N VAL B 235 36.69 54.68 44.01
CA VAL B 235 37.05 55.00 42.64
C VAL B 235 36.86 56.49 42.35
N GLY B 236 36.75 57.33 43.39
CA GLY B 236 36.83 58.76 43.21
C GLY B 236 35.55 59.55 43.45
N ALA B 237 34.45 58.89 43.80
CA ALA B 237 33.21 59.62 44.08
C ALA B 237 33.44 60.57 45.26
N ASP B 238 33.02 61.82 45.09
CA ASP B 238 33.19 62.81 46.15
C ASP B 238 32.24 62.55 47.32
N ALA B 239 31.11 61.90 47.06
CA ALA B 239 30.15 61.58 48.09
C ALA B 239 29.30 60.41 47.62
N ALA B 240 28.63 59.76 48.57
CA ALA B 240 27.79 58.61 48.25
C ALA B 240 26.62 58.57 49.21
N VAL B 241 25.42 58.38 48.67
CA VAL B 241 24.19 58.23 49.46
C VAL B 241 23.51 56.94 49.04
N LYS B 242 22.51 56.54 49.82
CA LYS B 242 21.78 55.31 49.55
C LYS B 242 20.53 55.60 48.72
N SER B 243 20.24 54.71 47.78
CA SER B 243 19.04 54.84 46.98
C SER B 243 17.81 54.51 47.81
N GLY B 244 16.67 55.05 47.38
CA GLY B 244 15.41 54.85 48.06
C GLY B 244 14.61 56.13 48.07
N ALA B 245 13.56 56.15 48.88
CA ALA B 245 12.68 57.32 48.94
C ALA B 245 13.42 58.56 49.42
N GLY B 246 14.46 58.39 50.22
CA GLY B 246 15.23 59.50 50.75
C GLY B 246 16.44 59.89 49.95
N ALA B 247 16.67 59.25 48.80
CA ALA B 247 17.85 59.57 48.00
C ALA B 247 17.81 61.02 47.52
N ALA B 248 16.66 61.47 47.02
CA ALA B 248 16.57 62.83 46.52
C ALA B 248 16.91 63.85 47.60
N ASP B 249 16.35 63.67 48.80
CA ASP B 249 16.63 64.60 49.90
C ASP B 249 18.11 64.55 50.27
N ALA B 250 18.69 63.35 50.35
CA ALA B 250 20.10 63.24 50.73
C ALA B 250 21.00 63.96 49.73
N ILE B 251 20.70 63.82 48.43
CA ILE B 251 21.51 64.49 47.41
C ILE B 251 21.39 66.00 47.55
N ARG B 252 20.16 66.51 47.63
CA ARG B 252 19.97 67.95 47.76
C ARG B 252 20.51 68.48 49.08
N GLU B 253 20.65 67.62 50.09
CA GLU B 253 21.33 68.04 51.31
C GLU B 253 22.81 68.34 51.04
N LEU B 254 23.44 67.53 50.19
CA LEU B 254 24.85 67.74 49.89
C LEU B 254 25.07 68.91 48.93
N THR B 255 24.15 69.12 47.98
CA THR B 255 24.26 70.21 47.02
C THR B 255 23.72 71.53 47.56
N GLY B 256 23.33 71.58 48.83
CA GLY B 256 22.73 72.78 49.37
C GLY B 256 21.39 73.14 48.76
N GLY B 257 20.69 72.15 48.20
CA GLY B 257 19.41 72.39 47.58
C GLY B 257 19.45 72.84 46.13
N GLN B 258 20.64 72.86 45.51
CA GLN B 258 20.77 73.45 44.18
C GLN B 258 20.29 72.49 43.09
N GLY B 259 20.56 71.21 43.23
CA GLY B 259 20.19 70.26 42.19
C GLY B 259 21.36 69.91 41.29
N ALA B 260 21.33 68.69 40.76
CA ALA B 260 22.45 68.14 40.02
C ALA B 260 22.40 68.56 38.55
N THR B 261 23.56 68.94 38.02
CA THR B 261 23.64 69.33 36.62
C THR B 261 23.26 68.17 35.70
N ALA B 262 23.71 66.97 36.02
CA ALA B 262 23.42 65.80 35.21
C ALA B 262 23.24 64.58 36.11
N VAL B 263 22.32 63.70 35.72
CA VAL B 263 22.06 62.46 36.44
C VAL B 263 22.22 61.31 35.46
N PHE B 264 23.20 60.45 35.72
CA PHE B 264 23.43 59.25 34.92
C PHE B 264 22.88 58.05 35.69
N ASP B 265 21.74 57.53 35.23
CA ASP B 265 21.04 56.45 35.91
C ASP B 265 21.41 55.13 35.22
N PHE B 266 22.35 54.40 35.81
CA PHE B 266 22.78 53.11 35.29
C PHE B 266 21.91 51.96 35.80
N VAL B 267 20.92 52.24 36.63
CA VAL B 267 19.98 51.23 37.08
C VAL B 267 18.76 51.17 36.16
N GLY B 268 18.15 52.32 35.89
CA GLY B 268 17.03 52.39 34.98
C GLY B 268 15.70 51.98 35.56
N ALA B 269 15.62 51.76 36.87
CA ALA B 269 14.35 51.46 37.49
C ALA B 269 13.48 52.70 37.53
N GLN B 270 12.16 52.48 37.62
CA GLN B 270 11.24 53.61 37.72
C GLN B 270 11.52 54.44 38.97
N SER B 271 11.97 53.79 40.05
CA SER B 271 12.26 54.52 41.28
C SER B 271 13.53 55.35 41.15
N THR B 272 14.54 54.83 40.44
CA THR B 272 15.76 55.60 40.23
C THR B 272 15.52 56.74 39.25
N ILE B 273 14.71 56.51 38.23
CA ILE B 273 14.36 57.59 37.30
C ILE B 273 13.56 58.66 38.02
N ASP B 274 12.67 58.25 38.93
CA ASP B 274 11.94 59.23 39.74
C ASP B 274 12.89 60.06 40.59
N THR B 275 13.89 59.42 41.19
CA THR B 275 14.88 60.16 41.95
C THR B 275 15.64 61.14 41.06
N ALA B 276 15.95 60.71 39.83
CA ALA B 276 16.67 61.59 38.90
C ALA B 276 15.88 62.87 38.65
N GLN B 277 14.58 62.75 38.38
CA GLN B 277 13.77 63.93 38.09
C GLN B 277 13.57 64.81 39.32
N GLN B 278 13.74 64.26 40.53
CA GLN B 278 13.59 65.05 41.74
C GLN B 278 14.83 65.88 42.06
N VAL B 279 15.98 65.55 41.49
CA VAL B 279 17.23 66.23 41.82
C VAL B 279 17.88 66.90 40.61
N VAL B 280 17.43 66.62 39.39
CA VAL B 280 18.05 67.24 38.23
C VAL B 280 17.79 68.75 38.27
N ALA B 281 18.79 69.52 37.87
CA ALA B 281 18.70 70.96 37.90
C ALA B 281 18.00 71.49 36.64
N VAL B 282 17.56 72.74 36.72
CA VAL B 282 17.01 73.42 35.56
C VAL B 282 18.07 73.47 34.48
N ASP B 283 17.69 73.14 33.24
CA ASP B 283 18.60 73.08 32.11
C ASP B 283 19.63 71.96 32.27
N GLY B 284 19.33 70.96 33.09
CA GLY B 284 20.21 69.84 33.32
C GLY B 284 19.99 68.70 32.34
N HIS B 285 20.32 67.49 32.79
CA HIS B 285 20.25 66.32 31.92
C HIS B 285 20.05 65.07 32.77
N ILE B 286 19.24 64.14 32.26
CA ILE B 286 19.09 62.81 32.84
C ILE B 286 19.39 61.80 31.75
N SER B 287 20.30 60.88 32.03
CA SER B 287 20.66 59.81 31.10
C SER B 287 20.17 58.49 31.68
N VAL B 288 19.18 57.89 31.03
CA VAL B 288 18.64 56.60 31.46
C VAL B 288 19.44 55.52 30.72
N VAL B 289 20.46 54.98 31.39
CA VAL B 289 21.33 53.99 30.78
C VAL B 289 20.88 52.57 31.10
N GLY B 290 20.53 52.31 32.36
CA GLY B 290 20.06 50.99 32.74
C GLY B 290 18.71 50.66 32.12
N ILE B 291 18.45 49.38 31.97
CA ILE B 291 17.26 48.88 31.30
C ILE B 291 16.42 48.13 32.33
N HIS B 292 15.22 48.65 32.59
CA HIS B 292 14.18 47.94 33.32
C HIS B 292 12.90 48.02 32.49
N ALA B 293 12.32 46.87 32.20
CA ALA B 293 11.15 46.81 31.32
C ALA B 293 10.06 47.74 31.80
N GLY B 294 9.68 48.69 30.94
CA GLY B 294 8.57 49.59 31.22
C GLY B 294 8.97 50.87 31.93
N ALA B 295 10.12 50.90 32.60
CA ALA B 295 10.54 52.11 33.28
C ALA B 295 10.79 53.22 32.28
N HIS B 296 10.37 54.44 32.63
CA HIS B 296 10.51 55.57 31.72
C HIS B 296 10.49 56.86 32.51
N ALA B 297 11.24 57.84 32.02
CA ALA B 297 11.12 59.20 32.52
C ALA B 297 9.85 59.84 31.98
N LYS B 298 9.32 60.81 32.73
CA LYS B 298 8.10 61.50 32.37
C LYS B 298 8.47 62.96 32.10
N VAL B 299 8.64 63.30 30.83
CA VAL B 299 9.12 64.61 30.42
C VAL B 299 7.91 65.43 30.01
N GLY B 300 7.44 66.28 30.93
CA GLY B 300 6.32 67.15 30.67
C GLY B 300 6.39 68.36 31.56
N PHE B 301 5.60 69.38 31.21
CA PHE B 301 5.61 70.62 31.96
C PHE B 301 5.18 70.36 33.41
N PHE B 302 5.98 70.86 34.35
CA PHE B 302 5.75 70.77 35.78
C PHE B 302 5.88 69.34 36.31
N MET B 303 6.36 68.40 35.49
CA MET B 303 6.77 67.09 35.96
C MET B 303 8.29 66.91 35.93
N ILE B 304 9.01 67.88 35.37
CA ILE B 304 10.47 67.83 35.28
C ILE B 304 10.92 69.28 35.13
N PRO B 305 12.07 69.68 35.66
CA PRO B 305 12.48 71.09 35.55
C PRO B 305 12.59 71.53 34.10
N PHE B 306 12.40 72.82 33.88
CA PHE B 306 12.52 73.38 32.54
C PHE B 306 13.91 73.13 31.98
N GLY B 307 13.97 72.78 30.71
CA GLY B 307 15.23 72.66 29.99
C GLY B 307 16.05 71.44 30.33
N ALA B 308 15.60 70.60 31.26
CA ALA B 308 16.34 69.39 31.62
C ALA B 308 16.00 68.30 30.60
N SER B 309 16.97 67.98 29.75
CA SER B 309 16.76 66.98 28.71
C SER B 309 16.94 65.57 29.25
N VAL B 310 16.26 64.62 28.62
CA VAL B 310 16.32 63.22 29.00
C VAL B 310 16.55 62.39 27.75
N VAL B 311 17.32 61.32 27.87
CA VAL B 311 17.65 60.47 26.74
C VAL B 311 17.99 59.07 27.25
N THR B 312 17.71 58.07 26.42
CA THR B 312 18.21 56.72 26.62
C THR B 312 19.38 56.53 25.66
N PRO B 313 20.62 56.73 26.07
CA PRO B 313 21.74 56.52 25.15
C PRO B 313 21.94 55.04 24.87
N TYR B 314 22.67 54.77 23.78
CA TYR B 314 22.93 53.40 23.34
C TYR B 314 24.41 53.25 23.02
N TRP B 315 25.10 52.41 23.81
CA TRP B 315 26.49 52.07 23.57
C TRP B 315 27.31 53.34 23.34
N GLY B 316 28.22 53.34 22.37
CA GLY B 316 28.99 54.55 22.08
C GLY B 316 29.57 54.49 20.68
N THR B 317 30.27 55.57 20.33
CA THR B 317 30.88 55.70 19.02
C THR B 317 32.26 55.03 19.01
N ARG B 318 32.84 54.93 17.82
CA ARG B 318 34.14 54.29 17.69
C ARG B 318 35.25 55.19 18.26
N SER B 319 35.21 56.48 17.96
CA SER B 319 36.22 57.38 18.52
C SER B 319 36.11 57.44 20.04
N GLU B 320 34.90 57.32 20.58
CA GLU B 320 34.75 57.25 22.04
C GLU B 320 35.38 55.98 22.58
N LEU B 321 35.34 54.88 21.83
CA LEU B 321 36.01 53.66 22.27
C LEU B 321 37.52 53.83 22.30
N MET B 322 38.08 54.52 21.30
CA MET B 322 39.52 54.78 21.31
C MET B 322 39.90 55.70 22.47
N GLU B 323 39.05 56.67 22.79
CA GLU B 323 39.32 57.53 23.94
C GLU B 323 39.28 56.73 25.23
N VAL B 324 38.34 55.80 25.35
CA VAL B 324 38.27 54.95 26.53
C VAL B 324 39.53 54.09 26.64
N VAL B 325 39.99 53.54 25.52
CA VAL B 325 41.23 52.78 25.51
C VAL B 325 42.40 53.66 25.90
N ALA B 326 42.40 54.91 25.43
CA ALA B 326 43.47 55.84 25.79
C ALA B 326 43.45 56.14 27.29
N LEU B 327 42.26 56.25 27.87
CA LEU B 327 42.16 56.44 29.32
C LEU B 327 42.76 55.24 30.05
N ALA B 328 42.47 54.03 29.59
CA ALA B 328 43.00 52.85 30.25
C ALA B 328 44.52 52.79 30.14
N ARG B 329 45.06 53.15 28.98
CA ARG B 329 46.50 53.10 28.79
C ARG B 329 47.22 54.19 29.59
N ALA B 330 46.53 55.28 29.91
CA ALA B 330 47.10 56.33 30.76
C ALA B 330 46.96 56.03 32.24
N GLY B 331 46.35 54.90 32.60
CA GLY B 331 46.21 54.53 34.00
C GLY B 331 45.08 55.22 34.72
N ARG B 332 44.14 55.83 34.00
CA ARG B 332 43.06 56.57 34.61
C ARG B 332 41.84 55.71 34.94
N LEU B 333 41.85 54.42 34.57
CA LEU B 333 40.72 53.54 34.81
C LEU B 333 41.18 52.34 35.62
N ASP B 334 40.52 52.11 36.76
CA ASP B 334 40.75 50.96 37.61
C ASP B 334 39.51 50.07 37.51
N ILE B 335 39.57 49.07 36.64
CA ILE B 335 38.43 48.21 36.35
C ILE B 335 38.44 47.04 37.32
N HIS B 336 37.33 46.88 38.06
CA HIS B 336 37.18 45.79 39.00
C HIS B 336 36.57 44.59 38.27
N THR B 337 37.26 43.45 38.32
CA THR B 337 36.85 42.29 37.55
C THR B 337 36.96 41.03 38.40
N GLU B 338 36.12 40.05 38.05
CA GLU B 338 36.23 38.69 38.56
C GLU B 338 36.34 37.77 37.34
N THR B 339 37.33 36.89 37.34
CA THR B 339 37.63 36.07 36.18
C THR B 339 36.94 34.72 36.26
N PHE B 340 36.40 34.27 35.14
CA PHE B 340 35.77 32.96 35.02
C PHE B 340 36.34 32.25 33.80
N THR B 341 36.24 30.93 33.79
CA THR B 341 36.55 30.15 32.60
C THR B 341 35.30 30.01 31.74
N LEU B 342 35.51 29.55 30.50
CA LEU B 342 34.38 29.32 29.61
C LEU B 342 33.39 28.34 30.21
N ASP B 343 33.90 27.27 30.84
CA ASP B 343 33.01 26.30 31.46
C ASP B 343 32.20 26.92 32.60
N GLU B 344 32.72 27.99 33.21
CA GLU B 344 32.04 28.68 34.29
C GLU B 344 31.09 29.76 33.79
N GLY B 345 30.91 29.88 32.47
CA GLY B 345 30.06 30.90 31.90
C GLY B 345 28.67 30.91 32.50
N PRO B 346 27.95 29.81 32.35
CA PRO B 346 26.58 29.76 32.92
C PRO B 346 26.56 30.01 34.41
N ALA B 347 27.56 29.52 35.15
CA ALA B 347 27.65 29.81 36.57
C ALA B 347 27.86 31.31 36.81
N ALA B 348 28.62 31.96 35.93
CA ALA B 348 28.85 33.40 36.08
C ALA B 348 27.57 34.19 35.84
N TYR B 349 26.75 33.76 34.88
CA TYR B 349 25.49 34.46 34.64
C TYR B 349 24.54 34.31 35.82
N ARG B 350 24.58 33.17 36.52
CA ARG B 350 23.83 33.04 37.76
C ARG B 350 24.33 34.02 38.81
N ARG B 351 25.66 34.18 38.89
CA ARG B 351 26.23 35.14 39.83
C ARG B 351 25.77 36.55 39.52
N LEU B 352 25.79 36.94 38.24
CA LEU B 352 25.39 38.29 37.86
C LEU B 352 23.92 38.54 38.17
N ARG B 353 23.08 37.53 37.96
CA ARG B 353 21.66 37.67 38.25
C ARG B 353 21.44 38.03 39.72
N GLU B 354 22.09 37.30 40.63
CA GLU B 354 21.93 37.52 42.05
C GLU B 354 22.74 38.71 42.57
N GLY B 355 23.44 39.43 41.69
CA GLY B 355 24.19 40.59 42.10
C GLY B 355 25.39 40.30 42.97
N SER B 356 25.99 39.12 42.83
CA SER B 356 27.12 38.71 43.65
C SER B 356 28.47 39.13 43.07
N ILE B 357 28.50 39.68 41.86
CA ILE B 357 29.74 40.12 41.25
C ILE B 357 29.95 41.59 41.57
N ARG B 358 31.05 41.91 42.25
CA ARG B 358 31.41 43.29 42.57
C ARG B 358 32.17 43.85 41.37
N GLY B 359 31.44 44.50 40.47
CA GLY B 359 32.04 45.04 39.27
C GLY B 359 31.62 44.28 38.02
N ARG B 360 32.60 43.86 37.23
CA ARG B 360 32.34 43.22 35.94
C ARG B 360 32.89 41.80 35.94
N GLY B 361 32.05 40.84 35.56
CA GLY B 361 32.50 39.49 35.34
C GLY B 361 33.07 39.32 33.95
N VAL B 362 34.19 38.60 33.87
CA VAL B 362 34.92 38.43 32.62
C VAL B 362 35.30 36.97 32.45
N VAL B 363 34.96 36.41 31.28
CA VAL B 363 35.34 35.04 30.94
C VAL B 363 36.65 35.09 30.16
N VAL B 364 37.61 34.26 30.56
CA VAL B 364 38.90 34.16 29.87
C VAL B 364 39.08 32.75 29.35
N PRO B 365 39.06 32.52 28.02
CA PRO B 365 39.33 31.18 27.50
C PRO B 365 40.71 30.68 27.87
N GLY C 18 -24.71 -45.27 4.76
CA GLY C 18 -25.15 -44.99 6.12
C GLY C 18 -25.54 -43.55 6.35
N SER C 19 -26.80 -43.35 6.77
CA SER C 19 -27.31 -42.01 7.03
C SER C 19 -26.61 -41.33 8.21
N HIS C 20 -26.03 -42.11 9.12
CA HIS C 20 -25.33 -41.57 10.27
C HIS C 20 -24.03 -42.33 10.46
N MET C 21 -23.14 -41.77 11.28
CA MET C 21 -21.82 -42.34 11.47
C MET C 21 -21.36 -42.08 12.90
N LYS C 22 -20.49 -42.97 13.39
CA LYS C 22 -19.87 -42.78 14.69
C LYS C 22 -18.77 -41.73 14.60
N ALA C 23 -18.61 -40.94 15.66
CA ALA C 23 -17.59 -39.91 15.71
C ALA C 23 -17.19 -39.68 17.16
N VAL C 24 -15.89 -39.44 17.37
CA VAL C 24 -15.37 -39.10 18.69
C VAL C 24 -15.39 -37.57 18.80
N GLN C 25 -16.21 -37.05 19.70
CA GLN C 25 -16.49 -35.63 19.76
C GLN C 25 -16.18 -35.07 21.14
N TYR C 26 -15.74 -33.81 21.15
CA TYR C 26 -15.59 -33.03 22.37
C TYR C 26 -16.84 -32.16 22.49
N THR C 27 -17.72 -32.51 23.42
CA THR C 27 -19.06 -31.95 23.47
C THR C 27 -19.24 -30.86 24.52
N GLU C 28 -18.45 -30.86 25.60
CA GLU C 28 -18.57 -29.84 26.62
C GLU C 28 -17.23 -29.65 27.29
N ILE C 29 -17.01 -28.44 27.82
CA ILE C 29 -15.72 -28.08 28.39
C ILE C 29 -15.50 -28.87 29.67
N GLY C 30 -14.31 -29.44 29.82
CA GLY C 30 -13.95 -30.18 31.01
C GLY C 30 -14.33 -31.65 30.99
N SER C 31 -15.01 -32.11 29.95
CA SER C 31 -15.45 -33.49 29.85
C SER C 31 -14.52 -34.29 28.94
N GLU C 32 -14.66 -35.61 29.01
CA GLU C 32 -13.90 -36.50 28.14
C GLU C 32 -14.61 -36.62 26.79
N PRO C 33 -13.86 -36.87 25.71
CA PRO C 33 -14.51 -37.13 24.43
C PRO C 33 -15.35 -38.40 24.49
N VAL C 34 -16.42 -38.41 23.72
CA VAL C 34 -17.35 -39.53 23.70
C VAL C 34 -17.60 -39.95 22.26
N VAL C 35 -17.94 -41.23 22.08
CA VAL C 35 -18.32 -41.77 20.79
C VAL C 35 -19.81 -41.54 20.61
N VAL C 36 -20.18 -40.64 19.71
CA VAL C 36 -21.58 -40.30 19.47
C VAL C 36 -21.90 -40.52 17.99
N ASP C 37 -23.19 -40.57 17.69
CA ASP C 37 -23.67 -40.74 16.33
C ASP C 37 -24.08 -39.37 15.77
N ILE C 38 -23.66 -39.09 14.54
CA ILE C 38 -23.97 -37.83 13.89
C ILE C 38 -24.28 -38.11 12.42
N PRO C 39 -24.91 -37.16 11.74
CA PRO C 39 -25.22 -37.37 10.32
C PRO C 39 -23.96 -37.58 9.51
N THR C 40 -24.04 -38.50 8.56
CA THR C 40 -22.93 -38.69 7.61
C THR C 40 -22.90 -37.49 6.66
N PRO C 41 -21.83 -36.69 6.66
CA PRO C 41 -21.81 -35.51 5.80
C PRO C 41 -21.83 -35.87 4.32
N THR C 42 -22.29 -34.93 3.51
CA THR C 42 -22.32 -35.08 2.07
C THR C 42 -21.50 -33.96 1.44
N PRO C 43 -20.65 -34.25 0.46
CA PRO C 43 -19.74 -33.23 -0.06
C PRO C 43 -20.45 -32.23 -0.95
N GLY C 44 -20.29 -30.94 -0.62
CA GLY C 44 -20.75 -29.88 -1.48
C GLY C 44 -19.81 -29.65 -2.63
N PRO C 45 -20.11 -28.62 -3.43
CA PRO C 45 -19.26 -28.32 -4.58
C PRO C 45 -17.84 -27.98 -4.13
N GLY C 46 -16.87 -28.65 -4.75
CA GLY C 46 -15.48 -28.47 -4.41
C GLY C 46 -14.99 -29.31 -3.25
N GLU C 47 -15.89 -29.93 -2.49
CA GLU C 47 -15.51 -30.73 -1.34
C GLU C 47 -15.30 -32.19 -1.73
N ILE C 48 -14.63 -32.93 -0.85
CA ILE C 48 -14.41 -34.36 -1.00
C ILE C 48 -14.84 -35.06 0.28
N LEU C 49 -15.56 -36.16 0.14
CA LEU C 49 -15.90 -37.02 1.27
C LEU C 49 -14.92 -38.19 1.29
N LEU C 50 -14.27 -38.38 2.44
CA LEU C 50 -13.33 -39.48 2.63
C LEU C 50 -13.91 -40.51 3.58
N LYS C 51 -13.64 -41.78 3.29
CA LYS C 51 -13.85 -42.85 4.26
C LYS C 51 -12.56 -42.99 5.06
N VAL C 52 -12.58 -42.55 6.31
CA VAL C 52 -11.38 -42.53 7.12
C VAL C 52 -10.84 -43.95 7.29
N THR C 53 -9.54 -44.11 7.07
CA THR C 53 -8.86 -45.38 7.32
C THR C 53 -7.91 -45.33 8.51
N ALA C 54 -7.54 -44.14 8.98
CA ALA C 54 -6.69 -44.01 10.16
C ALA C 54 -6.72 -42.57 10.64
N ALA C 55 -6.83 -42.39 11.95
CA ALA C 55 -6.89 -41.07 12.57
C ALA C 55 -5.96 -41.07 13.78
N GLY C 56 -4.98 -40.17 13.77
CA GLY C 56 -3.99 -40.13 14.82
C GLY C 56 -4.39 -39.24 15.99
N LEU C 57 -3.87 -39.59 17.16
CA LEU C 57 -3.99 -38.79 18.37
C LEU C 57 -2.64 -38.16 18.70
N CYS C 58 -2.66 -36.91 19.15
CA CYS C 58 -1.45 -36.25 19.63
C CYS C 58 -1.80 -35.38 20.82
N HIS C 59 -0.76 -35.02 21.57
CA HIS C 59 -0.95 -34.27 22.81
C HIS C 59 -1.62 -32.92 22.58
N SER C 60 -1.56 -32.39 21.35
CA SER C 60 -2.24 -31.13 21.07
C SER C 60 -3.75 -31.26 21.29
N ASP C 61 -4.31 -32.44 21.05
CA ASP C 61 -5.72 -32.65 21.34
C ASP C 61 -6.01 -32.47 22.81
N ILE C 62 -5.14 -33.02 23.67
CA ILE C 62 -5.31 -32.85 25.11
C ILE C 62 -5.17 -31.38 25.50
N PHE C 63 -4.17 -30.71 24.94
CA PHE C 63 -4.00 -29.27 25.22
C PHE C 63 -5.26 -28.51 24.87
N VAL C 64 -5.86 -28.80 23.71
CA VAL C 64 -7.09 -28.13 23.31
C VAL C 64 -8.20 -28.46 24.30
N MET C 65 -8.29 -29.71 24.73
CA MET C 65 -9.35 -30.15 25.62
C MET C 65 -9.14 -29.70 27.07
N ASP C 66 -7.94 -29.25 27.43
CA ASP C 66 -7.68 -28.70 28.74
C ASP C 66 -7.85 -27.18 28.79
N MET C 67 -8.21 -26.56 27.67
CA MET C 67 -8.42 -25.12 27.67
C MET C 67 -9.66 -24.80 28.52
N PRO C 68 -9.62 -23.74 29.33
CA PRO C 68 -10.83 -23.28 30.01
C PRO C 68 -11.84 -22.69 29.02
N ALA C 69 -13.05 -22.43 29.54
CA ALA C 69 -14.15 -21.97 28.70
C ALA C 69 -13.78 -20.71 27.94
N ALA C 70 -13.09 -19.77 28.61
CA ALA C 70 -12.81 -18.48 27.99
C ALA C 70 -11.88 -18.63 26.79
N GLN C 71 -10.86 -19.47 26.90
CA GLN C 71 -9.84 -19.56 25.86
C GLN C 71 -10.29 -20.40 24.67
N TYR C 72 -11.12 -21.41 24.90
CA TYR C 72 -11.51 -22.33 23.84
C TYR C 72 -12.40 -21.62 22.82
N ALA C 73 -12.04 -21.71 21.54
CA ALA C 73 -12.72 -21.00 20.47
C ALA C 73 -12.83 -21.86 19.22
N TYR C 74 -13.12 -23.15 19.40
CA TYR C 74 -13.28 -24.07 18.28
C TYR C 74 -14.70 -24.61 18.17
N GLY C 75 -15.65 -24.07 18.92
CA GLY C 75 -17.04 -24.46 18.81
C GLY C 75 -17.31 -25.86 19.29
N LEU C 76 -18.50 -26.08 19.86
CA LEU C 76 -18.92 -27.38 20.33
C LEU C 76 -20.21 -27.80 19.65
N PRO C 77 -20.39 -29.09 19.34
CA PRO C 77 -19.44 -30.19 19.54
C PRO C 77 -18.33 -30.16 18.49
N LEU C 78 -17.19 -30.81 18.74
CA LEU C 78 -16.09 -30.84 17.79
C LEU C 78 -15.65 -32.28 17.60
N THR C 79 -15.69 -32.76 16.36
CA THR C 79 -15.12 -34.05 16.03
C THR C 79 -13.60 -33.95 16.05
N LEU C 80 -12.96 -34.73 16.90
CA LEU C 80 -11.52 -34.67 17.08
C LEU C 80 -10.80 -35.34 15.91
N GLY C 81 -9.48 -35.11 15.84
CA GLY C 81 -8.64 -35.78 14.88
C GLY C 81 -8.11 -34.87 13.78
N HIS C 82 -6.88 -34.38 13.93
CA HIS C 82 -6.23 -33.58 12.92
C HIS C 82 -5.09 -34.31 12.23
N GLU C 83 -5.01 -35.63 12.40
CA GLU C 83 -4.04 -36.49 11.71
C GLU C 83 -4.84 -37.53 10.94
N GLY C 84 -5.33 -37.16 9.76
CA GLY C 84 -6.32 -37.94 9.04
C GLY C 84 -5.80 -38.52 7.73
N VAL C 85 -6.21 -39.76 7.46
CA VAL C 85 -5.93 -40.45 6.21
CA VAL C 85 -5.96 -40.41 6.19
C VAL C 85 -7.17 -41.26 5.85
N GLY C 86 -7.46 -41.36 4.56
CA GLY C 86 -8.62 -42.13 4.14
C GLY C 86 -8.59 -42.39 2.65
N THR C 87 -9.71 -42.91 2.16
CA THR C 87 -9.90 -43.15 0.74
C THR C 87 -11.07 -42.31 0.24
N VAL C 88 -10.93 -41.79 -0.98
CA VAL C 88 -11.98 -40.95 -1.54
C VAL C 88 -13.25 -41.79 -1.66
N ALA C 89 -14.32 -41.31 -1.03
CA ALA C 89 -15.62 -41.99 -1.04
C ALA C 89 -16.63 -41.34 -1.98
N GLU C 90 -16.62 -40.00 -2.05
CA GLU C 90 -17.50 -39.28 -2.96
C GLU C 90 -16.87 -37.94 -3.29
N LEU C 91 -17.00 -37.53 -4.54
CA LEU C 91 -16.44 -36.28 -5.02
C LEU C 91 -17.54 -35.23 -5.11
N GLY C 92 -17.29 -34.07 -4.51
CA GLY C 92 -18.20 -32.95 -4.67
C GLY C 92 -18.23 -32.47 -6.11
N GLU C 93 -19.23 -31.65 -6.39
CA GLU C 93 -19.43 -31.14 -7.74
C GLU C 93 -18.17 -30.44 -8.24
N GLY C 94 -17.76 -30.79 -9.47
CA GLY C 94 -16.65 -30.13 -10.12
C GLY C 94 -15.27 -30.51 -9.62
N VAL C 95 -15.16 -31.51 -8.74
CA VAL C 95 -13.88 -31.90 -8.18
C VAL C 95 -13.26 -32.95 -9.10
N THR C 96 -12.23 -32.55 -9.83
CA THR C 96 -11.37 -33.45 -10.55
C THR C 96 -9.98 -33.41 -9.94
N GLY C 97 -9.24 -34.51 -10.07
CA GLY C 97 -7.92 -34.62 -9.49
C GLY C 97 -7.73 -35.92 -8.75
N PHE C 98 -8.83 -36.49 -8.26
CA PHE C 98 -8.81 -37.77 -7.57
C PHE C 98 -9.99 -38.61 -8.04
N GLY C 99 -9.88 -39.91 -7.81
CA GLY C 99 -10.96 -40.83 -8.11
C GLY C 99 -11.41 -41.58 -6.87
N VAL C 100 -12.65 -42.08 -6.90
CA VAL C 100 -13.16 -42.85 -5.78
C VAL C 100 -12.22 -44.01 -5.50
N GLY C 101 -11.81 -44.14 -4.24
CA GLY C 101 -10.90 -45.20 -3.82
C GLY C 101 -9.46 -44.77 -3.65
N ASP C 102 -9.08 -43.59 -4.14
CA ASP C 102 -7.70 -43.13 -3.99
C ASP C 102 -7.36 -42.93 -2.52
N ALA C 103 -6.21 -43.46 -2.11
CA ALA C 103 -5.73 -43.29 -0.75
C ALA C 103 -5.04 -41.94 -0.64
N VAL C 104 -5.50 -41.11 0.30
CA VAL C 104 -5.02 -39.73 0.43
C VAL C 104 -4.83 -39.39 1.89
N ALA C 105 -3.82 -38.57 2.15
CA ALA C 105 -3.61 -37.96 3.46
C ALA C 105 -4.14 -36.53 3.44
N VAL C 106 -4.64 -36.08 4.58
CA VAL C 106 -5.27 -34.77 4.70
C VAL C 106 -4.26 -33.75 5.17
N TYR C 107 -4.11 -32.67 4.41
CA TYR C 107 -3.28 -31.55 4.82
C TYR C 107 -4.04 -30.73 5.87
N GLY C 108 -3.42 -30.54 7.03
CA GLY C 108 -4.11 -30.02 8.19
C GLY C 108 -4.36 -28.53 8.17
N PRO C 109 -3.29 -27.72 8.14
CA PRO C 109 -3.46 -26.28 8.34
C PRO C 109 -4.04 -25.57 7.13
N TRP C 110 -5.36 -25.69 6.98
CA TRP C 110 -6.05 -25.10 5.83
C TRP C 110 -5.87 -23.58 5.81
N GLY C 111 -5.67 -23.05 4.60
CA GLY C 111 -5.53 -21.62 4.40
C GLY C 111 -6.52 -21.11 3.36
N CYS C 112 -6.47 -19.80 3.15
CA CYS C 112 -7.40 -19.18 2.21
C CYS C 112 -7.06 -19.53 0.76
N GLY C 113 -5.80 -19.86 0.49
CA GLY C 113 -5.39 -20.22 -0.85
C GLY C 113 -5.12 -19.07 -1.78
N ALA C 114 -5.34 -17.82 -1.34
CA ALA C 114 -5.24 -16.66 -2.21
C ALA C 114 -4.29 -15.57 -1.73
N CYS C 115 -3.77 -15.68 -0.51
CA CYS C 115 -2.83 -14.68 -0.02
C CYS C 115 -1.41 -14.99 -0.49
N HIS C 116 -0.51 -14.02 -0.29
CA HIS C 116 0.87 -14.20 -0.74
C HIS C 116 1.49 -15.45 -0.15
N ALA C 117 1.26 -15.70 1.15
CA ALA C 117 1.81 -16.91 1.77
C ALA C 117 1.20 -18.16 1.16
N CYS C 118 -0.11 -18.16 0.93
CA CYS C 118 -0.75 -19.32 0.32
C CYS C 118 -0.25 -19.53 -1.11
N ALA C 119 -0.06 -18.45 -1.86
CA ALA C 119 0.43 -18.56 -3.22
C ALA C 119 1.84 -19.13 -3.28
N ARG C 120 2.61 -18.99 -2.21
CA ARG C 120 3.96 -19.56 -2.14
C ARG C 120 3.97 -21.00 -1.64
N GLY C 121 2.80 -21.58 -1.37
CA GLY C 121 2.71 -22.92 -0.83
C GLY C 121 2.65 -23.01 0.68
N ARG C 122 2.94 -21.91 1.38
CA ARG C 122 3.01 -21.91 2.84
C ARG C 122 1.64 -21.58 3.45
N GLU C 123 0.68 -22.47 3.19
CA GLU C 123 -0.67 -22.28 3.71
C GLU C 123 -0.69 -22.29 5.23
N ASN C 124 0.25 -22.99 5.86
CA ASN C 124 0.32 -23.00 7.31
C ASN C 124 0.56 -21.60 7.87
N TYR C 125 1.11 -20.68 7.07
CA TYR C 125 1.33 -19.30 7.47
C TYR C 125 0.38 -18.35 6.75
N CYS C 126 -0.79 -18.84 6.36
CA CYS C 126 -1.80 -17.99 5.75
C CYS C 126 -2.13 -16.82 6.66
N THR C 127 -2.21 -15.62 6.08
CA THR C 127 -2.44 -14.40 6.83
C THR C 127 -3.91 -14.02 6.90
N ARG C 128 -4.80 -14.76 6.23
CA ARG C 128 -6.23 -14.46 6.23
C ARG C 128 -7.06 -15.58 6.83
N ALA C 129 -6.48 -16.74 7.14
CA ALA C 129 -7.26 -17.87 7.64
C ALA C 129 -8.03 -17.49 8.91
N ALA C 130 -7.37 -16.82 9.85
CA ALA C 130 -8.03 -16.48 11.11
C ALA C 130 -9.22 -15.56 10.88
N ASP C 131 -9.01 -14.48 10.12
CA ASP C 131 -10.08 -13.53 9.88
C ASP C 131 -11.25 -14.17 9.14
N LEU C 132 -10.99 -15.16 8.29
CA LEU C 132 -12.02 -15.82 7.52
C LEU C 132 -12.62 -17.03 8.23
N GLY C 133 -12.12 -17.38 9.41
CA GLY C 133 -12.65 -18.53 10.11
C GLY C 133 -12.26 -19.86 9.54
N ILE C 134 -11.16 -19.93 8.79
CA ILE C 134 -10.67 -21.19 8.25
C ILE C 134 -9.84 -21.89 9.33
N THR C 135 -10.29 -23.06 9.75
CA THR C 135 -9.67 -23.81 10.83
C THR C 135 -9.34 -25.21 10.35
N PRO C 136 -8.36 -25.87 10.97
CA PRO C 136 -7.99 -27.23 10.53
C PRO C 136 -9.01 -28.25 10.99
N PRO C 137 -9.08 -29.41 10.34
CA PRO C 137 -9.96 -30.47 10.84
C PRO C 137 -9.50 -30.94 12.20
N GLY C 138 -10.46 -31.13 13.10
CA GLY C 138 -10.16 -31.50 14.47
C GLY C 138 -9.71 -30.36 15.35
N LEU C 139 -9.67 -29.14 14.84
CA LEU C 139 -9.27 -27.96 15.60
C LEU C 139 -10.11 -26.76 15.20
N GLY C 140 -11.42 -26.98 15.03
CA GLY C 140 -12.32 -25.93 14.59
C GLY C 140 -13.24 -26.41 13.49
N SER C 141 -12.73 -27.28 12.64
CA SER C 141 -13.51 -27.97 11.62
C SER C 141 -13.62 -29.45 11.97
N PRO C 142 -14.62 -30.15 11.45
CA PRO C 142 -14.77 -31.57 11.79
C PRO C 142 -13.51 -32.36 11.47
N GLY C 143 -13.07 -33.17 12.43
CA GLY C 143 -11.82 -33.89 12.33
C GLY C 143 -11.97 -35.25 11.68
N SER C 144 -10.90 -36.03 11.79
CA SER C 144 -10.79 -37.31 11.09
C SER C 144 -11.23 -38.50 11.94
N MET C 145 -11.39 -38.35 13.25
CA MET C 145 -11.76 -39.49 14.09
C MET C 145 -13.26 -39.75 13.97
N ALA C 146 -13.63 -40.25 12.80
CA ALA C 146 -15.00 -40.60 12.49
C ALA C 146 -14.97 -41.51 11.27
N GLU C 147 -16.09 -42.15 10.99
CA GLU C 147 -16.14 -43.05 9.84
C GLU C 147 -15.91 -42.32 8.54
N TYR C 148 -16.38 -41.07 8.44
CA TYR C 148 -16.21 -40.26 7.25
C TYR C 148 -15.85 -38.84 7.66
N MET C 149 -15.20 -38.13 6.73
CA MET C 149 -14.85 -36.73 6.98
C MET C 149 -14.89 -35.97 5.67
N ILE C 150 -15.14 -34.67 5.78
CA ILE C 150 -15.15 -33.76 4.64
C ILE C 150 -13.82 -33.03 4.59
N VAL C 151 -13.27 -32.89 3.40
CA VAL C 151 -12.12 -32.03 3.14
C VAL C 151 -12.61 -30.88 2.26
N ASP C 152 -12.24 -29.65 2.63
CA ASP C 152 -12.83 -28.48 1.99
C ASP C 152 -12.41 -28.35 0.53
N SER C 153 -11.22 -28.82 0.17
CA SER C 153 -10.68 -28.59 -1.16
C SER C 153 -9.74 -29.71 -1.56
N ALA C 154 -9.67 -29.96 -2.86
CA ALA C 154 -8.79 -31.01 -3.37
C ALA C 154 -7.33 -30.72 -3.09
N ARG C 155 -6.95 -29.45 -3.01
CA ARG C 155 -5.55 -29.11 -2.75
C ARG C 155 -5.11 -29.48 -1.34
N HIS C 156 -6.04 -29.85 -0.46
CA HIS C 156 -5.70 -30.30 0.88
C HIS C 156 -5.64 -31.82 0.99
N LEU C 157 -5.59 -32.51 -0.15
CA LEU C 157 -5.41 -33.95 -0.19
C LEU C 157 -4.07 -34.26 -0.85
N VAL C 158 -3.33 -35.19 -0.26
CA VAL C 158 -2.03 -35.62 -0.77
C VAL C 158 -2.09 -37.13 -0.97
N PRO C 159 -1.83 -37.65 -2.17
CA PRO C 159 -1.88 -39.10 -2.35
C PRO C 159 -0.77 -39.81 -1.60
N ILE C 160 -1.08 -41.02 -1.12
CA ILE C 160 -0.14 -41.86 -0.41
C ILE C 160 0.10 -43.20 -1.08
N GLY C 161 -0.56 -43.45 -2.21
CA GLY C 161 -0.38 -44.74 -2.87
C GLY C 161 -0.81 -45.88 -1.97
N ASP C 162 0.01 -46.94 -1.96
CA ASP C 162 -0.26 -48.12 -1.16
C ASP C 162 0.37 -48.05 0.23
N LEU C 163 0.75 -46.86 0.68
CA LEU C 163 1.26 -46.70 2.04
C LEU C 163 0.20 -47.16 3.04
N ASP C 164 0.65 -47.92 4.04
CA ASP C 164 -0.25 -48.38 5.09
C ASP C 164 -0.89 -47.17 5.78
N PRO C 165 -2.22 -47.06 5.79
CA PRO C 165 -2.83 -45.87 6.40
C PRO C 165 -2.42 -45.64 7.85
N VAL C 166 -2.23 -46.70 8.63
CA VAL C 166 -1.85 -46.55 10.03
C VAL C 166 -0.49 -45.86 10.13
N ALA C 167 0.45 -46.24 9.27
CA ALA C 167 1.74 -45.58 9.25
C ALA C 167 1.65 -44.18 8.65
N ALA C 168 0.67 -43.95 7.77
CA ALA C 168 0.56 -42.66 7.08
C ALA C 168 -0.05 -41.59 7.95
N ALA C 169 -0.99 -41.94 8.83
CA ALA C 169 -1.69 -40.93 9.62
C ALA C 169 -0.74 -40.08 10.45
N PRO C 170 0.21 -40.65 11.21
CA PRO C 170 1.13 -39.80 11.98
C PRO C 170 1.95 -38.86 11.11
N LEU C 171 2.18 -39.19 9.84
CA LEU C 171 2.98 -38.35 8.97
C LEU C 171 2.37 -36.98 8.76
N THR C 172 1.05 -36.84 8.95
CA THR C 172 0.39 -35.56 8.71
C THR C 172 0.69 -34.53 9.79
N ASP C 173 1.13 -34.96 10.96
CA ASP C 173 1.50 -34.02 12.02
C ASP C 173 2.82 -34.43 12.66
N ALA C 174 2.90 -35.68 13.14
CA ALA C 174 4.11 -36.15 13.79
C ALA C 174 5.30 -36.13 12.84
N GLY C 175 5.05 -36.29 11.53
CA GLY C 175 6.11 -36.20 10.55
C GLY C 175 6.23 -34.81 9.96
N LEU C 176 5.09 -34.22 9.60
CA LEU C 176 5.10 -32.93 8.92
C LEU C 176 5.68 -31.83 9.81
N THR C 177 5.29 -31.80 11.08
CA THR C 177 5.72 -30.70 11.95
C THR C 177 7.23 -30.70 12.18
N PRO C 178 7.87 -31.80 12.58
CA PRO C 178 9.34 -31.78 12.67
C PRO C 178 10.01 -31.56 11.33
N TYR C 179 9.42 -32.06 10.24
CA TYR C 179 10.02 -31.86 8.92
C TYR C 179 10.07 -30.38 8.58
N HIS C 180 9.00 -29.64 8.86
CA HIS C 180 8.98 -28.20 8.60
C HIS C 180 10.01 -27.49 9.46
N ALA C 181 10.05 -27.80 10.76
CA ALA C 181 11.00 -27.15 11.65
C ALA C 181 12.43 -27.35 11.18
N ILE C 182 12.76 -28.56 10.75
CA ILE C 182 14.10 -28.83 10.24
C ILE C 182 14.32 -28.12 8.91
N SER C 183 13.29 -28.10 8.05
CA SER C 183 13.45 -27.52 6.73
C SER C 183 13.74 -26.03 6.80
N ARG C 184 13.24 -25.35 7.83
CA ARG C 184 13.45 -23.91 7.94
C ARG C 184 14.92 -23.52 8.00
N VAL C 185 15.80 -24.45 8.43
CA VAL C 185 17.22 -24.13 8.56
C VAL C 185 18.06 -25.28 8.03
N LEU C 186 17.48 -26.10 7.14
CA LEU C 186 18.23 -27.25 6.61
C LEU C 186 19.56 -26.86 5.98
N PRO C 187 19.68 -25.72 5.27
CA PRO C 187 20.99 -25.37 4.70
C PRO C 187 22.11 -25.24 5.73
N LEU C 188 21.78 -25.06 7.02
CA LEU C 188 22.83 -25.00 8.04
C LEU C 188 23.32 -26.37 8.47
N LEU C 189 22.59 -27.43 8.17
CA LEU C 189 22.89 -28.76 8.70
C LEU C 189 23.70 -29.57 7.70
N GLY C 190 24.85 -29.01 7.31
CA GLY C 190 25.78 -29.71 6.45
C GLY C 190 26.69 -30.62 7.24
N PRO C 191 27.55 -31.35 6.52
CA PRO C 191 28.53 -32.19 7.20
C PRO C 191 29.40 -31.36 8.14
N GLY C 192 29.57 -31.86 9.36
CA GLY C 192 30.26 -31.15 10.41
C GLY C 192 29.33 -30.43 11.37
N SER C 193 28.07 -30.22 10.97
CA SER C 193 27.10 -29.58 11.84
C SER C 193 26.59 -30.57 12.88
N THR C 194 25.92 -30.04 13.90
CA THR C 194 25.33 -30.84 14.96
C THR C 194 23.92 -30.35 15.22
N ALA C 195 22.98 -31.29 15.33
CA ALA C 195 21.60 -31.00 15.62
C ALA C 195 21.22 -31.68 16.93
N VAL C 196 20.66 -30.91 17.85
CA VAL C 196 20.22 -31.42 19.14
C VAL C 196 18.71 -31.57 19.12
N VAL C 197 18.22 -32.76 19.48
CA VAL C 197 16.80 -33.05 19.55
C VAL C 197 16.44 -33.26 21.01
N ILE C 198 15.58 -32.40 21.55
CA ILE C 198 15.16 -32.46 22.94
C ILE C 198 13.75 -33.05 22.96
N GLY C 199 13.59 -34.19 23.63
CA GLY C 199 12.34 -34.91 23.62
C GLY C 199 12.26 -35.82 22.41
N VAL C 200 12.57 -37.10 22.60
CA VAL C 200 12.68 -38.05 21.50
C VAL C 200 11.49 -39.00 21.52
N GLY C 201 10.32 -38.49 21.90
CA GLY C 201 9.11 -39.28 21.90
C GLY C 201 8.33 -39.16 20.60
N GLY C 202 7.11 -38.65 20.68
CA GLY C 202 6.25 -38.55 19.52
C GLY C 202 6.90 -37.94 18.31
N LEU C 203 7.21 -36.64 18.38
CA LEU C 203 7.75 -35.92 17.23
C LEU C 203 9.27 -36.04 17.11
N GLY C 204 9.99 -35.95 18.23
CA GLY C 204 11.43 -36.05 18.17
C GLY C 204 11.93 -37.34 17.59
N HIS C 205 11.19 -38.44 17.81
CA HIS C 205 11.56 -39.71 17.19
C HIS C 205 11.54 -39.60 15.68
N VAL C 206 10.54 -38.94 15.12
CA VAL C 206 10.49 -38.74 13.68
C VAL C 206 11.51 -37.70 13.25
N GLY C 207 11.73 -36.68 14.08
CA GLY C 207 12.72 -35.66 13.75
C GLY C 207 14.12 -36.23 13.59
N ILE C 208 14.49 -37.19 14.45
CA ILE C 208 15.79 -37.83 14.33
C ILE C 208 15.90 -38.55 12.99
N GLN C 209 14.85 -39.28 12.60
CA GLN C 209 14.89 -40.01 11.34
C GLN C 209 14.96 -39.05 10.15
N ILE C 210 14.25 -37.92 10.24
CA ILE C 210 14.30 -36.93 9.17
C ILE C 210 15.71 -36.37 9.04
N LEU C 211 16.31 -35.98 10.17
CA LEU C 211 17.64 -35.39 10.14
C LEU C 211 18.63 -36.32 9.46
N ARG C 212 18.58 -37.61 9.77
CA ARG C 212 19.49 -38.58 9.15
C ARG C 212 19.20 -38.77 7.67
N ALA C 213 17.97 -38.50 7.23
CA ALA C 213 17.58 -38.76 5.84
C ALA C 213 17.89 -37.59 4.92
N VAL C 214 17.73 -36.35 5.40
CA VAL C 214 17.89 -35.17 4.56
C VAL C 214 19.11 -34.36 4.93
N SER C 215 19.98 -34.87 5.80
CA SER C 215 21.16 -34.13 6.19
C SER C 215 22.23 -35.10 6.68
N ALA C 216 23.46 -34.60 6.76
CA ALA C 216 24.58 -35.35 7.29
C ALA C 216 25.00 -34.86 8.68
N ALA C 217 24.15 -34.08 9.34
CA ALA C 217 24.48 -33.54 10.64
C ALA C 217 24.54 -34.64 11.69
N ARG C 218 25.39 -34.45 12.68
CA ARG C 218 25.39 -35.31 13.85
C ARG C 218 24.16 -34.99 14.71
N VAL C 219 23.53 -36.04 15.21
CA VAL C 219 22.29 -35.90 15.97
C VAL C 219 22.56 -36.27 17.42
N ILE C 220 22.24 -35.37 18.34
CA ILE C 220 22.35 -35.60 19.76
C ILE C 220 20.93 -35.65 20.33
N ALA C 221 20.58 -36.80 20.91
CA ALA C 221 19.27 -36.98 21.52
C ALA C 221 19.31 -36.55 22.98
N VAL C 222 18.20 -35.95 23.44
CA VAL C 222 18.08 -35.46 24.81
C VAL C 222 16.68 -35.78 25.30
N ASP C 223 16.59 -36.47 26.43
CA ASP C 223 15.29 -36.86 26.97
C ASP C 223 15.45 -37.25 28.43
N LEU C 224 14.31 -37.33 29.13
CA LEU C 224 14.33 -37.68 30.54
C LEU C 224 14.48 -39.18 30.75
N ASP C 225 13.85 -39.98 29.90
CA ASP C 225 13.74 -41.43 30.11
C ASP C 225 14.81 -42.16 29.32
N ASP C 226 15.53 -43.06 30.00
CA ASP C 226 16.48 -43.92 29.30
C ASP C 226 15.78 -44.78 28.25
N ASP C 227 14.53 -45.16 28.50
CA ASP C 227 13.76 -45.90 27.51
C ASP C 227 13.68 -45.12 26.20
N ARG C 228 13.29 -43.85 26.27
CA ARG C 228 13.20 -43.03 25.07
C ARG C 228 14.56 -42.81 24.43
N LEU C 229 15.60 -42.66 25.26
CA LEU C 229 16.95 -42.44 24.72
C LEU C 229 17.43 -43.67 23.95
N ALA C 230 17.11 -44.86 24.45
CA ALA C 230 17.56 -46.08 23.78
C ALA C 230 16.99 -46.17 22.37
N LEU C 231 15.69 -45.92 22.22
CA LEU C 231 15.08 -45.95 20.89
C LEU C 231 15.68 -44.86 20.00
N ALA C 232 15.98 -43.69 20.57
CA ALA C 232 16.54 -42.60 19.77
C ALA C 232 17.85 -43.02 19.12
N ARG C 233 18.66 -43.82 19.83
CA ARG C 233 19.93 -44.24 19.28
C ARG C 233 19.75 -45.23 18.13
N GLU C 234 18.68 -46.01 18.15
CA GLU C 234 18.45 -46.99 17.09
C GLU C 234 18.13 -46.30 15.77
N VAL C 235 17.39 -45.19 15.83
CA VAL C 235 16.88 -44.55 14.62
C VAL C 235 17.84 -43.49 14.10
N GLY C 236 19.06 -43.47 14.65
CA GLY C 236 20.10 -42.65 14.05
C GLY C 236 20.81 -41.68 14.97
N ALA C 237 20.26 -41.46 16.16
CA ALA C 237 20.91 -40.54 17.10
C ALA C 237 22.32 -41.03 17.41
N ASP C 238 23.31 -40.18 17.15
CA ASP C 238 24.71 -40.56 17.36
C ASP C 238 25.11 -40.49 18.83
N ALA C 239 24.32 -39.83 19.66
CA ALA C 239 24.64 -39.74 21.09
C ALA C 239 23.34 -39.42 21.84
N ALA C 240 23.33 -39.78 23.11
CA ALA C 240 22.17 -39.57 23.98
C ALA C 240 22.60 -38.89 25.26
N VAL C 241 21.77 -37.96 25.72
CA VAL C 241 22.02 -37.22 26.95
C VAL C 241 20.72 -37.17 27.75
N LYS C 242 20.83 -37.27 29.07
CA LYS C 242 19.67 -37.20 29.93
C LYS C 242 19.29 -35.73 30.15
N SER C 243 18.01 -35.42 30.03
CA SER C 243 17.54 -34.06 30.25
C SER C 243 17.72 -33.67 31.71
N GLY C 244 18.05 -32.41 31.92
CA GLY C 244 18.25 -31.89 33.27
C GLY C 244 19.29 -30.80 33.27
N ALA C 245 19.73 -30.44 34.48
CA ALA C 245 20.72 -29.38 34.64
C ALA C 245 22.09 -29.78 34.09
N GLY C 246 22.36 -31.08 33.97
CA GLY C 246 23.61 -31.54 33.41
C GLY C 246 23.63 -31.69 31.90
N ALA C 247 22.47 -31.51 31.25
CA ALA C 247 22.39 -31.72 29.81
C ALA C 247 23.27 -30.73 29.05
N ALA C 248 23.23 -29.45 29.44
CA ALA C 248 24.00 -28.43 28.73
C ALA C 248 25.48 -28.77 28.73
N ASP C 249 26.04 -29.04 29.91
CA ASP C 249 27.46 -29.40 29.99
C ASP C 249 27.74 -30.67 29.20
N ALA C 250 26.85 -31.66 29.29
CA ALA C 250 27.06 -32.91 28.57
C ALA C 250 27.07 -32.67 27.06
N ILE C 251 26.14 -31.86 26.56
CA ILE C 251 26.08 -31.61 25.12
C ILE C 251 27.35 -30.92 24.64
N ARG C 252 27.76 -29.86 25.35
CA ARG C 252 28.98 -29.16 24.96
C ARG C 252 30.20 -30.08 25.07
N GLU C 253 30.24 -30.91 26.10
CA GLU C 253 31.33 -31.89 26.21
C GLU C 253 31.39 -32.78 24.98
N LEU C 254 30.23 -33.16 24.44
CA LEU C 254 30.19 -33.98 23.24
C LEU C 254 30.58 -33.20 21.99
N THR C 255 30.57 -31.88 22.05
CA THR C 255 30.87 -31.03 20.91
C THR C 255 32.03 -30.08 21.20
N GLY C 256 32.90 -30.45 22.13
CA GLY C 256 33.98 -29.58 22.56
C GLY C 256 33.45 -28.38 23.31
N GLY C 257 33.43 -27.23 22.65
CA GLY C 257 32.83 -26.03 23.19
C GLY C 257 32.25 -25.17 22.08
N GLN C 258 32.05 -25.79 20.91
CA GLN C 258 31.59 -25.06 19.74
C GLN C 258 30.09 -24.86 19.71
N GLY C 259 29.33 -25.73 20.37
CA GLY C 259 27.89 -25.61 20.41
C GLY C 259 27.20 -26.39 19.32
N ALA C 260 25.87 -26.37 19.38
CA ALA C 260 25.02 -27.09 18.44
C ALA C 260 24.51 -26.12 17.38
N THR C 261 24.72 -26.47 16.10
CA THR C 261 24.24 -25.62 15.02
C THR C 261 22.75 -25.35 15.14
N ALA C 262 21.98 -26.37 15.50
CA ALA C 262 20.54 -26.25 15.62
C ALA C 262 20.05 -27.06 16.81
N VAL C 263 19.06 -26.53 17.51
CA VAL C 263 18.40 -27.21 18.62
C VAL C 263 16.91 -27.25 18.32
N PHE C 264 16.36 -28.45 18.21
CA PHE C 264 14.95 -28.66 17.94
C PHE C 264 14.31 -29.16 19.24
N ASP C 265 13.64 -28.26 19.95
CA ASP C 265 13.04 -28.56 21.24
C ASP C 265 11.58 -28.95 21.03
N PHE C 266 11.31 -30.26 21.08
CA PHE C 266 9.95 -30.78 20.96
C PHE C 266 9.23 -30.88 22.29
N VAL C 267 9.93 -30.62 23.40
CA VAL C 267 9.26 -30.52 24.70
C VAL C 267 8.62 -29.15 24.84
N GLY C 268 9.41 -28.09 24.66
CA GLY C 268 8.90 -26.74 24.76
C GLY C 268 8.81 -26.19 26.17
N ALA C 269 9.31 -26.92 27.16
CA ALA C 269 9.30 -26.41 28.52
C ALA C 269 10.38 -25.33 28.70
N GLN C 270 10.18 -24.49 29.71
CA GLN C 270 11.14 -23.42 29.95
C GLN C 270 12.54 -23.99 30.22
N SER C 271 12.61 -25.11 30.94
CA SER C 271 13.91 -25.68 31.26
C SER C 271 14.63 -26.19 30.02
N THR C 272 13.89 -26.79 29.07
CA THR C 272 14.52 -27.28 27.86
C THR C 272 14.92 -26.14 26.94
N ILE C 273 14.10 -25.09 26.87
CA ILE C 273 14.48 -23.89 26.11
C ILE C 273 15.76 -23.29 26.69
N ASP C 274 15.87 -23.27 28.01
CA ASP C 274 17.10 -22.78 28.64
C ASP C 274 18.29 -23.63 28.25
N THR C 275 18.11 -24.95 28.22
CA THR C 275 19.18 -25.83 27.76
C THR C 275 19.57 -25.53 26.32
N ALA C 276 18.56 -25.27 25.47
CA ALA C 276 18.84 -24.95 24.07
C ALA C 276 19.67 -23.68 23.96
N GLN C 277 19.27 -22.63 24.68
CA GLN C 277 20.00 -21.37 24.62
C GLN C 277 21.42 -21.52 25.16
N GLN C 278 21.65 -22.49 26.05
CA GLN C 278 22.96 -22.70 26.63
C GLN C 278 23.90 -23.49 25.73
N VAL C 279 23.37 -24.16 24.71
CA VAL C 279 24.18 -25.04 23.85
C VAL C 279 24.17 -24.62 22.39
N VAL C 280 23.26 -23.74 21.97
CA VAL C 280 23.20 -23.35 20.57
C VAL C 280 24.48 -22.63 20.17
N ALA C 281 24.91 -22.83 18.94
CA ALA C 281 26.13 -22.24 18.44
C ALA C 281 25.89 -20.82 17.95
N VAL C 282 26.98 -20.05 17.86
CA VAL C 282 26.92 -18.74 17.24
C VAL C 282 26.39 -18.91 15.82
N ASP C 283 25.41 -18.08 15.47
CA ASP C 283 24.75 -18.11 14.17
C ASP C 283 23.92 -19.39 13.96
N GLY C 284 23.53 -20.04 15.05
CA GLY C 284 22.74 -21.26 15.00
C GLY C 284 21.26 -20.99 14.96
N HIS C 285 20.49 -21.95 15.48
CA HIS C 285 19.03 -21.87 15.45
C HIS C 285 18.44 -22.67 16.59
N ILE C 286 17.36 -22.14 17.17
CA ILE C 286 16.54 -22.87 18.14
C ILE C 286 15.11 -22.89 17.60
N SER C 287 14.55 -24.09 17.49
CA SER C 287 13.17 -24.28 17.06
C SER C 287 12.35 -24.75 18.25
N VAL C 288 11.43 -23.91 18.72
CA VAL C 288 10.56 -24.24 19.84
C VAL C 288 9.31 -24.88 19.25
N VAL C 289 9.33 -26.20 19.12
CA VAL C 289 8.23 -26.94 18.50
C VAL C 289 7.17 -27.33 19.52
N GLY C 290 7.59 -27.95 20.62
CA GLY C 290 6.64 -28.30 21.67
C GLY C 290 6.09 -27.08 22.37
N ILE C 291 4.91 -27.24 22.96
CA ILE C 291 4.17 -26.13 23.57
C ILE C 291 4.01 -26.41 25.06
N HIS C 292 4.50 -25.49 25.88
CA HIS C 292 4.20 -25.44 27.30
C HIS C 292 3.82 -23.99 27.60
N ALA C 293 2.56 -23.77 27.97
CA ALA C 293 2.03 -22.42 28.08
C ALA C 293 2.92 -21.55 28.95
N GLY C 294 3.29 -20.39 28.42
CA GLY C 294 4.12 -19.44 29.12
C GLY C 294 5.60 -19.60 28.88
N ALA C 295 6.05 -20.81 28.52
CA ALA C 295 7.46 -21.02 28.23
C ALA C 295 7.86 -20.21 27.01
N HIS C 296 9.07 -19.66 27.06
CA HIS C 296 9.53 -18.79 25.98
C HIS C 296 11.04 -18.66 26.03
N ALA C 297 11.63 -18.51 24.85
CA ALA C 297 13.04 -18.19 24.74
C ALA C 297 13.23 -16.69 24.96
N LYS C 298 14.38 -16.32 25.52
CA LYS C 298 14.72 -14.93 25.80
C LYS C 298 15.82 -14.53 24.81
N VAL C 299 15.42 -13.82 23.76
CA VAL C 299 16.33 -13.45 22.68
C VAL C 299 16.76 -12.01 22.93
N GLY C 300 17.94 -11.85 23.53
CA GLY C 300 18.51 -10.54 23.78
C GLY C 300 20.01 -10.64 23.85
N PHE C 301 20.66 -9.49 23.76
CA PHE C 301 22.11 -9.47 23.74
C PHE C 301 22.67 -10.05 25.03
N PHE C 302 23.64 -10.96 24.87
CA PHE C 302 24.32 -11.64 25.97
C PHE C 302 23.41 -12.61 26.73
N MET C 303 22.18 -12.81 26.25
CA MET C 303 21.30 -13.86 26.75
C MET C 303 21.18 -15.00 25.75
N ILE C 304 21.87 -14.92 24.61
CA ILE C 304 21.82 -15.93 23.56
C ILE C 304 22.97 -15.61 22.61
N PRO C 305 23.61 -16.60 21.99
CA PRO C 305 24.73 -16.29 21.10
C PRO C 305 24.32 -15.37 19.96
N PHE C 306 25.28 -14.59 19.47
CA PHE C 306 25.05 -13.73 18.32
C PHE C 306 24.57 -14.57 17.14
N GLY C 307 23.54 -14.06 16.45
CA GLY C 307 23.08 -14.67 15.22
C GLY C 307 22.27 -15.93 15.39
N ALA C 308 22.05 -16.39 16.62
CA ALA C 308 21.25 -17.59 16.86
C ALA C 308 19.77 -17.21 16.82
N SER C 309 19.10 -17.57 15.73
CA SER C 309 17.70 -17.22 15.57
C SER C 309 16.81 -18.22 16.32
N VAL C 310 15.65 -17.74 16.75
CA VAL C 310 14.67 -18.55 17.46
C VAL C 310 13.32 -18.35 16.80
N VAL C 311 12.50 -19.41 16.79
CA VAL C 311 11.19 -19.35 16.17
C VAL C 311 10.31 -20.43 16.78
N THR C 312 9.01 -20.18 16.79
CA THR C 312 8.01 -21.22 17.06
C THR C 312 7.36 -21.59 15.73
N PRO C 313 7.78 -22.66 15.08
CA PRO C 313 7.17 -23.03 13.79
C PRO C 313 5.77 -23.61 13.98
N TYR C 314 5.00 -23.59 12.89
CA TYR C 314 3.63 -24.07 12.91
C TYR C 314 3.43 -25.10 11.80
N TRP C 315 3.28 -26.36 12.20
CA TRP C 315 2.85 -27.45 11.30
C TRP C 315 3.81 -27.48 10.11
N GLY C 316 3.32 -27.44 8.88
CA GLY C 316 4.19 -27.46 7.71
C GLY C 316 3.43 -27.11 6.46
N THR C 317 4.17 -27.01 5.36
CA THR C 317 3.60 -26.67 4.07
C THR C 317 3.12 -27.93 3.36
N ARG C 318 2.36 -27.72 2.28
CA ARG C 318 1.83 -28.86 1.54
C ARG C 318 2.94 -29.61 0.80
N SER C 319 3.84 -28.88 0.15
CA SER C 319 4.96 -29.54 -0.53
C SER C 319 5.79 -30.34 0.46
N GLU C 320 5.93 -29.86 1.70
CA GLU C 320 6.66 -30.62 2.71
C GLU C 320 5.93 -31.90 3.08
N LEU C 321 4.59 -31.87 3.10
CA LEU C 321 3.84 -33.08 3.37
C LEU C 321 4.07 -34.12 2.28
N MET C 322 4.12 -33.69 1.02
CA MET C 322 4.44 -34.62 -0.05
C MET C 322 5.84 -35.21 0.14
N GLU C 323 6.78 -34.39 0.59
CA GLU C 323 8.13 -34.90 0.83
C GLU C 323 8.17 -35.87 2.00
N VAL C 324 7.36 -35.61 3.04
CA VAL C 324 7.27 -36.56 4.14
C VAL C 324 6.70 -37.89 3.66
N VAL C 325 5.66 -37.84 2.83
CA VAL C 325 5.11 -39.07 2.25
C VAL C 325 6.17 -39.78 1.42
N ALA C 326 6.97 -39.02 0.66
CA ALA C 326 8.00 -39.63 -0.16
C ALA C 326 9.05 -40.33 0.71
N LEU C 327 9.40 -39.72 1.84
CA LEU C 327 10.32 -40.38 2.77
C LEU C 327 9.74 -41.70 3.28
N ALA C 328 8.47 -41.68 3.68
CA ALA C 328 7.86 -42.89 4.22
C ALA C 328 7.79 -44.00 3.17
N ARG C 329 7.44 -43.65 1.93
CA ARG C 329 7.33 -44.64 0.88
C ARG C 329 8.69 -45.20 0.48
N ALA C 330 9.78 -44.48 0.77
CA ALA C 330 11.13 -44.96 0.50
C ALA C 330 11.73 -45.73 1.68
N GLY C 331 10.97 -45.91 2.76
CA GLY C 331 11.47 -46.65 3.90
C GLY C 331 12.33 -45.86 4.85
N ARG C 332 12.28 -44.54 4.80
CA ARG C 332 13.15 -43.71 5.63
C ARG C 332 12.51 -43.30 6.95
N LEU C 333 11.18 -43.43 7.08
CA LEU C 333 10.48 -43.07 8.30
C LEU C 333 9.77 -44.30 8.84
N ASP C 334 10.06 -44.65 10.10
CA ASP C 334 9.43 -45.77 10.79
C ASP C 334 8.77 -45.21 12.03
N ILE C 335 7.45 -45.09 12.00
CA ILE C 335 6.68 -44.49 13.08
C ILE C 335 6.13 -45.62 13.95
N HIS C 336 6.43 -45.58 15.24
CA HIS C 336 5.90 -46.56 16.18
C HIS C 336 4.44 -46.23 16.47
N THR C 337 3.53 -47.16 16.17
CA THR C 337 2.11 -46.94 16.28
C THR C 337 1.46 -47.97 17.20
N GLU C 338 0.42 -47.53 17.90
CA GLU C 338 -0.49 -48.41 18.61
C GLU C 338 -1.89 -48.17 18.05
N THR C 339 -2.52 -49.25 17.58
CA THR C 339 -3.81 -49.14 16.90
C THR C 339 -4.96 -49.26 17.88
N PHE C 340 -6.02 -48.51 17.63
CA PHE C 340 -7.23 -48.53 18.44
C PHE C 340 -8.45 -48.55 17.52
N THR C 341 -9.54 -49.11 18.04
CA THR C 341 -10.81 -49.03 17.34
C THR C 341 -11.45 -47.67 17.57
N LEU C 342 -12.46 -47.35 16.76
CA LEU C 342 -13.17 -46.09 16.92
C LEU C 342 -13.86 -46.02 18.28
N ASP C 343 -14.44 -47.14 18.72
CA ASP C 343 -15.05 -47.17 20.04
C ASP C 343 -14.02 -47.00 21.15
N GLU C 344 -12.78 -47.39 20.89
CA GLU C 344 -11.68 -47.21 21.83
C GLU C 344 -11.11 -45.80 21.80
N GLY C 345 -11.69 -44.89 21.02
CA GLY C 345 -11.18 -43.55 20.89
C GLY C 345 -10.97 -42.86 22.22
N PRO C 346 -12.06 -42.62 22.96
CA PRO C 346 -11.91 -41.99 24.28
C PRO C 346 -10.92 -42.71 25.19
N ALA C 347 -10.93 -44.04 25.18
CA ALA C 347 -9.96 -44.80 25.97
C ALA C 347 -8.54 -44.48 25.54
N ALA C 348 -8.31 -44.31 24.23
CA ALA C 348 -6.96 -44.01 23.75
C ALA C 348 -6.49 -42.66 24.27
N TYR C 349 -7.40 -41.69 24.40
CA TYR C 349 -7.01 -40.38 24.90
C TYR C 349 -6.65 -40.43 26.38
N ARG C 350 -7.31 -41.28 27.16
CA ARG C 350 -6.87 -41.50 28.53
C ARG C 350 -5.48 -42.11 28.55
N ARG C 351 -5.21 -43.05 27.65
CA ARG C 351 -3.87 -43.61 27.54
C ARG C 351 -2.84 -42.54 27.19
N LEU C 352 -3.18 -41.68 26.22
CA LEU C 352 -2.26 -40.61 25.84
C LEU C 352 -2.04 -39.64 27.00
N ARG C 353 -3.08 -39.38 27.79
CA ARG C 353 -2.94 -38.46 28.92
C ARG C 353 -1.89 -38.96 29.91
N GLU C 354 -1.96 -40.24 30.26
CA GLU C 354 -1.02 -40.83 31.21
C GLU C 354 0.31 -41.21 30.57
N GLY C 355 0.58 -40.76 29.34
CA GLY C 355 1.85 -41.05 28.70
C GLY C 355 2.17 -42.52 28.58
N SER C 356 1.15 -43.36 28.35
CA SER C 356 1.32 -44.79 28.28
C SER C 356 1.25 -45.33 26.85
N ILE C 357 1.46 -44.47 25.86
CA ILE C 357 1.37 -44.86 24.45
C ILE C 357 2.79 -44.90 23.89
N ARG C 358 3.16 -46.04 23.34
CA ARG C 358 4.47 -46.21 22.68
C ARG C 358 4.41 -45.52 21.32
N GLY C 359 4.96 -44.31 21.24
CA GLY C 359 5.04 -43.60 19.99
C GLY C 359 3.79 -42.82 19.63
N ARG C 360 2.94 -43.38 18.77
CA ARG C 360 1.79 -42.68 18.22
C ARG C 360 0.56 -43.55 18.30
N GLY C 361 -0.53 -42.98 18.80
CA GLY C 361 -1.82 -43.68 18.81
C GLY C 361 -2.61 -43.36 17.55
N VAL C 362 -3.20 -44.40 16.97
CA VAL C 362 -3.94 -44.29 15.72
C VAL C 362 -5.26 -45.02 15.86
N VAL C 363 -6.34 -44.34 15.56
CA VAL C 363 -7.67 -44.94 15.55
C VAL C 363 -7.99 -45.39 14.13
N VAL C 364 -8.44 -46.64 14.00
CA VAL C 364 -8.82 -47.20 12.69
C VAL C 364 -10.32 -47.46 12.69
N PRO C 365 -11.13 -46.59 12.06
CA PRO C 365 -12.58 -46.83 12.01
C PRO C 365 -12.94 -48.05 11.17
N ARG D 17 -37.57 -34.18 -26.01
CA ARG D 17 -38.17 -35.49 -26.22
C ARG D 17 -38.68 -35.64 -27.65
N GLY D 18 -38.73 -36.89 -28.12
CA GLY D 18 -39.31 -37.16 -29.42
C GLY D 18 -40.83 -37.09 -29.40
N SER D 19 -41.39 -36.85 -30.58
CA SER D 19 -42.84 -36.71 -30.70
C SER D 19 -43.58 -38.00 -30.37
N HIS D 20 -42.93 -39.16 -30.49
CA HIS D 20 -43.55 -40.43 -30.16
C HIS D 20 -42.62 -41.26 -29.29
N MET D 21 -43.19 -42.30 -28.67
CA MET D 21 -42.47 -43.14 -27.73
C MET D 21 -42.98 -44.56 -27.84
N LYS D 22 -42.17 -45.50 -27.36
CA LYS D 22 -42.57 -46.90 -27.30
C LYS D 22 -43.36 -47.16 -26.03
N ALA D 23 -44.35 -48.04 -26.13
CA ALA D 23 -45.18 -48.41 -25.00
C ALA D 23 -45.62 -49.85 -25.17
N VAL D 24 -45.61 -50.60 -24.07
CA VAL D 24 -46.11 -51.97 -24.06
C VAL D 24 -47.61 -51.91 -23.79
N GLN D 25 -48.40 -52.36 -24.76
CA GLN D 25 -49.84 -52.13 -24.74
C GLN D 25 -50.60 -53.44 -24.91
N TYR D 26 -51.77 -53.48 -24.27
CA TYR D 26 -52.78 -54.51 -24.50
C TYR D 26 -53.80 -53.91 -25.45
N THR D 27 -53.80 -54.37 -26.70
CA THR D 27 -54.54 -53.71 -27.77
C THR D 27 -55.75 -54.50 -28.27
N GLU D 28 -55.90 -55.75 -27.85
CA GLU D 28 -57.02 -56.57 -28.30
C GLU D 28 -57.25 -57.68 -27.29
N ILE D 29 -58.53 -57.98 -27.03
CA ILE D 29 -58.86 -59.01 -26.06
C ILE D 29 -58.35 -60.36 -26.54
N GLY D 30 -57.73 -61.11 -25.63
CA GLY D 30 -57.16 -62.40 -25.94
C GLY D 30 -55.77 -62.35 -26.54
N SER D 31 -55.26 -61.17 -26.84
CA SER D 31 -53.97 -61.01 -27.49
C SER D 31 -52.85 -60.88 -26.45
N GLU D 32 -51.62 -60.91 -26.94
CA GLU D 32 -50.45 -60.69 -26.11
C GLU D 32 -50.05 -59.22 -26.13
N PRO D 33 -49.41 -58.72 -25.08
CA PRO D 33 -48.93 -57.34 -25.11
C PRO D 33 -47.86 -57.15 -26.18
N VAL D 34 -47.87 -55.97 -26.79
CA VAL D 34 -46.96 -55.65 -27.89
C VAL D 34 -46.34 -54.29 -27.63
N VAL D 35 -45.13 -54.10 -28.18
CA VAL D 35 -44.46 -52.81 -28.12
C VAL D 35 -44.91 -52.01 -29.33
N VAL D 36 -45.66 -50.93 -29.09
CA VAL D 36 -46.18 -50.07 -30.14
C VAL D 36 -45.66 -48.66 -29.92
N ASP D 37 -45.65 -47.89 -31.00
CA ASP D 37 -45.26 -46.48 -30.94
C ASP D 37 -46.51 -45.62 -30.77
N ILE D 38 -46.46 -44.72 -29.79
CA ILE D 38 -47.55 -43.80 -29.52
C ILE D 38 -46.98 -42.42 -29.24
N PRO D 39 -47.79 -41.38 -29.38
CA PRO D 39 -47.27 -40.02 -29.13
C PRO D 39 -46.79 -39.87 -27.69
N THR D 40 -45.71 -39.15 -27.53
CA THR D 40 -45.23 -38.80 -26.20
C THR D 40 -46.21 -37.81 -25.59
N PRO D 41 -46.81 -38.11 -24.44
CA PRO D 41 -47.79 -37.18 -23.86
C PRO D 41 -47.12 -35.92 -23.36
N THR D 42 -47.95 -34.88 -23.20
CA THR D 42 -47.53 -33.61 -22.64
C THR D 42 -48.39 -33.27 -21.43
N PRO D 43 -47.80 -32.75 -20.35
CA PRO D 43 -48.56 -32.57 -19.11
C PRO D 43 -49.46 -31.34 -19.17
N GLY D 44 -50.75 -31.56 -18.98
CA GLY D 44 -51.68 -30.46 -18.83
C GLY D 44 -51.56 -29.81 -17.46
N PRO D 45 -52.40 -28.82 -17.20
CA PRO D 45 -52.35 -28.13 -15.91
C PRO D 45 -52.63 -29.08 -14.75
N GLY D 46 -51.74 -29.08 -13.77
CA GLY D 46 -51.85 -29.96 -12.63
C GLY D 46 -51.20 -31.33 -12.81
N GLU D 47 -50.90 -31.71 -14.05
CA GLU D 47 -50.31 -33.01 -14.34
C GLU D 47 -48.78 -32.94 -14.24
N ILE D 48 -48.17 -34.12 -14.14
CA ILE D 48 -46.72 -34.25 -14.14
C ILE D 48 -46.34 -35.30 -15.18
N LEU D 49 -45.33 -34.99 -15.99
CA LEU D 49 -44.77 -35.94 -16.93
C LEU D 49 -43.51 -36.54 -16.31
N LEU D 50 -43.47 -37.87 -16.25
CA LEU D 50 -42.32 -38.59 -15.74
C LEU D 50 -41.59 -39.28 -16.88
N LYS D 51 -40.27 -39.31 -16.80
CA LYS D 51 -39.47 -40.25 -17.56
C LYS D 51 -39.36 -41.53 -16.74
N VAL D 52 -39.96 -42.61 -17.24
CA VAL D 52 -40.04 -43.83 -16.45
C VAL D 52 -38.64 -44.41 -16.27
N THR D 53 -38.33 -44.80 -15.03
CA THR D 53 -37.08 -45.48 -14.71
C THR D 53 -37.27 -46.95 -14.36
N ALA D 54 -38.45 -47.35 -13.94
CA ALA D 54 -38.73 -48.75 -13.64
C ALA D 54 -40.23 -48.96 -13.65
N ALA D 55 -40.66 -50.06 -14.26
CA ALA D 55 -42.07 -50.42 -14.35
C ALA D 55 -42.20 -51.89 -13.98
N GLY D 56 -42.74 -52.16 -12.80
CA GLY D 56 -42.93 -53.53 -12.38
C GLY D 56 -44.13 -54.17 -13.04
N LEU D 57 -44.07 -55.50 -13.11
CA LEU D 57 -45.16 -56.31 -13.62
C LEU D 57 -45.47 -57.43 -12.63
N CYS D 58 -46.73 -57.85 -12.60
CA CYS D 58 -47.17 -58.87 -11.66
C CYS D 58 -48.40 -59.57 -12.24
N HIS D 59 -48.87 -60.59 -11.52
CA HIS D 59 -49.93 -61.44 -12.05
C HIS D 59 -51.27 -60.70 -12.18
N SER D 60 -51.45 -59.58 -11.48
CA SER D 60 -52.65 -58.78 -11.70
C SER D 60 -52.81 -58.39 -13.16
N ASP D 61 -51.69 -58.11 -13.83
CA ASP D 61 -51.75 -57.78 -15.26
C ASP D 61 -52.25 -58.98 -16.07
N ILE D 62 -51.80 -60.18 -15.70
CA ILE D 62 -52.27 -61.37 -16.41
C ILE D 62 -53.75 -61.60 -16.16
N PHE D 63 -54.20 -61.38 -14.92
CA PHE D 63 -55.62 -61.52 -14.62
C PHE D 63 -56.45 -60.56 -15.47
N VAL D 64 -56.00 -59.31 -15.60
CA VAL D 64 -56.72 -58.33 -16.42
C VAL D 64 -56.76 -58.77 -17.87
N MET D 65 -55.61 -59.26 -18.38
CA MET D 65 -55.54 -59.68 -19.78
C MET D 65 -56.22 -61.02 -20.02
N ASP D 66 -56.60 -61.74 -18.98
CA ASP D 66 -57.38 -62.96 -19.11
C ASP D 66 -58.88 -62.72 -19.09
N MET D 67 -59.32 -61.47 -18.90
CA MET D 67 -60.75 -61.17 -18.93
C MET D 67 -61.31 -61.57 -20.30
N PRO D 68 -62.43 -62.29 -20.35
CA PRO D 68 -62.99 -62.68 -21.65
C PRO D 68 -63.52 -61.49 -22.43
N ALA D 69 -63.55 -61.66 -23.75
CA ALA D 69 -64.09 -60.61 -24.63
C ALA D 69 -65.56 -60.33 -24.35
N ALA D 70 -66.28 -61.31 -23.79
CA ALA D 70 -67.70 -61.11 -23.50
C ALA D 70 -67.92 -59.98 -22.49
N GLN D 71 -66.99 -59.82 -21.54
CA GLN D 71 -67.11 -58.79 -20.50
C GLN D 71 -66.52 -57.46 -20.92
N TYR D 72 -65.88 -57.38 -22.08
CA TYR D 72 -65.23 -56.14 -22.49
C TYR D 72 -66.26 -55.10 -22.91
N ALA D 73 -66.07 -53.87 -22.43
CA ALA D 73 -66.89 -52.74 -22.83
C ALA D 73 -66.07 -51.59 -23.38
N TYR D 74 -64.97 -51.24 -22.72
CA TYR D 74 -64.09 -50.17 -23.18
C TYR D 74 -62.77 -50.28 -22.43
N GLY D 75 -61.77 -49.55 -22.93
CA GLY D 75 -60.47 -49.51 -22.29
C GLY D 75 -59.29 -49.71 -23.22
N LEU D 76 -59.54 -50.30 -24.39
CA LEU D 76 -58.43 -50.57 -25.30
C LEU D 76 -58.16 -49.37 -26.20
N PRO D 77 -56.89 -49.08 -26.53
CA PRO D 77 -55.67 -49.78 -26.09
C PRO D 77 -55.26 -49.37 -24.68
N LEU D 78 -54.52 -50.21 -23.97
CA LEU D 78 -54.12 -49.93 -22.59
C LEU D 78 -52.60 -50.04 -22.50
N THR D 79 -51.95 -48.95 -22.14
CA THR D 79 -50.54 -49.01 -21.76
C THR D 79 -50.44 -49.68 -20.39
N LEU D 80 -49.79 -50.84 -20.35
CA LEU D 80 -49.69 -51.60 -19.11
C LEU D 80 -48.75 -50.92 -18.12
N GLY D 81 -48.77 -51.40 -16.88
CA GLY D 81 -47.85 -50.95 -15.86
C GLY D 81 -48.49 -50.13 -14.76
N HIS D 82 -48.84 -50.77 -13.66
CA HIS D 82 -49.38 -50.11 -12.48
C HIS D 82 -48.38 -50.04 -11.33
N GLU D 83 -47.13 -50.38 -11.59
CA GLU D 83 -46.08 -50.34 -10.60
C GLU D 83 -44.96 -49.43 -11.09
N GLY D 84 -45.24 -48.14 -11.21
CA GLY D 84 -44.36 -47.22 -11.92
C GLY D 84 -43.49 -46.40 -11.01
N VAL D 85 -42.27 -46.15 -11.47
CA VAL D 85 -41.30 -45.25 -10.84
CA VAL D 85 -41.37 -45.19 -10.84
C VAL D 85 -40.67 -44.42 -11.95
N GLY D 86 -40.27 -43.19 -11.63
CA GLY D 86 -39.64 -42.37 -12.64
C GLY D 86 -39.06 -41.12 -12.05
N THR D 87 -38.52 -40.28 -12.93
CA THR D 87 -38.02 -38.97 -12.57
C THR D 87 -38.88 -37.91 -13.25
N VAL D 88 -39.15 -36.81 -12.53
CA VAL D 88 -39.96 -35.75 -13.09
C VAL D 88 -39.23 -35.18 -14.31
N ALA D 89 -39.93 -35.16 -15.44
CA ALA D 89 -39.41 -34.62 -16.68
C ALA D 89 -39.97 -33.25 -17.02
N GLU D 90 -41.26 -33.02 -16.76
CA GLU D 90 -41.89 -31.74 -17.04
C GLU D 90 -43.08 -31.56 -16.12
N LEU D 91 -43.20 -30.37 -15.55
CA LEU D 91 -44.30 -30.04 -14.65
C LEU D 91 -45.41 -29.36 -15.43
N GLY D 92 -46.62 -29.88 -15.32
CA GLY D 92 -47.77 -29.19 -15.82
C GLY D 92 -47.93 -27.82 -15.18
N GLU D 93 -48.73 -26.98 -15.82
CA GLU D 93 -48.94 -25.63 -15.32
C GLU D 93 -49.54 -25.68 -13.91
N GLY D 94 -48.97 -24.90 -13.01
CA GLY D 94 -49.46 -24.78 -11.65
C GLY D 94 -48.94 -25.80 -10.68
N VAL D 95 -48.15 -26.77 -11.13
CA VAL D 95 -47.67 -27.83 -10.26
C VAL D 95 -46.43 -27.34 -9.52
N THR D 96 -46.52 -27.28 -8.20
CA THR D 96 -45.38 -27.09 -7.32
C THR D 96 -45.30 -28.27 -6.37
N GLY D 97 -44.15 -28.40 -5.70
CA GLY D 97 -43.89 -29.48 -4.79
C GLY D 97 -42.82 -30.45 -5.28
N PHE D 98 -42.56 -30.48 -6.58
CA PHE D 98 -41.50 -31.30 -7.16
C PHE D 98 -40.74 -30.49 -8.18
N GLY D 99 -39.47 -30.85 -8.37
CA GLY D 99 -38.64 -30.25 -9.39
C GLY D 99 -38.20 -31.27 -10.43
N VAL D 100 -37.78 -30.79 -11.59
CA VAL D 100 -37.28 -31.69 -12.63
C VAL D 100 -36.12 -32.50 -12.07
N GLY D 101 -36.15 -33.81 -12.29
CA GLY D 101 -35.13 -34.71 -11.81
C GLY D 101 -35.49 -35.47 -10.54
N ASP D 102 -36.55 -35.08 -9.85
CA ASP D 102 -36.93 -35.74 -8.61
C ASP D 102 -37.38 -37.17 -8.89
N ALA D 103 -36.82 -38.12 -8.15
CA ALA D 103 -37.21 -39.51 -8.27
C ALA D 103 -38.46 -39.78 -7.44
N VAL D 104 -39.48 -40.35 -8.08
CA VAL D 104 -40.79 -40.50 -7.46
C VAL D 104 -41.40 -41.83 -7.85
N ALA D 105 -42.06 -42.47 -6.90
CA ALA D 105 -42.92 -43.62 -7.17
C ALA D 105 -44.34 -43.13 -7.38
N VAL D 106 -45.09 -43.87 -8.19
CA VAL D 106 -46.45 -43.50 -8.57
C VAL D 106 -47.42 -44.23 -7.67
N TYR D 107 -48.21 -43.47 -6.91
CA TYR D 107 -49.30 -44.06 -6.14
C TYR D 107 -50.38 -44.59 -7.07
N GLY D 108 -50.72 -45.87 -6.92
CA GLY D 108 -51.52 -46.57 -7.89
C GLY D 108 -53.00 -46.23 -7.88
N PRO D 109 -53.68 -46.50 -6.76
CA PRO D 109 -55.16 -46.36 -6.72
C PRO D 109 -55.65 -44.91 -6.63
N TRP D 110 -55.67 -44.25 -7.79
CA TRP D 110 -56.06 -42.84 -7.85
C TRP D 110 -57.50 -42.67 -7.40
N GLY D 111 -57.76 -41.57 -6.68
CA GLY D 111 -59.09 -41.24 -6.21
C GLY D 111 -59.46 -39.81 -6.56
N CYS D 112 -60.66 -39.42 -6.11
CA CYS D 112 -61.19 -38.10 -6.44
C CYS D 112 -60.52 -37.00 -5.62
N GLY D 113 -60.03 -37.33 -4.42
CA GLY D 113 -59.35 -36.36 -3.59
C GLY D 113 -60.27 -35.47 -2.76
N ALA D 114 -61.58 -35.58 -2.93
CA ALA D 114 -62.52 -34.68 -2.27
C ALA D 114 -63.57 -35.38 -1.43
N CYS D 115 -63.70 -36.70 -1.53
CA CYS D 115 -64.68 -37.41 -0.71
C CYS D 115 -64.11 -37.64 0.69
N HIS D 116 -64.97 -38.15 1.58
CA HIS D 116 -64.55 -38.35 2.97
C HIS D 116 -63.40 -39.33 3.06
N ALA D 117 -63.47 -40.44 2.32
CA ALA D 117 -62.39 -41.41 2.34
C ALA D 117 -61.08 -40.79 1.84
N CYS D 118 -61.15 -40.05 0.73
CA CYS D 118 -59.96 -39.40 0.20
C CYS D 118 -59.40 -38.38 1.18
N ALA D 119 -60.28 -37.58 1.78
CA ALA D 119 -59.82 -36.57 2.74
C ALA D 119 -59.22 -37.23 3.99
N ARG D 120 -59.66 -38.44 4.32
CA ARG D 120 -59.11 -39.17 5.45
C ARG D 120 -57.78 -39.84 5.13
N GLY D 121 -57.28 -39.72 3.90
CA GLY D 121 -56.07 -40.40 3.53
C GLY D 121 -56.26 -41.85 3.16
N ARG D 122 -57.39 -42.19 2.53
CA ARG D 122 -57.68 -43.54 2.09
C ARG D 122 -58.23 -43.50 0.66
N GLU D 123 -57.42 -42.94 -0.24
CA GLU D 123 -57.86 -42.81 -1.64
C GLU D 123 -58.17 -44.16 -2.27
N ASN D 124 -57.51 -45.22 -1.81
CA ASN D 124 -57.80 -46.55 -2.34
C ASN D 124 -59.25 -46.94 -2.10
N TYR D 125 -59.90 -46.32 -1.11
CA TYR D 125 -61.31 -46.58 -0.82
C TYR D 125 -62.18 -45.38 -1.21
N CYS D 126 -61.74 -44.62 -2.21
CA CYS D 126 -62.53 -43.50 -2.72
C CYS D 126 -63.91 -43.99 -3.15
N THR D 127 -64.94 -43.27 -2.72
CA THR D 127 -66.33 -43.61 -3.03
C THR D 127 -66.84 -42.93 -4.29
N ARG D 128 -66.05 -42.07 -4.92
CA ARG D 128 -66.45 -41.37 -6.13
C ARG D 128 -65.67 -41.79 -7.36
N ALA D 129 -64.57 -42.52 -7.20
CA ALA D 129 -63.68 -42.80 -8.33
C ALA D 129 -64.41 -43.57 -9.43
N ALA D 130 -65.21 -44.57 -9.06
CA ALA D 130 -65.90 -45.36 -10.06
C ALA D 130 -66.87 -44.51 -10.88
N ASP D 131 -67.66 -43.67 -10.20
CA ASP D 131 -68.62 -42.82 -10.91
C ASP D 131 -67.92 -41.83 -11.82
N LEU D 132 -66.79 -41.28 -11.37
CA LEU D 132 -66.07 -40.28 -12.14
C LEU D 132 -65.15 -40.88 -13.19
N GLY D 133 -65.03 -42.20 -13.24
CA GLY D 133 -64.13 -42.82 -14.20
C GLY D 133 -62.66 -42.63 -13.89
N ILE D 134 -62.30 -42.51 -12.61
CA ILE D 134 -60.91 -42.38 -12.20
C ILE D 134 -60.35 -43.78 -12.02
N THR D 135 -59.40 -44.16 -12.86
CA THR D 135 -58.83 -45.50 -12.88
C THR D 135 -57.32 -45.44 -12.64
N PRO D 136 -56.74 -46.52 -12.10
CA PRO D 136 -55.30 -46.49 -11.83
C PRO D 136 -54.49 -46.55 -13.11
N PRO D 137 -53.26 -46.06 -13.11
CA PRO D 137 -52.40 -46.24 -14.28
C PRO D 137 -52.09 -47.71 -14.50
N GLY D 138 -52.18 -48.13 -15.76
CA GLY D 138 -52.00 -49.52 -16.10
C GLY D 138 -53.22 -50.40 -15.90
N LEU D 139 -54.31 -49.84 -15.37
CA LEU D 139 -55.54 -50.58 -15.13
C LEU D 139 -56.75 -49.74 -15.50
N GLY D 140 -56.64 -49.01 -16.62
CA GLY D 140 -57.71 -48.14 -17.07
C GLY D 140 -57.17 -46.81 -17.56
N SER D 141 -56.09 -46.36 -16.95
CA SER D 141 -55.35 -45.18 -17.37
C SER D 141 -53.99 -45.60 -17.90
N PRO D 142 -53.32 -44.74 -18.68
CA PRO D 142 -52.02 -45.12 -19.24
C PRO D 142 -51.02 -45.47 -18.14
N GLY D 143 -50.37 -46.62 -18.31
CA GLY D 143 -49.47 -47.15 -17.30
C GLY D 143 -48.05 -46.67 -17.46
N SER D 144 -47.17 -47.29 -16.69
CA SER D 144 -45.76 -46.89 -16.62
C SER D 144 -44.87 -47.66 -17.56
N MET D 145 -45.37 -48.70 -18.24
CA MET D 145 -44.53 -49.49 -19.12
C MET D 145 -44.39 -48.77 -20.46
N ALA D 146 -43.68 -47.64 -20.39
CA ALA D 146 -43.45 -46.78 -21.54
C ALA D 146 -42.28 -45.86 -21.21
N GLU D 147 -41.79 -45.16 -22.23
CA GLU D 147 -40.69 -44.23 -22.02
C GLU D 147 -41.10 -43.11 -21.08
N TYR D 148 -42.31 -42.59 -21.23
CA TYR D 148 -42.82 -41.53 -20.40
C TYR D 148 -44.24 -41.87 -19.95
N MET D 149 -44.68 -41.25 -18.86
CA MET D 149 -46.03 -41.44 -18.37
C MET D 149 -46.52 -40.16 -17.72
N ILE D 150 -47.83 -39.95 -17.81
CA ILE D 150 -48.51 -38.82 -17.19
C ILE D 150 -49.04 -39.26 -15.83
N VAL D 151 -48.87 -38.42 -14.82
CA VAL D 151 -49.51 -38.58 -13.53
C VAL D 151 -50.51 -37.44 -13.37
N ASP D 152 -51.73 -37.78 -12.92
CA ASP D 152 -52.83 -36.81 -12.95
C ASP D 152 -52.62 -35.67 -11.95
N SER D 153 -51.95 -35.93 -10.83
CA SER D 153 -51.84 -34.92 -9.79
C SER D 153 -50.57 -35.16 -8.98
N ALA D 154 -50.08 -34.09 -8.37
CA ALA D 154 -48.84 -34.17 -7.59
C ALA D 154 -49.00 -35.09 -6.38
N ARG D 155 -50.21 -35.21 -5.84
CA ARG D 155 -50.37 -36.03 -4.65
C ARG D 155 -50.31 -37.53 -4.95
N HIS D 156 -50.14 -37.92 -6.21
CA HIS D 156 -49.94 -39.32 -6.56
C HIS D 156 -48.48 -39.64 -6.83
N LEU D 157 -47.58 -38.73 -6.51
CA LEU D 157 -46.14 -38.97 -6.54
C LEU D 157 -45.62 -39.05 -5.12
N VAL D 158 -44.81 -40.06 -4.84
CA VAL D 158 -44.20 -40.27 -3.53
C VAL D 158 -42.69 -40.28 -3.73
N PRO D 159 -41.94 -39.36 -3.12
CA PRO D 159 -40.49 -39.34 -3.34
C PRO D 159 -39.80 -40.56 -2.76
N ILE D 160 -38.75 -41.00 -3.44
CA ILE D 160 -37.97 -42.17 -3.05
C ILE D 160 -36.50 -41.84 -2.81
N GLY D 161 -36.09 -40.59 -3.02
CA GLY D 161 -34.70 -40.23 -2.80
C GLY D 161 -33.80 -41.01 -3.73
N ASP D 162 -32.69 -41.52 -3.18
CA ASP D 162 -31.72 -42.28 -3.95
C ASP D 162 -31.99 -43.79 -3.92
N LEU D 163 -33.19 -44.19 -3.50
CA LEU D 163 -33.54 -45.61 -3.56
C LEU D 163 -33.51 -46.07 -5.02
N ASP D 164 -32.94 -47.25 -5.23
CA ASP D 164 -32.86 -47.80 -6.58
C ASP D 164 -34.25 -47.91 -7.17
N PRO D 165 -34.53 -47.26 -8.32
CA PRO D 165 -35.88 -47.38 -8.90
C PRO D 165 -36.32 -48.82 -9.12
N VAL D 166 -35.40 -49.70 -9.49
CA VAL D 166 -35.76 -51.10 -9.74
C VAL D 166 -36.25 -51.75 -8.47
N ALA D 167 -35.67 -51.40 -7.32
CA ALA D 167 -36.16 -51.90 -6.05
C ALA D 167 -37.45 -51.20 -5.64
N ALA D 168 -37.66 -49.96 -6.09
CA ALA D 168 -38.86 -49.22 -5.69
C ALA D 168 -40.11 -49.73 -6.40
N ALA D 169 -39.98 -50.11 -7.67
CA ALA D 169 -41.17 -50.44 -8.46
C ALA D 169 -42.00 -51.55 -7.84
N PRO D 170 -41.44 -52.69 -7.44
CA PRO D 170 -42.28 -53.72 -6.82
C PRO D 170 -42.97 -53.25 -5.55
N LEU D 171 -42.39 -52.31 -4.82
CA LEU D 171 -42.97 -51.88 -3.55
C LEU D 171 -44.28 -51.13 -3.73
N THR D 172 -44.55 -50.61 -4.94
CA THR D 172 -45.80 -49.91 -5.19
C THR D 172 -47.01 -50.84 -5.14
N ASP D 173 -46.78 -52.15 -5.26
CA ASP D 173 -47.87 -53.13 -5.17
C ASP D 173 -47.48 -54.28 -4.26
N ALA D 174 -46.39 -54.98 -4.60
CA ALA D 174 -45.95 -56.10 -3.78
C ALA D 174 -45.63 -55.68 -2.35
N GLY D 175 -45.29 -54.41 -2.13
CA GLY D 175 -45.06 -53.91 -0.80
C GLY D 175 -46.29 -53.26 -0.22
N LEU D 176 -46.91 -52.37 -1.00
CA LEU D 176 -48.04 -51.59 -0.50
C LEU D 176 -49.23 -52.49 -0.14
N THR D 177 -49.54 -53.46 -1.00
CA THR D 177 -50.76 -54.25 -0.79
C THR D 177 -50.67 -55.10 0.47
N PRO D 178 -49.60 -55.87 0.71
CA PRO D 178 -49.51 -56.57 2.01
C PRO D 178 -49.39 -55.63 3.19
N TYR D 179 -48.71 -54.49 3.01
CA TYR D 179 -48.58 -53.54 4.11
C TYR D 179 -49.94 -53.02 4.56
N HIS D 180 -50.82 -52.73 3.61
CA HIS D 180 -52.16 -52.25 3.97
C HIS D 180 -52.96 -53.34 4.65
N ALA D 181 -52.94 -54.55 4.10
CA ALA D 181 -53.70 -55.65 4.70
C ALA D 181 -53.25 -55.91 6.14
N ILE D 182 -51.94 -55.88 6.38
CA ILE D 182 -51.42 -56.06 7.73
C ILE D 182 -51.80 -54.87 8.60
N SER D 183 -51.69 -53.66 8.06
CA SER D 183 -51.96 -52.46 8.85
C SER D 183 -53.39 -52.41 9.34
N ARG D 184 -54.32 -53.04 8.62
CA ARG D 184 -55.72 -52.98 9.00
C ARG D 184 -55.96 -53.61 10.37
N VAL D 185 -55.10 -54.53 10.79
CA VAL D 185 -55.27 -55.20 12.07
C VAL D 185 -53.97 -55.23 12.85
N LEU D 186 -53.07 -54.29 12.55
CA LEU D 186 -51.78 -54.28 13.23
C LEU D 186 -51.88 -54.24 14.75
N PRO D 187 -52.83 -53.52 15.36
CA PRO D 187 -52.94 -53.55 16.83
C PRO D 187 -53.21 -54.94 17.39
N LEU D 188 -53.71 -55.87 16.59
CA LEU D 188 -53.92 -57.24 17.07
C LEU D 188 -52.63 -58.04 17.11
N LEU D 189 -51.60 -57.62 16.39
CA LEU D 189 -50.40 -58.44 16.19
C LEU D 189 -49.31 -58.04 17.18
N GLY D 190 -49.66 -58.08 18.47
CA GLY D 190 -48.70 -57.83 19.52
C GLY D 190 -47.91 -59.07 19.86
N PRO D 191 -46.97 -58.91 20.78
CA PRO D 191 -46.21 -60.09 21.25
C PRO D 191 -47.15 -61.16 21.78
N GLY D 192 -46.88 -62.39 21.38
CA GLY D 192 -47.76 -63.50 21.67
C GLY D 192 -48.75 -63.83 20.57
N SER D 193 -48.91 -62.94 19.60
CA SER D 193 -49.80 -63.18 18.47
C SER D 193 -49.13 -64.10 17.45
N THR D 194 -49.95 -64.65 16.56
CA THR D 194 -49.47 -65.48 15.48
C THR D 194 -50.14 -65.01 14.19
N ALA D 195 -49.32 -64.79 13.16
CA ALA D 195 -49.80 -64.39 11.85
C ALA D 195 -49.46 -65.49 10.86
N VAL D 196 -50.47 -65.99 10.16
CA VAL D 196 -50.29 -67.02 9.14
C VAL D 196 -50.27 -66.34 7.78
N VAL D 197 -49.31 -66.71 6.95
CA VAL D 197 -49.17 -66.18 5.60
C VAL D 197 -49.28 -67.34 4.62
N ILE D 198 -50.31 -67.31 3.78
CA ILE D 198 -50.54 -68.35 2.78
C ILE D 198 -50.11 -67.80 1.43
N GLY D 199 -49.11 -68.44 0.82
CA GLY D 199 -48.53 -67.96 -0.40
C GLY D 199 -47.39 -67.00 -0.13
N VAL D 200 -46.15 -67.48 -0.25
CA VAL D 200 -44.98 -66.71 0.15
C VAL D 200 -44.03 -66.48 -1.02
N GLY D 201 -44.60 -66.39 -2.22
CA GLY D 201 -43.78 -66.19 -3.40
C GLY D 201 -43.53 -64.72 -3.73
N GLY D 202 -44.59 -63.93 -3.74
CA GLY D 202 -44.49 -62.53 -4.09
C GLY D 202 -44.94 -61.61 -2.97
N LEU D 203 -46.22 -61.26 -2.97
CA LEU D 203 -46.75 -60.39 -1.91
C LEU D 203 -46.49 -60.99 -0.53
N GLY D 204 -46.63 -62.30 -0.39
CA GLY D 204 -46.40 -62.94 0.89
C GLY D 204 -44.95 -62.89 1.33
N HIS D 205 -44.02 -62.96 0.38
CA HIS D 205 -42.61 -62.81 0.72
C HIS D 205 -42.35 -61.46 1.35
N VAL D 206 -42.92 -60.40 0.77
CA VAL D 206 -42.77 -59.06 1.35
C VAL D 206 -43.61 -58.95 2.61
N GLY D 207 -44.78 -59.59 2.65
CA GLY D 207 -45.61 -59.53 3.83
C GLY D 207 -44.91 -60.12 5.05
N ILE D 208 -44.15 -61.19 4.86
CA ILE D 208 -43.39 -61.76 5.97
C ILE D 208 -42.39 -60.74 6.51
N GLN D 209 -41.68 -60.05 5.60
CA GLN D 209 -40.72 -59.04 6.04
C GLN D 209 -41.42 -57.88 6.73
N ILE D 210 -42.60 -57.49 6.26
CA ILE D 210 -43.33 -56.41 6.88
C ILE D 210 -43.74 -56.80 8.30
N LEU D 211 -44.28 -58.00 8.46
CA LEU D 211 -44.71 -58.44 9.79
C LEU D 211 -43.55 -58.43 10.78
N ARG D 212 -42.37 -58.87 10.35
CA ARG D 212 -41.22 -58.89 11.25
C ARG D 212 -40.71 -57.49 11.55
N ALA D 213 -40.95 -56.53 10.67
CA ALA D 213 -40.44 -55.18 10.86
C ALA D 213 -41.36 -54.32 11.74
N VAL D 214 -42.67 -54.50 11.65
CA VAL D 214 -43.62 -53.61 12.29
C VAL D 214 -44.39 -54.31 13.41
N SER D 215 -44.02 -55.54 13.75
CA SER D 215 -44.70 -56.26 14.83
C SER D 215 -43.77 -57.32 15.38
N ALA D 216 -44.18 -57.90 16.50
CA ALA D 216 -43.49 -59.02 17.12
C ALA D 216 -44.29 -60.30 17.03
N ALA D 217 -45.15 -60.39 16.02
CA ALA D 217 -45.98 -61.57 15.84
C ALA D 217 -45.14 -62.75 15.36
N ARG D 218 -45.53 -63.94 15.80
CA ARG D 218 -44.96 -65.17 15.25
C ARG D 218 -45.54 -65.41 13.87
N VAL D 219 -44.67 -65.69 12.90
CA VAL D 219 -45.07 -65.79 11.50
C VAL D 219 -44.96 -67.25 11.07
N ILE D 220 -46.08 -67.79 10.56
CA ILE D 220 -46.14 -69.15 10.04
C ILE D 220 -46.40 -69.05 8.54
N ALA D 221 -45.47 -69.58 7.75
CA ALA D 221 -45.59 -69.55 6.30
C ALA D 221 -46.24 -70.83 5.79
N VAL D 222 -47.15 -70.68 4.82
CA VAL D 222 -47.85 -71.81 4.22
C VAL D 222 -47.75 -71.66 2.70
N ASP D 223 -47.30 -72.73 2.04
CA ASP D 223 -47.11 -72.67 0.59
C ASP D 223 -47.02 -74.09 0.04
N LEU D 224 -47.22 -74.19 -1.28
CA LEU D 224 -47.15 -75.49 -1.94
C LEU D 224 -45.72 -75.91 -2.25
N ASP D 225 -44.84 -74.95 -2.47
CA ASP D 225 -43.48 -75.22 -2.94
C ASP D 225 -42.51 -75.21 -1.77
N ASP D 226 -41.69 -76.26 -1.68
CA ASP D 226 -40.74 -76.36 -0.57
C ASP D 226 -39.65 -75.31 -0.65
N ASP D 227 -39.24 -74.93 -1.85
CA ASP D 227 -38.19 -73.92 -1.99
C ASP D 227 -38.68 -72.56 -1.50
N ARG D 228 -39.92 -72.19 -1.83
CA ARG D 228 -40.46 -70.93 -1.36
C ARG D 228 -40.63 -70.93 0.15
N LEU D 229 -40.81 -72.11 0.76
CA LEU D 229 -40.92 -72.18 2.21
C LEU D 229 -39.57 -71.96 2.88
N ALA D 230 -38.50 -72.48 2.27
CA ALA D 230 -37.16 -72.23 2.80
C ALA D 230 -36.81 -70.75 2.72
N LEU D 231 -37.13 -70.12 1.58
CA LEU D 231 -36.92 -68.68 1.47
C LEU D 231 -37.75 -67.91 2.50
N ALA D 232 -38.96 -68.40 2.78
CA ALA D 232 -39.80 -67.76 3.80
C ALA D 232 -39.10 -67.74 5.15
N ARG D 233 -38.53 -68.88 5.55
CA ARG D 233 -37.80 -68.93 6.81
C ARG D 233 -36.64 -67.94 6.81
N GLU D 234 -35.95 -67.80 5.67
CA GLU D 234 -34.78 -66.94 5.62
C GLU D 234 -35.13 -65.47 5.87
N VAL D 235 -36.35 -65.06 5.54
CA VAL D 235 -36.73 -63.65 5.65
C VAL D 235 -37.60 -63.40 6.88
N GLY D 236 -37.72 -64.37 7.79
CA GLY D 236 -38.34 -64.11 9.07
C GLY D 236 -39.46 -65.04 9.47
N ALA D 237 -39.78 -66.04 8.66
CA ALA D 237 -40.83 -66.98 9.01
C ALA D 237 -40.33 -67.95 10.07
N ASP D 238 -41.08 -68.05 11.17
CA ASP D 238 -40.69 -68.92 12.27
C ASP D 238 -41.02 -70.38 12.02
N ALA D 239 -41.99 -70.67 11.15
CA ALA D 239 -42.34 -72.05 10.83
C ALA D 239 -42.85 -72.10 9.40
N ALA D 240 -42.77 -73.29 8.80
CA ALA D 240 -43.21 -73.52 7.44
C ALA D 240 -44.13 -74.72 7.39
N VAL D 241 -45.23 -74.60 6.66
CA VAL D 241 -46.25 -75.62 6.56
C VAL D 241 -46.57 -75.86 5.10
N LYS D 242 -46.65 -77.13 4.70
CA LYS D 242 -47.04 -77.46 3.33
C LYS D 242 -48.52 -77.14 3.13
N SER D 243 -48.81 -76.34 2.10
CA SER D 243 -50.17 -76.04 1.76
C SER D 243 -50.90 -77.29 1.28
N GLY D 244 -52.13 -77.46 1.73
CA GLY D 244 -52.91 -78.63 1.37
C GLY D 244 -53.90 -78.95 2.46
N ALA D 245 -54.55 -80.12 2.31
CA ALA D 245 -55.59 -80.53 3.24
C ALA D 245 -55.07 -80.72 4.66
N GLY D 246 -53.77 -80.95 4.83
CA GLY D 246 -53.19 -81.11 6.14
C GLY D 246 -52.63 -79.85 6.76
N ALA D 247 -52.75 -78.71 6.07
CA ALA D 247 -52.15 -77.48 6.57
C ALA D 247 -52.85 -77.00 7.84
N ALA D 248 -54.18 -77.09 7.88
CA ALA D 248 -54.92 -76.62 9.05
C ALA D 248 -54.49 -77.38 10.30
N ASP D 249 -54.40 -78.71 10.21
CA ASP D 249 -53.95 -79.50 11.34
C ASP D 249 -52.51 -79.14 11.73
N ALA D 250 -51.64 -78.96 10.74
CA ALA D 250 -50.26 -78.62 11.03
C ALA D 250 -50.16 -77.25 11.68
N ILE D 251 -50.94 -76.28 11.21
CA ILE D 251 -50.90 -74.94 11.78
C ILE D 251 -51.34 -74.97 13.24
N ARG D 252 -52.45 -75.66 13.52
CA ARG D 252 -52.92 -75.78 14.89
C ARG D 252 -51.86 -76.46 15.77
N GLU D 253 -51.29 -77.56 15.27
CA GLU D 253 -50.23 -78.24 16.02
C GLU D 253 -49.14 -77.27 16.45
N LEU D 254 -48.83 -76.28 15.60
CA LEU D 254 -47.78 -75.34 15.91
C LEU D 254 -48.22 -74.29 16.94
N THR D 255 -49.52 -73.99 17.01
CA THR D 255 -50.04 -72.95 17.88
C THR D 255 -50.78 -73.52 19.08
N GLY D 256 -50.55 -74.78 19.43
CA GLY D 256 -51.36 -75.41 20.46
C GLY D 256 -52.76 -75.66 19.93
N GLY D 257 -53.76 -75.32 20.72
CA GLY D 257 -55.13 -75.39 20.26
C GLY D 257 -55.75 -74.01 20.13
N GLN D 258 -54.89 -72.99 20.00
CA GLN D 258 -55.32 -71.61 20.12
C GLN D 258 -55.68 -70.97 18.78
N GLY D 259 -55.02 -71.36 17.70
CA GLY D 259 -55.28 -70.76 16.40
C GLY D 259 -54.41 -69.54 16.15
N ALA D 260 -54.62 -68.96 14.97
CA ALA D 260 -53.83 -67.83 14.50
C ALA D 260 -54.60 -66.53 14.66
N THR D 261 -53.93 -65.51 15.19
CA THR D 261 -54.57 -64.22 15.39
C THR D 261 -55.05 -63.63 14.07
N ALA D 262 -54.23 -63.73 13.03
CA ALA D 262 -54.58 -63.21 11.72
C ALA D 262 -54.08 -64.18 10.66
N VAL D 263 -54.85 -64.32 9.58
CA VAL D 263 -54.47 -65.12 8.43
C VAL D 263 -54.51 -64.21 7.21
N PHE D 264 -53.35 -64.01 6.59
CA PHE D 264 -53.24 -63.21 5.37
C PHE D 264 -53.10 -64.18 4.20
N ASP D 265 -54.18 -64.35 3.45
CA ASP D 265 -54.24 -65.31 2.34
C ASP D 265 -53.91 -64.56 1.05
N PHE D 266 -52.65 -64.65 0.62
CA PHE D 266 -52.23 -64.03 -0.63
C PHE D 266 -52.49 -64.92 -1.83
N VAL D 267 -53.02 -66.13 -1.62
CA VAL D 267 -53.43 -66.99 -2.72
C VAL D 267 -54.87 -66.70 -3.14
N GLY D 268 -55.79 -66.72 -2.19
CA GLY D 268 -57.17 -66.39 -2.49
C GLY D 268 -57.98 -67.52 -3.08
N ALA D 269 -57.45 -68.73 -3.12
CA ALA D 269 -58.22 -69.87 -3.58
C ALA D 269 -59.21 -70.31 -2.51
N GLN D 270 -60.25 -71.02 -2.95
CA GLN D 270 -61.25 -71.51 -1.99
C GLN D 270 -60.62 -72.42 -0.96
N SER D 271 -59.67 -73.27 -1.38
CA SER D 271 -59.03 -74.18 -0.45
C SER D 271 -58.20 -73.44 0.59
N THR D 272 -57.50 -72.39 0.17
CA THR D 272 -56.70 -71.61 1.13
C THR D 272 -57.60 -70.80 2.06
N ILE D 273 -58.69 -70.24 1.54
CA ILE D 273 -59.63 -69.53 2.40
C ILE D 273 -60.27 -70.49 3.39
N ASP D 274 -60.57 -71.72 2.94
CA ASP D 274 -61.10 -72.72 3.86
C ASP D 274 -60.11 -73.02 4.97
N THR D 275 -58.82 -73.14 4.62
CA THR D 275 -57.80 -73.36 5.64
C THR D 275 -57.73 -72.18 6.60
N ALA D 276 -57.88 -70.96 6.09
CA ALA D 276 -57.84 -69.79 6.96
C ALA D 276 -58.96 -69.83 7.99
N GLN D 277 -60.17 -70.21 7.59
CA GLN D 277 -61.29 -70.24 8.52
C GLN D 277 -61.12 -71.35 9.56
N GLN D 278 -60.38 -72.40 9.22
CA GLN D 278 -60.18 -73.51 10.15
C GLN D 278 -59.09 -73.24 11.17
N VAL D 279 -58.25 -72.21 10.97
CA VAL D 279 -57.14 -71.94 11.87
C VAL D 279 -57.23 -70.57 12.53
N VAL D 280 -58.06 -69.66 12.04
CA VAL D 280 -58.12 -68.32 12.63
C VAL D 280 -58.62 -68.43 14.06
N ALA D 281 -58.12 -67.54 14.92
CA ALA D 281 -58.47 -67.55 16.32
C ALA D 281 -59.77 -66.79 16.57
N VAL D 282 -60.38 -67.09 17.72
CA VAL D 282 -61.52 -66.30 18.17
C VAL D 282 -61.12 -64.84 18.23
N ASP D 283 -61.98 -63.97 17.71
CA ASP D 283 -61.71 -62.53 17.66
C ASP D 283 -60.52 -62.20 16.77
N GLY D 284 -60.19 -63.08 15.83
CA GLY D 284 -59.06 -62.90 14.94
C GLY D 284 -59.44 -62.17 13.66
N HIS D 285 -58.71 -62.48 12.58
CA HIS D 285 -58.90 -61.78 11.32
C HIS D 285 -58.43 -62.66 10.16
N ILE D 286 -59.13 -62.56 9.04
CA ILE D 286 -58.74 -63.21 7.79
C ILE D 286 -58.72 -62.14 6.71
N SER D 287 -57.57 -61.97 6.06
CA SER D 287 -57.41 -61.01 4.97
C SER D 287 -57.26 -61.77 3.66
N VAL D 288 -58.26 -61.67 2.80
CA VAL D 288 -58.25 -62.33 1.50
C VAL D 288 -57.64 -61.32 0.52
N VAL D 289 -56.33 -61.45 0.28
CA VAL D 289 -55.61 -60.51 -0.57
C VAL D 289 -55.47 -61.02 -2.00
N GLY D 290 -55.21 -62.32 -2.18
CA GLY D 290 -55.16 -62.87 -3.51
C GLY D 290 -56.54 -63.08 -4.10
N ILE D 291 -56.59 -63.13 -5.43
CA ILE D 291 -57.86 -63.19 -6.16
C ILE D 291 -57.93 -64.49 -6.93
N HIS D 292 -58.96 -65.29 -6.65
CA HIS D 292 -59.40 -66.38 -7.50
C HIS D 292 -60.89 -66.20 -7.71
N ALA D 293 -61.30 -66.10 -8.98
CA ALA D 293 -62.68 -65.75 -9.30
C ALA D 293 -63.66 -66.68 -8.61
N GLY D 294 -64.60 -66.10 -7.87
CA GLY D 294 -65.63 -66.85 -7.19
C GLY D 294 -65.26 -67.35 -5.81
N ALA D 295 -63.98 -67.39 -5.47
CA ALA D 295 -63.57 -67.84 -4.14
C ALA D 295 -64.01 -66.82 -3.11
N HIS D 296 -64.43 -67.32 -1.94
CA HIS D 296 -64.94 -66.42 -0.90
C HIS D 296 -64.94 -67.14 0.44
N ALA D 297 -64.79 -66.36 1.50
CA ALA D 297 -65.00 -66.86 2.85
C ALA D 297 -66.49 -66.91 3.16
N LYS D 298 -66.87 -67.85 4.00
CA LYS D 298 -68.25 -68.05 4.41
C LYS D 298 -68.37 -67.60 5.86
N VAL D 299 -68.84 -66.37 6.07
CA VAL D 299 -68.87 -65.76 7.38
C VAL D 299 -70.29 -65.92 7.93
N GLY D 300 -70.47 -66.92 8.78
CA GLY D 300 -71.73 -67.16 9.43
C GLY D 300 -71.49 -67.88 10.74
N PHE D 301 -72.54 -67.93 11.57
CA PHE D 301 -72.39 -68.54 12.88
C PHE D 301 -72.01 -70.01 12.75
N PHE D 302 -70.97 -70.40 13.49
CA PHE D 302 -70.46 -71.76 13.54
C PHE D 302 -69.82 -72.20 12.23
N MET D 303 -69.67 -71.30 11.27
CA MET D 303 -68.83 -71.53 10.09
C MET D 303 -67.50 -70.80 10.20
N ILE D 304 -67.31 -70.00 11.24
CA ILE D 304 -66.11 -69.21 11.46
C ILE D 304 -66.10 -68.85 12.95
N PRO D 305 -64.95 -68.75 13.60
CA PRO D 305 -64.97 -68.42 15.03
C PRO D 305 -65.63 -67.08 15.31
N PHE D 306 -66.16 -66.94 16.51
CA PHE D 306 -66.77 -65.70 16.94
C PHE D 306 -65.76 -64.56 16.87
N GLY D 307 -66.22 -63.40 16.41
CA GLY D 307 -65.41 -62.20 16.42
C GLY D 307 -64.32 -62.14 15.38
N ALA D 308 -64.17 -63.17 14.54
CA ALA D 308 -63.13 -63.17 13.51
C ALA D 308 -63.65 -62.44 12.28
N SER D 309 -63.12 -61.24 12.03
CA SER D 309 -63.55 -60.46 10.87
C SER D 309 -62.84 -60.95 9.61
N VAL D 310 -63.52 -60.76 8.48
CA VAL D 310 -62.98 -61.11 7.16
C VAL D 310 -63.17 -59.91 6.25
N VAL D 311 -62.19 -59.67 5.39
CA VAL D 311 -62.23 -58.53 4.48
C VAL D 311 -61.41 -58.86 3.24
N THR D 312 -61.75 -58.22 2.13
CA THR D 312 -60.90 -58.19 0.94
C THR D 312 -60.29 -56.80 0.85
N PRO D 313 -59.05 -56.60 1.29
CA PRO D 313 -58.45 -55.26 1.19
C PRO D 313 -58.11 -54.93 -0.25
N TYR D 314 -57.97 -53.63 -0.51
CA TYR D 314 -57.63 -53.13 -1.84
C TYR D 314 -56.39 -52.25 -1.74
N TRP D 315 -55.29 -52.73 -2.32
CA TRP D 315 -54.06 -51.95 -2.51
C TRP D 315 -53.67 -51.32 -1.18
N GLY D 316 -53.49 -50.00 -1.10
CA GLY D 316 -53.13 -49.35 0.15
C GLY D 316 -53.27 -47.85 0.01
N THR D 317 -52.99 -47.16 1.11
CA THR D 317 -53.10 -45.71 1.17
C THR D 317 -51.76 -45.06 0.82
N ARG D 318 -51.81 -43.75 0.57
CA ARG D 318 -50.60 -43.04 0.20
C ARG D 318 -49.61 -42.97 1.36
N SER D 319 -50.11 -42.66 2.56
CA SER D 319 -49.21 -42.64 3.72
C SER D 319 -48.59 -44.01 3.95
N GLU D 320 -49.33 -45.09 3.67
CA GLU D 320 -48.76 -46.42 3.77
C GLU D 320 -47.68 -46.64 2.72
N LEU D 321 -47.87 -46.08 1.52
CA LEU D 321 -46.82 -46.19 0.50
C LEU D 321 -45.56 -45.44 0.94
N MET D 322 -45.73 -44.29 1.59
CA MET D 322 -44.58 -43.60 2.17
C MET D 322 -43.88 -44.47 3.19
N GLU D 323 -44.65 -45.18 4.02
CA GLU D 323 -44.05 -46.03 5.04
C GLU D 323 -43.34 -47.22 4.41
N VAL D 324 -43.92 -47.79 3.34
CA VAL D 324 -43.24 -48.88 2.64
C VAL D 324 -41.90 -48.39 2.08
N VAL D 325 -41.89 -47.20 1.51
CA VAL D 325 -40.64 -46.63 1.00
C VAL D 325 -39.65 -46.46 2.13
N ALA D 326 -40.13 -46.00 3.30
CA ALA D 326 -39.24 -45.83 4.45
C ALA D 326 -38.65 -47.16 4.90
N LEU D 327 -39.46 -48.22 4.92
CA LEU D 327 -38.94 -49.53 5.25
C LEU D 327 -37.86 -49.96 4.25
N ALA D 328 -38.12 -49.75 2.96
CA ALA D 328 -37.16 -50.16 1.94
C ALA D 328 -35.86 -49.39 2.07
N ARG D 329 -35.94 -48.08 2.30
CA ARG D 329 -34.72 -47.28 2.42
C ARG D 329 -33.96 -47.59 3.70
N ALA D 330 -34.63 -48.15 4.71
CA ALA D 330 -33.96 -48.59 5.93
C ALA D 330 -33.39 -50.00 5.80
N GLY D 331 -33.49 -50.62 4.62
CA GLY D 331 -32.93 -51.94 4.43
C GLY D 331 -33.74 -53.06 5.03
N ARG D 332 -35.02 -52.85 5.28
CA ARG D 332 -35.87 -53.84 5.92
C ARG D 332 -36.80 -54.56 4.96
N LEU D 333 -36.83 -54.14 3.69
CA LEU D 333 -37.64 -54.79 2.66
C LEU D 333 -36.75 -55.15 1.49
N ASP D 334 -36.85 -56.39 1.03
CA ASP D 334 -36.05 -56.86 -0.10
C ASP D 334 -36.86 -57.86 -0.90
N ILE D 335 -36.96 -57.61 -2.20
CA ILE D 335 -37.57 -58.54 -3.14
C ILE D 335 -36.60 -58.73 -4.30
N HIS D 336 -36.38 -59.98 -4.71
CA HIS D 336 -35.54 -60.23 -5.86
C HIS D 336 -36.20 -59.69 -7.12
N THR D 337 -35.40 -59.08 -7.99
CA THR D 337 -35.89 -58.51 -9.23
C THR D 337 -35.08 -59.03 -10.40
N GLU D 338 -35.75 -59.18 -11.54
CA GLU D 338 -35.11 -59.46 -12.82
C GLU D 338 -35.51 -58.35 -13.77
N THR D 339 -34.51 -57.63 -14.29
CA THR D 339 -34.75 -56.45 -15.10
C THR D 339 -34.90 -56.83 -16.57
N PHE D 340 -35.86 -56.17 -17.24
CA PHE D 340 -36.06 -56.29 -18.67
C PHE D 340 -36.06 -54.90 -19.29
N THR D 341 -35.66 -54.82 -20.55
CA THR D 341 -35.77 -53.56 -21.28
C THR D 341 -37.20 -53.37 -21.79
N LEU D 342 -37.52 -52.12 -22.12
CA LEU D 342 -38.87 -51.81 -22.59
C LEU D 342 -39.23 -52.61 -23.83
N ASP D 343 -38.27 -52.79 -24.74
CA ASP D 343 -38.51 -53.62 -25.92
C ASP D 343 -38.79 -55.07 -25.56
N GLU D 344 -38.39 -55.50 -24.36
CA GLU D 344 -38.59 -56.88 -23.92
C GLU D 344 -39.82 -57.04 -23.05
N GLY D 345 -40.64 -56.00 -22.92
CA GLY D 345 -41.84 -56.06 -22.11
C GLY D 345 -42.61 -57.34 -22.33
N PRO D 346 -42.96 -57.63 -23.58
CA PRO D 346 -43.67 -58.88 -23.88
C PRO D 346 -42.91 -60.12 -23.42
N ALA D 347 -41.58 -60.12 -23.51
CA ALA D 347 -40.81 -61.24 -23.01
C ALA D 347 -40.99 -61.39 -21.50
N ALA D 348 -40.95 -60.27 -20.77
CA ALA D 348 -41.16 -60.33 -19.32
C ALA D 348 -42.52 -60.92 -18.99
N TYR D 349 -43.56 -60.51 -19.72
CA TYR D 349 -44.89 -61.06 -19.47
C TYR D 349 -44.97 -62.53 -19.87
N ARG D 350 -44.26 -62.93 -20.93
CA ARG D 350 -44.16 -64.34 -21.25
C ARG D 350 -43.56 -65.13 -20.09
N ARG D 351 -42.43 -64.64 -19.55
CA ARG D 351 -41.80 -65.30 -18.41
C ARG D 351 -42.74 -65.37 -17.22
N LEU D 352 -43.46 -64.27 -16.95
CA LEU D 352 -44.38 -64.25 -15.82
C LEU D 352 -45.50 -65.27 -16.01
N ARG D 353 -46.04 -65.37 -17.23
CA ARG D 353 -47.15 -66.29 -17.47
C ARG D 353 -46.75 -67.73 -17.22
N GLU D 354 -45.54 -68.12 -17.63
CA GLU D 354 -45.05 -69.47 -17.36
C GLU D 354 -44.47 -69.62 -15.96
N GLY D 355 -44.59 -68.60 -15.13
CA GLY D 355 -44.21 -68.72 -13.72
C GLY D 355 -42.75 -69.01 -13.48
N SER D 356 -41.86 -68.45 -14.32
CA SER D 356 -40.43 -68.66 -14.18
C SER D 356 -39.70 -67.43 -13.67
N ILE D 357 -40.43 -66.42 -13.20
CA ILE D 357 -39.82 -65.21 -12.64
C ILE D 357 -39.69 -65.40 -11.13
N ARG D 358 -38.47 -65.35 -10.62
CA ARG D 358 -38.22 -65.39 -9.19
C ARG D 358 -38.32 -63.97 -8.64
N GLY D 359 -39.31 -63.74 -7.79
CA GLY D 359 -39.53 -62.41 -7.24
C GLY D 359 -40.45 -61.58 -8.14
N ARG D 360 -39.89 -60.50 -8.71
CA ARG D 360 -40.68 -59.58 -9.51
C ARG D 360 -39.90 -59.18 -10.75
N GLY D 361 -40.58 -59.19 -11.89
CA GLY D 361 -40.01 -58.64 -13.11
C GLY D 361 -40.21 -57.13 -13.14
N VAL D 362 -39.17 -56.41 -13.58
CA VAL D 362 -39.19 -54.97 -13.66
C VAL D 362 -38.67 -54.55 -15.02
N VAL D 363 -39.43 -53.68 -15.70
CA VAL D 363 -39.06 -53.17 -17.01
C VAL D 363 -38.38 -51.83 -16.84
N VAL D 364 -37.21 -51.67 -17.44
CA VAL D 364 -36.43 -50.45 -17.36
C VAL D 364 -36.34 -49.84 -18.76
N PRO D 365 -37.10 -48.77 -19.03
CA PRO D 365 -36.92 -48.06 -20.31
C PRO D 365 -35.75 -47.08 -20.26
N GLY E 18 -40.84 0.45 -29.13
CA GLY E 18 -39.94 1.47 -29.66
C GLY E 18 -40.42 2.06 -30.97
N SER E 19 -40.42 3.39 -31.05
CA SER E 19 -40.88 4.07 -32.25
C SER E 19 -39.91 3.91 -33.42
N HIS E 20 -38.66 3.57 -33.16
CA HIS E 20 -37.68 3.34 -34.22
C HIS E 20 -36.93 2.04 -33.94
N MET E 21 -36.31 1.51 -34.99
CA MET E 21 -35.59 0.25 -34.92
C MET E 21 -34.33 0.31 -35.78
N LYS E 22 -33.40 -0.60 -35.50
CA LYS E 22 -32.21 -0.74 -36.30
C LYS E 22 -32.48 -1.58 -37.54
N ALA E 23 -31.88 -1.19 -38.66
CA ALA E 23 -32.02 -1.92 -39.91
C ALA E 23 -30.70 -1.84 -40.67
N VAL E 24 -30.29 -2.96 -41.26
CA VAL E 24 -29.15 -2.99 -42.15
C VAL E 24 -29.66 -2.61 -43.54
N GLN E 25 -29.22 -1.47 -44.04
CA GLN E 25 -29.76 -0.88 -45.26
C GLN E 25 -28.68 -0.64 -46.29
N TYR E 26 -29.05 -0.84 -47.55
CA TYR E 26 -28.30 -0.35 -48.70
C TYR E 26 -28.88 1.02 -49.04
N THR E 27 -28.06 2.08 -48.89
CA THR E 27 -28.57 3.45 -48.95
C THR E 27 -28.06 4.27 -50.12
N GLU E 28 -26.99 3.85 -50.78
CA GLU E 28 -26.49 4.55 -51.96
C GLU E 28 -25.65 3.58 -52.78
N ILE E 29 -25.67 3.78 -54.09
CA ILE E 29 -25.02 2.84 -55.00
C ILE E 29 -23.52 2.83 -54.73
N GLY E 30 -22.93 1.64 -54.74
CA GLY E 30 -21.50 1.49 -54.57
C GLY E 30 -21.00 1.57 -53.15
N SER E 31 -21.87 1.76 -52.17
CA SER E 31 -21.48 1.88 -50.77
C SER E 31 -21.75 0.57 -50.04
N GLU E 32 -21.21 0.48 -48.84
CA GLU E 32 -21.43 -0.69 -47.99
C GLU E 32 -22.76 -0.55 -47.26
N PRO E 33 -23.38 -1.67 -46.89
CA PRO E 33 -24.56 -1.60 -46.03
C PRO E 33 -24.19 -1.00 -44.67
N VAL E 34 -25.16 -0.36 -44.04
CA VAL E 34 -24.97 0.31 -42.76
C VAL E 34 -26.14 -0.01 -41.85
N VAL E 35 -25.86 0.03 -40.54
CA VAL E 35 -26.90 -0.11 -39.53
C VAL E 35 -27.44 1.29 -39.23
N VAL E 36 -28.69 1.54 -39.61
CA VAL E 36 -29.32 2.83 -39.42
C VAL E 36 -30.63 2.64 -38.66
N ASP E 37 -31.08 3.71 -38.02
CA ASP E 37 -32.34 3.70 -37.29
C ASP E 37 -33.45 4.18 -38.20
N ILE E 38 -34.56 3.45 -38.23
CA ILE E 38 -35.73 3.83 -39.02
C ILE E 38 -36.98 3.58 -38.19
N PRO E 39 -38.11 4.19 -38.59
CA PRO E 39 -39.34 3.99 -37.82
C PRO E 39 -39.72 2.51 -37.77
N THR E 40 -40.19 2.08 -36.62
CA THR E 40 -40.71 0.73 -36.49
C THR E 40 -42.04 0.66 -37.23
N PRO E 41 -42.20 -0.21 -38.22
CA PRO E 41 -43.46 -0.24 -38.97
C PRO E 41 -44.59 -0.81 -38.15
N THR E 42 -45.82 -0.50 -38.58
CA THR E 42 -47.03 -1.03 -37.97
C THR E 42 -47.86 -1.75 -39.04
N PRO E 43 -48.43 -2.91 -38.71
CA PRO E 43 -49.10 -3.71 -39.75
C PRO E 43 -50.46 -3.13 -40.12
N GLY E 44 -50.65 -2.92 -41.42
CA GLY E 44 -51.95 -2.53 -41.92
C GLY E 44 -52.87 -3.73 -42.05
N PRO E 45 -54.09 -3.48 -42.53
CA PRO E 45 -55.05 -4.57 -42.71
C PRO E 45 -54.47 -5.68 -43.59
N GLY E 46 -54.53 -6.91 -43.09
CA GLY E 46 -54.01 -8.05 -43.79
C GLY E 46 -52.53 -8.31 -43.60
N GLU E 47 -51.78 -7.32 -43.10
CA GLU E 47 -50.34 -7.49 -42.89
C GLU E 47 -50.06 -8.11 -41.53
N ILE E 48 -48.82 -8.56 -41.36
CA ILE E 48 -48.35 -9.17 -40.12
C ILE E 48 -47.00 -8.56 -39.78
N LEU E 49 -46.85 -8.10 -38.53
CA LEU E 49 -45.56 -7.63 -38.05
C LEU E 49 -44.84 -8.78 -37.36
N LEU E 50 -43.60 -9.02 -37.76
CA LEU E 50 -42.77 -10.05 -37.17
C LEU E 50 -41.66 -9.40 -36.35
N LYS E 51 -41.33 -10.01 -35.21
CA LYS E 51 -40.08 -9.75 -34.52
C LYS E 51 -39.06 -10.73 -35.10
N VAL E 52 -38.07 -10.20 -35.81
CA VAL E 52 -37.13 -11.05 -36.54
C VAL E 52 -36.28 -11.83 -35.56
N THR E 53 -36.12 -13.13 -35.82
CA THR E 53 -35.25 -13.99 -35.02
C THR E 53 -34.03 -14.48 -35.78
N ALA E 54 -34.06 -14.48 -37.12
CA ALA E 54 -32.89 -14.83 -37.90
C ALA E 54 -33.04 -14.24 -39.29
N ALA E 55 -31.93 -13.75 -39.84
CA ALA E 55 -31.92 -13.12 -41.16
C ALA E 55 -30.67 -13.58 -41.88
N GLY E 56 -30.83 -14.46 -42.87
CA GLY E 56 -29.70 -14.97 -43.60
C GLY E 56 -29.21 -13.99 -44.66
N LEU E 57 -27.91 -14.07 -44.94
CA LEU E 57 -27.28 -13.31 -46.01
C LEU E 57 -26.61 -14.28 -46.97
N CYS E 58 -26.50 -13.86 -48.23
CA CYS E 58 -25.91 -14.71 -49.25
C CYS E 58 -25.41 -13.82 -50.39
N HIS E 59 -24.73 -14.46 -51.35
CA HIS E 59 -24.07 -13.71 -52.41
C HIS E 59 -25.06 -13.00 -53.33
N SER E 60 -26.33 -13.38 -53.30
CA SER E 60 -27.33 -12.63 -54.07
C SER E 60 -27.39 -11.18 -53.61
N ASP E 61 -27.21 -10.95 -52.31
CA ASP E 61 -27.15 -9.58 -51.81
C ASP E 61 -25.94 -8.85 -52.38
N ILE E 62 -24.79 -9.52 -52.45
CA ILE E 62 -23.60 -8.91 -53.04
C ILE E 62 -23.86 -8.57 -54.50
N PHE E 63 -24.45 -9.50 -55.24
CA PHE E 63 -24.76 -9.27 -56.65
C PHE E 63 -25.63 -8.02 -56.82
N VAL E 64 -26.69 -7.92 -56.01
CA VAL E 64 -27.58 -6.76 -56.11
C VAL E 64 -26.82 -5.48 -55.75
N MET E 65 -25.96 -5.54 -54.74
CA MET E 65 -25.22 -4.37 -54.30
C MET E 65 -24.04 -4.05 -55.22
N ASP E 66 -23.68 -4.96 -56.12
CA ASP E 66 -22.65 -4.69 -57.13
C ASP E 66 -23.23 -4.12 -58.41
N MET E 67 -24.55 -4.02 -58.52
CA MET E 67 -25.17 -3.44 -59.70
C MET E 67 -24.66 -2.00 -59.87
N PRO E 68 -24.25 -1.61 -61.07
CA PRO E 68 -23.72 -0.26 -61.26
C PRO E 68 -24.80 0.80 -61.17
N ALA E 69 -24.36 2.03 -60.87
CA ALA E 69 -25.29 3.15 -60.77
C ALA E 69 -25.96 3.44 -62.10
N ALA E 70 -25.26 3.19 -63.21
CA ALA E 70 -25.84 3.47 -64.53
C ALA E 70 -27.19 2.78 -64.70
N GLN E 71 -27.33 1.57 -64.17
CA GLN E 71 -28.58 0.84 -64.26
C GLN E 71 -29.59 1.23 -63.20
N TYR E 72 -29.18 2.00 -62.19
CA TYR E 72 -30.06 2.27 -61.06
C TYR E 72 -31.20 3.20 -61.47
N ALA E 73 -32.41 2.86 -61.04
CA ALA E 73 -33.59 3.69 -61.24
C ALA E 73 -34.26 4.07 -59.93
N TYR E 74 -34.56 3.09 -59.07
CA TYR E 74 -35.16 3.35 -57.78
C TYR E 74 -34.97 2.13 -56.90
N GLY E 75 -35.21 2.31 -55.60
CA GLY E 75 -35.09 1.23 -54.64
C GLY E 75 -34.37 1.63 -53.37
N LEU E 76 -33.72 2.80 -53.36
CA LEU E 76 -32.95 3.22 -52.20
C LEU E 76 -33.78 4.14 -51.31
N PRO E 77 -33.67 4.00 -49.97
CA PRO E 77 -32.91 3.01 -49.21
C PRO E 77 -33.60 1.66 -49.18
N LEU E 78 -32.86 0.57 -49.03
CA LEU E 78 -33.42 -0.78 -49.01
C LEU E 78 -32.95 -1.49 -47.77
N THR E 79 -33.90 -1.96 -46.96
CA THR E 79 -33.56 -2.88 -45.87
C THR E 79 -33.25 -4.25 -46.45
N LEU E 80 -32.04 -4.74 -46.21
CA LEU E 80 -31.60 -6.00 -46.78
C LEU E 80 -32.26 -7.17 -46.06
N GLY E 81 -32.13 -8.36 -46.66
CA GLY E 81 -32.54 -9.59 -46.03
C GLY E 81 -33.74 -10.25 -46.68
N HIS E 82 -33.49 -11.22 -47.56
CA HIS E 82 -34.55 -11.99 -48.20
C HIS E 82 -34.65 -13.41 -47.65
N GLU E 83 -33.93 -13.71 -46.57
CA GLU E 83 -33.96 -15.01 -45.91
C GLU E 83 -34.40 -14.78 -44.46
N GLY E 84 -35.70 -14.61 -44.27
CA GLY E 84 -36.24 -14.09 -43.03
C GLY E 84 -36.98 -15.14 -42.21
N VAL E 85 -36.79 -15.08 -40.90
CA VAL E 85 -37.51 -15.89 -39.93
CA VAL E 85 -37.57 -15.87 -39.96
C VAL E 85 -37.83 -15.01 -38.73
N GLY E 86 -39.00 -15.21 -38.13
CA GLY E 86 -39.35 -14.42 -36.97
C GLY E 86 -40.50 -15.01 -36.20
N THR E 87 -40.95 -14.26 -35.21
CA THR E 87 -42.14 -14.58 -34.44
C THR E 87 -43.19 -13.50 -34.67
N VAL E 88 -44.44 -13.92 -34.79
CA VAL E 88 -45.52 -12.96 -34.97
C VAL E 88 -45.57 -12.03 -33.77
N ALA E 89 -45.46 -10.73 -34.01
CA ALA E 89 -45.52 -9.73 -32.95
C ALA E 89 -46.84 -8.99 -32.91
N GLU E 90 -47.43 -8.71 -34.07
CA GLU E 90 -48.72 -8.03 -34.14
C GLU E 90 -49.41 -8.42 -35.43
N LEU E 91 -50.71 -8.67 -35.35
CA LEU E 91 -51.52 -9.04 -36.51
C LEU E 91 -52.26 -7.83 -37.03
N GLY E 92 -52.18 -7.60 -38.34
CA GLY E 92 -53.02 -6.60 -38.96
C GLY E 92 -54.48 -6.98 -38.87
N GLU E 93 -55.34 -5.99 -39.08
CA GLU E 93 -56.77 -6.22 -38.95
C GLU E 93 -57.23 -7.25 -39.97
N GLY E 94 -58.07 -8.19 -39.50
CA GLY E 94 -58.62 -9.22 -40.34
C GLY E 94 -57.76 -10.44 -40.53
N VAL E 95 -56.52 -10.42 -40.02
CA VAL E 95 -55.61 -11.55 -40.21
C VAL E 95 -55.95 -12.64 -39.20
N THR E 96 -56.14 -13.86 -39.70
CA THR E 96 -56.33 -15.04 -38.89
C THR E 96 -55.43 -16.15 -39.41
N GLY E 97 -55.37 -17.25 -38.66
CA GLY E 97 -54.51 -18.36 -39.00
C GLY E 97 -53.15 -18.33 -38.32
N PHE E 98 -52.81 -17.23 -37.65
CA PHE E 98 -51.59 -17.13 -36.88
C PHE E 98 -51.88 -16.40 -35.59
N GLY E 99 -51.10 -16.72 -34.55
CA GLY E 99 -51.21 -16.05 -33.28
C GLY E 99 -49.89 -15.41 -32.87
N VAL E 100 -49.96 -14.42 -31.98
CA VAL E 100 -48.74 -13.76 -31.53
C VAL E 100 -47.82 -14.81 -30.91
N GLY E 101 -46.55 -14.78 -31.30
CA GLY E 101 -45.55 -15.72 -30.83
C GLY E 101 -45.27 -16.87 -31.76
N ASP E 102 -46.09 -17.08 -32.79
CA ASP E 102 -45.88 -18.19 -33.71
C ASP E 102 -44.58 -18.00 -34.48
N ALA E 103 -43.76 -19.05 -34.52
CA ALA E 103 -42.52 -19.02 -35.27
C ALA E 103 -42.79 -19.30 -36.73
N VAL E 104 -42.33 -18.40 -37.61
CA VAL E 104 -42.65 -18.48 -39.02
C VAL E 104 -41.41 -18.10 -39.84
N ALA E 105 -41.27 -18.75 -40.99
CA ALA E 105 -40.31 -18.38 -42.01
C ALA E 105 -41.02 -17.58 -43.10
N VAL E 106 -40.30 -16.68 -43.74
CA VAL E 106 -40.87 -15.76 -44.70
C VAL E 106 -40.67 -16.32 -46.10
N TYR E 107 -41.76 -16.52 -46.82
CA TYR E 107 -41.70 -16.89 -48.23
C TYR E 107 -41.22 -15.69 -49.04
N GLY E 108 -40.16 -15.89 -49.82
CA GLY E 108 -39.45 -14.80 -50.44
C GLY E 108 -40.09 -14.21 -51.67
N PRO E 109 -40.36 -15.04 -52.69
CA PRO E 109 -40.81 -14.50 -54.00
C PRO E 109 -42.30 -14.15 -54.05
N TRP E 110 -42.62 -13.01 -53.47
CA TRP E 110 -44.01 -12.59 -53.36
C TRP E 110 -44.65 -12.40 -54.72
N GLY E 111 -45.88 -12.89 -54.86
CA GLY E 111 -46.66 -12.73 -56.06
C GLY E 111 -47.97 -12.00 -55.78
N CYS E 112 -48.79 -11.89 -56.83
CA CYS E 112 -50.07 -11.20 -56.71
C CYS E 112 -51.14 -12.05 -56.01
N GLY E 113 -51.00 -13.37 -56.03
CA GLY E 113 -51.97 -14.23 -55.40
C GLY E 113 -53.23 -14.49 -56.20
N ALA E 114 -53.37 -13.89 -57.39
CA ALA E 114 -54.60 -13.96 -58.15
C ALA E 114 -54.45 -14.48 -59.57
N CYS E 115 -53.24 -14.49 -60.12
CA CYS E 115 -53.07 -15.01 -61.46
C CYS E 115 -53.10 -16.54 -61.45
N HIS E 116 -53.11 -17.12 -62.65
CA HIS E 116 -53.17 -18.58 -62.76
C HIS E 116 -51.97 -19.24 -62.08
N ALA E 117 -50.77 -18.66 -62.26
CA ALA E 117 -49.58 -19.24 -61.65
C ALA E 117 -49.65 -19.17 -60.14
N CYS E 118 -50.10 -18.04 -59.58
CA CYS E 118 -50.24 -17.94 -58.14
C CYS E 118 -51.32 -18.88 -57.62
N ALA E 119 -52.44 -18.98 -58.33
CA ALA E 119 -53.51 -19.86 -57.88
C ALA E 119 -53.06 -21.32 -57.83
N ARG E 120 -52.09 -21.68 -58.64
CA ARG E 120 -51.54 -23.03 -58.65
C ARG E 120 -50.42 -23.22 -57.63
N GLY E 121 -50.15 -22.21 -56.80
CA GLY E 121 -49.11 -22.28 -55.80
C GLY E 121 -47.76 -21.73 -56.21
N ARG E 122 -47.56 -21.47 -57.50
CA ARG E 122 -46.24 -21.09 -58.03
C ARG E 122 -46.13 -19.56 -58.11
N GLU E 123 -46.14 -18.94 -56.93
CA GLU E 123 -46.05 -17.49 -56.86
C GLU E 123 -44.70 -16.99 -57.37
N ASN E 124 -43.65 -17.81 -57.28
CA ASN E 124 -42.36 -17.42 -57.82
C ASN E 124 -42.42 -17.18 -59.31
N TYR E 125 -43.42 -17.73 -60.00
CA TYR E 125 -43.62 -17.51 -61.43
C TYR E 125 -44.86 -16.65 -61.69
N CYS E 126 -45.20 -15.80 -60.73
CA CYS E 126 -46.31 -14.87 -60.90
C CYS E 126 -46.11 -14.02 -62.14
N THR E 127 -47.13 -13.99 -63.00
CA THR E 127 -47.07 -13.24 -64.25
C THR E 127 -47.50 -11.78 -64.09
N ARG E 128 -47.90 -11.37 -62.89
CA ARG E 128 -48.35 -10.00 -62.66
C ARG E 128 -47.46 -9.24 -61.69
N ALA E 129 -46.52 -9.90 -61.01
CA ALA E 129 -45.75 -9.25 -59.96
C ALA E 129 -45.01 -8.04 -60.51
N ALA E 130 -44.34 -8.20 -61.65
CA ALA E 130 -43.56 -7.09 -62.21
C ALA E 130 -44.45 -5.90 -62.53
N ASP E 131 -45.57 -6.15 -63.22
CA ASP E 131 -46.48 -5.05 -63.57
C ASP E 131 -47.01 -4.34 -62.33
N LEU E 132 -47.33 -5.09 -61.28
CA LEU E 132 -47.87 -4.52 -60.06
C LEU E 132 -46.78 -3.97 -59.13
N GLY E 133 -45.50 -4.20 -59.44
CA GLY E 133 -44.43 -3.75 -58.58
C GLY E 133 -44.31 -4.52 -57.29
N ILE E 134 -44.67 -5.81 -57.29
CA ILE E 134 -44.53 -6.66 -56.12
C ILE E 134 -43.13 -7.27 -56.14
N THR E 135 -42.33 -6.93 -55.13
CA THR E 135 -40.94 -7.35 -55.07
C THR E 135 -40.67 -8.12 -53.77
N PRO E 136 -39.67 -9.00 -53.75
CA PRO E 136 -39.41 -9.79 -52.55
C PRO E 136 -38.87 -8.94 -51.42
N PRO E 137 -39.06 -9.35 -50.17
CA PRO E 137 -38.41 -8.62 -49.07
C PRO E 137 -36.90 -8.71 -49.18
N GLY E 138 -36.24 -7.58 -49.00
CA GLY E 138 -34.81 -7.50 -49.18
C GLY E 138 -34.35 -7.33 -50.61
N LEU E 139 -35.27 -7.32 -51.57
CA LEU E 139 -34.94 -7.14 -52.98
C LEU E 139 -35.94 -6.21 -53.64
N GLY E 140 -36.30 -5.13 -52.95
CA GLY E 140 -37.28 -4.19 -53.45
C GLY E 140 -38.31 -3.82 -52.41
N SER E 141 -38.63 -4.76 -51.53
CA SER E 141 -39.44 -4.53 -50.35
C SER E 141 -38.58 -4.64 -49.10
N PRO E 142 -39.00 -4.03 -48.00
CA PRO E 142 -38.16 -4.07 -46.79
C PRO E 142 -37.86 -5.49 -46.35
N GLY E 143 -36.58 -5.77 -46.14
CA GLY E 143 -36.12 -7.12 -45.84
C GLY E 143 -36.19 -7.45 -44.36
N SER E 144 -35.56 -8.57 -44.01
CA SER E 144 -35.62 -9.13 -42.68
C SER E 144 -34.44 -8.76 -41.79
N MET E 145 -33.44 -8.07 -42.33
CA MET E 145 -32.28 -7.70 -41.51
C MET E 145 -32.61 -6.42 -40.74
N ALA E 146 -33.49 -6.58 -39.77
CA ALA E 146 -33.92 -5.51 -38.89
C ALA E 146 -34.59 -6.12 -37.68
N GLU E 147 -34.85 -5.30 -36.68
CA GLU E 147 -35.50 -5.79 -35.46
C GLU E 147 -36.89 -6.32 -35.77
N TYR E 148 -37.63 -5.63 -36.63
CA TYR E 148 -38.97 -6.03 -37.03
C TYR E 148 -39.09 -5.96 -38.54
N MET E 149 -40.11 -6.64 -39.07
CA MET E 149 -40.38 -6.57 -40.50
C MET E 149 -41.86 -6.80 -40.74
N ILE E 150 -42.36 -6.18 -41.79
CA ILE E 150 -43.73 -6.36 -42.25
C ILE E 150 -43.75 -7.49 -43.27
N VAL E 151 -44.75 -8.36 -43.16
CA VAL E 151 -45.07 -9.34 -44.20
C VAL E 151 -46.43 -8.96 -44.77
N ASP E 152 -46.53 -8.92 -46.11
CA ASP E 152 -47.69 -8.35 -46.76
C ASP E 152 -48.95 -9.20 -46.54
N SER E 153 -48.79 -10.52 -46.43
CA SER E 153 -49.95 -11.40 -46.38
C SER E 153 -49.59 -12.65 -45.58
N ALA E 154 -50.61 -13.24 -44.95
CA ALA E 154 -50.40 -14.44 -44.14
C ALA E 154 -49.92 -15.60 -44.99
N ARG E 155 -50.27 -15.64 -46.27
CA ARG E 155 -49.86 -16.75 -47.11
C ARG E 155 -48.37 -16.75 -47.42
N HIS E 156 -47.64 -15.72 -47.01
CA HIS E 156 -46.19 -15.68 -47.15
C HIS E 156 -45.48 -16.06 -45.87
N LEU E 157 -46.20 -16.57 -44.88
CA LEU E 157 -45.62 -17.07 -43.64
C LEU E 157 -45.76 -18.59 -43.62
N VAL E 158 -44.67 -19.28 -43.29
CA VAL E 158 -44.64 -20.73 -43.24
C VAL E 158 -44.22 -21.13 -41.82
N PRO E 159 -45.04 -21.89 -41.09
CA PRO E 159 -44.66 -22.25 -39.71
C PRO E 159 -43.45 -23.17 -39.70
N ILE E 160 -42.59 -22.97 -38.69
CA ILE E 160 -41.41 -23.79 -38.49
C ILE E 160 -41.44 -24.53 -37.16
N GLY E 161 -42.47 -24.36 -36.35
CA GLY E 161 -42.51 -25.02 -35.07
C GLY E 161 -41.34 -24.60 -34.19
N ASP E 162 -40.72 -25.59 -33.55
CA ASP E 162 -39.58 -25.35 -32.67
C ASP E 162 -38.24 -25.46 -33.38
N LEU E 163 -38.24 -25.49 -34.71
CA LEU E 163 -36.98 -25.46 -35.45
C LEU E 163 -36.19 -24.21 -35.09
N ASP E 164 -34.90 -24.38 -34.86
CA ASP E 164 -34.04 -23.25 -34.52
C ASP E 164 -34.13 -22.19 -35.61
N PRO E 165 -34.51 -20.95 -35.30
CA PRO E 165 -34.60 -19.93 -36.36
C PRO E 165 -33.32 -19.76 -37.15
N VAL E 166 -32.16 -19.92 -36.52
CA VAL E 166 -30.89 -19.75 -37.23
C VAL E 166 -30.73 -20.85 -38.29
N ALA E 167 -31.20 -22.06 -38.00
CA ALA E 167 -31.15 -23.13 -38.98
C ALA E 167 -32.22 -22.95 -40.06
N ALA E 168 -33.34 -22.31 -39.73
CA ALA E 168 -34.41 -22.14 -40.70
C ALA E 168 -34.11 -21.04 -41.71
N ALA E 169 -33.36 -20.01 -41.32
CA ALA E 169 -33.15 -18.86 -42.20
C ALA E 169 -32.55 -19.27 -43.54
N PRO E 170 -31.47 -20.05 -43.61
CA PRO E 170 -30.95 -20.45 -44.93
C PRO E 170 -31.91 -21.31 -45.73
N LEU E 171 -32.84 -22.01 -45.08
CA LEU E 171 -33.79 -22.85 -45.81
C LEU E 171 -34.66 -22.03 -46.74
N THR E 172 -34.87 -20.75 -46.43
CA THR E 172 -35.75 -19.92 -47.24
C THR E 172 -35.18 -19.62 -48.63
N ASP E 173 -33.86 -19.77 -48.80
CA ASP E 173 -33.23 -19.55 -50.10
C ASP E 173 -32.28 -20.70 -50.43
N ALA E 174 -31.31 -20.96 -49.56
CA ALA E 174 -30.32 -22.00 -49.83
C ALA E 174 -30.94 -23.37 -49.91
N GLY E 175 -32.09 -23.59 -49.26
CA GLY E 175 -32.78 -24.87 -49.35
C GLY E 175 -33.86 -24.84 -50.41
N LEU E 176 -34.66 -23.77 -50.43
CA LEU E 176 -35.80 -23.70 -51.33
C LEU E 176 -35.37 -23.68 -52.79
N THR E 177 -34.29 -22.96 -53.11
CA THR E 177 -33.89 -22.81 -54.51
C THR E 177 -33.40 -24.12 -55.10
N PRO E 178 -32.45 -24.84 -54.49
CA PRO E 178 -32.09 -26.16 -55.03
C PRO E 178 -33.24 -27.16 -54.99
N TYR E 179 -34.09 -27.08 -53.96
CA TYR E 179 -35.23 -27.99 -53.89
C TYR E 179 -36.17 -27.79 -55.06
N HIS E 180 -36.40 -26.53 -55.46
CA HIS E 180 -37.25 -26.27 -56.61
C HIS E 180 -36.60 -26.77 -57.89
N ALA E 181 -35.32 -26.44 -58.11
CA ALA E 181 -34.63 -26.89 -59.31
C ALA E 181 -34.71 -28.40 -59.45
N ILE E 182 -34.48 -29.13 -58.35
CA ILE E 182 -34.57 -30.59 -58.38
C ILE E 182 -36.01 -31.03 -58.59
N SER E 183 -36.96 -30.35 -57.94
CA SER E 183 -38.36 -30.77 -58.03
C SER E 183 -38.89 -30.69 -59.46
N ARG E 184 -38.32 -29.81 -60.28
CA ARG E 184 -38.84 -29.64 -61.63
C ARG E 184 -38.68 -30.90 -62.47
N VAL E 185 -37.70 -31.75 -62.15
CA VAL E 185 -37.45 -32.95 -62.92
C VAL E 185 -37.28 -34.17 -62.03
N LEU E 186 -37.86 -34.12 -60.83
CA LEU E 186 -37.72 -35.22 -59.89
C LEU E 186 -38.19 -36.55 -60.47
N PRO E 187 -39.28 -36.63 -61.25
CA PRO E 187 -39.69 -37.93 -61.79
C PRO E 187 -38.65 -38.60 -62.67
N LEU E 188 -37.66 -37.85 -63.18
CA LEU E 188 -36.60 -38.44 -63.96
C LEU E 188 -35.52 -39.10 -63.10
N LEU E 189 -35.48 -38.79 -61.81
CA LEU E 189 -34.36 -39.21 -60.96
C LEU E 189 -34.72 -40.46 -60.16
N GLY E 190 -35.09 -41.51 -60.89
CA GLY E 190 -35.38 -42.79 -60.30
C GLY E 190 -34.13 -43.62 -60.13
N PRO E 191 -34.27 -44.82 -59.57
CA PRO E 191 -33.11 -45.71 -59.44
C PRO E 191 -32.48 -45.97 -60.80
N GLY E 192 -31.15 -45.91 -60.84
CA GLY E 192 -30.40 -46.02 -62.07
C GLY E 192 -30.06 -44.70 -62.73
N SER E 193 -30.72 -43.62 -62.32
CA SER E 193 -30.43 -42.30 -62.85
C SER E 193 -29.17 -41.74 -62.20
N THR E 194 -28.67 -40.63 -62.76
CA THR E 194 -27.51 -39.95 -62.23
C THR E 194 -27.76 -38.45 -62.24
N ALA E 195 -27.44 -37.79 -61.14
CA ALA E 195 -27.56 -36.34 -61.02
C ALA E 195 -26.17 -35.77 -60.78
N VAL E 196 -25.76 -34.84 -61.62
CA VAL E 196 -24.48 -34.15 -61.49
C VAL E 196 -24.74 -32.81 -60.82
N VAL E 197 -23.97 -32.50 -59.78
CA VAL E 197 -24.06 -31.24 -59.06
C VAL E 197 -22.73 -30.52 -59.23
N ILE E 198 -22.76 -29.37 -59.89
CA ILE E 198 -21.56 -28.56 -60.12
C ILE E 198 -21.58 -27.40 -59.13
N GLY E 199 -20.55 -27.35 -58.27
CA GLY E 199 -20.53 -26.39 -57.20
C GLY E 199 -21.20 -26.93 -55.96
N VAL E 200 -20.42 -27.39 -54.98
CA VAL E 200 -20.94 -28.16 -53.86
C VAL E 200 -20.70 -27.41 -52.55
N GLY E 201 -20.65 -26.08 -52.62
CA GLY E 201 -20.34 -25.28 -51.46
C GLY E 201 -21.55 -24.80 -50.69
N GLY E 202 -22.44 -24.09 -51.38
CA GLY E 202 -23.61 -23.53 -50.73
C GLY E 202 -24.89 -24.23 -51.14
N LEU E 203 -25.55 -23.72 -52.17
CA LEU E 203 -26.79 -24.33 -52.64
C LEU E 203 -26.55 -25.78 -53.07
N GLY E 204 -25.38 -26.06 -53.65
CA GLY E 204 -25.11 -27.41 -54.12
C GLY E 204 -24.96 -28.40 -52.98
N HIS E 205 -24.33 -27.98 -51.88
CA HIS E 205 -24.24 -28.83 -50.71
C HIS E 205 -25.63 -29.22 -50.21
N VAL E 206 -26.54 -28.25 -50.18
CA VAL E 206 -27.92 -28.55 -49.80
C VAL E 206 -28.58 -29.41 -50.88
N GLY E 207 -28.27 -29.15 -52.14
CA GLY E 207 -28.86 -29.93 -53.21
C GLY E 207 -28.51 -31.40 -53.14
N ILE E 208 -27.28 -31.72 -52.73
CA ILE E 208 -26.88 -33.11 -52.59
C ILE E 208 -27.71 -33.78 -51.50
N GLN E 209 -27.87 -33.11 -50.36
CA GLN E 209 -28.70 -33.65 -49.28
C GLN E 209 -30.14 -33.85 -49.74
N ILE E 210 -30.68 -32.89 -50.47
CA ILE E 210 -32.05 -33.02 -50.98
C ILE E 210 -32.14 -34.22 -51.91
N LEU E 211 -31.17 -34.37 -52.82
CA LEU E 211 -31.22 -35.46 -53.79
C LEU E 211 -31.21 -36.81 -53.10
N ARG E 212 -30.41 -36.96 -52.03
CA ARG E 212 -30.39 -38.22 -51.32
C ARG E 212 -31.65 -38.47 -50.51
N ALA E 213 -32.38 -37.41 -50.14
CA ALA E 213 -33.57 -37.58 -49.32
C ALA E 213 -34.81 -37.89 -50.15
N VAL E 214 -34.91 -37.33 -51.36
CA VAL E 214 -36.13 -37.42 -52.15
C VAL E 214 -35.94 -38.25 -53.42
N SER E 215 -34.78 -38.87 -53.59
CA SER E 215 -34.56 -39.71 -54.78
C SER E 215 -33.51 -40.76 -54.46
N ALA E 216 -33.41 -41.73 -55.36
CA ALA E 216 -32.37 -42.75 -55.32
C ALA E 216 -31.33 -42.57 -56.42
N ALA E 217 -31.25 -41.36 -56.98
CA ALA E 217 -30.29 -41.09 -58.04
C ALA E 217 -28.86 -41.14 -57.51
N ARG E 218 -27.96 -41.61 -58.35
CA ARG E 218 -26.53 -41.49 -58.08
C ARG E 218 -26.12 -40.04 -58.23
N VAL E 219 -25.32 -39.56 -57.27
CA VAL E 219 -24.95 -38.15 -57.19
C VAL E 219 -23.45 -38.04 -57.44
N ILE E 220 -23.07 -37.23 -58.43
CA ILE E 220 -21.69 -36.95 -58.75
C ILE E 220 -21.42 -35.48 -58.42
N ALA E 221 -20.47 -35.24 -57.52
CA ALA E 221 -20.10 -33.90 -57.12
C ALA E 221 -18.98 -33.38 -58.00
N VAL E 222 -19.11 -32.13 -58.44
CA VAL E 222 -18.11 -31.46 -59.27
C VAL E 222 -17.80 -30.11 -58.66
N ASP E 223 -16.51 -29.85 -58.41
CA ASP E 223 -16.10 -28.60 -57.78
C ASP E 223 -14.62 -28.38 -58.02
N LEU E 224 -14.19 -27.14 -57.80
CA LEU E 224 -12.79 -26.78 -57.96
C LEU E 224 -11.95 -27.14 -56.75
N ASP E 225 -12.54 -27.10 -55.55
CA ASP E 225 -11.80 -27.25 -54.31
C ASP E 225 -11.83 -28.70 -53.84
N ASP E 226 -10.67 -29.24 -53.47
CA ASP E 226 -10.59 -30.60 -52.99
C ASP E 226 -11.38 -30.79 -51.70
N ASP E 227 -11.32 -29.81 -50.80
CA ASP E 227 -11.98 -29.96 -49.51
C ASP E 227 -13.49 -29.98 -49.66
N ARG E 228 -14.05 -29.09 -50.49
CA ARG E 228 -15.49 -29.08 -50.69
C ARG E 228 -15.98 -30.41 -51.24
N LEU E 229 -15.19 -31.04 -52.13
CA LEU E 229 -15.57 -32.33 -52.67
C LEU E 229 -15.63 -33.40 -51.58
N ALA E 230 -14.65 -33.40 -50.68
CA ALA E 230 -14.66 -34.37 -49.59
C ALA E 230 -15.89 -34.19 -48.71
N LEU E 231 -16.25 -32.95 -48.40
CA LEU E 231 -17.47 -32.71 -47.64
C LEU E 231 -18.71 -33.10 -48.43
N ALA E 232 -18.66 -32.99 -49.76
CA ALA E 232 -19.79 -33.40 -50.58
C ALA E 232 -20.05 -34.90 -50.43
N ARG E 233 -18.97 -35.70 -50.40
CA ARG E 233 -19.13 -37.13 -50.20
C ARG E 233 -19.77 -37.46 -48.86
N GLU E 234 -19.48 -36.65 -47.83
CA GLU E 234 -20.00 -36.93 -46.51
C GLU E 234 -21.53 -36.80 -46.46
N VAL E 235 -22.09 -35.89 -47.25
CA VAL E 235 -23.53 -35.65 -47.24
C VAL E 235 -24.26 -36.46 -48.31
N GLY E 236 -23.55 -37.34 -49.01
CA GLY E 236 -24.23 -38.32 -49.86
C GLY E 236 -23.73 -38.44 -51.29
N ALA E 237 -22.78 -37.59 -51.69
CA ALA E 237 -22.24 -37.68 -53.04
C ALA E 237 -21.51 -38.99 -53.23
N ASP E 238 -21.91 -39.77 -54.26
CA ASP E 238 -21.30 -41.07 -54.49
C ASP E 238 -19.95 -40.97 -55.19
N ALA E 239 -19.67 -39.86 -55.87
CA ALA E 239 -18.39 -39.70 -56.55
C ALA E 239 -18.06 -38.20 -56.60
N ALA E 240 -16.78 -37.93 -56.82
CA ALA E 240 -16.27 -36.56 -56.86
C ALA E 240 -15.42 -36.37 -58.11
N VAL E 241 -15.49 -35.16 -58.67
CA VAL E 241 -14.78 -34.82 -59.88
C VAL E 241 -14.27 -33.38 -59.77
N LYS E 242 -13.07 -33.14 -60.29
CA LYS E 242 -12.50 -31.80 -60.29
C LYS E 242 -13.07 -30.99 -61.45
N SER E 243 -13.60 -29.81 -61.15
CA SER E 243 -14.13 -28.94 -62.18
C SER E 243 -13.00 -28.46 -63.10
N GLY E 244 -13.33 -28.28 -64.37
CA GLY E 244 -12.39 -27.79 -65.34
C GLY E 244 -12.53 -28.54 -66.66
N ALA E 245 -11.48 -28.46 -67.47
CA ALA E 245 -11.53 -29.03 -68.82
C ALA E 245 -11.68 -30.54 -68.80
N GLY E 246 -11.11 -31.21 -67.80
CA GLY E 246 -11.20 -32.64 -67.70
C GLY E 246 -12.45 -33.18 -67.04
N ALA E 247 -13.30 -32.29 -66.53
CA ALA E 247 -14.46 -32.76 -65.77
C ALA E 247 -15.41 -33.57 -66.63
N ALA E 248 -15.68 -33.12 -67.85
CA ALA E 248 -16.64 -33.80 -68.71
C ALA E 248 -16.21 -35.24 -68.98
N ASP E 249 -14.93 -35.44 -69.29
CA ASP E 249 -14.44 -36.79 -69.54
C ASP E 249 -14.50 -37.65 -68.27
N ALA E 250 -14.14 -37.07 -67.13
CA ALA E 250 -14.17 -37.82 -65.89
C ALA E 250 -15.59 -38.25 -65.54
N ILE E 251 -16.57 -37.37 -65.78
CA ILE E 251 -17.95 -37.71 -65.48
C ILE E 251 -18.43 -38.84 -66.39
N ARG E 252 -18.12 -38.74 -67.69
CA ARG E 252 -18.47 -39.81 -68.61
C ARG E 252 -17.78 -41.12 -68.24
N GLU E 253 -16.57 -41.04 -67.70
CA GLU E 253 -15.91 -42.24 -67.21
C GLU E 253 -16.74 -42.92 -66.13
N LEU E 254 -17.36 -42.13 -65.25
CA LEU E 254 -18.10 -42.69 -64.13
C LEU E 254 -19.45 -43.23 -64.57
N THR E 255 -20.15 -42.52 -65.43
CA THR E 255 -21.47 -42.93 -65.91
C THR E 255 -21.40 -43.88 -67.10
N GLY E 256 -20.22 -44.40 -67.42
CA GLY E 256 -20.12 -45.05 -68.69
C GLY E 256 -20.40 -44.02 -69.79
N GLY E 257 -20.64 -44.55 -70.99
CA GLY E 257 -20.86 -43.69 -72.14
C GLY E 257 -22.23 -43.07 -72.19
N GLN E 258 -23.01 -43.17 -71.12
CA GLN E 258 -24.42 -42.78 -71.16
C GLN E 258 -24.66 -41.33 -70.76
N GLY E 259 -23.89 -40.77 -69.84
CA GLY E 259 -24.10 -39.40 -69.41
C GLY E 259 -25.05 -39.29 -68.23
N ALA E 260 -25.32 -38.05 -67.85
CA ALA E 260 -26.04 -37.73 -66.63
C ALA E 260 -27.48 -37.37 -66.93
N THR E 261 -28.41 -37.99 -66.19
CA THR E 261 -29.83 -37.70 -66.37
C THR E 261 -30.12 -36.22 -66.17
N ALA E 262 -29.55 -35.62 -65.13
CA ALA E 262 -29.76 -34.22 -64.82
C ALA E 262 -28.45 -33.62 -64.35
N VAL E 263 -28.18 -32.39 -64.76
CA VAL E 263 -27.05 -31.60 -64.28
C VAL E 263 -27.61 -30.35 -63.62
N PHE E 264 -27.27 -30.14 -62.36
CA PHE E 264 -27.68 -28.96 -61.61
C PHE E 264 -26.43 -28.10 -61.44
N ASP E 265 -26.35 -27.03 -62.23
CA ASP E 265 -25.17 -26.15 -62.23
C ASP E 265 -25.45 -24.99 -61.28
N PHE E 266 -24.88 -25.08 -60.08
CA PHE E 266 -25.01 -24.02 -59.08
C PHE E 266 -23.94 -22.96 -59.21
N VAL E 267 -22.98 -23.13 -60.12
CA VAL E 267 -22.00 -22.10 -60.41
C VAL E 267 -22.51 -21.14 -61.48
N GLY E 268 -22.99 -21.69 -62.60
CA GLY E 268 -23.55 -20.87 -63.66
C GLY E 268 -22.54 -20.21 -64.58
N ALA E 269 -21.26 -20.51 -64.43
CA ALA E 269 -20.26 -19.99 -65.34
C ALA E 269 -20.39 -20.65 -66.71
N GLN E 270 -19.85 -19.98 -67.73
CA GLN E 270 -19.92 -20.54 -69.07
C GLN E 270 -19.21 -21.89 -69.15
N SER E 271 -18.07 -22.02 -68.48
CA SER E 271 -17.33 -23.27 -68.52
C SER E 271 -18.11 -24.41 -67.87
N THR E 272 -18.80 -24.13 -66.75
CA THR E 272 -19.58 -25.18 -66.10
C THR E 272 -20.82 -25.52 -66.92
N ILE E 273 -21.47 -24.51 -67.52
CA ILE E 273 -22.58 -24.78 -68.42
C ILE E 273 -22.11 -25.62 -69.61
N ASP E 274 -20.92 -25.30 -70.13
CA ASP E 274 -20.38 -26.09 -71.23
C ASP E 274 -20.17 -27.53 -70.81
N THR E 275 -19.62 -27.75 -69.61
CA THR E 275 -19.46 -29.11 -69.10
C THR E 275 -20.80 -29.81 -69.01
N ALA E 276 -21.83 -29.11 -68.51
CA ALA E 276 -23.15 -29.73 -68.38
C ALA E 276 -23.66 -30.22 -69.73
N GLN E 277 -23.52 -29.40 -70.77
CA GLN E 277 -23.98 -29.81 -72.10
C GLN E 277 -23.19 -31.01 -72.61
N GLN E 278 -21.93 -31.15 -72.19
CA GLN E 278 -21.12 -32.26 -72.65
C GLN E 278 -21.40 -33.57 -71.93
N VAL E 279 -22.05 -33.52 -70.78
CA VAL E 279 -22.30 -34.72 -69.99
C VAL E 279 -23.78 -35.07 -69.87
N VAL E 280 -24.70 -34.15 -70.15
CA VAL E 280 -26.12 -34.44 -69.97
C VAL E 280 -26.53 -35.56 -70.91
N ALA E 281 -27.44 -36.41 -70.44
CA ALA E 281 -27.88 -37.56 -71.20
C ALA E 281 -28.96 -37.16 -72.20
N VAL E 282 -29.21 -38.05 -73.16
CA VAL E 282 -30.32 -37.87 -74.08
C VAL E 282 -31.62 -37.84 -73.30
N ASP E 283 -32.47 -36.87 -73.60
CA ASP E 283 -33.75 -36.68 -72.90
C ASP E 283 -33.51 -36.31 -71.43
N GLY E 284 -32.37 -35.69 -71.16
CA GLY E 284 -32.00 -35.28 -69.81
C GLY E 284 -32.45 -33.88 -69.48
N HIS E 285 -31.73 -33.24 -68.56
CA HIS E 285 -32.09 -31.92 -68.08
C HIS E 285 -30.84 -31.20 -67.56
N ILE E 286 -30.75 -29.91 -67.85
CA ILE E 286 -29.73 -29.03 -67.29
C ILE E 286 -30.43 -27.89 -66.59
N SER E 287 -30.13 -27.69 -65.31
CA SER E 287 -30.68 -26.60 -64.52
C SER E 287 -29.56 -25.59 -64.23
N VAL E 288 -29.72 -24.37 -64.74
CA VAL E 288 -28.76 -23.31 -64.52
C VAL E 288 -29.25 -22.50 -63.32
N VAL E 289 -28.72 -22.81 -62.14
CA VAL E 289 -29.13 -22.18 -60.89
C VAL E 289 -28.21 -21.01 -60.52
N GLY E 290 -26.89 -21.23 -60.61
CA GLY E 290 -25.96 -20.14 -60.35
C GLY E 290 -26.00 -19.09 -61.44
N ILE E 291 -25.73 -17.85 -61.05
CA ILE E 291 -25.84 -16.71 -61.95
C ILE E 291 -24.44 -16.18 -62.24
N HIS E 292 -24.10 -16.11 -63.52
CA HIS E 292 -22.92 -15.42 -64.01
C HIS E 292 -23.34 -14.59 -65.21
N ALA E 293 -23.26 -13.27 -65.09
CA ALA E 293 -23.80 -12.38 -66.10
C ALA E 293 -23.27 -12.76 -67.49
N GLY E 294 -24.21 -12.95 -68.43
CA GLY E 294 -23.89 -13.27 -69.79
C GLY E 294 -23.73 -14.75 -70.08
N ALA E 295 -23.48 -15.57 -69.06
CA ALA E 295 -23.36 -17.00 -69.28
C ALA E 295 -24.71 -17.58 -69.66
N HIS E 296 -24.70 -18.57 -70.55
CA HIS E 296 -25.95 -19.14 -71.05
C HIS E 296 -25.68 -20.49 -71.69
N ALA E 297 -26.66 -21.37 -71.60
CA ALA E 297 -26.63 -22.61 -72.37
C ALA E 297 -26.99 -22.33 -73.81
N LYS E 298 -26.46 -23.14 -74.71
CA LYS E 298 -26.69 -23.02 -76.14
C LYS E 298 -27.50 -24.23 -76.59
N VAL E 299 -28.82 -24.04 -76.69
CA VAL E 299 -29.75 -25.12 -76.96
C VAL E 299 -30.07 -25.08 -78.45
N GLY E 300 -29.48 -26.02 -79.19
CA GLY E 300 -29.72 -26.14 -80.61
C GLY E 300 -29.30 -27.51 -81.08
N PHE E 301 -29.77 -27.86 -82.28
CA PHE E 301 -29.51 -29.20 -82.79
C PHE E 301 -28.01 -29.44 -82.89
N PHE E 302 -27.58 -30.59 -82.37
CA PHE E 302 -26.20 -31.06 -82.39
C PHE E 302 -25.29 -30.21 -81.51
N MET E 303 -25.82 -29.24 -80.78
CA MET E 303 -25.10 -28.55 -79.72
C MET E 303 -25.49 -29.04 -78.33
N ILE E 304 -26.50 -29.92 -78.25
CA ILE E 304 -26.98 -30.48 -77.00
C ILE E 304 -27.72 -31.77 -77.35
N PRO E 305 -27.68 -32.80 -76.52
CA PRO E 305 -28.40 -34.04 -76.85
C PRO E 305 -29.88 -33.79 -77.10
N PHE E 306 -30.46 -34.63 -77.96
CA PHE E 306 -31.90 -34.57 -78.22
C PHE E 306 -32.68 -34.68 -76.92
N GLY E 307 -33.72 -33.85 -76.80
CA GLY E 307 -34.64 -33.93 -75.69
C GLY E 307 -34.12 -33.47 -74.35
N ALA E 308 -32.88 -32.99 -74.29
CA ALA E 308 -32.32 -32.49 -73.04
C ALA E 308 -32.81 -31.06 -72.84
N SER E 309 -33.69 -30.85 -71.87
CA SER E 309 -34.26 -29.53 -71.63
C SER E 309 -33.33 -28.72 -70.74
N VAL E 310 -33.38 -27.40 -70.90
CA VAL E 310 -32.57 -26.47 -70.12
C VAL E 310 -33.47 -25.37 -69.60
N VAL E 311 -33.22 -24.92 -68.37
CA VAL E 311 -34.04 -23.89 -67.74
C VAL E 311 -33.18 -23.13 -66.74
N THR E 312 -33.54 -21.87 -66.51
CA THR E 312 -33.05 -21.12 -65.37
C THR E 312 -34.18 -21.04 -64.35
N PRO E 313 -34.20 -21.89 -63.32
CA PRO E 313 -35.29 -21.82 -62.34
C PRO E 313 -35.13 -20.60 -61.45
N TYR E 314 -36.23 -20.25 -60.79
CA TYR E 314 -36.27 -19.07 -59.92
C TYR E 314 -36.86 -19.48 -58.57
N TRP E 315 -36.02 -19.45 -57.54
CA TRP E 315 -36.44 -19.59 -56.13
C TRP E 315 -37.30 -20.86 -56.00
N GLY E 316 -38.49 -20.77 -55.43
CA GLY E 316 -39.34 -21.95 -55.30
C GLY E 316 -40.75 -21.56 -54.94
N THR E 317 -41.60 -22.57 -54.84
CA THR E 317 -43.02 -22.37 -54.56
C THR E 317 -43.29 -22.44 -53.06
N ARG E 318 -44.49 -22.01 -52.69
CA ARG E 318 -44.91 -22.04 -51.29
C ARG E 318 -44.84 -23.45 -50.72
N SER E 319 -45.51 -24.40 -51.37
CA SER E 319 -45.54 -25.76 -50.86
C SER E 319 -44.15 -26.38 -50.83
N GLU E 320 -43.26 -25.97 -51.74
CA GLU E 320 -41.89 -26.45 -51.70
C GLU E 320 -41.17 -25.99 -50.45
N LEU E 321 -41.38 -24.73 -50.05
CA LEU E 321 -40.77 -24.26 -48.81
C LEU E 321 -41.27 -25.04 -47.62
N MET E 322 -42.56 -25.39 -47.60
CA MET E 322 -43.07 -26.23 -46.52
C MET E 322 -42.41 -27.59 -46.53
N GLU E 323 -42.13 -28.13 -47.72
CA GLU E 323 -41.47 -29.43 -47.80
C GLU E 323 -40.02 -29.33 -47.36
N VAL E 324 -39.35 -28.20 -47.64
CA VAL E 324 -37.99 -28.01 -47.17
C VAL E 324 -37.96 -27.94 -45.66
N VAL E 325 -38.91 -27.22 -45.06
CA VAL E 325 -39.02 -27.17 -43.60
C VAL E 325 -39.26 -28.55 -43.03
N ALA E 326 -40.10 -29.35 -43.71
CA ALA E 326 -40.36 -30.71 -43.23
C ALA E 326 -39.09 -31.55 -43.27
N LEU E 327 -38.29 -31.42 -44.34
CA LEU E 327 -37.02 -32.12 -44.40
C LEU E 327 -36.10 -31.70 -43.27
N ALA E 328 -36.00 -30.39 -43.03
CA ALA E 328 -35.13 -29.89 -41.97
C ALA E 328 -35.57 -30.40 -40.60
N ARG E 329 -36.88 -30.39 -40.34
CA ARG E 329 -37.40 -30.86 -39.06
C ARG E 329 -37.26 -32.36 -38.90
N ALA E 330 -37.09 -33.10 -39.99
CA ALA E 330 -36.86 -34.53 -39.94
C ALA E 330 -35.38 -34.89 -39.83
N GLY E 331 -34.49 -33.88 -39.80
CA GLY E 331 -33.07 -34.15 -39.68
C GLY E 331 -32.39 -34.53 -40.97
N ARG E 332 -33.01 -34.27 -42.12
CA ARG E 332 -32.43 -34.62 -43.41
C ARG E 332 -31.65 -33.48 -44.05
N LEU E 333 -31.70 -32.27 -43.47
CA LEU E 333 -31.01 -31.11 -44.02
C LEU E 333 -30.16 -30.49 -42.91
N ASP E 334 -28.85 -30.42 -43.15
CA ASP E 334 -27.91 -29.79 -42.23
C ASP E 334 -27.15 -28.72 -42.99
N ILE E 335 -27.31 -27.47 -42.57
CA ILE E 335 -26.62 -26.33 -43.16
C ILE E 335 -25.82 -25.65 -42.06
N HIS E 336 -24.51 -25.63 -42.22
CA HIS E 336 -23.64 -24.97 -41.24
C HIS E 336 -23.85 -23.46 -41.32
N THR E 337 -23.99 -22.83 -40.15
CA THR E 337 -24.27 -21.40 -40.07
C THR E 337 -23.25 -20.73 -39.16
N GLU E 338 -22.93 -19.48 -39.47
CA GLU E 338 -22.20 -18.60 -38.58
C GLU E 338 -23.09 -17.43 -38.21
N THR E 339 -23.22 -17.17 -36.92
CA THR E 339 -24.15 -16.18 -36.40
C THR E 339 -23.46 -14.83 -36.26
N PHE E 340 -24.23 -13.77 -36.50
CA PHE E 340 -23.80 -12.40 -36.27
C PHE E 340 -24.92 -11.64 -35.59
N THR E 341 -24.55 -10.59 -34.87
CA THR E 341 -25.55 -9.67 -34.34
C THR E 341 -26.01 -8.72 -35.44
N LEU E 342 -27.11 -8.03 -35.19
CA LEU E 342 -27.60 -7.05 -36.16
C LEU E 342 -26.59 -5.93 -36.34
N ASP E 343 -25.91 -5.53 -35.27
CA ASP E 343 -24.88 -4.50 -35.39
C ASP E 343 -23.74 -4.96 -36.28
N GLU E 344 -23.49 -6.27 -36.35
CA GLU E 344 -22.44 -6.83 -37.16
C GLU E 344 -22.90 -7.18 -38.58
N GLY E 345 -24.07 -6.69 -38.99
CA GLY E 345 -24.59 -6.94 -40.31
C GLY E 345 -23.60 -6.57 -41.40
N PRO E 346 -23.18 -5.30 -41.42
CA PRO E 346 -22.17 -4.90 -42.41
C PRO E 346 -20.87 -5.69 -42.30
N ALA E 347 -20.43 -5.99 -41.08
CA ALA E 347 -19.23 -6.80 -40.92
C ALA E 347 -19.41 -8.18 -41.55
N ALA E 348 -20.60 -8.77 -41.40
CA ALA E 348 -20.85 -10.08 -41.99
C ALA E 348 -20.77 -10.02 -43.51
N TYR E 349 -21.29 -8.94 -44.11
CA TYR E 349 -21.23 -8.82 -45.56
C TYR E 349 -19.79 -8.66 -46.05
N ARG E 350 -18.97 -7.94 -45.28
CA ARG E 350 -17.55 -7.87 -45.61
C ARG E 350 -16.90 -9.25 -45.56
N ARG E 351 -17.23 -10.04 -44.53
CA ARG E 351 -16.73 -11.40 -44.44
C ARG E 351 -17.21 -12.23 -45.62
N LEU E 352 -18.46 -12.03 -46.04
CA LEU E 352 -18.99 -12.77 -47.17
C LEU E 352 -18.20 -12.47 -48.44
N ARG E 353 -17.89 -11.20 -48.68
CA ARG E 353 -17.14 -10.83 -49.87
C ARG E 353 -15.77 -11.51 -49.88
N GLU E 354 -15.06 -11.45 -48.76
CA GLU E 354 -13.71 -12.02 -48.68
C GLU E 354 -13.71 -13.54 -48.56
N GLY E 355 -14.87 -14.18 -48.58
CA GLY E 355 -14.93 -15.63 -48.54
C GLY E 355 -14.54 -16.26 -47.22
N SER E 356 -14.57 -15.49 -46.13
CA SER E 356 -14.19 -16.01 -44.82
C SER E 356 -15.38 -16.52 -44.02
N ILE E 357 -16.56 -16.62 -44.62
CA ILE E 357 -17.72 -17.21 -43.97
C ILE E 357 -17.76 -18.69 -44.31
N ARG E 358 -17.62 -19.53 -43.29
CA ARG E 358 -17.76 -20.97 -43.45
C ARG E 358 -19.22 -21.33 -43.19
N GLY E 359 -19.93 -21.76 -44.24
CA GLY E 359 -21.34 -22.02 -44.15
C GLY E 359 -22.15 -20.83 -44.61
N ARG E 360 -23.28 -20.56 -43.95
CA ARG E 360 -24.16 -19.46 -44.30
C ARG E 360 -24.23 -18.48 -43.15
N GLY E 361 -23.98 -17.21 -43.45
CA GLY E 361 -24.11 -16.18 -42.43
C GLY E 361 -25.56 -15.92 -42.09
N VAL E 362 -25.82 -15.71 -40.80
CA VAL E 362 -27.18 -15.46 -40.30
C VAL E 362 -27.10 -14.38 -39.25
N VAL E 363 -27.83 -13.28 -39.47
CA VAL E 363 -27.91 -12.19 -38.51
C VAL E 363 -29.02 -12.48 -37.52
N VAL E 364 -28.72 -12.33 -36.23
CA VAL E 364 -29.68 -12.58 -35.17
C VAL E 364 -29.92 -11.27 -34.43
N PRO E 365 -31.04 -10.58 -34.71
CA PRO E 365 -31.32 -9.33 -33.98
C PRO E 365 -31.68 -9.61 -32.52
N ARG F 17 -67.73 -8.80 -13.25
CA ARG F 17 -66.85 -8.65 -12.09
C ARG F 17 -65.87 -7.51 -12.30
N GLY F 18 -65.90 -6.55 -11.37
CA GLY F 18 -65.06 -5.38 -11.50
C GLY F 18 -63.58 -5.69 -11.27
N SER F 19 -62.73 -4.85 -11.84
CA SER F 19 -61.29 -5.01 -11.68
C SER F 19 -60.82 -4.66 -10.28
N HIS F 20 -61.57 -3.82 -9.57
CA HIS F 20 -61.26 -3.45 -8.19
C HIS F 20 -62.26 -4.11 -7.25
N MET F 21 -61.86 -4.25 -5.99
CA MET F 21 -62.69 -4.92 -5.00
C MET F 21 -62.41 -4.34 -3.62
N LYS F 22 -63.42 -4.41 -2.77
CA LYS F 22 -63.32 -3.89 -1.41
C LYS F 22 -62.79 -4.98 -0.46
N ALA F 23 -62.02 -4.55 0.53
CA ALA F 23 -61.43 -5.48 1.48
C ALA F 23 -61.06 -4.73 2.75
N VAL F 24 -60.83 -5.52 3.81
CA VAL F 24 -60.37 -5.01 5.10
C VAL F 24 -58.99 -5.58 5.36
N GLN F 25 -58.04 -4.70 5.66
CA GLN F 25 -56.64 -5.09 5.73
C GLN F 25 -55.97 -4.55 6.99
N TYR F 26 -55.10 -5.39 7.57
CA TYR F 26 -54.16 -4.96 8.58
C TYR F 26 -52.94 -4.38 7.87
N THR F 27 -52.77 -3.07 7.93
CA THR F 27 -51.82 -2.37 7.07
C THR F 27 -50.55 -1.91 7.77
N GLU F 28 -50.60 -1.61 9.06
CA GLU F 28 -49.39 -1.24 9.79
C GLU F 28 -49.50 -1.70 11.23
N ILE F 29 -48.35 -2.01 11.82
CA ILE F 29 -48.33 -2.60 13.15
C ILE F 29 -48.95 -1.66 14.16
N GLY F 30 -49.70 -2.22 15.11
CA GLY F 30 -50.29 -1.46 16.18
C GLY F 30 -51.56 -0.71 15.83
N SER F 31 -51.87 -0.52 14.56
CA SER F 31 -53.04 0.22 14.14
C SER F 31 -54.21 -0.72 13.88
N GLU F 32 -55.40 -0.12 13.76
CA GLU F 32 -56.62 -0.87 13.50
C GLU F 32 -56.70 -1.22 12.01
N PRO F 33 -57.48 -2.25 11.66
CA PRO F 33 -57.70 -2.54 10.25
C PRO F 33 -58.51 -1.44 9.59
N VAL F 34 -58.33 -1.30 8.28
CA VAL F 34 -58.99 -0.27 7.50
C VAL F 34 -59.61 -0.89 6.25
N VAL F 35 -60.63 -0.23 5.72
CA VAL F 35 -61.28 -0.65 4.49
C VAL F 35 -60.54 -0.03 3.31
N VAL F 36 -60.17 -0.87 2.34
CA VAL F 36 -59.34 -0.45 1.22
C VAL F 36 -59.98 -0.92 -0.08
N ASP F 37 -59.44 -0.41 -1.18
CA ASP F 37 -59.85 -0.78 -2.53
C ASP F 37 -58.62 -1.34 -3.24
N ILE F 38 -58.64 -2.64 -3.52
CA ILE F 38 -57.48 -3.33 -4.08
C ILE F 38 -57.91 -4.09 -5.33
N PRO F 39 -56.96 -4.48 -6.17
CA PRO F 39 -57.30 -5.20 -7.39
C PRO F 39 -57.99 -6.53 -7.08
N THR F 40 -58.98 -6.87 -7.90
CA THR F 40 -59.65 -8.15 -7.78
C THR F 40 -58.70 -9.24 -8.25
N PRO F 41 -58.39 -10.25 -7.44
CA PRO F 41 -57.45 -11.29 -7.88
C PRO F 41 -58.02 -12.14 -9.00
N THR F 42 -57.12 -12.74 -9.77
CA THR F 42 -57.47 -13.68 -10.81
C THR F 42 -56.82 -15.03 -10.53
N PRO F 43 -57.53 -16.14 -10.71
CA PRO F 43 -56.99 -17.44 -10.30
C PRO F 43 -56.03 -18.01 -11.33
N GLY F 44 -54.81 -18.31 -10.90
CA GLY F 44 -53.87 -19.03 -11.71
C GLY F 44 -54.21 -20.51 -11.77
N PRO F 45 -53.37 -21.26 -12.48
CA PRO F 45 -53.63 -22.70 -12.61
C PRO F 45 -53.65 -23.37 -11.25
N GLY F 46 -54.68 -24.21 -11.03
CA GLY F 46 -54.87 -24.88 -9.78
C GLY F 46 -55.63 -24.09 -8.74
N GLU F 47 -55.68 -22.77 -8.87
CA GLU F 47 -56.36 -21.93 -7.89
C GLU F 47 -57.84 -21.81 -8.22
N ILE F 48 -58.61 -21.35 -7.23
CA ILE F 48 -60.03 -21.10 -7.37
C ILE F 48 -60.33 -19.71 -6.82
N LEU F 49 -61.11 -18.93 -7.56
CA LEU F 49 -61.58 -17.63 -7.11
C LEU F 49 -62.99 -17.77 -6.57
N LEU F 50 -63.19 -17.31 -5.34
CA LEU F 50 -64.49 -17.34 -4.68
C LEU F 50 -65.05 -15.94 -4.60
N LYS F 51 -66.37 -15.82 -4.76
CA LYS F 51 -67.10 -14.63 -4.33
C LYS F 51 -67.52 -14.86 -2.88
N VAL F 52 -66.95 -14.10 -1.96
CA VAL F 52 -67.17 -14.33 -0.55
C VAL F 52 -68.62 -14.04 -0.19
N THR F 53 -69.26 -14.98 0.50
CA THR F 53 -70.62 -14.81 0.98
C THR F 53 -70.69 -14.61 2.49
N ALA F 54 -69.61 -14.89 3.21
CA ALA F 54 -69.54 -14.63 4.65
C ALA F 54 -68.11 -14.85 5.11
N ALA F 55 -67.64 -13.95 5.98
CA ALA F 55 -66.30 -14.01 6.53
C ALA F 55 -66.39 -13.83 8.04
N GLY F 56 -65.94 -14.82 8.78
CA GLY F 56 -66.07 -14.82 10.22
C GLY F 56 -64.96 -14.08 10.93
N LEU F 57 -65.31 -13.50 12.08
CA LEU F 57 -64.38 -12.83 12.98
C LEU F 57 -64.03 -13.74 14.14
N CYS F 58 -62.82 -13.58 14.66
CA CYS F 58 -62.34 -14.44 15.73
C CYS F 58 -61.29 -13.69 16.54
N HIS F 59 -61.26 -13.97 17.85
CA HIS F 59 -60.33 -13.29 18.73
C HIS F 59 -58.88 -13.53 18.33
N SER F 60 -58.60 -14.64 17.64
CA SER F 60 -57.24 -14.88 17.16
C SER F 60 -56.77 -13.75 16.25
N ASP F 61 -57.69 -13.09 15.56
CA ASP F 61 -57.32 -11.92 14.77
C ASP F 61 -56.79 -10.80 15.65
N ILE F 62 -57.37 -10.64 16.85
CA ILE F 62 -56.86 -9.65 17.78
C ILE F 62 -55.47 -10.03 18.27
N PHE F 63 -55.27 -11.31 18.58
CA PHE F 63 -53.94 -11.78 18.99
C PHE F 63 -52.89 -11.45 17.94
N VAL F 64 -53.22 -11.69 16.66
CA VAL F 64 -52.27 -11.42 15.58
C VAL F 64 -51.95 -9.93 15.52
N MET F 65 -52.98 -9.09 15.57
CA MET F 65 -52.78 -7.65 15.45
C MET F 65 -52.20 -7.03 16.70
N ASP F 66 -52.11 -7.78 17.79
CA ASP F 66 -51.47 -7.31 19.02
C ASP F 66 -49.98 -7.65 19.07
N MET F 67 -49.47 -8.38 18.09
CA MET F 67 -48.06 -8.74 18.11
C MET F 67 -47.20 -7.50 17.93
N PRO F 68 -46.19 -7.27 18.77
CA PRO F 68 -45.30 -6.13 18.57
C PRO F 68 -44.64 -6.18 17.20
N ALA F 69 -43.93 -5.09 16.88
CA ALA F 69 -43.30 -4.98 15.57
C ALA F 69 -42.39 -6.18 15.27
N ALA F 70 -41.61 -6.60 16.26
CA ALA F 70 -40.66 -7.68 16.02
C ALA F 70 -41.36 -9.03 15.93
N GLN F 71 -42.28 -9.31 16.85
CA GLN F 71 -42.89 -10.62 16.95
C GLN F 71 -43.80 -10.95 15.77
N TYR F 72 -44.33 -9.94 15.09
CA TYR F 72 -45.25 -10.17 13.99
C TYR F 72 -44.49 -10.66 12.76
N ALA F 73 -44.92 -11.79 12.21
CA ALA F 73 -44.26 -12.42 11.06
C ALA F 73 -45.30 -12.98 10.11
N TYR F 74 -46.33 -12.18 9.80
CA TYR F 74 -47.39 -12.58 8.89
C TYR F 74 -47.56 -11.63 7.70
N GLY F 75 -46.71 -10.61 7.58
CA GLY F 75 -46.69 -9.79 6.39
C GLY F 75 -47.74 -8.69 6.33
N LEU F 76 -47.36 -7.53 5.79
CA LEU F 76 -48.27 -6.41 5.60
C LEU F 76 -48.20 -5.94 4.16
N PRO F 77 -49.33 -5.55 3.56
CA PRO F 77 -50.69 -5.54 4.11
C PRO F 77 -51.28 -6.95 4.12
N LEU F 78 -52.20 -7.25 5.03
CA LEU F 78 -52.81 -8.57 5.15
C LEU F 78 -54.32 -8.41 5.13
N THR F 79 -54.95 -8.99 4.11
CA THR F 79 -56.42 -9.09 4.09
C THR F 79 -56.85 -10.13 5.12
N LEU F 80 -57.59 -9.68 6.13
CA LEU F 80 -57.95 -10.53 7.24
C LEU F 80 -59.04 -11.51 6.85
N GLY F 81 -59.32 -12.45 7.76
CA GLY F 81 -60.40 -13.40 7.59
C GLY F 81 -59.93 -14.81 7.31
N HIS F 82 -59.90 -15.67 8.34
CA HIS F 82 -59.54 -17.07 8.19
C HIS F 82 -60.74 -18.00 8.36
N GLU F 83 -61.95 -17.45 8.34
CA GLU F 83 -63.19 -18.22 8.37
C GLU F 83 -63.99 -17.80 7.13
N GLY F 84 -63.68 -18.42 6.00
CA GLY F 84 -64.20 -18.00 4.71
C GLY F 84 -65.20 -18.99 4.15
N VAL F 85 -66.30 -18.45 3.61
CA VAL F 85 -67.31 -19.20 2.87
CA VAL F 85 -67.25 -19.23 2.83
C VAL F 85 -67.68 -18.39 1.64
N GLY F 86 -67.94 -19.06 0.53
CA GLY F 86 -68.31 -18.35 -0.67
C GLY F 86 -68.86 -19.28 -1.73
N THR F 87 -69.03 -18.71 -2.92
CA THR F 87 -69.45 -19.45 -4.10
C THR F 87 -68.35 -19.38 -5.14
N VAL F 88 -68.12 -20.50 -5.82
CA VAL F 88 -67.08 -20.54 -6.84
C VAL F 88 -67.40 -19.51 -7.92
N ALA F 89 -66.46 -18.59 -8.15
CA ALA F 89 -66.62 -17.54 -9.15
C ALA F 89 -65.87 -17.85 -10.44
N GLU F 90 -64.61 -18.26 -10.33
CA GLU F 90 -63.80 -18.61 -11.50
C GLU F 90 -62.90 -19.77 -11.14
N LEU F 91 -62.88 -20.79 -12.00
CA LEU F 91 -62.00 -21.93 -11.84
C LEU F 91 -60.69 -21.68 -12.56
N GLY F 92 -59.58 -21.79 -11.84
CA GLY F 92 -58.27 -21.71 -12.46
C GLY F 92 -58.05 -22.85 -13.43
N GLU F 93 -56.99 -22.71 -14.22
CA GLU F 93 -56.67 -23.71 -15.23
C GLU F 93 -56.51 -25.08 -14.59
N GLY F 94 -57.20 -26.07 -15.14
CA GLY F 94 -57.06 -27.45 -14.72
C GLY F 94 -57.87 -27.85 -13.51
N VAL F 95 -58.61 -26.94 -12.89
CA VAL F 95 -59.36 -27.24 -11.69
C VAL F 95 -60.71 -27.81 -12.09
N THR F 96 -60.96 -29.06 -11.69
CA THR F 96 -62.26 -29.70 -11.78
C THR F 96 -62.73 -30.06 -10.37
N GLY F 97 -63.87 -30.73 -10.28
CA GLY F 97 -64.43 -31.12 -9.01
C GLY F 97 -65.38 -30.11 -8.41
N PHE F 98 -65.36 -28.86 -8.91
CA PHE F 98 -66.32 -27.85 -8.51
C PHE F 98 -66.77 -27.09 -9.75
N GLY F 99 -68.02 -26.65 -9.72
CA GLY F 99 -68.54 -25.83 -10.80
C GLY F 99 -68.83 -24.42 -10.31
N VAL F 100 -68.87 -23.46 -11.25
CA VAL F 100 -69.22 -22.09 -10.87
C VAL F 100 -70.56 -22.08 -10.17
N GLY F 101 -70.62 -21.38 -9.04
CA GLY F 101 -71.83 -21.27 -8.25
C GLY F 101 -71.89 -22.19 -7.05
N ASP F 102 -71.02 -23.20 -6.98
CA ASP F 102 -71.04 -24.12 -5.85
C ASP F 102 -70.68 -23.40 -4.57
N ALA F 103 -71.46 -23.64 -3.51
CA ALA F 103 -71.23 -23.06 -2.20
C ALA F 103 -70.22 -23.92 -1.45
N VAL F 104 -69.12 -23.30 -1.02
CA VAL F 104 -68.01 -24.04 -0.42
C VAL F 104 -67.51 -23.28 0.80
N ALA F 105 -66.96 -24.03 1.75
CA ALA F 105 -66.27 -23.47 2.91
C ALA F 105 -64.77 -23.66 2.73
N VAL F 106 -64.00 -22.70 3.23
CA VAL F 106 -62.56 -22.67 3.05
C VAL F 106 -61.90 -23.36 4.24
N TYR F 107 -61.27 -24.50 3.98
CA TYR F 107 -60.44 -25.15 4.99
C TYR F 107 -59.22 -24.27 5.30
N GLY F 108 -59.00 -23.99 6.58
CA GLY F 108 -58.10 -22.95 7.00
C GLY F 108 -56.63 -23.33 7.02
N PRO F 109 -56.27 -24.34 7.80
CA PRO F 109 -54.83 -24.62 8.02
C PRO F 109 -54.15 -25.31 6.84
N TRP F 110 -53.86 -24.53 5.81
CA TRP F 110 -53.23 -25.07 4.60
C TRP F 110 -51.90 -25.74 4.93
N GLY F 111 -51.70 -26.92 4.35
CA GLY F 111 -50.44 -27.64 4.45
C GLY F 111 -49.83 -27.89 3.08
N CYS F 112 -48.69 -28.60 3.09
CA CYS F 112 -47.98 -28.86 1.85
C CYS F 112 -48.68 -29.92 1.01
N GLY F 113 -49.45 -30.80 1.65
CA GLY F 113 -50.15 -31.85 0.95
C GLY F 113 -49.32 -33.07 0.61
N ALA F 114 -48.03 -33.09 0.95
CA ALA F 114 -47.14 -34.15 0.54
C ALA F 114 -46.39 -34.83 1.67
N CYS F 115 -46.36 -34.26 2.87
CA CYS F 115 -45.69 -34.91 3.99
C CYS F 115 -46.58 -36.01 4.57
N HIS F 116 -46.01 -36.81 5.47
CA HIS F 116 -46.74 -37.92 6.06
C HIS F 116 -48.00 -37.43 6.76
N ALA F 117 -47.91 -36.34 7.52
CA ALA F 117 -49.08 -35.81 8.20
C ALA F 117 -50.16 -35.40 7.20
N CYS F 118 -49.75 -34.69 6.15
CA CYS F 118 -50.72 -34.28 5.13
C CYS F 118 -51.34 -35.49 4.43
N ALA F 119 -50.52 -36.51 4.15
CA ALA F 119 -51.03 -37.69 3.46
C ALA F 119 -51.98 -38.50 4.33
N ARG F 120 -51.82 -38.42 5.65
CA ARG F 120 -52.73 -39.08 6.59
C ARG F 120 -54.01 -38.30 6.80
N GLY F 121 -54.19 -37.16 6.12
CA GLY F 121 -55.38 -36.35 6.34
C GLY F 121 -55.31 -35.46 7.56
N ARG F 122 -54.11 -35.02 7.95
CA ARG F 122 -53.91 -34.15 9.10
C ARG F 122 -53.08 -32.94 8.67
N GLU F 123 -53.61 -32.18 7.71
CA GLU F 123 -52.89 -31.04 7.17
C GLU F 123 -52.64 -29.98 8.23
N ASN F 124 -53.50 -29.89 9.24
CA ASN F 124 -53.29 -28.92 10.30
C ASN F 124 -52.00 -29.19 11.05
N TYR F 125 -51.45 -30.40 10.95
CA TYR F 125 -50.18 -30.76 11.58
C TYR F 125 -49.10 -31.00 10.54
N CYS F 126 -49.18 -30.29 9.41
CA CYS F 126 -48.16 -30.39 8.38
C CYS F 126 -46.80 -30.01 8.93
N THR F 127 -45.80 -30.85 8.68
CA THR F 127 -44.45 -30.62 9.17
C THR F 127 -43.58 -29.83 8.20
N ARG F 128 -44.15 -29.36 7.09
CA ARG F 128 -43.39 -28.62 6.09
C ARG F 128 -43.95 -27.23 5.83
N ALA F 129 -45.16 -26.92 6.31
CA ALA F 129 -45.79 -25.65 5.97
C ALA F 129 -44.95 -24.46 6.43
N ALA F 130 -44.40 -24.53 7.64
CA ALA F 130 -43.59 -23.41 8.14
C ALA F 130 -42.34 -23.23 7.28
N ASP F 131 -41.62 -24.32 7.00
CA ASP F 131 -40.43 -24.23 6.18
C ASP F 131 -40.76 -23.66 4.80
N LEU F 132 -41.89 -24.08 4.22
CA LEU F 132 -42.29 -23.64 2.90
C LEU F 132 -43.05 -22.32 2.91
N GLY F 133 -43.29 -21.73 4.08
CA GLY F 133 -44.02 -20.49 4.15
C GLY F 133 -45.47 -20.59 3.75
N ILE F 134 -46.09 -21.75 3.95
CA ILE F 134 -47.52 -21.94 3.68
C ILE F 134 -48.28 -21.52 4.92
N THR F 135 -49.13 -20.51 4.78
CA THR F 135 -49.88 -19.92 5.88
C THR F 135 -51.37 -19.92 5.55
N PRO F 136 -52.22 -19.91 6.57
CA PRO F 136 -53.66 -19.94 6.32
C PRO F 136 -54.15 -18.63 5.73
N PRO F 137 -55.28 -18.64 5.04
CA PRO F 137 -55.86 -17.37 4.58
C PRO F 137 -56.26 -16.50 5.75
N GLY F 138 -55.93 -15.22 5.68
CA GLY F 138 -56.17 -14.30 6.76
C GLY F 138 -55.12 -14.31 7.85
N LEU F 139 -54.18 -15.24 7.82
CA LEU F 139 -53.09 -15.33 8.79
C LEU F 139 -51.76 -15.48 8.09
N GLY F 140 -51.55 -14.66 7.06
CA GLY F 140 -50.33 -14.71 6.26
C GLY F 140 -50.63 -14.65 4.78
N SER F 141 -51.72 -15.26 4.36
CA SER F 141 -52.22 -15.20 2.99
C SER F 141 -53.50 -14.38 2.95
N PRO F 142 -53.89 -13.87 1.78
CA PRO F 142 -55.10 -13.05 1.70
C PRO F 142 -56.32 -13.78 2.25
N GLY F 143 -57.02 -13.12 3.16
CA GLY F 143 -58.14 -13.71 3.86
C GLY F 143 -59.45 -13.57 3.10
N SER F 144 -60.54 -13.83 3.82
CA SER F 144 -61.88 -13.85 3.24
C SER F 144 -62.64 -12.55 3.41
N MET F 145 -62.12 -11.59 4.18
CA MET F 145 -62.80 -10.33 4.40
C MET F 145 -62.60 -9.41 3.20
N ALA F 146 -63.24 -9.80 2.09
CA ALA F 146 -63.18 -9.06 0.85
C ALA F 146 -64.30 -9.59 -0.04
N GLU F 147 -64.57 -8.86 -1.13
CA GLU F 147 -65.59 -9.31 -2.06
C GLU F 147 -65.21 -10.64 -2.69
N TYR F 148 -63.93 -10.84 -2.96
CA TYR F 148 -63.43 -12.07 -3.56
C TYR F 148 -62.16 -12.51 -2.86
N MET F 149 -61.87 -13.81 -2.95
CA MET F 149 -60.65 -14.35 -2.36
C MET F 149 -60.15 -15.51 -3.21
N ILE F 150 -58.85 -15.76 -3.11
CA ILE F 150 -58.20 -16.85 -3.82
C ILE F 150 -57.97 -18.00 -2.86
N VAL F 151 -58.31 -19.21 -3.29
CA VAL F 151 -57.99 -20.43 -2.57
C VAL F 151 -56.94 -21.18 -3.39
N ASP F 152 -55.88 -21.63 -2.72
CA ASP F 152 -54.71 -22.14 -3.44
C ASP F 152 -54.98 -23.44 -4.17
N SER F 153 -55.87 -24.29 -3.63
CA SER F 153 -56.08 -25.62 -4.22
C SER F 153 -57.50 -26.07 -3.92
N ALA F 154 -58.00 -26.96 -4.78
CA ALA F 154 -59.36 -27.46 -4.63
C ALA F 154 -59.53 -28.31 -3.38
N ARG F 155 -58.45 -28.92 -2.87
CA ARG F 155 -58.59 -29.73 -1.66
C ARG F 155 -58.83 -28.88 -0.42
N HIS F 156 -58.74 -27.56 -0.53
CA HIS F 156 -59.04 -26.66 0.58
C HIS F 156 -60.46 -26.08 0.49
N LEU F 157 -61.30 -26.66 -0.37
CA LEU F 157 -62.70 -26.29 -0.45
C LEU F 157 -63.55 -27.47 0.00
N VAL F 158 -64.58 -27.18 0.81
CA VAL F 158 -65.48 -28.19 1.32
C VAL F 158 -66.91 -27.76 0.96
N PRO F 159 -67.69 -28.58 0.25
CA PRO F 159 -69.04 -28.16 -0.11
C PRO F 159 -69.94 -28.07 1.11
N ILE F 160 -70.83 -27.07 1.08
CA ILE F 160 -71.79 -26.85 2.16
C ILE F 160 -73.23 -26.94 1.68
N GLY F 161 -73.46 -27.21 0.39
CA GLY F 161 -74.82 -27.29 -0.09
C GLY F 161 -75.57 -25.99 0.09
N ASP F 162 -76.81 -26.09 0.55
CA ASP F 162 -77.68 -24.94 0.76
C ASP F 162 -77.61 -24.39 2.17
N LEU F 163 -76.59 -24.77 2.94
CA LEU F 163 -76.43 -24.23 4.28
C LEU F 163 -76.18 -22.73 4.21
N ASP F 164 -76.85 -21.99 5.09
CA ASP F 164 -76.71 -20.53 5.10
C ASP F 164 -75.24 -20.16 5.31
N PRO F 165 -74.66 -19.34 4.42
CA PRO F 165 -73.22 -19.02 4.57
C PRO F 165 -72.89 -18.33 5.89
N VAL F 166 -73.79 -17.50 6.42
CA VAL F 166 -73.52 -16.85 7.70
C VAL F 166 -73.40 -17.88 8.81
N ALA F 167 -74.21 -18.95 8.74
CA ALA F 167 -74.09 -20.02 9.72
C ALA F 167 -72.84 -20.86 9.47
N ALA F 168 -72.41 -20.98 8.22
CA ALA F 168 -71.28 -21.87 7.91
C ALA F 168 -69.94 -21.24 8.23
N ALA F 169 -69.82 -19.91 8.17
CA ALA F 169 -68.52 -19.29 8.39
C ALA F 169 -67.92 -19.65 9.75
N PRO F 170 -68.63 -19.50 10.87
CA PRO F 170 -68.03 -19.92 12.15
C PRO F 170 -67.65 -21.39 12.19
N LEU F 171 -68.33 -22.25 11.42
CA LEU F 171 -68.01 -23.67 11.45
C LEU F 171 -66.56 -23.94 11.09
N THR F 172 -65.95 -23.07 10.29
CA THR F 172 -64.58 -23.31 9.84
C THR F 172 -63.57 -23.20 10.98
N ASP F 173 -63.90 -22.46 12.03
CA ASP F 173 -63.00 -22.33 13.18
C ASP F 173 -63.72 -22.64 14.48
N ALA F 174 -64.80 -21.90 14.75
CA ALA F 174 -65.51 -22.10 16.01
C ALA F 174 -66.09 -23.51 16.12
N GLY F 175 -66.38 -24.15 15.00
CA GLY F 175 -66.87 -25.52 15.03
C GLY F 175 -65.74 -26.54 14.86
N LEU F 176 -64.85 -26.28 13.90
CA LEU F 176 -63.78 -27.23 13.60
C LEU F 176 -62.82 -27.40 14.78
N THR F 177 -62.47 -26.29 15.46
CA THR F 177 -61.46 -26.38 16.52
C THR F 177 -61.95 -27.19 17.71
N PRO F 178 -63.14 -26.95 18.28
CA PRO F 178 -63.60 -27.84 19.35
C PRO F 178 -63.84 -29.27 18.88
N TYR F 179 -64.34 -29.43 17.64
CA TYR F 179 -64.58 -30.77 17.13
C TYR F 179 -63.30 -31.59 17.10
N HIS F 180 -62.21 -30.99 16.62
CA HIS F 180 -60.93 -31.69 16.58
C HIS F 180 -60.46 -32.04 17.99
N ALA F 181 -60.53 -31.07 18.91
CA ALA F 181 -60.11 -31.33 20.28
C ALA F 181 -60.87 -32.52 20.86
N ILE F 182 -62.18 -32.55 20.67
CA ILE F 182 -62.97 -33.68 21.18
C ILE F 182 -62.62 -34.96 20.43
N SER F 183 -62.45 -34.86 19.11
CA SER F 183 -62.18 -36.05 18.32
C SER F 183 -60.90 -36.76 18.76
N ARG F 184 -59.92 -36.01 19.27
CA ARG F 184 -58.64 -36.61 19.63
C ARG F 184 -58.79 -37.67 20.72
N VAL F 185 -59.84 -37.57 21.55
CA VAL F 185 -60.02 -38.51 22.66
C VAL F 185 -61.45 -39.02 22.69
N LEU F 186 -62.14 -38.98 21.54
CA LEU F 186 -63.52 -39.45 21.51
C LEU F 186 -63.69 -40.87 22.00
N PRO F 187 -62.79 -41.81 21.72
CA PRO F 187 -62.97 -43.18 22.24
C PRO F 187 -63.02 -43.26 23.77
N LEU F 188 -62.53 -42.24 24.47
CA LEU F 188 -62.62 -42.23 25.93
C LEU F 188 -63.99 -41.81 26.44
N LEU F 189 -64.80 -41.19 25.60
CA LEU F 189 -66.04 -40.53 26.04
C LEU F 189 -67.26 -41.44 25.80
N GLY F 190 -67.20 -42.63 26.38
CA GLY F 190 -68.30 -43.57 26.30
C GLY F 190 -69.32 -43.34 27.39
N PRO F 191 -70.37 -44.16 27.41
CA PRO F 191 -71.38 -44.03 28.48
C PRO F 191 -70.74 -44.22 29.85
N GLY F 192 -71.10 -43.33 30.78
CA GLY F 192 -70.49 -43.31 32.09
C GLY F 192 -69.31 -42.39 32.22
N SER F 193 -68.77 -41.89 31.12
CA SER F 193 -67.70 -40.91 31.16
C SER F 193 -68.25 -39.52 31.44
N THR F 194 -67.35 -38.61 31.82
CA THR F 194 -67.69 -37.23 32.11
C THR F 194 -66.74 -36.32 31.37
N ALA F 195 -67.28 -35.31 30.70
CA ALA F 195 -66.50 -34.32 29.97
C ALA F 195 -66.78 -32.94 30.57
N VAL F 196 -65.74 -32.27 31.04
CA VAL F 196 -65.85 -30.93 31.59
C VAL F 196 -65.52 -29.92 30.51
N VAL F 197 -66.35 -28.90 30.36
CA VAL F 197 -66.16 -27.83 29.41
C VAL F 197 -65.99 -26.53 30.19
N ILE F 198 -64.80 -25.95 30.11
CA ILE F 198 -64.50 -24.69 30.79
C ILE F 198 -64.63 -23.56 29.76
N GLY F 199 -65.56 -22.65 30.00
CA GLY F 199 -65.83 -21.59 29.06
C GLY F 199 -66.95 -21.96 28.11
N VAL F 200 -68.05 -21.21 28.14
CA VAL F 200 -69.22 -21.52 27.32
C VAL F 200 -69.44 -20.37 26.35
N GLY F 201 -68.36 -19.67 26.00
CA GLY F 201 -68.43 -18.65 24.98
C GLY F 201 -68.54 -19.25 23.59
N GLY F 202 -67.79 -18.72 22.64
CA GLY F 202 -67.86 -19.19 21.27
C GLY F 202 -67.62 -20.67 21.12
N LEU F 203 -66.41 -21.12 21.47
CA LEU F 203 -66.03 -22.50 21.18
C LEU F 203 -66.68 -23.49 22.15
N GLY F 204 -66.70 -23.17 23.45
CA GLY F 204 -67.28 -24.09 24.41
C GLY F 204 -68.76 -24.33 24.20
N HIS F 205 -69.48 -23.29 23.79
CA HIS F 205 -70.88 -23.45 23.43
C HIS F 205 -71.05 -24.49 22.32
N VAL F 206 -70.20 -24.40 21.29
CA VAL F 206 -70.24 -25.38 20.21
C VAL F 206 -69.73 -26.73 20.71
N GLY F 207 -68.70 -26.73 21.56
CA GLY F 207 -68.17 -27.98 22.07
C GLY F 207 -69.23 -28.81 22.77
N ILE F 208 -70.09 -28.17 23.57
CA ILE F 208 -71.15 -28.91 24.27
C ILE F 208 -72.08 -29.56 23.25
N GLN F 209 -72.47 -28.81 22.22
CA GLN F 209 -73.32 -29.37 21.18
C GLN F 209 -72.66 -30.58 20.52
N ILE F 210 -71.37 -30.48 20.24
CA ILE F 210 -70.65 -31.59 19.61
C ILE F 210 -70.66 -32.81 20.52
N LEU F 211 -70.34 -32.60 21.80
CA LEU F 211 -70.27 -33.72 22.74
C LEU F 211 -71.60 -34.45 22.85
N ARG F 212 -72.71 -33.71 22.81
CA ARG F 212 -74.02 -34.35 22.87
C ARG F 212 -74.33 -35.13 21.59
N ALA F 213 -73.80 -34.68 20.46
CA ALA F 213 -74.15 -35.31 19.18
C ALA F 213 -73.34 -36.58 18.91
N VAL F 214 -72.06 -36.61 19.31
CA VAL F 214 -71.17 -37.70 18.93
C VAL F 214 -70.79 -38.57 20.12
N SER F 215 -71.36 -38.32 21.29
CA SER F 215 -71.03 -39.13 22.45
C SER F 215 -72.19 -39.14 23.43
N ALA F 216 -72.14 -40.10 24.36
CA ALA F 216 -73.07 -40.18 25.47
C ALA F 216 -72.45 -39.71 26.78
N ALA F 217 -71.34 -38.97 26.70
CA ALA F 217 -70.68 -38.49 27.90
C ALA F 217 -71.56 -37.49 28.63
N ARG F 218 -71.48 -37.53 29.96
CA ARG F 218 -72.09 -36.49 30.77
C ARG F 218 -71.24 -35.23 30.69
N VAL F 219 -71.87 -34.09 30.43
CA VAL F 219 -71.18 -32.83 30.21
C VAL F 219 -71.43 -31.92 31.40
N ILE F 220 -70.35 -31.45 32.02
CA ILE F 220 -70.41 -30.49 33.13
C ILE F 220 -69.68 -29.24 32.67
N ALA F 221 -70.37 -28.10 32.73
CA ALA F 221 -69.85 -26.84 32.23
C ALA F 221 -69.32 -25.97 33.38
N VAL F 222 -68.34 -25.14 33.05
CA VAL F 222 -67.70 -24.24 34.01
C VAL F 222 -67.58 -22.88 33.36
N ASP F 223 -68.12 -21.85 34.01
CA ASP F 223 -67.99 -20.48 33.52
C ASP F 223 -68.23 -19.53 34.68
N LEU F 224 -68.09 -18.24 34.40
CA LEU F 224 -68.03 -17.21 35.43
C LEU F 224 -69.34 -16.48 35.66
N ASP F 225 -70.35 -16.68 34.81
CA ASP F 225 -71.55 -15.86 34.81
C ASP F 225 -72.79 -16.74 35.02
N ASP F 226 -73.74 -16.22 35.79
CA ASP F 226 -75.05 -16.87 35.88
C ASP F 226 -75.64 -17.08 34.50
N ASP F 227 -75.49 -16.09 33.61
CA ASP F 227 -76.02 -16.23 32.25
C ASP F 227 -75.30 -17.33 31.49
N ARG F 228 -73.98 -17.43 31.63
CA ARG F 228 -73.22 -18.46 30.91
C ARG F 228 -73.59 -19.85 31.42
N LEU F 229 -73.75 -20.00 32.73
CA LEU F 229 -74.17 -21.30 33.26
C LEU F 229 -75.54 -21.69 32.73
N ALA F 230 -76.48 -20.74 32.71
CA ALA F 230 -77.81 -21.02 32.19
C ALA F 230 -77.76 -21.39 30.72
N LEU F 231 -76.90 -20.70 29.95
CA LEU F 231 -76.72 -21.07 28.54
C LEU F 231 -76.18 -22.49 28.41
N ALA F 232 -75.21 -22.85 29.24
CA ALA F 232 -74.63 -24.19 29.18
C ALA F 232 -75.70 -25.25 29.37
N ARG F 233 -76.57 -25.08 30.36
CA ARG F 233 -77.65 -26.03 30.58
C ARG F 233 -78.58 -26.09 29.37
N GLU F 234 -78.82 -24.94 28.74
CA GLU F 234 -79.74 -24.89 27.61
C GLU F 234 -79.23 -25.74 26.45
N VAL F 235 -77.93 -25.73 26.20
CA VAL F 235 -77.38 -26.43 25.04
C VAL F 235 -77.01 -27.89 25.33
N GLY F 236 -77.30 -28.39 26.53
CA GLY F 236 -77.18 -29.82 26.80
C GLY F 236 -76.24 -30.19 27.92
N ALA F 237 -75.61 -29.24 28.62
CA ALA F 237 -74.82 -29.59 29.79
C ALA F 237 -75.73 -30.14 30.87
N ASP F 238 -75.36 -31.30 31.43
CA ASP F 238 -76.15 -31.87 32.51
C ASP F 238 -76.04 -31.03 33.78
N ALA F 239 -74.92 -30.34 33.96
CA ALA F 239 -74.71 -29.50 35.16
C ALA F 239 -73.74 -28.39 34.81
N ALA F 240 -73.79 -27.34 35.61
CA ALA F 240 -72.91 -26.19 35.41
C ALA F 240 -72.53 -25.62 36.77
N VAL F 241 -71.25 -25.28 36.92
CA VAL F 241 -70.73 -24.71 38.16
C VAL F 241 -69.88 -23.49 37.80
N LYS F 242 -69.65 -22.66 38.80
CA LYS F 242 -68.92 -21.41 38.57
C LYS F 242 -67.42 -21.67 38.54
N SER F 243 -66.74 -20.94 37.67
CA SER F 243 -65.29 -21.02 37.60
C SER F 243 -64.69 -20.34 38.83
N GLY F 244 -63.42 -20.65 39.10
CA GLY F 244 -62.68 -20.06 40.20
C GLY F 244 -62.03 -21.13 41.04
N ALA F 245 -61.62 -20.73 42.25
CA ALA F 245 -60.88 -21.64 43.12
C ALA F 245 -61.73 -22.83 43.54
N GLY F 246 -63.02 -22.62 43.76
CA GLY F 246 -63.91 -23.70 44.14
C GLY F 246 -64.39 -24.58 43.01
N ALA F 247 -63.99 -24.30 41.77
CA ALA F 247 -64.53 -25.04 40.63
C ALA F 247 -64.18 -26.51 40.71
N ALA F 248 -62.94 -26.83 41.10
CA ALA F 248 -62.50 -28.22 41.11
C ALA F 248 -63.32 -29.04 42.10
N ASP F 249 -63.51 -28.52 43.32
CA ASP F 249 -64.33 -29.24 44.30
C ASP F 249 -65.77 -29.36 43.84
N ALA F 250 -66.31 -28.31 43.22
CA ALA F 250 -67.71 -28.35 42.79
C ALA F 250 -67.93 -29.45 41.75
N ILE F 251 -66.99 -29.61 40.83
CA ILE F 251 -67.09 -30.68 39.84
C ILE F 251 -66.99 -32.04 40.52
N ARG F 252 -65.96 -32.22 41.36
CA ARG F 252 -65.83 -33.49 42.08
C ARG F 252 -67.02 -33.75 42.97
N GLU F 253 -67.68 -32.70 43.45
CA GLU F 253 -68.92 -32.88 44.18
C GLU F 253 -69.97 -33.56 43.31
N LEU F 254 -70.11 -33.11 42.06
CA LEU F 254 -71.13 -33.66 41.17
C LEU F 254 -70.78 -35.07 40.70
N THR F 255 -69.50 -35.38 40.56
CA THR F 255 -69.06 -36.68 40.06
C THR F 255 -68.89 -37.72 41.16
N GLY F 256 -69.22 -37.38 42.42
CA GLY F 256 -68.97 -38.30 43.51
C GLY F 256 -67.52 -38.47 43.85
N GLY F 257 -66.66 -37.54 43.46
CA GLY F 257 -65.25 -37.59 43.75
C GLY F 257 -64.41 -38.39 42.76
N GLN F 258 -64.98 -38.78 41.63
CA GLN F 258 -64.29 -39.67 40.70
C GLN F 258 -63.39 -38.95 39.70
N GLY F 259 -63.65 -37.69 39.41
CA GLY F 259 -62.87 -36.97 38.43
C GLY F 259 -63.40 -37.14 37.02
N ALA F 260 -63.05 -36.17 36.18
CA ALA F 260 -63.61 -36.09 34.83
C ALA F 260 -62.72 -36.81 33.81
N THR F 261 -63.37 -37.58 32.94
CA THR F 261 -62.64 -38.31 31.91
C THR F 261 -61.80 -37.38 31.04
N ALA F 262 -62.40 -36.27 30.59
CA ALA F 262 -61.71 -35.30 29.76
C ALA F 262 -62.11 -33.90 30.20
N VAL F 263 -61.16 -32.97 30.09
CA VAL F 263 -61.40 -31.56 30.37
C VAL F 263 -61.02 -30.78 29.12
N PHE F 264 -61.98 -30.03 28.59
CA PHE F 264 -61.78 -29.19 27.40
C PHE F 264 -61.79 -27.75 27.86
N ASP F 265 -60.60 -27.16 27.97
CA ASP F 265 -60.45 -25.79 28.49
C ASP F 265 -60.43 -24.84 27.31
N PHE F 266 -61.57 -24.21 27.04
CA PHE F 266 -61.69 -23.23 25.97
C PHE F 266 -61.33 -21.83 26.42
N VAL F 267 -61.04 -21.63 27.71
CA VAL F 267 -60.51 -20.37 28.18
C VAL F 267 -58.99 -20.34 28.07
N GLY F 268 -58.32 -21.34 28.65
CA GLY F 268 -56.88 -21.44 28.53
C GLY F 268 -56.09 -20.59 29.49
N ALA F 269 -56.75 -19.95 30.46
CA ALA F 269 -56.03 -19.21 31.48
C ALA F 269 -55.31 -20.19 32.41
N GLN F 270 -54.31 -19.67 33.13
CA GLN F 270 -53.59 -20.52 34.06
C GLN F 270 -54.51 -21.04 35.15
N SER F 271 -55.46 -20.23 35.60
CA SER F 271 -56.39 -20.66 36.64
C SER F 271 -57.28 -21.79 36.15
N THR F 272 -57.72 -21.73 34.89
CA THR F 272 -58.57 -22.79 34.37
C THR F 272 -57.77 -24.05 34.06
N ILE F 273 -56.52 -23.91 33.62
CA ILE F 273 -55.66 -25.07 33.46
C ILE F 273 -55.39 -25.72 34.81
N ASP F 274 -55.16 -24.91 35.84
CA ASP F 274 -55.00 -25.45 37.18
C ASP F 274 -56.23 -26.23 37.62
N THR F 275 -57.42 -25.67 37.39
CA THR F 275 -58.65 -26.38 37.71
C THR F 275 -58.71 -27.71 36.97
N ALA F 276 -58.39 -27.70 35.68
CA ALA F 276 -58.44 -28.92 34.88
C ALA F 276 -57.54 -30.01 35.47
N GLN F 277 -56.34 -29.63 35.92
CA GLN F 277 -55.44 -30.61 36.50
C GLN F 277 -55.95 -31.16 37.83
N GLN F 278 -56.80 -30.40 38.54
CA GLN F 278 -57.35 -30.84 39.81
C GLN F 278 -58.59 -31.71 39.66
N VAL F 279 -59.22 -31.74 38.48
CA VAL F 279 -60.43 -32.51 38.27
C VAL F 279 -60.24 -33.68 37.30
N VAL F 280 -59.22 -33.64 36.43
CA VAL F 280 -59.08 -34.68 35.43
C VAL F 280 -58.90 -36.03 36.11
N ALA F 281 -59.49 -37.06 35.51
CA ALA F 281 -59.42 -38.40 36.06
C ALA F 281 -58.10 -39.08 35.72
N VAL F 282 -57.76 -40.09 36.51
CA VAL F 282 -56.66 -40.97 36.16
C VAL F 282 -56.90 -41.54 34.77
N ASP F 283 -55.87 -41.51 33.93
CA ASP F 283 -55.96 -41.99 32.55
C ASP F 283 -56.90 -41.14 31.72
N GLY F 284 -57.12 -39.90 32.11
CA GLY F 284 -57.99 -38.97 31.39
C GLY F 284 -57.24 -38.11 30.40
N HIS F 285 -57.79 -36.93 30.14
CA HIS F 285 -57.23 -36.04 29.12
C HIS F 285 -57.58 -34.60 29.47
N ILE F 286 -56.65 -33.69 29.19
CA ILE F 286 -56.89 -32.25 29.26
C ILE F 286 -56.52 -31.66 27.90
N SER F 287 -57.46 -30.94 27.31
CA SER F 287 -57.24 -30.26 26.04
C SER F 287 -57.24 -28.76 26.30
N VAL F 288 -56.08 -28.13 26.09
CA VAL F 288 -55.92 -26.70 26.27
C VAL F 288 -56.19 -26.06 24.91
N VAL F 289 -57.42 -25.59 24.72
CA VAL F 289 -57.84 -25.01 23.45
C VAL F 289 -57.77 -23.49 23.46
N GLY F 290 -58.17 -22.86 24.56
CA GLY F 290 -58.07 -21.42 24.66
C GLY F 290 -56.63 -20.96 24.77
N ILE F 291 -56.37 -19.75 24.28
CA ILE F 291 -55.01 -19.21 24.18
C ILE F 291 -54.87 -18.06 25.18
N HIS F 292 -53.95 -18.23 26.12
CA HIS F 292 -53.53 -17.15 27.01
C HIS F 292 -52.01 -17.22 27.08
N ALA F 293 -51.34 -16.20 26.55
CA ALA F 293 -49.89 -16.20 26.46
C ALA F 293 -49.28 -16.46 27.83
N GLY F 294 -48.45 -17.50 27.91
CA GLY F 294 -47.75 -17.86 29.12
C GLY F 294 -48.43 -18.94 29.93
N ALA F 295 -49.74 -19.13 29.76
CA ALA F 295 -50.45 -20.17 30.49
C ALA F 295 -50.07 -21.55 29.96
N HIS F 296 -49.88 -22.50 30.86
CA HIS F 296 -49.45 -23.83 30.46
C HIS F 296 -49.80 -24.84 31.54
N ALA F 297 -50.11 -26.04 31.12
CA ALA F 297 -50.24 -27.16 32.06
C ALA F 297 -48.85 -27.57 32.53
N LYS F 298 -48.80 -28.04 33.77
CA LYS F 298 -47.56 -28.51 34.39
C LYS F 298 -47.70 -30.03 34.55
N VAL F 299 -47.10 -30.77 33.61
CA VAL F 299 -47.27 -32.21 33.52
C VAL F 299 -46.07 -32.86 34.19
N GLY F 300 -46.25 -33.26 35.45
CA GLY F 300 -45.22 -33.95 36.20
C GLY F 300 -45.86 -34.80 37.28
N PHE F 301 -45.05 -35.70 37.84
CA PHE F 301 -45.56 -36.59 38.87
C PHE F 301 -45.99 -35.77 40.09
N PHE F 302 -47.14 -36.13 40.65
CA PHE F 302 -47.76 -35.51 41.82
C PHE F 302 -48.38 -34.16 41.50
N MET F 303 -48.27 -33.69 40.26
CA MET F 303 -48.94 -32.47 39.83
C MET F 303 -50.11 -32.75 38.90
N ILE F 304 -50.26 -33.99 38.44
CA ILE F 304 -51.34 -34.40 37.55
C ILE F 304 -51.54 -35.90 37.80
N PRO F 305 -52.76 -36.43 37.65
CA PRO F 305 -52.95 -37.86 37.87
C PRO F 305 -52.18 -38.70 36.86
N PHE F 306 -51.89 -39.93 37.26
CA PHE F 306 -51.27 -40.89 36.36
C PHE F 306 -52.10 -41.03 35.09
N GLY F 307 -51.40 -41.09 33.96
CA GLY F 307 -52.02 -41.40 32.69
C GLY F 307 -52.88 -40.31 32.07
N ALA F 308 -52.99 -39.15 32.71
CA ALA F 308 -53.79 -38.06 32.18
C ALA F 308 -52.95 -37.25 31.19
N SER F 309 -53.26 -37.39 29.91
CA SER F 309 -52.49 -36.72 28.87
C SER F 309 -52.99 -35.30 28.67
N VAL F 310 -52.08 -34.43 28.23
CA VAL F 310 -52.38 -33.02 28.00
C VAL F 310 -51.84 -32.63 26.63
N VAL F 311 -52.59 -31.79 25.92
CA VAL F 311 -52.21 -31.36 24.58
C VAL F 311 -52.81 -29.99 24.30
N THR F 312 -52.12 -29.22 23.46
CA THR F 312 -52.68 -28.01 22.88
C THR F 312 -53.05 -28.33 21.43
N PRO F 313 -54.31 -28.64 21.12
CA PRO F 313 -54.66 -28.98 19.74
C PRO F 313 -54.66 -27.72 18.88
N TYR F 314 -54.58 -27.94 17.56
CA TYR F 314 -54.51 -26.86 16.59
C TYR F 314 -55.55 -27.07 15.51
N TRP F 315 -56.57 -26.21 15.49
CA TRP F 315 -57.58 -26.15 14.42
C TRP F 315 -58.14 -27.57 14.22
N GLY F 316 -58.24 -28.07 12.99
CA GLY F 316 -58.76 -29.40 12.76
C GLY F 316 -58.40 -29.88 11.37
N THR F 317 -58.77 -31.13 11.10
CA THR F 317 -58.48 -31.76 9.83
C THR F 317 -59.60 -31.50 8.82
N ARG F 318 -59.32 -31.80 7.55
CA ARG F 318 -60.30 -31.53 6.50
C ARG F 318 -61.50 -32.46 6.62
N SER F 319 -61.26 -33.75 6.84
CA SER F 319 -62.38 -34.68 7.05
C SER F 319 -63.18 -34.29 8.27
N GLU F 320 -62.53 -33.71 9.29
CA GLU F 320 -63.25 -33.22 10.45
C GLU F 320 -64.14 -32.04 10.08
N LEU F 321 -63.67 -31.17 9.19
CA LEU F 321 -64.50 -30.06 8.74
C LEU F 321 -65.71 -30.57 7.97
N MET F 322 -65.53 -31.62 7.18
CA MET F 322 -66.66 -32.25 6.50
C MET F 322 -67.67 -32.77 7.52
N GLU F 323 -67.20 -33.38 8.59
CA GLU F 323 -68.10 -33.91 9.61
C GLU F 323 -68.79 -32.79 10.37
N VAL F 324 -68.10 -31.67 10.59
CA VAL F 324 -68.74 -30.50 11.20
C VAL F 324 -69.86 -29.98 10.31
N VAL F 325 -69.59 -29.88 9.00
CA VAL F 325 -70.62 -29.41 8.07
C VAL F 325 -71.79 -30.38 8.05
N ALA F 326 -71.51 -31.68 8.16
CA ALA F 326 -72.59 -32.66 8.19
C ALA F 326 -73.44 -32.49 9.44
N LEU F 327 -72.82 -32.18 10.58
CA LEU F 327 -73.58 -31.93 11.80
C LEU F 327 -74.48 -30.71 11.64
N ALA F 328 -73.95 -29.63 11.07
CA ALA F 328 -74.74 -28.42 10.88
C ALA F 328 -75.89 -28.66 9.92
N ARG F 329 -75.64 -29.39 8.83
CA ARG F 329 -76.70 -29.65 7.86
C ARG F 329 -77.78 -30.57 8.42
N ALA F 330 -77.48 -31.34 9.45
CA ALA F 330 -78.46 -32.18 10.12
C ALA F 330 -79.17 -31.46 11.25
N GLY F 331 -78.91 -30.17 11.44
CA GLY F 331 -79.58 -29.40 12.47
C GLY F 331 -79.07 -29.63 13.87
N ARG F 332 -77.80 -30.04 14.03
CA ARG F 332 -77.23 -30.34 15.33
C ARG F 332 -76.19 -29.33 15.78
N LEU F 333 -75.91 -28.30 14.99
CA LEU F 333 -74.96 -27.25 15.38
C LEU F 333 -75.55 -25.90 15.02
N ASP F 334 -75.74 -25.05 16.03
CA ASP F 334 -76.14 -23.67 15.85
C ASP F 334 -75.11 -22.77 16.54
N ILE F 335 -74.76 -21.67 15.87
CA ILE F 335 -73.77 -20.73 16.38
C ILE F 335 -74.37 -19.33 16.25
N HIS F 336 -74.60 -18.68 17.38
CA HIS F 336 -75.10 -17.31 17.38
C HIS F 336 -74.18 -16.42 16.55
N THR F 337 -74.76 -15.65 15.64
CA THR F 337 -74.00 -14.78 14.76
C THR F 337 -74.58 -13.37 14.78
N GLU F 338 -73.70 -12.40 14.59
CA GLU F 338 -74.08 -11.03 14.28
C GLU F 338 -73.44 -10.65 12.96
N THR F 339 -74.22 -10.01 12.10
CA THR F 339 -73.79 -9.71 10.73
C THR F 339 -73.30 -8.27 10.62
N PHE F 340 -72.24 -8.08 9.85
CA PHE F 340 -71.72 -6.76 9.52
C PHE F 340 -71.46 -6.67 8.03
N THR F 341 -71.44 -5.45 7.52
CA THR F 341 -71.00 -5.20 6.16
C THR F 341 -69.49 -5.03 6.13
N LEU F 342 -68.93 -5.15 4.92
CA LEU F 342 -67.48 -4.97 4.77
C LEU F 342 -67.05 -3.60 5.30
N ASP F 343 -67.88 -2.57 5.07
CA ASP F 343 -67.55 -1.24 5.58
C ASP F 343 -67.54 -1.21 7.10
N GLU F 344 -68.39 -2.01 7.74
CA GLU F 344 -68.41 -2.13 9.19
C GLU F 344 -67.37 -3.12 9.70
N GLY F 345 -66.42 -3.54 8.87
CA GLY F 345 -65.41 -4.48 9.26
C GLY F 345 -64.58 -3.99 10.43
N PRO F 346 -63.88 -2.86 10.25
CA PRO F 346 -63.12 -2.31 11.38
C PRO F 346 -63.97 -2.04 12.60
N ALA F 347 -65.23 -1.65 12.42
CA ALA F 347 -66.13 -1.48 13.56
C ALA F 347 -66.35 -2.79 14.29
N ALA F 348 -66.51 -3.89 13.53
CA ALA F 348 -66.70 -5.20 14.15
C ALA F 348 -65.48 -5.62 14.94
N TYR F 349 -64.28 -5.23 14.50
CA TYR F 349 -63.09 -5.60 15.25
C TYR F 349 -62.94 -4.77 16.52
N ARG F 350 -63.35 -3.50 16.47
CA ARG F 350 -63.46 -2.73 17.71
C ARG F 350 -64.40 -3.44 18.68
N ARG F 351 -65.56 -3.90 18.19
CA ARG F 351 -66.48 -4.66 19.03
C ARG F 351 -65.82 -5.92 19.56
N LEU F 352 -65.09 -6.64 18.71
CA LEU F 352 -64.44 -7.87 19.13
C LEU F 352 -63.44 -7.62 20.25
N ARG F 353 -62.64 -6.56 20.12
CA ARG F 353 -61.63 -6.25 21.13
C ARG F 353 -62.28 -6.02 22.49
N GLU F 354 -63.33 -5.20 22.54
CA GLU F 354 -64.00 -4.88 23.79
C GLU F 354 -64.97 -5.98 24.23
N GLY F 355 -64.96 -7.13 23.57
CA GLY F 355 -65.80 -8.25 23.99
C GLY F 355 -67.29 -7.95 24.02
N SER F 356 -67.77 -7.20 23.02
CA SER F 356 -69.18 -6.81 22.96
C SER F 356 -69.93 -7.53 21.85
N ILE F 357 -69.37 -8.61 21.31
CA ILE F 357 -70.03 -9.42 20.29
C ILE F 357 -70.54 -10.68 20.95
N ARG F 358 -71.86 -10.87 20.93
CA ARG F 358 -72.47 -12.11 21.41
C ARG F 358 -72.40 -13.15 20.31
N GLY F 359 -71.79 -14.29 20.60
CA GLY F 359 -71.61 -15.31 19.58
C GLY F 359 -70.41 -15.00 18.72
N ARG F 360 -70.59 -15.08 17.40
CA ARG F 360 -69.51 -14.89 16.44
C ARG F 360 -69.89 -13.81 15.45
N GLY F 361 -68.96 -12.89 15.18
CA GLY F 361 -69.18 -11.87 14.17
C GLY F 361 -68.89 -12.41 12.78
N VAL F 362 -69.73 -12.03 11.83
CA VAL F 362 -69.62 -12.49 10.45
C VAL F 362 -69.81 -11.28 9.53
N VAL F 363 -68.86 -11.08 8.62
CA VAL F 363 -68.92 -10.00 7.64
C VAL F 363 -69.50 -10.55 6.36
N VAL F 364 -70.49 -9.85 5.80
CA VAL F 364 -71.16 -10.24 4.57
C VAL F 364 -70.90 -9.17 3.53
N PRO F 365 -70.00 -9.41 2.57
CA PRO F 365 -69.75 -8.41 1.51
C PRO F 365 -70.93 -8.24 0.56
N GLY G 18 57.66 9.09 13.67
CA GLY G 18 57.26 9.46 15.01
C GLY G 18 57.36 8.32 16.00
N SER G 19 58.16 8.52 17.06
CA SER G 19 58.37 7.46 18.04
C SER G 19 57.11 7.22 18.86
N HIS G 20 56.34 8.28 19.14
CA HIS G 20 55.09 8.16 19.86
C HIS G 20 53.99 8.90 19.09
N MET G 21 52.75 8.60 19.44
CA MET G 21 51.60 9.17 18.77
C MET G 21 50.52 9.48 19.79
N LYS G 22 49.60 10.36 19.41
CA LYS G 22 48.42 10.64 20.20
C LYS G 22 47.34 9.60 19.94
N ALA G 23 46.56 9.31 20.97
CA ALA G 23 45.48 8.33 20.85
C ALA G 23 44.44 8.62 21.93
N VAL G 24 43.17 8.48 21.57
CA VAL G 24 42.06 8.63 22.51
C VAL G 24 41.83 7.29 23.18
N GLN G 25 42.01 7.24 24.50
CA GLN G 25 42.04 5.98 25.22
C GLN G 25 41.05 6.00 26.37
N TYR G 26 40.55 4.81 26.68
CA TYR G 26 39.77 4.54 27.89
C TYR G 26 40.70 3.86 28.88
N THR G 27 41.12 4.60 29.90
CA THR G 27 42.25 4.18 30.74
C THR G 27 41.85 3.60 32.09
N GLU G 28 40.63 3.86 32.58
CA GLU G 28 40.18 3.26 33.82
C GLU G 28 38.66 3.32 33.87
N ILE G 29 38.08 2.41 34.66
CA ILE G 29 36.64 2.24 34.67
C ILE G 29 35.97 3.51 35.20
N GLY G 30 34.85 3.87 34.58
CA GLY G 30 34.08 5.02 35.01
C GLY G 30 34.64 6.37 34.60
N SER G 31 35.83 6.40 34.01
CA SER G 31 36.47 7.64 33.62
C SER G 31 36.09 8.02 32.19
N GLU G 32 36.44 9.24 31.81
CA GLU G 32 36.18 9.72 30.46
C GLU G 32 37.38 9.44 29.55
N PRO G 33 37.15 9.31 28.25
CA PRO G 33 38.28 9.13 27.34
C PRO G 33 39.20 10.33 27.35
N VAL G 34 40.49 10.08 27.15
CA VAL G 34 41.51 11.12 27.18
C VAL G 34 42.46 10.93 26.01
N VAL G 35 43.09 12.02 25.60
CA VAL G 35 44.15 11.98 24.59
C VAL G 35 45.47 11.78 25.32
N VAL G 36 46.13 10.66 25.06
CA VAL G 36 47.37 10.31 25.73
C VAL G 36 48.40 9.89 24.69
N ASP G 37 49.67 10.05 25.05
CA ASP G 37 50.78 9.70 24.17
C ASP G 37 51.18 8.26 24.39
N ILE G 38 51.26 7.48 23.32
CA ILE G 38 51.66 6.08 23.38
C ILE G 38 52.63 5.79 22.25
N PRO G 39 53.35 4.67 22.33
CA PRO G 39 54.33 4.36 21.28
C PRO G 39 53.66 4.14 19.94
N THR G 40 54.28 4.66 18.89
CA THR G 40 53.81 4.41 17.54
C THR G 40 54.05 2.94 17.21
N PRO G 41 53.01 2.16 16.89
CA PRO G 41 53.23 0.73 16.67
C PRO G 41 53.92 0.46 15.34
N THR G 42 54.56 -0.71 15.27
CA THR G 42 55.22 -1.17 14.06
C THR G 42 54.63 -2.51 13.63
N PRO G 43 54.45 -2.73 12.32
CA PRO G 43 53.71 -3.92 11.88
C PRO G 43 54.62 -5.15 11.81
N GLY G 44 54.20 -6.22 12.46
CA GLY G 44 54.86 -7.50 12.33
C GLY G 44 54.46 -8.20 11.05
N PRO G 45 54.97 -9.41 10.86
CA PRO G 45 54.63 -10.17 9.65
C PRO G 45 53.13 -10.42 9.56
N GLY G 46 52.57 -10.16 8.38
CA GLY G 46 51.15 -10.26 8.16
C GLY G 46 50.34 -9.05 8.56
N GLU G 47 50.85 -8.20 9.44
CA GLU G 47 50.14 -7.02 9.88
C GLU G 47 50.34 -5.87 8.88
N ILE G 48 49.46 -4.87 9.00
CA ILE G 48 49.54 -3.66 8.19
C ILE G 48 49.41 -2.46 9.12
N LEU G 49 50.24 -1.44 8.88
CA LEU G 49 50.16 -0.18 9.61
C LEU G 49 49.46 0.85 8.74
N LEU G 50 48.42 1.47 9.28
CA LEU G 50 47.65 2.49 8.58
C LEU G 50 47.86 3.85 9.23
N LYS G 51 47.96 4.89 8.41
CA LYS G 51 47.79 6.26 8.88
C LYS G 51 46.29 6.56 8.85
N VAL G 52 45.71 6.75 10.03
CA VAL G 52 44.27 6.92 10.13
C VAL G 52 43.85 8.20 9.45
N THR G 53 42.85 8.10 8.56
CA THR G 53 42.26 9.26 7.91
C THR G 53 40.87 9.60 8.40
N ALA G 54 40.21 8.67 9.10
CA ALA G 54 38.90 8.94 9.68
C ALA G 54 38.59 7.85 10.70
N ALA G 55 38.03 8.26 11.84
CA ALA G 55 37.68 7.33 12.91
C ALA G 55 36.32 7.72 13.45
N GLY G 56 35.33 6.85 13.26
CA GLY G 56 33.97 7.17 13.64
C GLY G 56 33.69 6.90 15.10
N LEU G 57 32.83 7.75 15.68
CA LEU G 57 32.29 7.55 17.01
C LEU G 57 30.87 7.02 16.91
N CYS G 58 30.48 6.20 17.87
CA CYS G 58 29.12 5.68 17.92
C CYS G 58 28.74 5.36 19.35
N HIS G 59 27.43 5.23 19.58
CA HIS G 59 26.91 5.03 20.92
C HIS G 59 27.39 3.72 21.53
N SER G 60 27.79 2.73 20.72
CA SER G 60 28.32 1.50 21.27
C SER G 60 29.56 1.75 22.12
N ASP G 61 30.36 2.76 21.76
CA ASP G 61 31.50 3.13 22.61
C ASP G 61 31.02 3.65 23.95
N ILE G 62 29.95 4.44 23.95
CA ILE G 62 29.38 4.93 25.20
C ILE G 62 28.88 3.76 26.04
N PHE G 63 28.26 2.77 25.39
CA PHE G 63 27.76 1.61 26.12
C PHE G 63 28.91 0.82 26.74
N VAL G 64 30.02 0.66 26.01
CA VAL G 64 31.15 -0.09 26.54
C VAL G 64 31.78 0.65 27.72
N MET G 65 31.82 1.98 27.66
CA MET G 65 32.43 2.76 28.72
C MET G 65 31.51 2.91 29.93
N ASP G 66 30.22 2.63 29.77
CA ASP G 66 29.30 2.58 30.90
C ASP G 66 29.28 1.23 31.59
N MET G 67 29.98 0.24 31.05
CA MET G 67 30.02 -1.08 31.66
C MET G 67 30.64 -0.99 33.05
N PRO G 68 30.01 -1.56 34.10
CA PRO G 68 30.66 -1.57 35.42
C PRO G 68 31.93 -2.41 35.39
N ALA G 69 32.61 -2.51 36.53
CA ALA G 69 33.89 -3.19 36.57
C ALA G 69 33.75 -4.67 36.22
N ALA G 70 32.69 -5.32 36.70
CA ALA G 70 32.59 -6.77 36.57
C ALA G 70 32.40 -7.20 35.12
N GLN G 71 31.64 -6.43 34.34
CA GLN G 71 31.29 -6.87 33.00
C GLN G 71 32.42 -6.59 31.99
N TYR G 72 33.00 -5.40 32.05
CA TYR G 72 34.02 -5.00 31.08
C TYR G 72 35.14 -6.03 31.01
N ALA G 73 35.30 -6.65 29.84
CA ALA G 73 36.30 -7.67 29.61
C ALA G 73 37.15 -7.37 28.38
N TYR G 74 37.34 -6.08 28.09
CA TYR G 74 38.12 -5.65 26.93
C TYR G 74 39.51 -5.16 27.28
N GLY G 75 39.87 -5.12 28.57
CA GLY G 75 41.21 -4.75 28.99
C GLY G 75 41.51 -3.27 28.90
N LEU G 76 42.35 -2.77 29.81
CA LEU G 76 42.73 -1.37 29.87
C LEU G 76 44.24 -1.23 29.80
N PRO G 77 44.74 -0.16 29.15
CA PRO G 77 44.02 0.91 28.46
C PRO G 77 43.53 0.45 27.09
N LEU G 78 42.54 1.14 26.53
CA LEU G 78 41.94 0.77 25.25
C LEU G 78 41.90 1.99 24.35
N THR G 79 42.59 1.91 23.22
CA THR G 79 42.45 2.92 22.17
C THR G 79 41.08 2.72 21.50
N LEU G 80 40.23 3.73 21.61
CA LEU G 80 38.86 3.63 21.12
C LEU G 80 38.81 3.72 19.60
N GLY G 81 37.67 3.35 19.04
CA GLY G 81 37.42 3.50 17.62
C GLY G 81 37.35 2.19 16.87
N HIS G 82 36.14 1.68 16.65
CA HIS G 82 35.92 0.48 15.85
C HIS G 82 35.40 0.80 14.46
N GLU G 83 35.38 2.07 14.08
CA GLU G 83 34.94 2.52 12.75
C GLU G 83 36.12 3.25 12.11
N GLY G 84 37.05 2.49 11.55
CA GLY G 84 38.35 3.01 11.15
C GLY G 84 38.54 2.99 9.64
N VAL G 85 39.13 4.07 9.14
CA VAL G 85 39.56 4.19 7.75
CA VAL G 85 39.59 4.14 7.75
C VAL G 85 40.97 4.79 7.75
N GLY G 86 41.76 4.45 6.75
CA GLY G 86 43.10 5.01 6.68
C GLY G 86 43.76 4.67 5.37
N THR G 87 45.02 5.07 5.27
CA THR G 87 45.86 4.77 4.12
C THR G 87 47.01 3.88 4.56
N VAL G 88 47.35 2.91 3.72
CA VAL G 88 48.43 1.98 4.05
C VAL G 88 49.72 2.77 4.20
N ALA G 89 50.34 2.68 5.38
CA ALA G 89 51.59 3.37 5.68
C ALA G 89 52.79 2.45 5.59
N GLU G 90 52.70 1.25 6.16
CA GLU G 90 53.79 0.28 6.12
C GLU G 90 53.20 -1.12 6.10
N LEU G 91 53.78 -1.97 5.26
CA LEU G 91 53.35 -3.36 5.13
C LEU G 91 54.30 -4.25 5.92
N GLY G 92 53.73 -5.06 6.81
CA GLY G 92 54.53 -6.08 7.48
C GLY G 92 55.11 -7.07 6.49
N GLU G 93 55.99 -7.92 7.00
CA GLU G 93 56.68 -8.87 6.15
C GLU G 93 55.68 -9.84 5.51
N GLY G 94 55.80 -10.02 4.21
CA GLY G 94 55.01 -11.00 3.48
C GLY G 94 53.62 -10.56 3.08
N VAL G 95 53.26 -9.29 3.32
CA VAL G 95 51.91 -8.82 3.03
C VAL G 95 51.89 -8.32 1.59
N THR G 96 51.21 -9.06 0.72
CA THR G 96 50.90 -8.63 -0.63
C THR G 96 49.40 -8.33 -0.71
N GLY G 97 49.02 -7.62 -1.77
CA GLY G 97 47.64 -7.28 -2.02
C GLY G 97 47.31 -5.81 -1.84
N PHE G 98 48.17 -5.06 -1.15
CA PHE G 98 47.96 -3.64 -0.95
C PHE G 98 49.30 -2.92 -1.10
N GLY G 99 49.23 -1.68 -1.58
CA GLY G 99 50.41 -0.85 -1.70
C GLY G 99 50.36 0.33 -0.76
N VAL G 100 51.53 0.89 -0.43
CA VAL G 100 51.57 2.06 0.44
C VAL G 100 50.78 3.18 -0.22
N GLY G 101 49.86 3.78 0.54
CA GLY G 101 49.01 4.84 0.06
C GLY G 101 47.59 4.43 -0.27
N ASP G 102 47.30 3.13 -0.34
CA ASP G 102 45.96 2.68 -0.67
C ASP G 102 44.99 3.06 0.44
N ALA G 103 43.82 3.58 0.04
CA ALA G 103 42.77 3.92 0.99
C ALA G 103 41.94 2.68 1.30
N VAL G 104 41.75 2.40 2.59
CA VAL G 104 41.11 1.16 3.01
C VAL G 104 40.29 1.42 4.26
N ALA G 105 39.13 0.78 4.34
CA ALA G 105 38.34 0.70 5.55
C ALA G 105 38.68 -0.58 6.30
N VAL G 106 38.49 -0.55 7.62
CA VAL G 106 38.90 -1.64 8.48
C VAL G 106 37.68 -2.50 8.80
N TYR G 107 37.75 -3.78 8.45
CA TYR G 107 36.73 -4.75 8.84
C TYR G 107 36.80 -4.99 10.34
N GLY G 108 35.71 -4.74 11.05
CA GLY G 108 35.71 -4.70 12.50
C GLY G 108 35.78 -6.06 13.17
N PRO G 109 34.77 -6.91 12.95
CA PRO G 109 34.68 -8.16 13.71
C PRO G 109 35.70 -9.21 13.27
N TRP G 110 36.94 -9.05 13.74
CA TRP G 110 38.01 -9.95 13.36
C TRP G 110 37.73 -11.38 13.81
N GLY G 111 38.03 -12.34 12.94
CA GLY G 111 37.86 -13.75 13.24
C GLY G 111 39.15 -14.52 13.00
N CYS G 112 39.06 -15.83 13.26
CA CYS G 112 40.24 -16.68 13.14
C CYS G 112 40.60 -16.94 11.67
N GLY G 113 39.61 -16.89 10.78
CA GLY G 113 39.86 -17.09 9.37
C GLY G 113 39.94 -18.54 8.92
N ALA G 114 39.87 -19.50 9.85
CA ALA G 114 40.04 -20.90 9.52
C ALA G 114 38.88 -21.79 9.91
N CYS G 115 37.93 -21.31 10.71
CA CYS G 115 36.79 -22.12 11.10
C CYS G 115 35.76 -22.14 9.96
N HIS G 116 34.69 -22.93 10.15
CA HIS G 116 33.69 -23.07 9.11
C HIS G 116 33.01 -21.74 8.82
N ALA G 117 32.62 -21.01 9.87
CA ALA G 117 32.00 -19.71 9.67
C ALA G 117 32.93 -18.76 8.92
N CYS G 118 34.21 -18.74 9.31
CA CYS G 118 35.16 -17.85 8.65
C CYS G 118 35.36 -18.23 7.19
N ALA G 119 35.40 -19.54 6.89
CA ALA G 119 35.59 -19.98 5.52
C ALA G 119 34.40 -19.65 4.63
N ARG G 120 33.23 -19.41 5.21
CA ARG G 120 32.05 -19.01 4.45
C ARG G 120 31.93 -17.51 4.26
N GLY G 121 32.86 -16.73 4.80
CA GLY G 121 32.80 -15.28 4.75
C GLY G 121 32.17 -14.64 5.96
N ARG G 122 31.60 -15.43 6.87
CA ARG G 122 30.91 -14.88 8.05
C ARG G 122 31.86 -14.84 9.25
N GLU G 123 32.91 -14.01 9.11
CA GLU G 123 33.89 -13.88 10.19
C GLU G 123 33.27 -13.28 11.44
N ASN G 124 32.25 -12.44 11.28
CA ASN G 124 31.56 -11.88 12.44
C ASN G 124 30.97 -12.97 13.33
N TYR G 125 30.69 -14.15 12.78
CA TYR G 125 30.17 -15.27 13.54
C TYR G 125 31.22 -16.35 13.75
N CYS G 126 32.49 -15.96 13.79
CA CYS G 126 33.57 -16.90 14.04
C CYS G 126 33.35 -17.63 15.37
N THR G 127 33.58 -18.93 15.35
CA THR G 127 33.34 -19.78 16.52
C THR G 127 34.59 -19.98 17.37
N ARG G 128 35.73 -19.44 16.96
CA ARG G 128 36.97 -19.60 17.70
C ARG G 128 37.57 -18.27 18.15
N ALA G 129 37.00 -17.13 17.76
CA ALA G 129 37.61 -15.85 18.10
C ALA G 129 37.67 -15.66 19.61
N ALA G 130 36.59 -15.98 20.32
CA ALA G 130 36.58 -15.79 21.77
C ALA G 130 37.63 -16.66 22.45
N ASP G 131 37.68 -17.95 22.10
CA ASP G 131 38.65 -18.85 22.70
C ASP G 131 40.09 -18.41 22.39
N LEU G 132 40.32 -17.87 21.20
CA LEU G 132 41.64 -17.42 20.79
C LEU G 132 41.96 -15.99 21.22
N GLY G 133 41.01 -15.30 21.83
CA GLY G 133 41.23 -13.92 22.24
C GLY G 133 41.36 -12.95 21.10
N ILE G 134 40.63 -13.17 20.00
CA ILE G 134 40.63 -12.26 18.87
C ILE G 134 39.49 -11.28 19.06
N THR G 135 39.81 -9.99 19.16
CA THR G 135 38.86 -8.94 19.47
C THR G 135 38.93 -7.86 18.41
N PRO G 136 37.85 -7.10 18.22
CA PRO G 136 37.84 -6.07 17.17
C PRO G 136 38.63 -4.85 17.60
N PRO G 137 39.09 -4.03 16.65
CA PRO G 137 39.73 -2.77 17.02
C PRO G 137 38.75 -1.86 17.75
N GLY G 138 39.24 -1.18 18.79
CA GLY G 138 38.40 -0.35 19.61
C GLY G 138 37.49 -1.09 20.55
N LEU G 139 37.52 -2.43 20.54
CA LEU G 139 36.73 -3.25 21.45
C LEU G 139 37.54 -4.46 21.89
N GLY G 140 38.74 -4.20 22.42
CA GLY G 140 39.60 -5.26 22.89
C GLY G 140 40.97 -5.20 22.27
N SER G 141 41.04 -4.79 21.01
CA SER G 141 42.28 -4.52 20.32
C SER G 141 42.39 -3.02 20.06
N PRO G 142 43.61 -2.51 19.85
CA PRO G 142 43.77 -1.05 19.66
C PRO G 142 42.91 -0.53 18.52
N GLY G 143 42.16 0.53 18.80
CA GLY G 143 41.21 1.08 17.86
C GLY G 143 41.85 2.04 16.87
N SER G 144 40.99 2.68 16.09
CA SER G 144 41.42 3.57 15.02
C SER G 144 41.54 5.02 15.44
N MET G 145 41.12 5.37 16.66
CA MET G 145 41.12 6.77 17.09
C MET G 145 42.52 7.14 17.56
N ALA G 146 43.43 7.20 16.60
CA ALA G 146 44.83 7.51 16.87
C ALA G 146 45.49 7.86 15.54
N GLU G 147 46.70 8.39 15.63
CA GLU G 147 47.42 8.78 14.41
C GLU G 147 47.64 7.56 13.51
N TYR G 148 47.99 6.42 14.10
CA TYR G 148 48.25 5.20 13.37
C TYR G 148 47.54 4.04 14.08
N MET G 149 47.30 2.97 13.32
CA MET G 149 46.70 1.79 13.88
C MET G 149 47.23 0.56 13.15
N ILE G 150 47.22 -0.57 13.85
CA ILE G 150 47.65 -1.85 13.31
C ILE G 150 46.41 -2.63 12.90
N VAL G 151 46.45 -3.23 11.72
CA VAL G 151 45.44 -4.18 11.28
C VAL G 151 46.09 -5.55 11.21
N ASP G 152 45.45 -6.54 11.83
CA ASP G 152 46.09 -7.83 12.04
C ASP G 152 46.36 -8.58 10.74
N SER G 153 45.52 -8.40 9.73
CA SER G 153 45.64 -9.17 8.50
C SER G 153 45.12 -8.36 7.32
N ALA G 154 45.64 -8.69 6.13
CA ALA G 154 45.22 -7.98 4.92
C ALA G 154 43.75 -8.25 4.60
N ARG G 155 43.22 -9.40 4.98
CA ARG G 155 41.83 -9.69 4.68
C ARG G 155 40.87 -8.84 5.51
N HIS G 156 41.37 -8.07 6.47
CA HIS G 156 40.54 -7.16 7.24
C HIS G 156 40.62 -5.72 6.74
N LEU G 157 41.08 -5.53 5.51
CA LEU G 157 41.10 -4.24 4.84
C LEU G 157 40.21 -4.31 3.61
N VAL G 158 39.33 -3.32 3.45
CA VAL G 158 38.45 -3.21 2.30
C VAL G 158 38.79 -1.92 1.56
N PRO G 159 39.19 -1.98 0.30
CA PRO G 159 39.52 -0.72 -0.41
C PRO G 159 38.28 0.13 -0.65
N ILE G 160 38.46 1.44 -0.56
CA ILE G 160 37.40 2.41 -0.79
C ILE G 160 37.65 3.27 -2.02
N GLY G 161 38.80 3.14 -2.67
CA GLY G 161 39.09 3.99 -3.81
C GLY G 161 39.16 5.44 -3.39
N ASP G 162 38.57 6.31 -4.21
CA ASP G 162 38.57 7.75 -3.96
C ASP G 162 37.41 8.18 -3.07
N LEU G 163 36.78 7.25 -2.36
CA LEU G 163 35.73 7.62 -1.41
C LEU G 163 36.29 8.51 -0.33
N ASP G 164 35.55 9.55 0.02
CA ASP G 164 35.94 10.42 1.12
C ASP G 164 36.08 9.59 2.39
N PRO G 165 37.26 9.54 3.01
CA PRO G 165 37.40 8.75 4.24
C PRO G 165 36.38 9.09 5.30
N VAL G 166 35.97 10.35 5.41
CA VAL G 166 34.98 10.73 6.41
C VAL G 166 33.65 10.06 6.13
N ALA G 167 33.30 9.90 4.85
CA ALA G 167 32.06 9.19 4.50
C ALA G 167 32.21 7.69 4.66
N ALA G 168 33.42 7.16 4.48
CA ALA G 168 33.62 5.71 4.58
C ALA G 168 33.52 5.23 6.02
N ALA G 169 34.00 6.02 6.97
CA ALA G 169 34.12 5.54 8.34
C ALA G 169 32.79 5.07 8.93
N PRO G 170 31.70 5.84 8.85
CA PRO G 170 30.42 5.32 9.39
C PRO G 170 29.95 4.05 8.72
N LEU G 171 30.34 3.82 7.46
CA LEU G 171 29.90 2.61 6.76
C LEU G 171 30.37 1.34 7.46
N THR G 172 31.47 1.42 8.20
CA THR G 172 32.04 0.23 8.82
C THR G 172 31.17 -0.35 9.91
N ASP G 173 30.27 0.45 10.49
CA ASP G 173 29.36 -0.04 11.51
C ASP G 173 27.95 0.49 11.28
N ALA G 174 27.82 1.80 11.08
CA ALA G 174 26.50 2.38 10.85
C ALA G 174 25.87 1.89 9.55
N GLY G 175 26.67 1.45 8.59
CA GLY G 175 26.15 0.86 7.37
C GLY G 175 26.18 -0.64 7.40
N LEU G 176 27.29 -1.21 7.87
CA LEU G 176 27.46 -2.66 7.82
C LEU G 176 26.43 -3.37 8.71
N THR G 177 26.23 -2.87 9.93
CA THR G 177 25.37 -3.58 10.88
C THR G 177 23.91 -3.61 10.41
N PRO G 178 23.28 -2.48 10.03
CA PRO G 178 21.92 -2.60 9.48
C PRO G 178 21.88 -3.38 8.19
N TYR G 179 22.90 -3.24 7.35
CA TYR G 179 22.93 -3.98 6.09
C TYR G 179 22.91 -5.48 6.35
N HIS G 180 23.68 -5.96 7.32
CA HIS G 180 23.67 -7.37 7.65
C HIS G 180 22.32 -7.80 8.20
N ALA G 181 21.76 -7.03 9.13
CA ALA G 181 20.47 -7.38 9.71
C ALA G 181 19.40 -7.49 8.63
N ILE G 182 19.42 -6.58 7.66
CA ILE G 182 18.46 -6.66 6.56
C ILE G 182 18.80 -7.84 5.65
N SER G 183 20.09 -8.05 5.37
CA SER G 183 20.48 -9.11 4.45
C SER G 183 20.06 -10.49 4.95
N ARG G 184 19.92 -10.65 6.27
CA ARG G 184 19.58 -11.96 6.81
C ARG G 184 18.19 -12.43 6.37
N VAL G 185 17.30 -11.51 6.02
CA VAL G 185 15.94 -11.88 5.62
C VAL G 185 15.53 -11.10 4.37
N LEU G 186 16.51 -10.66 3.59
CA LEU G 186 16.19 -9.86 2.40
C LEU G 186 15.25 -10.57 1.44
N PRO G 187 15.33 -11.89 1.23
CA PRO G 187 14.37 -12.53 0.32
C PRO G 187 12.92 -12.38 0.73
N LEU G 188 12.65 -12.06 2.01
CA LEU G 188 11.27 -11.86 2.45
C LEU G 188 10.72 -10.48 2.06
N LEU G 189 11.59 -9.54 1.72
CA LEU G 189 11.20 -8.14 1.55
C LEU G 189 10.93 -7.81 0.08
N GLY G 190 10.07 -8.58 -0.57
CA GLY G 190 9.70 -8.31 -1.93
C GLY G 190 8.60 -7.27 -2.02
N PRO G 191 8.20 -6.95 -3.25
CA PRO G 191 7.10 -6.01 -3.43
C PRO G 191 5.84 -6.49 -2.72
N GLY G 192 5.20 -5.57 -2.00
CA GLY G 192 4.06 -5.92 -1.17
C GLY G 192 4.41 -6.19 0.28
N SER G 193 5.70 -6.35 0.60
CA SER G 193 6.13 -6.52 1.97
C SER G 193 6.25 -5.17 2.67
N THR G 194 6.31 -5.21 3.99
CA THR G 194 6.46 -4.01 4.81
C THR G 194 7.60 -4.24 5.80
N ALA G 195 8.45 -3.22 5.94
CA ALA G 195 9.58 -3.26 6.86
C ALA G 195 9.44 -2.12 7.85
N VAL G 196 9.38 -2.46 9.14
CA VAL G 196 9.27 -1.47 10.20
C VAL G 196 10.67 -1.23 10.76
N VAL G 197 11.05 0.04 10.87
CA VAL G 197 12.34 0.45 11.41
C VAL G 197 12.06 1.26 12.67
N ILE G 198 12.40 0.69 13.82
CA ILE G 198 12.23 1.35 15.11
C ILE G 198 13.56 1.97 15.50
N GLY G 199 13.57 3.30 15.65
CA GLY G 199 14.79 4.02 15.91
C GLY G 199 15.43 4.49 14.62
N VAL G 200 15.15 5.74 14.24
CA VAL G 200 15.64 6.26 12.97
C VAL G 200 17.02 6.89 13.09
N GLY G 201 17.42 7.33 14.27
CA GLY G 201 18.73 7.93 14.43
C GLY G 201 19.84 6.90 14.24
N GLY G 202 20.97 7.38 13.71
CA GLY G 202 22.15 6.55 13.57
C GLY G 202 21.96 5.37 12.62
N LEU G 203 21.99 4.16 13.18
CA LEU G 203 21.91 2.97 12.34
C LEU G 203 20.61 2.90 11.57
N GLY G 204 19.50 3.27 12.21
CA GLY G 204 18.20 3.17 11.56
C GLY G 204 18.09 4.08 10.35
N HIS G 205 18.69 5.28 10.43
CA HIS G 205 18.68 6.17 9.27
C HIS G 205 19.32 5.50 8.07
N VAL G 206 20.42 4.78 8.28
CA VAL G 206 21.06 4.08 7.18
C VAL G 206 20.22 2.87 6.77
N GLY G 207 19.62 2.18 7.75
CA GLY G 207 18.80 1.02 7.43
C GLY G 207 17.68 1.36 6.47
N ILE G 208 17.03 2.51 6.67
CA ILE G 208 15.96 2.93 5.76
C ILE G 208 16.51 3.11 4.36
N GLN G 209 17.66 3.80 4.24
CA GLN G 209 18.27 4.00 2.94
C GLN G 209 18.63 2.66 2.28
N ILE G 210 19.14 1.72 3.08
CA ILE G 210 19.47 0.40 2.54
C ILE G 210 18.21 -0.30 2.03
N LEU G 211 17.14 -0.24 2.83
CA LEU G 211 15.90 -0.92 2.45
C LEU G 211 15.38 -0.40 1.11
N ARG G 212 15.51 0.90 0.86
CA ARG G 212 15.06 1.45 -0.41
C ARG G 212 15.98 1.06 -1.56
N ALA G 213 17.26 0.81 -1.26
CA ALA G 213 18.23 0.56 -2.32
C ALA G 213 18.20 -0.90 -2.78
N VAL G 214 18.01 -1.84 -1.87
CA VAL G 214 18.12 -3.26 -2.18
C VAL G 214 16.78 -3.97 -2.04
N SER G 215 15.68 -3.25 -1.95
CA SER G 215 14.38 -3.90 -1.83
C SER G 215 13.28 -2.92 -2.27
N ALA G 216 12.10 -3.49 -2.51
CA ALA G 216 10.90 -2.72 -2.83
C ALA G 216 9.90 -2.71 -1.68
N ALA G 217 10.36 -3.05 -0.48
CA ALA G 217 9.46 -3.11 0.67
C ALA G 217 9.01 -1.72 1.08
N ARG G 218 7.77 -1.65 1.58
CA ARG G 218 7.29 -0.43 2.20
C ARG G 218 7.98 -0.24 3.54
N VAL G 219 8.44 0.99 3.82
CA VAL G 219 9.23 1.29 5.01
C VAL G 219 8.40 2.17 5.93
N ILE G 220 8.20 1.70 7.16
CA ILE G 220 7.49 2.46 8.19
C ILE G 220 8.52 2.83 9.27
N ALA G 221 8.76 4.12 9.43
CA ALA G 221 9.71 4.61 10.41
C ALA G 221 9.01 4.84 11.74
N VAL G 222 9.66 4.41 12.82
CA VAL G 222 9.14 4.57 14.17
C VAL G 222 10.24 5.19 15.04
N ASP G 223 9.92 6.29 15.71
CA ASP G 223 10.88 6.96 16.56
C ASP G 223 10.12 7.86 17.54
N LEU G 224 10.83 8.27 18.60
CA LEU G 224 10.22 9.10 19.62
C LEU G 224 10.25 10.59 19.27
N ASP G 225 11.21 11.01 18.44
CA ASP G 225 11.40 12.41 18.11
C ASP G 225 10.80 12.73 16.76
N ASP G 226 9.99 13.81 16.71
CA ASP G 226 9.31 14.17 15.47
C ASP G 226 10.31 14.60 14.39
N ASP G 227 11.36 15.31 14.78
CA ASP G 227 12.34 15.79 13.80
C ASP G 227 13.06 14.62 13.14
N ARG G 228 13.40 13.59 13.92
CA ARG G 228 14.02 12.41 13.34
C ARG G 228 13.08 11.71 12.38
N LEU G 229 11.79 11.65 12.72
CA LEU G 229 10.81 11.01 11.84
C LEU G 229 10.70 11.75 10.51
N ALA G 230 10.74 13.08 10.55
CA ALA G 230 10.68 13.85 9.31
C ALA G 230 11.90 13.56 8.43
N LEU G 231 13.06 13.37 9.05
CA LEU G 231 14.25 13.02 8.29
C LEU G 231 14.15 11.62 7.71
N ALA G 232 13.44 10.73 8.39
CA ALA G 232 13.23 9.38 7.87
C ALA G 232 12.46 9.43 6.55
N ARG G 233 11.43 10.27 6.47
CA ARG G 233 10.64 10.37 5.26
C ARG G 233 11.46 10.91 4.09
N GLU G 234 12.45 11.76 4.38
CA GLU G 234 13.26 12.32 3.32
C GLU G 234 14.17 11.27 2.67
N VAL G 235 14.59 10.26 3.44
CA VAL G 235 15.49 9.24 2.92
C VAL G 235 14.75 8.02 2.37
N GLY G 236 13.43 7.94 2.54
CA GLY G 236 12.67 6.89 1.88
C GLY G 236 11.54 6.28 2.69
N ALA G 237 11.37 6.70 3.94
CA ALA G 237 10.30 6.16 4.76
C ALA G 237 8.94 6.58 4.20
N ASP G 238 8.07 5.60 3.96
CA ASP G 238 6.74 5.88 3.42
C ASP G 238 5.73 6.29 4.48
N ALA G 239 6.05 6.13 5.76
CA ALA G 239 5.14 6.50 6.83
C ALA G 239 5.93 6.68 8.11
N ALA G 240 5.40 7.52 9.01
CA ALA G 240 6.04 7.83 10.27
C ALA G 240 5.08 7.54 11.42
N VAL G 241 5.59 6.90 12.46
CA VAL G 241 4.82 6.59 13.65
C VAL G 241 5.67 6.95 14.87
N LYS G 242 5.02 7.43 15.92
CA LYS G 242 5.72 7.79 17.14
C LYS G 242 5.73 6.60 18.09
N SER G 243 6.91 6.29 18.62
CA SER G 243 7.05 5.16 19.53
C SER G 243 6.28 5.41 20.83
N GLY G 244 5.72 4.35 21.37
CA GLY G 244 4.92 4.44 22.58
C GLY G 244 3.94 3.29 22.64
N ALA G 245 2.99 3.42 23.57
CA ALA G 245 1.97 2.39 23.73
C ALA G 245 1.03 2.31 22.54
N GLY G 246 0.88 3.41 21.80
CA GLY G 246 0.04 3.44 20.63
C GLY G 246 0.73 3.15 19.32
N ALA G 247 2.04 2.91 19.34
CA ALA G 247 2.76 2.67 18.10
C ALA G 247 2.29 1.40 17.42
N ALA G 248 2.06 0.34 18.19
CA ALA G 248 1.62 -0.92 17.59
C ALA G 248 0.29 -0.76 16.88
N ASP G 249 -0.67 -0.05 17.50
CA ASP G 249 -1.95 0.17 16.86
C ASP G 249 -1.80 1.02 15.60
N ALA G 250 -0.96 2.06 15.66
CA ALA G 250 -0.77 2.91 14.49
C ALA G 250 -0.13 2.14 13.34
N ILE G 251 0.84 1.26 13.64
CA ILE G 251 1.47 0.47 12.59
C ILE G 251 0.44 -0.45 11.93
N ARG G 252 -0.37 -1.12 12.75
CA ARG G 252 -1.39 -2.01 12.21
C ARG G 252 -2.50 -1.23 11.49
N GLU G 253 -2.69 0.04 11.83
CA GLU G 253 -3.61 0.87 11.04
C GLU G 253 -3.06 1.11 9.65
N LEU G 254 -1.73 1.26 9.52
CA LEU G 254 -1.12 1.53 8.22
C LEU G 254 -1.09 0.29 7.35
N THR G 255 -0.96 -0.90 7.95
CA THR G 255 -0.79 -2.14 7.21
C THR G 255 -2.06 -2.99 7.17
N GLY G 256 -3.18 -2.47 7.65
CA GLY G 256 -4.29 -3.36 7.90
C GLY G 256 -3.92 -4.33 9.01
N GLY G 257 -4.71 -5.40 9.11
CA GLY G 257 -4.48 -6.39 10.13
C GLY G 257 -3.41 -7.41 9.82
N GLN G 258 -2.64 -7.21 8.74
CA GLN G 258 -1.67 -8.23 8.32
C GLN G 258 -0.41 -8.18 9.16
N GLY G 259 0.08 -6.99 9.49
CA GLY G 259 1.33 -6.83 10.21
C GLY G 259 2.50 -6.55 9.29
N ALA G 260 3.68 -6.45 9.90
CA ALA G 260 4.89 -6.11 9.18
C ALA G 260 5.71 -7.37 8.93
N THR G 261 6.19 -7.52 7.69
CA THR G 261 7.01 -8.67 7.34
C THR G 261 8.26 -8.73 8.21
N ALA G 262 8.91 -7.60 8.43
CA ALA G 262 10.14 -7.54 9.21
C ALA G 262 10.13 -6.29 10.08
N VAL G 263 10.60 -6.43 11.30
CA VAL G 263 10.77 -5.31 12.23
C VAL G 263 12.24 -5.27 12.62
N PHE G 264 12.93 -4.19 12.25
CA PHE G 264 14.33 -3.98 12.62
C PHE G 264 14.35 -2.98 13.77
N ASP G 265 14.63 -3.48 14.97
CA ASP G 265 14.63 -2.65 16.18
C ASP G 265 16.05 -2.18 16.44
N PHE G 266 16.33 -0.93 16.07
CA PHE G 266 17.64 -0.33 16.29
C PHE G 266 17.75 0.37 17.65
N VAL G 267 16.67 0.40 18.42
CA VAL G 267 16.73 0.89 19.79
C VAL G 267 17.01 -0.25 20.76
N GLY G 268 16.29 -1.36 20.63
CA GLY G 268 16.54 -2.53 21.43
C GLY G 268 16.01 -2.47 22.85
N ALA G 269 15.17 -1.48 23.16
CA ALA G 269 14.56 -1.42 24.48
C ALA G 269 13.44 -2.45 24.59
N GLN G 270 13.08 -2.78 25.83
CA GLN G 270 12.01 -3.74 26.05
C GLN G 270 10.72 -3.25 25.43
N SER G 271 10.43 -1.96 25.55
CA SER G 271 9.20 -1.41 24.98
C SER G 271 9.20 -1.53 23.46
N THR G 272 10.32 -1.22 22.81
CA THR G 272 10.38 -1.32 21.36
C THR G 272 10.29 -2.77 20.91
N ILE G 273 10.91 -3.68 21.66
CA ILE G 273 10.82 -5.11 21.33
C ILE G 273 9.38 -5.58 21.48
N ASP G 274 8.70 -5.13 22.55
CA ASP G 274 7.30 -5.48 22.73
C ASP G 274 6.47 -4.99 21.55
N THR G 275 6.71 -3.75 21.10
CA THR G 275 6.01 -3.24 19.92
C THR G 275 6.29 -4.12 18.71
N ALA G 276 7.52 -4.60 18.57
CA ALA G 276 7.87 -5.43 17.42
C ALA G 276 7.07 -6.73 17.42
N GLN G 277 6.98 -7.39 18.59
CA GLN G 277 6.24 -8.63 18.69
C GLN G 277 4.75 -8.45 18.44
N GLN G 278 4.23 -7.23 18.64
CA GLN G 278 2.81 -6.96 18.44
C GLN G 278 2.47 -6.61 16.99
N VAL G 279 3.46 -6.28 16.17
CA VAL G 279 3.20 -5.88 14.79
C VAL G 279 3.81 -6.83 13.78
N VAL G 280 4.74 -7.71 14.16
CA VAL G 280 5.35 -8.60 13.18
C VAL G 280 4.29 -9.54 12.62
N ALA G 281 4.41 -9.84 11.32
CA ALA G 281 3.44 -10.69 10.65
C ALA G 281 3.76 -12.16 10.89
N VAL G 282 2.77 -13.01 10.59
CA VAL G 282 3.00 -14.45 10.60
C VAL G 282 4.12 -14.77 9.62
N ASP G 283 5.03 -15.64 10.03
CA ASP G 283 6.18 -16.04 9.23
C ASP G 283 7.13 -14.87 8.96
N GLY G 284 7.10 -13.85 9.80
CA GLY G 284 7.92 -12.67 9.65
C GLY G 284 9.25 -12.78 10.37
N HIS G 285 9.78 -11.63 10.76
CA HIS G 285 11.12 -11.58 11.37
C HIS G 285 11.23 -10.35 12.25
N ILE G 286 11.89 -10.50 13.39
CA ILE G 286 12.27 -9.39 14.26
C ILE G 286 13.77 -9.42 14.43
N SER G 287 14.42 -8.28 14.20
CA SER G 287 15.87 -8.14 14.33
C SER G 287 16.16 -7.15 15.45
N VAL G 288 16.66 -7.64 16.57
CA VAL G 288 17.03 -6.81 17.72
C VAL G 288 18.46 -6.35 17.49
N VAL G 289 18.62 -5.15 16.94
CA VAL G 289 19.94 -4.63 16.59
C VAL G 289 20.52 -3.77 17.71
N GLY G 290 19.72 -2.86 18.27
CA GLY G 290 20.18 -2.05 19.37
C GLY G 290 20.26 -2.84 20.67
N ILE G 291 21.11 -2.35 21.57
CA ILE G 291 21.39 -3.03 22.83
C ILE G 291 20.88 -2.19 23.99
N HIS G 292 19.96 -2.76 24.76
CA HIS G 292 19.60 -2.26 26.08
C HIS G 292 19.75 -3.43 27.04
N ALA G 293 20.62 -3.28 28.03
CA ALA G 293 20.97 -4.39 28.90
C ALA G 293 19.73 -5.03 29.50
N GLY G 294 19.61 -6.35 29.32
CA GLY G 294 18.51 -7.11 29.86
C GLY G 294 17.28 -7.20 28.97
N ALA G 295 17.12 -6.26 28.04
CA ALA G 295 15.96 -6.30 27.15
C ALA G 295 16.06 -7.51 26.23
N HIS G 296 14.92 -8.14 25.96
CA HIS G 296 14.90 -9.35 25.16
C HIS G 296 13.50 -9.57 24.62
N ALA G 297 13.44 -10.19 23.45
CA ALA G 297 12.18 -10.71 22.93
C ALA G 297 11.84 -12.02 23.64
N LYS G 298 10.55 -12.30 23.77
CA LYS G 298 10.07 -13.50 24.42
C LYS G 298 9.39 -14.36 23.35
N VAL G 299 10.11 -15.34 22.84
CA VAL G 299 9.67 -16.17 21.72
C VAL G 299 9.03 -17.42 22.31
N GLY G 300 7.70 -17.42 22.38
CA GLY G 300 6.96 -18.57 22.85
C GLY G 300 5.60 -18.60 22.18
N PHE G 301 4.95 -19.76 22.28
CA PHE G 301 3.64 -19.92 21.65
C PHE G 301 2.65 -18.93 22.26
N PHE G 302 1.89 -18.26 21.39
CA PHE G 302 0.87 -17.28 21.74
C PHE G 302 1.46 -15.96 22.24
N MET G 303 2.78 -15.87 22.38
CA MET G 303 3.44 -14.61 22.69
C MET G 303 4.09 -13.97 21.46
N ILE G 304 4.05 -14.66 20.33
CA ILE G 304 4.60 -14.15 19.07
C ILE G 304 3.91 -14.92 17.95
N PRO G 305 3.67 -14.31 16.79
CA PRO G 305 2.99 -15.04 15.71
C PRO G 305 3.76 -16.29 15.31
N PHE G 306 3.03 -17.25 14.75
CA PHE G 306 3.67 -18.45 14.22
C PHE G 306 4.71 -18.07 13.17
N GLY G 307 5.85 -18.76 13.20
CA GLY G 307 6.85 -18.63 12.18
C GLY G 307 7.64 -17.34 12.18
N ALA G 308 7.37 -16.43 13.12
CA ALA G 308 8.10 -15.17 13.19
C ALA G 308 9.41 -15.39 13.95
N SER G 309 10.52 -15.37 13.24
CA SER G 309 11.83 -15.63 13.84
C SER G 309 12.42 -14.35 14.40
N VAL G 310 13.22 -14.52 15.46
CA VAL G 310 13.87 -13.40 16.14
C VAL G 310 15.35 -13.71 16.26
N VAL G 311 16.18 -12.68 16.12
CA VAL G 311 17.63 -12.83 16.21
C VAL G 311 18.24 -11.53 16.72
N THR G 312 19.37 -11.64 17.41
CA THR G 312 20.24 -10.51 17.67
C THR G 312 21.42 -10.60 16.70
N PRO G 313 21.41 -9.89 15.58
CA PRO G 313 22.55 -9.97 14.66
C PRO G 313 23.76 -9.26 15.21
N TYR G 314 24.92 -9.61 14.68
CA TYR G 314 26.19 -9.04 15.13
C TYR G 314 26.95 -8.51 13.92
N TRP G 315 27.02 -7.18 13.82
CA TRP G 315 27.89 -6.48 12.85
C TRP G 315 27.57 -7.01 11.45
N GLY G 316 28.56 -7.43 10.67
CA GLY G 316 28.30 -7.93 9.33
C GLY G 316 29.50 -8.68 8.79
N THR G 317 29.31 -9.24 7.60
CA THR G 317 30.36 -10.00 6.93
C THR G 317 31.24 -9.07 6.09
N ARG G 318 32.39 -9.60 5.68
CA ARG G 318 33.32 -8.81 4.87
C ARG G 318 32.73 -8.49 3.50
N SER G 319 32.11 -9.48 2.85
CA SER G 319 31.48 -9.22 1.56
C SER G 319 30.36 -8.20 1.70
N GLU G 320 29.66 -8.19 2.84
CA GLU G 320 28.62 -7.19 3.05
C GLU G 320 29.21 -5.79 3.19
N LEU G 321 30.37 -5.68 3.84
CA LEU G 321 31.04 -4.39 3.91
C LEU G 321 31.44 -3.91 2.52
N MET G 322 31.93 -4.83 1.68
CA MET G 322 32.22 -4.47 0.29
C MET G 322 30.97 -3.96 -0.41
N GLU G 323 29.82 -4.59 -0.15
CA GLU G 323 28.57 -4.16 -0.77
C GLU G 323 28.14 -2.79 -0.24
N VAL G 324 28.36 -2.53 1.05
CA VAL G 324 28.01 -1.23 1.61
C VAL G 324 28.87 -0.14 0.97
N VAL G 325 30.16 -0.42 0.78
CA VAL G 325 31.03 0.55 0.11
C VAL G 325 30.56 0.79 -1.31
N ALA G 326 30.10 -0.27 -2.00
CA ALA G 326 29.57 -0.10 -3.35
C ALA G 326 28.32 0.78 -3.35
N LEU G 327 27.47 0.63 -2.34
CA LEU G 327 26.29 1.49 -2.23
C LEU G 327 26.70 2.94 -2.06
N ALA G 328 27.66 3.20 -1.16
CA ALA G 328 28.10 4.56 -0.93
C ALA G 328 28.72 5.17 -2.19
N ARG G 329 29.50 4.39 -2.93
CA ARG G 329 30.15 4.90 -4.13
C ARG G 329 29.17 5.12 -5.27
N ALA G 330 27.99 4.49 -5.20
CA ALA G 330 26.94 4.71 -6.18
C ALA G 330 25.99 5.84 -5.79
N GLY G 331 26.24 6.49 -4.66
CA GLY G 331 25.37 7.57 -4.22
C GLY G 331 24.09 7.12 -3.56
N ARG G 332 23.99 5.86 -3.16
CA ARG G 332 22.79 5.34 -2.53
C ARG G 332 22.77 5.52 -1.02
N LEU G 333 23.91 5.82 -0.41
CA LEU G 333 24.01 6.00 1.03
C LEU G 333 24.50 7.41 1.32
N ASP G 334 23.78 8.10 2.22
CA ASP G 334 24.11 9.49 2.56
C ASP G 334 24.01 9.62 4.09
N ILE G 335 25.16 9.66 4.74
CA ILE G 335 25.26 9.86 6.19
C ILE G 335 25.84 11.25 6.43
N HIS G 336 25.15 12.04 7.26
CA HIS G 336 25.70 13.34 7.64
C HIS G 336 26.82 13.13 8.64
N THR G 337 27.93 13.85 8.44
CA THR G 337 29.12 13.70 9.25
C THR G 337 29.54 15.05 9.82
N GLU G 338 29.94 15.04 11.08
CA GLU G 338 30.59 16.19 11.71
C GLU G 338 32.03 15.78 12.02
N THR G 339 32.98 16.57 11.50
CA THR G 339 34.40 16.22 11.57
C THR G 339 35.04 16.87 12.79
N PHE G 340 35.78 16.07 13.55
CA PHE G 340 36.53 16.54 14.70
C PHE G 340 38.01 16.18 14.53
N THR G 341 38.86 16.95 15.18
CA THR G 341 40.28 16.62 15.24
C THR G 341 40.53 15.56 16.31
N LEU G 342 41.70 14.93 16.23
CA LEU G 342 42.03 13.88 17.20
C LEU G 342 42.01 14.42 18.63
N ASP G 343 42.55 15.62 18.83
CA ASP G 343 42.54 16.22 20.16
C ASP G 343 41.12 16.47 20.66
N GLU G 344 40.15 16.59 19.76
CA GLU G 344 38.76 16.83 20.13
C GLU G 344 37.98 15.54 20.34
N GLY G 345 38.65 14.39 20.31
CA GLY G 345 38.00 13.11 20.48
C GLY G 345 37.14 13.06 21.73
N PRO G 346 37.75 13.28 22.89
CA PRO G 346 36.96 13.28 24.14
C PRO G 346 35.83 14.29 24.13
N ALA G 347 36.05 15.46 23.51
CA ALA G 347 34.97 16.44 23.41
C ALA G 347 33.82 15.91 22.57
N ALA G 348 34.13 15.25 21.45
CA ALA G 348 33.08 14.70 20.60
C ALA G 348 32.30 13.61 21.32
N TYR G 349 32.95 12.86 22.21
CA TYR G 349 32.25 11.79 22.93
C TYR G 349 31.24 12.37 23.92
N ARG G 350 31.57 13.51 24.54
CA ARG G 350 30.62 14.16 25.44
C ARG G 350 29.37 14.58 24.69
N ARG G 351 29.53 15.13 23.49
CA ARG G 351 28.37 15.52 22.70
C ARG G 351 27.53 14.31 22.31
N LEU G 352 28.17 13.17 22.04
CA LEU G 352 27.43 11.96 21.73
C LEU G 352 26.62 11.50 22.94
N ARG G 353 27.16 11.66 24.14
CA ARG G 353 26.42 11.27 25.34
C ARG G 353 25.10 12.02 25.44
N GLU G 354 25.08 13.28 25.02
CA GLU G 354 23.88 14.10 25.07
C GLU G 354 23.18 14.20 23.72
N GLY G 355 23.53 13.33 22.77
CA GLY G 355 22.86 13.31 21.48
C GLY G 355 22.88 14.65 20.75
N SER G 356 23.95 15.41 20.91
CA SER G 356 24.05 16.73 20.30
C SER G 356 24.67 16.71 18.91
N ILE G 357 25.01 15.54 18.38
CA ILE G 357 25.60 15.41 17.04
C ILE G 357 24.51 14.91 16.10
N ARG G 358 24.24 15.65 15.04
CA ARG G 358 23.32 15.23 14.01
C ARG G 358 24.09 14.44 12.96
N GLY G 359 23.70 13.19 12.75
CA GLY G 359 24.42 12.31 11.84
C GLY G 359 25.40 11.43 12.58
N ARG G 360 26.69 11.59 12.27
CA ARG G 360 27.74 10.77 12.85
C ARG G 360 28.98 11.61 13.09
N GLY G 361 29.61 11.40 14.24
CA GLY G 361 30.90 12.04 14.52
C GLY G 361 32.02 11.22 13.91
N VAL G 362 33.01 11.93 13.34
CA VAL G 362 34.16 11.30 12.71
C VAL G 362 35.39 12.11 13.09
N VAL G 363 36.38 11.44 13.68
CA VAL G 363 37.64 12.07 14.06
C VAL G 363 38.62 11.93 12.90
N VAL G 364 39.32 13.01 12.58
CA VAL G 364 40.28 13.04 11.50
C VAL G 364 41.63 13.48 12.06
N PRO G 365 42.56 12.54 12.31
CA PRO G 365 43.90 12.93 12.73
C PRO G 365 44.57 13.88 11.77
N ARG H 17 34.83 11.67 -10.67
CA ARG H 17 34.15 12.60 -11.56
C ARG H 17 33.08 11.89 -12.39
N GLY H 18 33.04 10.57 -12.27
CA GLY H 18 32.14 9.76 -13.07
C GLY H 18 32.87 8.72 -13.87
N SER H 19 32.58 7.44 -13.61
CA SER H 19 33.34 6.36 -14.24
C SER H 19 33.02 6.20 -15.72
N HIS H 20 31.85 6.63 -16.18
CA HIS H 20 31.47 6.50 -17.58
C HIS H 20 30.93 7.83 -18.09
N MET H 21 30.91 7.97 -19.41
CA MET H 21 30.51 9.20 -20.06
C MET H 21 29.81 8.87 -21.37
N LYS H 22 29.00 9.82 -21.84
CA LYS H 22 28.37 9.69 -23.14
C LYS H 22 29.35 10.09 -24.24
N ALA H 23 29.11 9.57 -25.45
CA ALA H 23 29.99 9.83 -26.57
C ALA H 23 29.27 9.48 -27.86
N VAL H 24 29.48 10.29 -28.90
CA VAL H 24 28.92 10.02 -30.22
C VAL H 24 29.95 9.20 -30.99
N GLN H 25 29.60 7.96 -31.32
CA GLN H 25 30.54 7.00 -31.86
C GLN H 25 30.05 6.45 -33.19
N TYR H 26 30.99 6.30 -34.13
CA TYR H 26 30.77 5.56 -35.37
C TYR H 26 31.14 4.10 -35.08
N THR H 27 30.14 3.22 -35.05
CA THR H 27 30.30 1.87 -34.51
C THR H 27 30.46 0.79 -35.56
N GLU H 28 29.81 0.92 -36.71
CA GLU H 28 29.97 -0.06 -37.78
C GLU H 28 29.78 0.63 -39.12
N ILE H 29 30.39 0.04 -40.15
CA ILE H 29 30.39 0.65 -41.48
C ILE H 29 28.97 0.73 -42.00
N GLY H 30 28.59 1.92 -42.51
CA GLY H 30 27.29 2.14 -43.08
C GLY H 30 26.23 2.58 -42.09
N SER H 31 26.46 2.40 -40.80
CA SER H 31 25.50 2.79 -39.78
C SER H 31 25.66 4.25 -39.41
N GLU H 32 24.62 4.80 -38.79
CA GLU H 32 24.68 6.16 -38.30
C GLU H 32 25.43 6.22 -36.98
N PRO H 33 26.04 7.36 -36.66
CA PRO H 33 26.61 7.52 -35.32
C PRO H 33 25.52 7.40 -34.25
N VAL H 34 25.92 6.92 -33.08
CA VAL H 34 25.00 6.66 -31.99
C VAL H 34 25.61 7.17 -30.69
N VAL H 35 24.78 7.72 -29.82
CA VAL H 35 25.20 8.17 -28.51
C VAL H 35 25.26 6.96 -27.59
N VAL H 36 26.46 6.57 -27.16
CA VAL H 36 26.65 5.41 -26.31
C VAL H 36 27.48 5.82 -25.10
N ASP H 37 27.43 4.98 -24.08
CA ASP H 37 28.16 5.21 -22.84
C ASP H 37 29.48 4.45 -22.88
N ILE H 38 30.56 5.13 -22.51
CA ILE H 38 31.90 4.54 -22.49
C ILE H 38 32.62 5.01 -21.25
N PRO H 39 33.71 4.32 -20.88
CA PRO H 39 34.45 4.74 -19.68
C PRO H 39 35.03 6.13 -19.84
N THR H 40 34.98 6.90 -18.77
CA THR H 40 35.63 8.20 -18.77
C THR H 40 37.14 7.99 -18.73
N PRO H 41 37.89 8.45 -19.72
CA PRO H 41 39.33 8.15 -19.74
C PRO H 41 40.07 8.84 -18.60
N THR H 42 41.21 8.27 -18.25
CA THR H 42 42.09 8.81 -17.24
C THR H 42 43.43 9.14 -17.88
N PRO H 43 43.98 10.34 -17.67
CA PRO H 43 45.20 10.73 -18.39
C PRO H 43 46.44 10.04 -17.84
N GLY H 44 47.17 9.36 -18.71
CA GLY H 44 48.43 8.78 -18.34
C GLY H 44 49.53 9.82 -18.32
N PRO H 45 50.77 9.39 -18.14
CA PRO H 45 51.88 10.37 -18.10
C PRO H 45 52.00 11.11 -19.43
N GLY H 46 52.04 12.44 -19.35
CA GLY H 46 52.12 13.28 -20.52
C GLY H 46 50.77 13.69 -21.10
N GLU H 47 49.70 13.00 -20.74
CA GLU H 47 48.39 13.26 -21.30
C GLU H 47 47.65 14.31 -20.47
N ILE H 48 46.63 14.91 -21.10
CA ILE H 48 45.74 15.85 -20.44
C ILE H 48 44.30 15.43 -20.73
N LEU H 49 43.48 15.40 -19.69
CA LEU H 49 42.05 15.14 -19.83
C LEU H 49 41.31 16.47 -19.86
N LEU H 50 40.50 16.67 -20.88
CA LEU H 50 39.69 17.87 -21.03
C LEU H 50 38.23 17.54 -20.79
N LYS H 51 37.51 18.47 -20.16
CA LYS H 51 36.05 18.47 -20.16
C LYS H 51 35.62 19.26 -21.39
N VAL H 52 34.98 18.58 -22.35
CA VAL H 52 34.67 19.19 -23.63
C VAL H 52 33.58 20.25 -23.45
N THR H 53 33.82 21.44 -23.99
CA THR H 53 32.83 22.51 -23.98
C THR H 53 32.23 22.78 -25.35
N ALA H 54 32.86 22.32 -26.43
CA ALA H 54 32.27 22.46 -27.76
C ALA H 54 32.98 21.51 -28.71
N ALA H 55 32.22 20.91 -29.62
CA ALA H 55 32.75 19.94 -30.58
C ALA H 55 32.07 20.23 -31.92
N GLY H 56 32.86 20.68 -32.90
CA GLY H 56 32.30 21.04 -34.17
C GLY H 56 32.14 19.86 -35.11
N LEU H 57 31.13 19.97 -35.97
CA LEU H 57 30.89 18.99 -37.02
C LEU H 57 31.46 19.50 -38.33
N CYS H 58 31.74 18.56 -39.24
CA CYS H 58 32.39 18.90 -40.50
C CYS H 58 31.99 17.88 -41.55
N HIS H 59 31.92 18.34 -42.80
CA HIS H 59 31.58 17.44 -43.90
C HIS H 59 32.62 16.35 -44.08
N SER H 60 33.84 16.54 -43.55
CA SER H 60 34.83 15.48 -43.62
C SER H 60 34.46 14.30 -42.73
N ASP H 61 33.67 14.55 -41.68
CA ASP H 61 33.15 13.44 -40.89
C ASP H 61 32.24 12.55 -41.74
N ILE H 62 31.39 13.17 -42.57
CA ILE H 62 30.56 12.41 -43.49
C ILE H 62 31.44 11.63 -44.47
N PHE H 63 32.47 12.29 -45.01
CA PHE H 63 33.35 11.61 -45.96
C PHE H 63 33.96 10.36 -45.33
N VAL H 64 34.35 10.43 -44.07
CA VAL H 64 34.97 9.28 -43.41
C VAL H 64 33.95 8.17 -43.20
N MET H 65 32.71 8.53 -42.87
CA MET H 65 31.68 7.54 -42.61
C MET H 65 31.07 6.96 -43.89
N ASP H 66 31.29 7.60 -45.03
CA ASP H 66 30.84 7.06 -46.32
C ASP H 66 31.84 6.09 -46.93
N MET H 67 33.01 5.92 -46.31
CA MET H 67 34.01 4.99 -46.83
C MET H 67 33.47 3.56 -46.74
N PRO H 68 33.61 2.75 -47.79
CA PRO H 68 33.23 1.34 -47.67
C PRO H 68 34.13 0.59 -46.70
N ALA H 69 33.83 -0.69 -46.45
CA ALA H 69 34.58 -1.46 -45.47
C ALA H 69 36.07 -1.48 -45.79
N ALA H 70 36.41 -1.66 -47.07
CA ALA H 70 37.81 -1.79 -47.45
C ALA H 70 38.60 -0.51 -47.15
N GLN H 71 38.05 0.64 -47.56
CA GLN H 71 38.80 1.89 -47.45
C GLN H 71 38.97 2.31 -45.99
N TYR H 72 37.88 2.29 -45.22
CA TYR H 72 37.92 2.77 -43.84
C TYR H 72 38.98 2.03 -43.04
N ALA H 73 39.88 2.79 -42.42
CA ALA H 73 40.98 2.23 -41.65
C ALA H 73 41.27 3.08 -40.42
N TYR H 74 40.20 3.49 -39.72
CA TYR H 74 40.33 4.29 -38.51
C TYR H 74 39.95 3.54 -37.24
N GLY H 75 39.48 2.30 -37.36
CA GLY H 75 39.19 1.49 -36.18
C GLY H 75 37.85 1.78 -35.55
N LEU H 76 37.03 0.73 -35.40
CA LEU H 76 35.73 0.86 -34.78
C LEU H 76 35.74 0.30 -33.37
N PRO H 77 35.05 0.92 -32.41
CA PRO H 77 34.27 2.16 -32.53
C PRO H 77 35.17 3.39 -32.54
N LEU H 78 34.66 4.54 -33.01
CA LEU H 78 35.42 5.77 -33.07
C LEU H 78 34.58 6.91 -32.52
N THR H 79 35.05 7.54 -31.45
CA THR H 79 34.43 8.76 -30.97
C THR H 79 34.74 9.88 -31.96
N LEU H 80 33.68 10.42 -32.59
CA LEU H 80 33.86 11.43 -33.62
C LEU H 80 34.25 12.76 -33.01
N GLY H 81 34.59 13.71 -33.88
CA GLY H 81 34.88 15.07 -33.47
C GLY H 81 36.34 15.44 -33.51
N HIS H 82 36.76 16.12 -34.58
CA HIS H 82 38.13 16.59 -34.73
C HIS H 82 38.23 18.11 -34.57
N GLU H 83 37.18 18.76 -34.08
CA GLU H 83 37.15 20.19 -33.81
C GLU H 83 36.78 20.38 -32.34
N GLY H 84 37.76 20.28 -31.47
CA GLY H 84 37.53 20.16 -30.03
C GLY H 84 38.01 21.38 -29.25
N VAL H 85 37.19 21.78 -28.29
CA VAL H 85 37.53 22.83 -27.33
CA VAL H 85 37.57 22.81 -27.32
C VAL H 85 37.04 22.37 -25.96
N GLY H 86 37.84 22.64 -24.92
CA GLY H 86 37.43 22.24 -23.60
C GLY H 86 38.26 22.93 -22.54
N THR H 87 38.01 22.55 -21.30
CA THR H 87 38.73 23.04 -20.14
C THR H 87 39.54 21.91 -19.53
N VAL H 88 40.77 22.21 -19.13
CA VAL H 88 41.64 21.19 -18.54
C VAL H 88 40.96 20.66 -17.29
N ALA H 89 40.66 19.36 -17.28
CA ALA H 89 40.02 18.70 -16.15
C ALA H 89 41.02 17.98 -15.25
N GLU H 90 42.05 17.38 -15.82
CA GLU H 90 43.06 16.69 -15.02
C GLU H 90 44.35 16.61 -15.84
N LEU H 91 45.47 16.74 -15.14
CA LEU H 91 46.79 16.73 -15.77
C LEU H 91 47.46 15.39 -15.54
N GLY H 92 47.90 14.77 -16.63
CA GLY H 92 48.67 13.55 -16.52
C GLY H 92 49.97 13.76 -15.76
N GLU H 93 50.63 12.65 -15.46
CA GLU H 93 51.87 12.70 -14.70
C GLU H 93 52.92 13.53 -15.44
N GLY H 94 53.52 14.48 -14.73
CA GLY H 94 54.61 15.26 -15.28
C GLY H 94 54.23 16.35 -16.25
N VAL H 95 52.94 16.59 -16.46
CA VAL H 95 52.50 17.61 -17.41
C VAL H 95 52.52 18.97 -16.74
N THR H 96 53.34 19.87 -17.26
CA THR H 96 53.40 21.25 -16.81
C THR H 96 53.17 22.18 -17.99
N GLY H 97 52.54 23.32 -17.71
CA GLY H 97 52.26 24.30 -18.74
C GLY H 97 50.81 24.76 -18.74
N PHE H 98 49.93 23.96 -18.17
CA PHE H 98 48.51 24.30 -18.10
C PHE H 98 48.00 23.99 -16.70
N GLY H 99 46.95 24.72 -16.31
CA GLY H 99 46.31 24.49 -15.02
C GLY H 99 44.88 24.01 -15.18
N VAL H 100 44.36 23.32 -14.17
CA VAL H 100 42.97 22.86 -14.22
C VAL H 100 42.07 24.06 -14.42
N GLY H 101 41.14 23.95 -15.37
CA GLY H 101 40.23 25.01 -15.70
C GLY H 101 40.62 25.84 -16.91
N ASP H 102 41.86 25.71 -17.40
CA ASP H 102 42.30 26.50 -18.54
C ASP H 102 41.50 26.13 -19.78
N ALA H 103 40.95 27.15 -20.44
CA ALA H 103 40.24 26.95 -21.70
C ALA H 103 41.26 26.78 -22.83
N VAL H 104 41.13 25.70 -23.59
CA VAL H 104 42.11 25.36 -24.61
C VAL H 104 41.38 24.73 -25.80
N ALA H 105 41.91 24.99 -26.99
CA ALA H 105 41.48 24.33 -28.21
C ALA H 105 42.46 23.23 -28.57
N VAL H 106 41.96 22.20 -29.25
CA VAL H 106 42.75 21.01 -29.55
C VAL H 106 43.32 21.14 -30.95
N TYR H 107 44.65 21.08 -31.06
CA TYR H 107 45.31 21.03 -32.36
C TYR H 107 45.06 19.65 -32.97
N GLY H 108 44.48 19.63 -34.16
CA GLY H 108 44.00 18.40 -34.75
C GLY H 108 45.07 17.47 -35.27
N PRO H 109 45.83 17.92 -36.29
CA PRO H 109 46.73 17.00 -37.00
C PRO H 109 47.96 16.62 -36.19
N TRP H 110 47.80 15.64 -35.30
CA TRP H 110 48.87 15.23 -34.41
C TRP H 110 50.04 14.66 -35.22
N GLY H 111 51.26 15.03 -34.82
CA GLY H 111 52.47 14.55 -35.44
C GLY H 111 53.38 13.87 -34.43
N CYS H 112 54.51 13.37 -34.95
CA CYS H 112 55.46 12.67 -34.09
C CYS H 112 56.21 13.61 -33.17
N GLY H 113 56.37 14.87 -33.58
CA GLY H 113 57.06 15.85 -32.77
C GLY H 113 58.57 15.82 -32.84
N ALA H 114 59.16 14.89 -33.61
CA ALA H 114 60.60 14.73 -33.64
C ALA H 114 61.20 14.74 -35.03
N CYS H 115 60.39 14.67 -36.09
CA CYS H 115 60.94 14.73 -37.44
C CYS H 115 61.25 16.17 -37.82
N HIS H 116 61.87 16.35 -38.99
CA HIS H 116 62.25 17.69 -39.42
C HIS H 116 61.03 18.58 -39.59
N ALA H 117 59.95 18.05 -40.19
CA ALA H 117 58.74 18.85 -40.37
C ALA H 117 58.14 19.23 -39.03
N CYS H 118 58.11 18.31 -38.08
CA CYS H 118 57.60 18.62 -36.75
C CYS H 118 58.49 19.64 -36.05
N ALA H 119 59.81 19.44 -36.11
CA ALA H 119 60.73 20.37 -35.45
C ALA H 119 60.60 21.77 -36.01
N ARG H 120 60.22 21.90 -37.28
CA ARG H 120 60.00 23.20 -37.90
C ARG H 120 58.65 23.81 -37.53
N GLY H 121 57.80 23.07 -36.82
CA GLY H 121 56.48 23.55 -36.49
C GLY H 121 55.39 23.17 -37.47
N ARG H 122 55.70 22.34 -38.46
CA ARG H 122 54.72 21.91 -39.46
C ARG H 122 54.28 20.48 -39.18
N GLU H 123 53.61 20.31 -38.03
CA GLU H 123 53.18 18.98 -37.60
C GLU H 123 52.14 18.40 -38.55
N ASN H 124 51.35 19.25 -39.22
CA ASN H 124 50.40 18.74 -40.19
C ASN H 124 51.08 18.00 -41.33
N TYR H 125 52.37 18.27 -41.56
CA TYR H 125 53.14 17.60 -42.61
C TYR H 125 54.17 16.64 -42.03
N CYS H 126 53.89 16.09 -40.84
CA CYS H 126 54.78 15.11 -40.23
C CYS H 126 54.99 13.93 -41.17
N THR H 127 56.25 13.53 -41.34
CA THR H 127 56.62 12.48 -42.27
C THR H 127 56.68 11.10 -41.62
N ARG H 128 56.46 11.01 -40.31
CA ARG H 128 56.50 9.74 -39.59
C ARG H 128 55.17 9.38 -38.95
N ALA H 129 54.16 10.26 -39.03
CA ALA H 129 52.90 9.99 -38.34
C ALA H 129 52.23 8.73 -38.89
N ALA H 130 52.21 8.58 -40.21
CA ALA H 130 51.55 7.42 -40.82
C ALA H 130 52.24 6.13 -40.38
N ASP H 131 53.57 6.09 -40.44
CA ASP H 131 54.29 4.89 -40.04
C ASP H 131 54.11 4.59 -38.56
N LEU H 132 53.99 5.63 -37.73
CA LEU H 132 53.86 5.46 -36.29
C LEU H 132 52.42 5.28 -35.85
N GLY H 133 51.45 5.40 -36.75
CA GLY H 133 50.05 5.24 -36.39
C GLY H 133 49.45 6.40 -35.63
N ILE H 134 50.06 7.59 -35.70
CA ILE H 134 49.53 8.76 -35.03
C ILE H 134 48.41 9.34 -35.87
N THR H 135 47.21 9.44 -35.30
CA THR H 135 46.04 9.90 -36.01
C THR H 135 45.37 11.03 -35.24
N PRO H 136 44.62 11.90 -35.93
CA PRO H 136 43.99 13.03 -35.24
C PRO H 136 42.81 12.59 -34.39
N PRO H 137 42.44 13.36 -33.37
CA PRO H 137 41.22 13.04 -32.62
C PRO H 137 40.00 13.09 -33.53
N GLY H 138 39.13 12.10 -33.39
CA GLY H 138 37.96 11.99 -34.24
C GLY H 138 38.23 11.41 -35.61
N LEU H 139 39.48 11.11 -35.94
CA LEU H 139 39.85 10.56 -37.24
C LEU H 139 40.84 9.42 -37.06
N GLY H 140 40.64 8.61 -36.03
CA GLY H 140 41.55 7.51 -35.73
C GLY H 140 41.80 7.41 -34.24
N SER H 141 41.84 8.54 -33.57
CA SER H 141 41.92 8.63 -32.12
C SER H 141 40.62 9.19 -31.57
N PRO H 142 40.34 8.96 -30.28
CA PRO H 142 39.07 9.44 -29.72
C PRO H 142 38.91 10.94 -29.89
N GLY H 143 37.74 11.34 -30.39
CA GLY H 143 37.48 12.73 -30.73
C GLY H 143 36.83 13.51 -29.60
N SER H 144 36.34 14.70 -29.95
CA SER H 144 35.80 15.64 -28.98
C SER H 144 34.29 15.48 -28.76
N MET H 145 33.62 14.63 -29.52
CA MET H 145 32.17 14.44 -29.36
C MET H 145 31.88 13.53 -28.16
N ALA H 146 32.24 14.02 -26.99
CA ALA H 146 32.03 13.30 -25.74
C ALA H 146 32.17 14.30 -24.60
N GLU H 147 31.73 13.88 -23.41
CA GLU H 147 31.82 14.76 -22.25
C GLU H 147 33.27 15.05 -21.89
N TYR H 148 34.17 14.11 -22.14
CA TYR H 148 35.59 14.28 -21.84
C TYR H 148 36.41 13.72 -23.00
N MET H 149 37.67 14.12 -23.06
CA MET H 149 38.56 13.67 -24.11
C MET H 149 40.00 13.76 -23.64
N ILE H 150 40.83 12.87 -24.17
CA ILE H 150 42.26 12.85 -23.88
C ILE H 150 42.99 13.56 -25.01
N VAL H 151 44.01 14.34 -24.65
CA VAL H 151 44.94 14.91 -25.60
C VAL H 151 46.32 14.34 -25.29
N ASP H 152 47.01 13.86 -26.33
CA ASP H 152 48.21 13.06 -26.12
C ASP H 152 49.35 13.86 -25.49
N SER H 153 49.43 15.15 -25.78
CA SER H 153 50.55 15.97 -25.33
C SER H 153 50.10 17.40 -25.11
N ALA H 154 50.80 18.09 -24.20
CA ALA H 154 50.49 19.49 -23.94
C ALA H 154 50.70 20.35 -25.18
N ARG H 155 51.63 19.96 -26.04
CA ARG H 155 51.92 20.77 -27.23
C ARG H 155 50.78 20.76 -28.23
N HIS H 156 49.73 19.94 -28.01
CA HIS H 156 48.57 19.92 -28.87
C HIS H 156 47.39 20.68 -28.29
N LEU H 157 47.63 21.51 -27.27
CA LEU H 157 46.63 22.40 -26.70
C LEU H 157 47.03 23.84 -26.96
N VAL H 158 46.05 24.65 -27.38
CA VAL H 158 46.26 26.06 -27.67
C VAL H 158 45.31 26.86 -26.79
N PRO H 159 45.80 27.74 -25.91
CA PRO H 159 44.89 28.50 -25.05
C PRO H 159 44.03 29.46 -25.86
N ILE H 160 42.79 29.65 -25.39
CA ILE H 160 41.83 30.54 -26.03
C ILE H 160 41.31 31.62 -25.10
N GLY H 161 41.75 31.64 -23.84
CA GLY H 161 41.26 32.65 -22.91
C GLY H 161 39.77 32.52 -22.70
N ASP H 162 39.09 33.67 -22.65
CA ASP H 162 37.66 33.72 -22.44
C ASP H 162 36.87 33.71 -23.75
N LEU H 163 37.51 33.33 -24.85
CA LEU H 163 36.80 33.19 -26.12
C LEU H 163 35.69 32.15 -25.98
N ASP H 164 34.53 32.46 -26.55
CA ASP H 164 33.39 31.56 -26.47
C ASP H 164 33.76 30.21 -27.10
N PRO H 165 33.69 29.10 -26.36
CA PRO H 165 34.06 27.81 -26.97
C PRO H 165 33.28 27.47 -28.22
N VAL H 166 32.01 27.88 -28.31
CA VAL H 166 31.22 27.59 -29.50
C VAL H 166 31.81 28.30 -30.71
N ALA H 167 32.33 29.52 -30.50
CA ALA H 167 33.01 30.23 -31.58
C ALA H 167 34.41 29.67 -31.83
N ALA H 168 35.04 29.11 -30.80
CA ALA H 168 36.40 28.59 -30.94
C ALA H 168 36.43 27.24 -31.68
N ALA H 169 35.40 26.43 -31.52
CA ALA H 169 35.43 25.08 -32.10
C ALA H 169 35.60 25.10 -33.61
N PRO H 170 34.86 25.90 -34.38
CA PRO H 170 35.09 25.91 -35.83
C PRO H 170 36.48 26.39 -36.21
N LEU H 171 37.12 27.21 -35.38
CA LEU H 171 38.44 27.73 -35.72
C LEU H 171 39.48 26.62 -35.85
N THR H 172 39.24 25.45 -35.24
CA THR H 172 40.24 24.40 -35.26
C THR H 172 40.34 23.74 -36.63
N ASP H 173 39.31 23.83 -37.45
CA ASP H 173 39.35 23.28 -38.79
C ASP H 173 38.90 24.32 -39.82
N ALA H 174 37.69 24.84 -39.65
CA ALA H 174 37.17 25.81 -40.61
C ALA H 174 37.95 27.12 -40.57
N GLY H 175 38.66 27.41 -39.48
CA GLY H 175 39.50 28.59 -39.43
C GLY H 175 40.94 28.26 -39.78
N LEU H 176 41.47 27.17 -39.22
CA LEU H 176 42.87 26.83 -39.43
C LEU H 176 43.13 26.42 -40.88
N THR H 177 42.21 25.64 -41.47
CA THR H 177 42.46 25.13 -42.81
C THR H 177 42.54 26.22 -43.86
N PRO H 178 41.61 27.16 -43.96
CA PRO H 178 41.81 28.26 -44.92
C PRO H 178 42.97 29.16 -44.55
N TYR H 179 43.22 29.36 -43.25
CA TYR H 179 44.35 30.19 -42.85
C TYR H 179 45.67 29.62 -43.34
N HIS H 180 45.81 28.30 -43.29
CA HIS H 180 47.03 27.67 -43.79
C HIS H 180 47.15 27.81 -45.30
N ALA H 181 46.06 27.53 -46.01
CA ALA H 181 46.09 27.64 -47.48
C ALA H 181 46.49 29.05 -47.91
N ILE H 182 45.94 30.07 -47.25
CA ILE H 182 46.31 31.44 -47.58
C ILE H 182 47.74 31.73 -47.14
N SER H 183 48.13 31.23 -45.96
CA SER H 183 49.46 31.51 -45.44
C SER H 183 50.55 30.99 -46.35
N ARG H 184 50.27 29.93 -47.10
CA ARG H 184 51.29 29.34 -47.96
C ARG H 184 51.75 30.30 -49.06
N VAL H 185 50.92 31.28 -49.43
CA VAL H 185 51.25 32.20 -50.52
C VAL H 185 50.94 33.64 -50.11
N LEU H 186 50.90 33.91 -48.81
CA LEU H 186 50.57 35.26 -48.35
C LEU H 186 51.49 36.32 -48.91
N PRO H 187 52.81 36.10 -49.05
CA PRO H 187 53.66 37.16 -49.62
C PRO H 187 53.26 37.62 -51.02
N LEU H 188 52.53 36.81 -51.78
CA LEU H 188 52.08 37.20 -53.10
C LEU H 188 50.84 38.08 -53.08
N LEU H 189 50.15 38.18 -51.96
CA LEU H 189 48.86 38.86 -51.89
C LEU H 189 49.03 40.27 -51.33
N GLY H 190 49.90 41.04 -51.97
CA GLY H 190 50.07 42.43 -51.63
C GLY H 190 49.02 43.30 -52.29
N PRO H 191 49.07 44.59 -51.96
CA PRO H 191 48.17 45.54 -52.63
C PRO H 191 48.30 45.45 -54.13
N GLY H 192 47.15 45.38 -54.82
CA GLY H 192 47.10 45.19 -56.24
C GLY H 192 46.90 43.75 -56.67
N SER H 193 47.09 42.80 -55.76
CA SER H 193 46.84 41.40 -56.04
C SER H 193 45.34 41.13 -56.03
N THR H 194 44.97 39.93 -56.48
CA THR H 194 43.57 39.51 -56.51
C THR H 194 43.48 38.06 -56.09
N ALA H 195 42.65 37.77 -55.10
CA ALA H 195 42.42 36.43 -54.59
C ALA H 195 41.00 36.00 -54.93
N VAL H 196 40.87 34.91 -55.66
CA VAL H 196 39.57 34.35 -56.02
C VAL H 196 39.24 33.24 -55.04
N VAL H 197 38.03 33.28 -54.48
CA VAL H 197 37.56 32.29 -53.52
C VAL H 197 36.36 31.58 -54.13
N ILE H 198 36.52 30.30 -54.45
CA ILE H 198 35.45 29.48 -55.02
C ILE H 198 34.82 28.69 -53.88
N GLY H 199 33.53 28.94 -53.64
CA GLY H 199 32.82 28.27 -52.56
C GLY H 199 32.89 29.07 -51.27
N VAL H 200 31.84 29.84 -50.99
CA VAL H 200 31.83 30.78 -49.87
C VAL H 200 30.89 30.30 -48.76
N GLY H 201 30.50 29.04 -48.77
CA GLY H 201 29.58 28.53 -47.77
C GLY H 201 30.23 28.25 -46.43
N GLY H 202 31.19 27.34 -46.40
CA GLY H 202 31.82 26.94 -45.16
C GLY H 202 33.18 27.57 -45.01
N LEU H 203 34.24 26.86 -45.38
CA LEU H 203 35.60 27.33 -45.19
C LEU H 203 35.86 28.62 -45.97
N GLY H 204 35.20 28.79 -47.12
CA GLY H 204 35.43 29.99 -47.91
C GLY H 204 34.98 31.25 -47.21
N HIS H 205 33.84 31.18 -46.51
CA HIS H 205 33.37 32.33 -45.75
C HIS H 205 34.43 32.81 -44.77
N VAL H 206 35.08 31.87 -44.07
CA VAL H 206 36.16 32.23 -43.16
C VAL H 206 37.38 32.68 -43.96
N GLY H 207 37.63 32.05 -45.11
CA GLY H 207 38.77 32.45 -45.93
C GLY H 207 38.69 33.89 -46.37
N ILE H 208 37.49 34.35 -46.74
CA ILE H 208 37.31 35.75 -47.11
C ILE H 208 37.68 36.66 -45.96
N GLN H 209 37.23 36.32 -44.75
CA GLN H 209 37.53 37.15 -43.58
C GLN H 209 39.03 37.15 -43.28
N ILE H 210 39.69 36.00 -43.45
CA ILE H 210 41.13 35.93 -43.23
C ILE H 210 41.86 36.84 -44.23
N LEU H 211 41.46 36.79 -45.49
CA LEU H 211 42.13 37.58 -46.51
C LEU H 211 42.01 39.08 -46.21
N ARG H 212 40.83 39.52 -45.76
CA ARG H 212 40.66 40.93 -45.44
C ARG H 212 41.51 41.36 -44.26
N ALA H 213 41.83 40.43 -43.35
CA ALA H 213 42.54 40.77 -42.13
C ALA H 213 44.05 40.77 -42.31
N VAL H 214 44.60 39.84 -43.10
CA VAL H 214 46.04 39.66 -43.20
C VAL H 214 46.59 40.08 -44.55
N SER H 215 45.76 40.68 -45.41
CA SER H 215 46.25 41.11 -46.71
C SER H 215 45.38 42.25 -47.23
N ALA H 216 45.88 42.93 -48.26
CA ALA H 216 45.14 43.97 -48.96
C ALA H 216 44.66 43.50 -50.33
N ALA H 217 44.59 42.20 -50.54
CA ALA H 217 44.21 41.67 -51.84
C ALA H 217 42.74 41.93 -52.14
N ARG H 218 42.45 42.12 -53.43
CA ARG H 218 41.07 42.15 -53.89
C ARG H 218 40.50 40.74 -53.82
N VAL H 219 39.29 40.61 -53.26
CA VAL H 219 38.66 39.32 -53.03
C VAL H 219 37.46 39.20 -53.96
N ILE H 220 37.47 38.18 -54.80
CA ILE H 220 36.37 37.88 -55.72
C ILE H 220 35.72 36.58 -55.27
N ALA H 221 34.43 36.65 -54.93
CA ALA H 221 33.70 35.49 -54.43
C ALA H 221 33.01 34.77 -55.57
N VAL H 222 33.09 33.44 -55.56
CA VAL H 222 32.45 32.59 -56.56
C VAL H 222 31.68 31.51 -55.83
N ASP H 223 30.37 31.42 -56.12
CA ASP H 223 29.52 30.42 -55.51
C ASP H 223 28.28 30.25 -56.39
N LEU H 224 27.53 29.19 -56.10
CA LEU H 224 26.34 28.86 -56.88
C LEU H 224 25.07 29.50 -56.31
N ASP H 225 25.08 29.91 -55.05
CA ASP H 225 23.90 30.42 -54.38
C ASP H 225 23.92 31.95 -54.37
N ASP H 226 22.82 32.56 -54.83
CA ASP H 226 22.72 34.01 -54.81
C ASP H 226 22.89 34.56 -53.39
N ASP H 227 22.27 33.91 -52.40
CA ASP H 227 22.31 34.41 -51.04
C ASP H 227 23.73 34.38 -50.48
N ARG H 228 24.43 33.25 -50.67
CA ARG H 228 25.77 33.13 -50.11
C ARG H 228 26.72 34.16 -50.68
N LEU H 229 26.53 34.56 -51.94
CA LEU H 229 27.36 35.61 -52.50
C LEU H 229 27.11 36.95 -51.80
N ALA H 230 25.84 37.26 -51.51
CA ALA H 230 25.54 38.47 -50.76
C ALA H 230 26.18 38.41 -49.37
N LEU H 231 26.11 37.24 -48.72
CA LEU H 231 26.80 37.07 -47.44
C LEU H 231 28.30 37.27 -47.61
N ALA H 232 28.85 36.83 -48.73
CA ALA H 232 30.29 36.98 -48.97
C ALA H 232 30.68 38.46 -49.08
N ARG H 233 29.86 39.26 -49.77
CA ARG H 233 30.13 40.69 -49.86
C ARG H 233 30.11 41.35 -48.49
N GLU H 234 29.26 40.85 -47.58
CA GLU H 234 29.14 41.46 -46.26
C GLU H 234 30.41 41.28 -45.44
N VAL H 235 31.19 40.24 -45.70
CA VAL H 235 32.39 39.95 -44.92
C VAL H 235 33.66 40.40 -45.61
N GLY H 236 33.57 41.05 -46.77
CA GLY H 236 34.73 41.65 -47.39
C GLY H 236 34.89 41.42 -48.88
N ALA H 237 34.14 40.49 -49.45
CA ALA H 237 34.25 40.23 -50.87
C ALA H 237 33.93 41.50 -51.66
N ASP H 238 34.85 41.88 -52.54
CA ASP H 238 34.68 43.09 -53.36
C ASP H 238 33.88 42.83 -54.63
N ALA H 239 33.73 41.57 -55.04
CA ALA H 239 32.95 41.22 -56.21
C ALA H 239 32.39 39.81 -56.03
N ALA H 240 31.31 39.54 -56.75
CA ALA H 240 30.62 38.26 -56.67
C ALA H 240 30.36 37.72 -58.07
N VAL H 241 30.58 36.41 -58.24
CA VAL H 241 30.42 35.75 -59.52
C VAL H 241 29.73 34.41 -59.29
N LYS H 242 28.94 33.99 -60.28
CA LYS H 242 28.24 32.72 -60.22
C LYS H 242 29.11 31.62 -60.79
N SER H 243 29.18 30.49 -60.09
CA SER H 243 29.91 29.34 -60.60
C SER H 243 29.25 28.82 -61.87
N GLY H 244 30.05 28.20 -62.73
CA GLY H 244 29.59 27.63 -63.97
C GLY H 244 30.55 27.95 -65.10
N ALA H 245 30.09 27.70 -66.33
CA ALA H 245 30.94 27.93 -67.49
C ALA H 245 31.26 29.41 -67.67
N GLY H 246 30.36 30.30 -67.25
CA GLY H 246 30.59 31.72 -67.37
C GLY H 246 31.41 32.33 -66.27
N ALA H 247 31.79 31.56 -65.25
CA ALA H 247 32.53 32.11 -64.13
C ALA H 247 33.90 32.62 -64.57
N ALA H 248 34.62 31.82 -65.37
CA ALA H 248 35.95 32.21 -65.81
C ALA H 248 35.91 33.53 -66.58
N ASP H 249 34.99 33.64 -67.54
CA ASP H 249 34.89 34.88 -68.31
C ASP H 249 34.50 36.05 -67.42
N ALA H 250 33.58 35.83 -66.48
CA ALA H 250 33.14 36.90 -65.60
C ALA H 250 34.29 37.38 -64.71
N ILE H 251 35.09 36.45 -64.18
CA ILE H 251 36.20 36.83 -63.32
C ILE H 251 37.20 37.69 -64.09
N ARG H 252 37.53 37.29 -65.32
CA ARG H 252 38.51 38.03 -66.10
C ARG H 252 37.99 39.42 -66.46
N GLU H 253 36.71 39.53 -66.80
CA GLU H 253 36.13 40.85 -67.00
C GLU H 253 36.28 41.72 -65.77
N LEU H 254 36.28 41.12 -64.58
CA LEU H 254 36.45 41.88 -63.35
C LEU H 254 37.89 42.34 -63.16
N THR H 255 38.85 41.54 -63.61
CA THR H 255 40.27 41.82 -63.40
C THR H 255 40.97 42.25 -64.68
N GLY H 256 40.23 42.57 -65.73
CA GLY H 256 40.88 42.68 -67.01
C GLY H 256 41.46 41.33 -67.40
N GLY H 257 42.29 41.35 -68.43
CA GLY H 257 42.91 40.13 -68.88
C GLY H 257 44.05 39.62 -68.01
N GLN H 258 44.27 40.23 -66.85
CA GLN H 258 45.45 39.89 -66.04
C GLN H 258 45.25 38.61 -65.24
N GLY H 259 44.04 38.34 -64.77
CA GLY H 259 43.78 37.16 -63.98
C GLY H 259 43.95 37.39 -62.50
N ALA H 260 43.87 36.29 -61.76
CA ALA H 260 43.90 36.30 -60.31
C ALA H 260 45.23 35.77 -59.78
N THR H 261 45.82 36.50 -58.84
CA THR H 261 47.10 36.08 -58.27
C THR H 261 47.00 34.69 -57.64
N ALA H 262 45.91 34.44 -56.90
CA ALA H 262 45.71 33.16 -56.25
C ALA H 262 44.24 32.79 -56.30
N VAL H 263 43.98 31.49 -56.40
CA VAL H 263 42.63 30.95 -56.42
C VAL H 263 42.53 29.89 -55.33
N PHE H 264 41.67 30.13 -54.35
CA PHE H 264 41.45 29.19 -53.25
C PHE H 264 40.14 28.47 -53.52
N ASP H 265 40.23 27.25 -54.04
CA ASP H 265 39.06 26.47 -54.39
C ASP H 265 38.66 25.63 -53.19
N PHE H 266 37.62 26.08 -52.49
CA PHE H 266 37.10 25.34 -51.34
C PHE H 266 36.01 24.36 -51.74
N VAL H 267 35.61 24.34 -53.00
CA VAL H 267 34.70 23.30 -53.49
C VAL H 267 35.48 22.04 -53.82
N GLY H 268 36.48 22.16 -54.70
CA GLY H 268 37.31 21.04 -55.07
C GLY H 268 36.77 20.18 -56.19
N ALA H 269 35.66 20.56 -56.79
CA ALA H 269 35.12 19.81 -57.92
C ALA H 269 35.98 20.05 -59.15
N GLN H 270 35.87 19.12 -60.11
CA GLN H 270 36.64 19.25 -61.34
C GLN H 270 36.26 20.54 -62.08
N SER H 271 34.99 20.91 -62.05
CA SER H 271 34.55 22.11 -62.74
C SER H 271 35.11 23.37 -62.09
N THR H 272 35.21 23.39 -60.75
CA THR H 272 35.79 24.55 -60.08
C THR H 272 37.30 24.61 -60.29
N ILE H 273 37.97 23.45 -60.27
CA ILE H 273 39.40 23.42 -60.57
C ILE H 273 39.64 23.92 -61.98
N ASP H 274 38.80 23.49 -62.93
CA ASP H 274 38.92 23.98 -64.30
C ASP H 274 38.78 25.49 -64.35
N THR H 275 37.81 26.04 -63.62
CA THR H 275 37.66 27.50 -63.57
C THR H 275 38.91 28.16 -63.03
N ALA H 276 39.51 27.57 -61.98
CA ALA H 276 40.71 28.17 -61.39
C ALA H 276 41.85 28.23 -62.39
N GLN H 277 42.06 27.14 -63.14
CA GLN H 277 43.16 27.11 -64.10
C GLN H 277 42.96 28.14 -65.21
N GLN H 278 41.72 28.51 -65.50
CA GLN H 278 41.44 29.46 -66.57
C GLN H 278 41.46 30.91 -66.10
N VAL H 279 41.56 31.15 -64.79
CA VAL H 279 41.62 32.52 -64.27
C VAL H 279 42.90 32.81 -63.50
N VAL H 280 43.67 31.79 -63.09
CA VAL H 280 44.89 32.05 -62.34
C VAL H 280 45.86 32.84 -63.20
N ALA H 281 46.57 33.78 -62.57
CA ALA H 281 47.51 34.63 -63.28
C ALA H 281 48.85 33.93 -63.44
N VAL H 282 49.64 34.44 -64.39
CA VAL H 282 51.01 33.95 -64.57
C VAL H 282 51.77 34.12 -63.26
N ASP H 283 52.50 33.08 -62.86
CA ASP H 283 53.25 33.07 -61.61
C ASP H 283 52.32 33.13 -60.40
N GLY H 284 51.08 32.68 -60.56
CA GLY H 284 50.09 32.70 -59.51
C GLY H 284 50.08 31.42 -58.70
N HIS H 285 48.89 31.10 -58.16
CA HIS H 285 48.75 29.95 -57.28
C HIS H 285 47.32 29.47 -57.30
N ILE H 286 47.15 28.15 -57.21
CA ILE H 286 45.84 27.53 -57.03
C ILE H 286 45.92 26.61 -55.82
N SER H 287 45.02 26.81 -54.86
CA SER H 287 44.95 26.00 -53.64
C SER H 287 43.68 25.17 -53.69
N VAL H 288 43.84 23.84 -53.81
CA VAL H 288 42.71 22.92 -53.89
C VAL H 288 42.43 22.44 -52.46
N VAL H 289 41.46 23.09 -51.81
CA VAL H 289 41.14 22.80 -50.42
C VAL H 289 39.93 21.88 -50.31
N GLY H 290 38.96 22.04 -51.20
CA GLY H 290 37.79 21.18 -51.19
C GLY H 290 38.13 19.78 -51.66
N ILE H 291 37.35 18.81 -51.18
CA ILE H 291 37.62 17.39 -51.39
C ILE H 291 36.49 16.82 -52.24
N HIS H 292 36.80 16.51 -53.49
CA HIS H 292 35.91 15.75 -54.36
C HIS H 292 36.72 14.62 -54.98
N ALA H 293 36.44 13.39 -54.56
CA ALA H 293 37.24 12.25 -55.00
C ALA H 293 37.35 12.22 -56.51
N GLY H 294 38.58 12.06 -57.00
CA GLY H 294 38.87 12.02 -58.41
C GLY H 294 39.21 13.37 -59.03
N ALA H 295 38.59 14.44 -58.55
CA ALA H 295 38.88 15.76 -59.07
C ALA H 295 40.34 16.13 -58.82
N HIS H 296 40.95 16.83 -59.77
CA HIS H 296 42.36 17.16 -59.66
C HIS H 296 42.70 18.23 -60.69
N ALA H 297 43.72 19.01 -60.38
CA ALA H 297 44.27 19.97 -61.33
C ALA H 297 45.17 19.26 -62.31
N LYS H 298 45.29 19.82 -63.51
CA LYS H 298 46.12 19.26 -64.58
C LYS H 298 47.25 20.24 -64.84
N VAL H 299 48.40 20.01 -64.20
CA VAL H 299 49.53 20.93 -64.23
C VAL H 299 50.48 20.45 -65.32
N GLY H 300 50.36 21.05 -66.51
CA GLY H 300 51.24 20.74 -67.61
C GLY H 300 51.40 21.96 -68.50
N PHE H 301 52.41 21.90 -69.37
CA PHE H 301 52.70 23.03 -70.24
C PHE H 301 51.50 23.34 -71.12
N PHE H 302 51.09 24.61 -71.13
CA PHE H 302 49.99 25.15 -71.93
C PHE H 302 48.63 24.67 -71.45
N MET H 303 48.56 23.88 -70.39
CA MET H 303 47.30 23.59 -69.70
C MET H 303 47.14 24.43 -68.43
N ILE H 304 48.11 25.28 -68.14
CA ILE H 304 48.08 26.17 -66.97
C ILE H 304 49.13 27.26 -67.21
N PRO H 305 48.91 28.49 -66.77
CA PRO H 305 49.91 29.54 -67.02
C PRO H 305 51.26 29.19 -66.40
N PHE H 306 52.32 29.72 -67.00
CA PHE H 306 53.67 29.53 -66.49
C PHE H 306 53.76 30.02 -65.04
N GLY H 307 54.50 29.29 -64.23
CA GLY H 307 54.80 29.71 -62.87
C GLY H 307 53.66 29.58 -61.88
N ALA H 308 52.47 29.16 -62.32
CA ALA H 308 51.32 29.02 -61.42
C ALA H 308 51.41 27.69 -60.70
N SER H 309 51.71 27.74 -59.40
CA SER H 309 51.83 26.52 -58.61
C SER H 309 50.47 26.06 -58.13
N VAL H 310 50.33 24.73 -57.99
CA VAL H 310 49.11 24.11 -57.48
C VAL H 310 49.50 23.22 -56.32
N VAL H 311 48.64 23.17 -55.30
CA VAL H 311 48.89 22.35 -54.11
C VAL H 311 47.55 21.97 -53.49
N THR H 312 47.55 20.82 -52.82
CA THR H 312 46.45 20.42 -51.95
C THR H 312 46.91 20.58 -50.52
N PRO H 313 46.61 21.69 -49.84
CA PRO H 313 47.09 21.86 -48.47
C PRO H 313 46.33 20.96 -47.51
N TYR H 314 46.94 20.72 -46.36
CA TYR H 314 46.37 19.86 -45.33
C TYR H 314 46.31 20.62 -44.02
N TRP H 315 45.10 20.94 -43.57
CA TRP H 315 44.84 21.48 -42.23
C TRP H 315 45.76 22.68 -42.01
N GLY H 316 46.52 22.73 -40.92
CA GLY H 316 47.44 23.84 -40.70
C GLY H 316 48.39 23.50 -39.58
N THR H 317 49.30 24.43 -39.32
CA THR H 317 50.30 24.28 -38.28
C THR H 317 49.79 24.82 -36.96
N ARG H 318 50.48 24.47 -35.88
CA ARG H 318 50.07 24.91 -34.54
C ARG H 318 50.17 26.43 -34.42
N SER H 319 51.30 27.00 -34.85
CA SER H 319 51.46 28.45 -34.79
C SER H 319 50.37 29.16 -35.56
N GLU H 320 49.90 28.56 -36.67
CA GLU H 320 48.80 29.16 -37.41
C GLU H 320 47.50 29.10 -36.62
N LEU H 321 47.28 28.01 -35.90
CA LEU H 321 46.10 27.93 -35.04
C LEU H 321 46.13 29.02 -33.97
N MET H 322 47.31 29.28 -33.40
CA MET H 322 47.43 30.40 -32.46
C MET H 322 47.05 31.71 -33.14
N GLU H 323 47.48 31.90 -34.39
CA GLU H 323 47.16 33.13 -35.10
C GLU H 323 45.69 33.21 -35.44
N VAL H 324 45.04 32.08 -35.73
CA VAL H 324 43.60 32.09 -35.96
C VAL H 324 42.86 32.45 -34.68
N VAL H 325 43.31 31.92 -33.54
CA VAL H 325 42.70 32.29 -32.26
C VAL H 325 42.86 33.78 -32.02
N ALA H 326 44.04 34.33 -32.32
CA ALA H 326 44.26 35.76 -32.13
C ALA H 326 43.31 36.58 -33.00
N LEU H 327 43.12 36.18 -34.25
CA LEU H 327 42.17 36.86 -35.12
C LEU H 327 40.77 36.84 -34.50
N ALA H 328 40.35 35.68 -34.00
CA ALA H 328 39.02 35.58 -33.40
C ALA H 328 38.91 36.46 -32.16
N ARG H 329 39.93 36.44 -31.30
CA ARG H 329 39.89 37.24 -30.08
C ARG H 329 39.91 38.73 -30.40
N ALA H 330 40.47 39.12 -31.55
CA ALA H 330 40.50 40.52 -31.96
C ALA H 330 39.24 40.93 -32.70
N GLY H 331 38.26 40.04 -32.85
CA GLY H 331 37.02 40.38 -33.52
C GLY H 331 37.08 40.36 -35.03
N ARG H 332 38.09 39.72 -35.62
CA ARG H 332 38.27 39.73 -37.07
C ARG H 332 37.67 38.50 -37.75
N LEU H 333 37.33 37.45 -37.00
CA LEU H 333 36.71 36.25 -37.55
C LEU H 333 35.38 36.03 -36.87
N ASP H 334 34.33 35.82 -37.67
CA ASP H 334 33.00 35.49 -37.18
C ASP H 334 32.47 34.32 -37.99
N ILE H 335 32.14 33.22 -37.31
CA ILE H 335 31.59 32.03 -37.94
C ILE H 335 30.21 31.79 -37.34
N HIS H 336 29.20 31.72 -38.20
CA HIS H 336 27.86 31.41 -37.76
C HIS H 336 27.80 29.96 -37.26
N THR H 337 27.27 29.78 -36.06
CA THR H 337 27.23 28.47 -35.41
C THR H 337 25.80 28.13 -35.02
N GLU H 338 25.39 26.90 -35.30
CA GLU H 338 24.13 26.35 -34.83
C GLU H 338 24.46 25.28 -33.79
N THR H 339 23.96 25.45 -32.58
CA THR H 339 24.31 24.59 -31.46
C THR H 339 23.40 23.37 -31.43
N PHE H 340 23.97 22.22 -31.06
CA PHE H 340 23.23 21.01 -30.77
C PHE H 340 23.73 20.44 -29.46
N THR H 341 22.86 19.70 -28.78
CA THR H 341 23.27 19.00 -27.57
C THR H 341 23.95 17.68 -27.93
N LEU H 342 24.66 17.12 -26.95
CA LEU H 342 25.38 15.88 -27.20
C LEU H 342 24.43 14.76 -27.62
N ASP H 343 23.27 14.66 -26.97
CA ASP H 343 22.31 13.62 -27.34
C ASP H 343 21.76 13.82 -28.74
N GLU H 344 21.80 15.04 -29.27
CA GLU H 344 21.36 15.32 -30.63
C GLU H 344 22.52 15.25 -31.64
N GLY H 345 23.68 14.76 -31.22
CA GLY H 345 24.81 14.63 -32.10
C GLY H 345 24.46 13.92 -33.40
N PRO H 346 23.93 12.70 -33.31
CA PRO H 346 23.54 11.98 -34.53
C PRO H 346 22.54 12.76 -35.36
N ALA H 347 21.59 13.44 -34.72
CA ALA H 347 20.63 14.25 -35.48
C ALA H 347 21.35 15.38 -36.22
N ALA H 348 22.35 15.99 -35.58
CA ALA H 348 23.08 17.07 -36.23
C ALA H 348 23.79 16.59 -37.48
N TYR H 349 24.36 15.38 -37.43
CA TYR H 349 25.04 14.84 -38.61
C TYR H 349 24.05 14.61 -39.75
N ARG H 350 22.82 14.18 -39.41
CA ARG H 350 21.80 14.04 -40.44
C ARG H 350 21.50 15.37 -41.10
N ARG H 351 21.34 16.42 -40.30
CA ARG H 351 21.18 17.76 -40.86
C ARG H 351 22.38 18.15 -41.71
N LEU H 352 23.58 17.77 -41.27
CA LEU H 352 24.77 18.06 -42.05
C LEU H 352 24.74 17.36 -43.40
N ARG H 353 24.21 16.14 -43.44
CA ARG H 353 24.15 15.40 -44.69
C ARG H 353 23.29 16.12 -45.73
N GLU H 354 22.10 16.56 -45.32
CA GLU H 354 21.18 17.23 -46.22
C GLU H 354 21.53 18.71 -46.43
N GLY H 355 22.68 19.16 -45.94
CA GLY H 355 23.10 20.53 -46.16
C GLY H 355 22.15 21.57 -45.59
N SER H 356 21.48 21.26 -44.48
CA SER H 356 20.54 22.17 -43.85
C SER H 356 21.13 22.89 -42.65
N ILE H 357 22.45 22.85 -42.48
CA ILE H 357 23.13 23.60 -41.43
C ILE H 357 23.78 24.81 -42.10
N ARG H 358 23.21 25.98 -41.90
CA ARG H 358 23.84 27.23 -42.34
C ARG H 358 24.73 27.73 -41.21
N GLY H 359 26.03 27.79 -41.47
CA GLY H 359 27.02 27.93 -40.43
C GLY H 359 27.66 26.58 -40.13
N ARG H 360 28.34 26.53 -39.00
CA ARG H 360 29.03 25.32 -38.55
C ARG H 360 28.31 24.74 -37.35
N GLY H 361 27.93 23.47 -37.45
CA GLY H 361 27.33 22.80 -36.32
C GLY H 361 28.34 22.58 -35.20
N VAL H 362 27.90 22.81 -33.97
CA VAL H 362 28.73 22.66 -32.79
C VAL H 362 27.94 21.95 -31.72
N VAL H 363 28.55 20.95 -31.09
CA VAL H 363 27.90 20.14 -30.06
C VAL H 363 28.45 20.56 -28.70
N VAL H 364 27.56 20.84 -27.76
CA VAL H 364 27.93 21.30 -26.42
C VAL H 364 27.54 20.23 -25.41
N PRO H 365 28.49 19.45 -24.87
CA PRO H 365 28.16 18.44 -23.85
C PRO H 365 27.59 19.06 -22.57
N ARG I 17 16.01 23.45 -15.34
CA ARG I 17 15.71 23.46 -16.78
C ARG I 17 16.95 23.81 -17.59
N GLY I 18 17.06 23.21 -18.77
CA GLY I 18 18.15 23.49 -19.68
C GLY I 18 17.97 24.79 -20.43
N SER I 19 18.79 24.96 -21.46
CA SER I 19 18.73 26.15 -22.31
C SER I 19 18.25 25.84 -23.72
N HIS I 20 18.01 24.58 -24.05
CA HIS I 20 17.50 24.19 -25.36
C HIS I 20 16.38 23.18 -25.17
N MET I 21 15.52 23.07 -26.18
CA MET I 21 14.32 22.27 -26.08
C MET I 21 14.02 21.57 -27.41
N LYS I 22 13.35 20.43 -27.32
CA LYS I 22 12.84 19.76 -28.50
C LYS I 22 11.51 20.40 -28.92
N ALA I 23 11.32 20.56 -30.22
CA ALA I 23 10.08 21.13 -30.73
C ALA I 23 9.78 20.53 -32.11
N VAL I 24 8.49 20.49 -32.43
CA VAL I 24 8.01 20.03 -33.73
C VAL I 24 7.52 21.25 -34.49
N GLN I 25 8.12 21.54 -35.63
CA GLN I 25 7.84 22.77 -36.35
C GLN I 25 7.55 22.51 -37.83
N TYR I 26 6.60 23.27 -38.36
CA TYR I 26 6.44 23.43 -39.80
C TYR I 26 7.49 24.42 -40.27
N THR I 27 8.51 23.94 -40.99
CA THR I 27 9.69 24.74 -41.29
C THR I 27 9.73 25.26 -42.72
N GLU I 28 9.04 24.61 -43.66
CA GLU I 28 8.97 25.11 -45.02
C GLU I 28 7.70 24.57 -45.68
N ILE I 29 7.13 25.37 -46.59
CA ILE I 29 5.87 25.02 -47.20
C ILE I 29 5.99 23.71 -47.95
N GLY I 30 4.91 22.93 -47.95
CA GLY I 30 4.86 21.66 -48.65
C GLY I 30 5.67 20.56 -48.01
N SER I 31 6.35 20.81 -46.90
CA SER I 31 7.16 19.82 -46.22
C SER I 31 6.45 19.31 -44.97
N GLU I 32 6.87 18.13 -44.52
CA GLU I 32 6.32 17.57 -43.31
C GLU I 32 6.97 18.20 -42.08
N PRO I 33 6.27 18.24 -40.95
CA PRO I 33 6.90 18.77 -39.73
C PRO I 33 8.08 17.92 -39.32
N VAL I 34 9.04 18.55 -38.64
CA VAL I 34 10.26 17.89 -38.22
C VAL I 34 10.57 18.27 -36.78
N VAL I 35 11.24 17.36 -36.09
CA VAL I 35 11.76 17.66 -34.75
C VAL I 35 13.00 18.53 -34.91
N VAL I 36 13.15 19.51 -34.02
CA VAL I 36 14.23 20.48 -34.09
C VAL I 36 14.80 20.69 -32.69
N ASP I 37 15.80 21.55 -32.60
CA ASP I 37 16.48 21.87 -31.34
C ASP I 37 16.55 23.39 -31.24
N ILE I 38 15.68 23.97 -30.40
CA ILE I 38 15.55 25.42 -30.30
C ILE I 38 15.74 25.83 -28.85
N PRO I 39 16.08 27.10 -28.62
CA PRO I 39 16.32 27.55 -27.24
C PRO I 39 15.05 27.53 -26.40
N THR I 40 15.23 27.34 -25.11
CA THR I 40 14.11 27.36 -24.17
C THR I 40 13.63 28.79 -23.98
N PRO I 41 12.40 29.13 -24.37
CA PRO I 41 11.93 30.52 -24.16
C PRO I 41 12.03 30.94 -22.70
N THR I 42 12.08 32.26 -22.51
CA THR I 42 12.09 32.85 -21.18
C THR I 42 10.91 33.80 -21.04
N PRO I 43 10.22 33.81 -19.89
CA PRO I 43 9.00 34.63 -19.76
C PRO I 43 9.33 36.07 -19.41
N GLY I 44 8.88 37.00 -20.25
CA GLY I 44 9.00 38.41 -19.97
C GLY I 44 7.99 38.84 -18.93
N PRO I 45 7.75 40.15 -18.81
CA PRO I 45 6.79 40.63 -17.81
C PRO I 45 5.36 40.39 -18.28
N GLY I 46 4.54 39.82 -17.41
CA GLY I 46 3.18 39.46 -17.75
C GLY I 46 3.03 38.12 -18.44
N GLU I 47 4.13 37.50 -18.87
CA GLU I 47 4.09 36.21 -19.55
C GLU I 47 4.24 35.08 -18.53
N ILE I 48 3.95 33.86 -19.00
CA ILE I 48 4.09 32.65 -18.20
C ILE I 48 4.74 31.59 -19.06
N LEU I 49 5.68 30.85 -18.47
CA LEU I 49 6.30 29.70 -19.12
C LEU I 49 5.75 28.44 -18.49
N LEU I 50 5.33 27.49 -19.33
CA LEU I 50 4.77 26.23 -18.87
C LEU I 50 5.69 25.08 -19.25
N LYS I 51 5.69 24.06 -18.41
CA LYS I 51 6.27 22.76 -18.77
C LYS I 51 5.15 21.95 -19.41
N VAL I 52 5.18 21.81 -20.74
CA VAL I 52 4.09 21.17 -21.45
C VAL I 52 3.93 19.74 -20.95
N THR I 53 2.69 19.39 -20.59
CA THR I 53 2.36 18.04 -20.17
C THR I 53 1.56 17.26 -21.21
N ALA I 54 0.96 17.95 -22.18
CA ALA I 54 0.27 17.28 -23.29
C ALA I 54 0.01 18.32 -24.37
N ALA I 55 0.21 17.92 -25.63
CA ALA I 55 0.02 18.80 -26.78
C ALA I 55 -0.78 18.04 -27.83
N GLY I 56 -2.05 18.38 -27.96
CA GLY I 56 -2.89 17.70 -28.92
C GLY I 56 -2.63 18.16 -30.35
N LEU I 57 -2.80 17.22 -31.28
CA LEU I 57 -2.74 17.51 -32.70
C LEU I 57 -4.12 17.28 -33.30
N CYS I 58 -4.37 17.94 -34.43
CA CYS I 58 -5.71 18.03 -34.98
C CYS I 58 -5.62 18.24 -36.48
N HIS I 59 -6.68 17.82 -37.19
CA HIS I 59 -6.70 17.98 -38.64
C HIS I 59 -6.59 19.44 -39.06
N SER I 60 -6.89 20.38 -38.16
CA SER I 60 -6.68 21.78 -38.48
C SER I 60 -5.21 22.06 -38.76
N ASP I 61 -4.30 21.41 -38.03
CA ASP I 61 -2.89 21.50 -38.35
C ASP I 61 -2.62 21.02 -39.77
N ILE I 62 -3.31 19.95 -40.19
CA ILE I 62 -3.16 19.45 -41.56
C ILE I 62 -3.65 20.49 -42.55
N PHE I 63 -4.80 21.11 -42.28
CA PHE I 63 -5.33 22.13 -43.17
C PHE I 63 -4.35 23.28 -43.34
N VAL I 64 -3.66 23.66 -42.26
CA VAL I 64 -2.70 24.76 -42.34
C VAL I 64 -1.51 24.36 -43.21
N MET I 65 -0.97 23.17 -42.99
CA MET I 65 0.20 22.73 -43.75
C MET I 65 -0.15 22.41 -45.20
N ASP I 66 -1.42 22.18 -45.51
CA ASP I 66 -1.86 22.04 -46.89
C ASP I 66 -1.94 23.37 -47.62
N MET I 67 -1.59 24.47 -46.96
CA MET I 67 -1.64 25.79 -47.58
C MET I 67 -0.70 25.85 -48.77
N PRO I 68 -1.20 26.08 -49.99
CA PRO I 68 -0.29 26.20 -51.14
C PRO I 68 0.74 27.30 -50.92
N ALA I 69 1.93 27.08 -51.48
CA ALA I 69 3.02 28.04 -51.32
C ALA I 69 2.69 29.37 -51.99
N ALA I 70 1.82 29.36 -53.01
CA ALA I 70 1.45 30.60 -53.67
C ALA I 70 0.73 31.56 -52.74
N GLN I 71 0.16 31.06 -51.63
CA GLN I 71 -0.51 31.90 -50.66
C GLN I 71 0.41 32.39 -49.55
N TYR I 72 1.66 31.90 -49.51
CA TYR I 72 2.54 32.15 -48.38
C TYR I 72 3.08 33.57 -48.39
N ALA I 73 3.08 34.20 -47.22
CA ALA I 73 3.66 35.51 -47.01
C ALA I 73 4.70 35.53 -45.90
N TYR I 74 4.42 34.88 -44.77
CA TYR I 74 5.35 34.83 -43.64
C TYR I 74 4.79 33.85 -42.62
N GLY I 75 5.61 33.54 -41.61
CA GLY I 75 5.16 32.70 -40.51
C GLY I 75 6.17 31.67 -40.05
N LEU I 76 6.94 31.11 -41.00
CA LEU I 76 7.85 30.02 -40.65
C LEU I 76 9.13 30.56 -40.03
N PRO I 77 9.77 29.79 -39.12
CA PRO I 77 9.35 28.49 -38.59
C PRO I 77 8.22 28.64 -37.58
N LEU I 78 7.48 27.57 -37.28
CA LEU I 78 6.31 27.64 -36.42
C LEU I 78 6.25 26.38 -35.58
N THR I 79 6.42 26.53 -34.27
CA THR I 79 6.20 25.41 -33.34
C THR I 79 4.71 25.06 -33.34
N LEU I 80 4.40 23.83 -33.74
CA LEU I 80 3.01 23.42 -33.89
C LEU I 80 2.37 23.16 -32.52
N GLY I 81 1.05 23.05 -32.52
CA GLY I 81 0.30 22.71 -31.33
C GLY I 81 -0.57 23.84 -30.81
N HIS I 82 -1.86 23.79 -31.14
CA HIS I 82 -2.83 24.76 -30.63
C HIS I 82 -3.72 24.17 -29.55
N GLU I 83 -3.43 22.96 -29.08
CA GLU I 83 -4.18 22.28 -28.02
C GLU I 83 -3.19 21.97 -26.90
N GLY I 84 -2.92 22.97 -26.06
CA GLY I 84 -1.82 22.91 -25.11
C GLY I 84 -2.30 22.79 -23.67
N VAL I 85 -1.59 21.97 -22.90
CA VAL I 85 -1.79 21.81 -21.47
CA VAL I 85 -1.78 21.87 -21.46
C VAL I 85 -0.42 21.68 -20.82
N GLY I 86 -0.29 22.16 -19.59
CA GLY I 86 0.99 22.06 -18.91
C GLY I 86 0.89 22.57 -17.49
N THR I 87 2.04 22.54 -16.82
CA THR I 87 2.18 23.05 -15.46
C THR I 87 2.99 24.33 -15.48
N VAL I 88 2.63 25.27 -14.61
CA VAL I 88 3.34 26.54 -14.54
C VAL I 88 4.78 26.28 -14.16
N ALA I 89 5.71 26.74 -15.00
CA ALA I 89 7.14 26.59 -14.75
C ALA I 89 7.72 27.83 -14.07
N GLU I 90 7.58 28.98 -14.71
CA GLU I 90 8.13 30.23 -14.18
C GLU I 90 7.14 31.35 -14.42
N LEU I 91 6.88 32.15 -13.38
CA LEU I 91 5.99 33.30 -13.49
C LEU I 91 6.79 34.51 -13.95
N GLY I 92 6.33 35.14 -15.04
CA GLY I 92 6.94 36.37 -15.49
C GLY I 92 6.76 37.49 -14.46
N GLU I 93 7.42 38.60 -14.75
CA GLU I 93 7.41 39.74 -13.82
C GLU I 93 5.98 40.21 -13.59
N GLY I 94 5.58 40.25 -12.32
CA GLY I 94 4.30 40.80 -11.94
C GLY I 94 3.10 39.90 -12.16
N VAL I 95 3.32 38.64 -12.53
CA VAL I 95 2.21 37.72 -12.81
C VAL I 95 1.72 37.13 -11.50
N THR I 96 0.54 37.56 -11.07
CA THR I 96 -0.17 36.93 -9.96
C THR I 96 -1.35 36.13 -10.51
N GLY I 97 -1.81 35.17 -9.71
CA GLY I 97 -2.94 34.33 -10.05
C GLY I 97 -2.63 32.85 -10.06
N PHE I 98 -1.39 32.48 -10.39
CA PHE I 98 -0.97 31.10 -10.46
C PHE I 98 0.36 30.91 -9.76
N GLY I 99 0.51 29.78 -9.07
CA GLY I 99 1.77 29.38 -8.50
C GLY I 99 2.44 28.31 -9.35
N VAL I 100 3.76 28.21 -9.20
CA VAL I 100 4.51 27.23 -9.99
C VAL I 100 3.97 25.83 -9.71
N GLY I 101 3.82 25.05 -10.78
CA GLY I 101 3.28 23.71 -10.70
C GLY I 101 1.80 23.60 -11.01
N ASP I 102 1.08 24.71 -11.05
CA ASP I 102 -0.35 24.68 -11.32
C ASP I 102 -0.63 24.11 -12.70
N ALA I 103 -1.52 23.13 -12.76
CA ALA I 103 -1.91 22.53 -14.03
C ALA I 103 -2.94 23.42 -14.73
N VAL I 104 -2.64 23.80 -15.97
CA VAL I 104 -3.46 24.75 -16.71
C VAL I 104 -3.56 24.32 -18.17
N ALA I 105 -4.72 24.61 -18.76
CA ALA I 105 -4.93 24.48 -20.19
C ALA I 105 -4.77 25.84 -20.85
N VAL I 106 -4.31 25.83 -22.10
CA VAL I 106 -4.00 27.05 -22.83
C VAL I 106 -5.20 27.41 -23.70
N TYR I 107 -5.80 28.56 -23.43
CA TYR I 107 -6.87 29.07 -24.27
C TYR I 107 -6.32 29.49 -25.63
N GLY I 108 -6.92 28.98 -26.70
CA GLY I 108 -6.35 29.07 -28.02
C GLY I 108 -6.51 30.42 -28.68
N PRO I 109 -7.76 30.81 -28.97
CA PRO I 109 -7.97 32.00 -29.80
C PRO I 109 -7.64 33.30 -29.08
N TRP I 110 -6.35 33.61 -29.00
CA TRP I 110 -5.89 34.79 -28.27
C TRP I 110 -6.48 36.06 -28.90
N GLY I 111 -6.93 36.97 -28.04
CA GLY I 111 -7.47 38.25 -28.45
C GLY I 111 -6.69 39.41 -27.84
N CYS I 112 -7.12 40.61 -28.21
CA CYS I 112 -6.44 41.82 -27.72
C CYS I 112 -6.76 42.09 -26.25
N GLY I 113 -7.96 41.72 -25.79
CA GLY I 113 -8.35 41.90 -24.42
C GLY I 113 -8.97 43.24 -24.08
N ALA I 114 -9.00 44.17 -25.04
CA ALA I 114 -9.46 45.53 -24.79
C ALA I 114 -10.66 45.97 -25.62
N CYS I 115 -10.94 45.32 -26.74
CA CYS I 115 -12.07 45.71 -27.56
C CYS I 115 -13.38 45.28 -26.89
N HIS I 116 -14.50 45.71 -27.49
CA HIS I 116 -15.81 45.39 -26.94
C HIS I 116 -16.01 43.88 -26.85
N ALA I 117 -15.71 43.15 -27.93
CA ALA I 117 -15.88 41.71 -27.92
C ALA I 117 -15.04 41.06 -26.83
N CYS I 118 -13.78 41.47 -26.70
CA CYS I 118 -12.93 40.91 -25.66
C CYS I 118 -13.45 41.25 -24.28
N ALA I 119 -13.96 42.47 -24.09
CA ALA I 119 -14.47 42.87 -22.79
C ALA I 119 -15.72 42.09 -22.38
N ARG I 120 -16.44 41.52 -23.34
CA ARG I 120 -17.60 40.68 -23.04
C ARG I 120 -17.23 39.24 -22.78
N GLY I 121 -15.97 38.86 -22.97
CA GLY I 121 -15.53 37.49 -22.80
C GLY I 121 -15.34 36.72 -24.10
N ARG I 122 -15.77 37.27 -25.22
CA ARG I 122 -15.72 36.59 -26.51
C ARG I 122 -14.44 36.99 -27.26
N GLU I 123 -13.30 36.52 -26.73
CA GLU I 123 -12.02 36.83 -27.34
C GLU I 123 -11.88 36.19 -28.71
N ASN I 124 -12.54 35.05 -28.94
CA ASN I 124 -12.49 34.41 -30.25
C ASN I 124 -13.04 35.31 -31.35
N TYR I 125 -13.85 36.31 -30.99
CA TYR I 125 -14.40 37.25 -31.95
C TYR I 125 -13.80 38.65 -31.78
N CYS I 126 -12.56 38.71 -31.30
CA CYS I 126 -11.86 39.98 -31.16
C CYS I 126 -11.77 40.69 -32.50
N THR I 127 -12.15 41.97 -32.52
CA THR I 127 -12.17 42.76 -33.74
C THR I 127 -10.83 43.43 -34.02
N ARG I 128 -9.82 43.21 -33.18
CA ARG I 128 -8.52 43.86 -33.33
C ARG I 128 -7.37 42.88 -33.46
N ALA I 129 -7.58 41.59 -33.21
CA ALA I 129 -6.47 40.65 -33.26
C ALA I 129 -5.83 40.60 -34.65
N ALA I 130 -6.63 40.65 -35.71
CA ALA I 130 -6.08 40.62 -37.05
C ALA I 130 -5.22 41.86 -37.31
N ASP I 131 -5.72 43.04 -36.93
CA ASP I 131 -4.95 44.25 -37.14
C ASP I 131 -3.65 44.25 -36.34
N LEU I 132 -3.69 43.71 -35.12
CA LEU I 132 -2.53 43.70 -34.24
C LEU I 132 -1.61 42.52 -34.44
N GLY I 133 -1.98 41.57 -35.31
CA GLY I 133 -1.15 40.40 -35.51
C GLY I 133 -1.16 39.44 -34.34
N ILE I 134 -2.22 39.44 -33.54
CA ILE I 134 -2.36 38.49 -32.44
C ILE I 134 -2.87 37.17 -33.01
N THR I 135 -2.09 36.11 -32.85
CA THR I 135 -2.39 34.81 -33.42
C THR I 135 -2.37 33.76 -32.33
N PRO I 136 -3.07 32.64 -32.54
CA PRO I 136 -3.13 31.60 -31.49
C PRO I 136 -1.85 30.80 -31.44
N PRO I 137 -1.57 30.15 -30.31
CA PRO I 137 -0.39 29.27 -30.25
C PRO I 137 -0.53 28.12 -31.25
N GLY I 138 0.57 27.81 -31.92
CA GLY I 138 0.58 26.76 -32.92
C GLY I 138 -0.07 27.14 -34.23
N LEU I 139 -0.61 28.35 -34.35
CA LEU I 139 -1.25 28.82 -35.58
C LEU I 139 -0.80 30.25 -35.88
N GLY I 140 0.47 30.53 -35.64
CA GLY I 140 1.02 31.87 -35.84
C GLY I 140 1.98 32.24 -34.74
N SER I 141 1.78 31.69 -33.55
CA SER I 141 2.63 31.88 -32.39
C SER I 141 3.20 30.53 -31.96
N PRO I 142 4.26 30.52 -31.16
CA PRO I 142 4.87 29.24 -30.76
C PRO I 142 3.84 28.34 -30.07
N GLY I 143 3.71 27.13 -30.60
CA GLY I 143 2.70 26.20 -30.14
C GLY I 143 3.13 25.42 -28.91
N SER I 144 2.28 24.45 -28.55
CA SER I 144 2.48 23.66 -27.35
C SER I 144 3.32 22.40 -27.57
N MET I 145 3.56 22.01 -28.82
CA MET I 145 4.31 20.78 -29.09
C MET I 145 5.81 21.05 -28.92
N ALA I 146 6.19 21.27 -27.66
CA ALA I 146 7.58 21.47 -27.28
C ALA I 146 7.66 21.24 -25.78
N GLU I 147 8.89 21.13 -25.28
CA GLU I 147 9.06 20.89 -23.85
C GLU I 147 8.53 22.05 -23.02
N TYR I 148 8.57 23.26 -23.56
CA TYR I 148 7.99 24.42 -22.89
C TYR I 148 7.37 25.34 -23.93
N MET I 149 6.51 26.24 -23.45
CA MET I 149 5.90 27.24 -24.31
C MET I 149 5.65 28.49 -23.50
N ILE I 150 5.46 29.60 -24.21
CA ILE I 150 5.13 30.88 -23.60
C ILE I 150 3.65 31.15 -23.80
N VAL I 151 2.98 31.58 -22.74
CA VAL I 151 1.60 32.07 -22.80
C VAL I 151 1.65 33.57 -22.52
N ASP I 152 1.02 34.35 -23.39
CA ASP I 152 1.24 35.80 -23.37
C ASP I 152 0.68 36.44 -22.11
N SER I 153 -0.44 35.92 -21.60
CA SER I 153 -1.10 36.55 -20.46
C SER I 153 -1.75 35.49 -19.59
N ALA I 154 -1.92 35.84 -18.31
CA ALA I 154 -2.51 34.91 -17.36
C ALA I 154 -3.95 34.57 -17.73
N ARG I 155 -4.67 35.48 -18.37
CA ARG I 155 -6.06 35.21 -18.71
C ARG I 155 -6.21 34.13 -19.77
N HIS I 156 -5.12 33.73 -20.42
CA HIS I 156 -5.15 32.65 -21.41
C HIS I 156 -4.80 31.30 -20.81
N LEU I 157 -4.84 31.19 -19.47
CA LEU I 157 -4.66 29.93 -18.78
C LEU I 157 -5.95 29.56 -18.05
N VAL I 158 -6.36 28.31 -18.16
CA VAL I 158 -7.54 27.78 -17.49
C VAL I 158 -7.09 26.65 -16.58
N PRO I 159 -7.28 26.75 -15.27
CA PRO I 159 -6.84 25.65 -14.39
C PRO I 159 -7.66 24.39 -14.65
N ILE I 160 -7.00 23.24 -14.54
CA ILE I 160 -7.64 21.94 -14.73
C ILE I 160 -7.52 21.03 -13.52
N GLY I 161 -6.77 21.42 -12.49
CA GLY I 161 -6.68 20.60 -11.30
C GLY I 161 -6.01 19.27 -11.60
N ASP I 162 -6.55 18.20 -11.02
CA ASP I 162 -6.02 16.86 -11.20
C ASP I 162 -6.52 16.18 -12.46
N LEU I 163 -7.11 16.93 -13.40
CA LEU I 163 -7.55 16.35 -14.65
C LEU I 163 -6.35 15.87 -15.46
N ASP I 164 -6.45 14.67 -16.01
CA ASP I 164 -5.35 14.10 -16.80
C ASP I 164 -5.03 15.01 -17.97
N PRO I 165 -3.79 15.50 -18.10
CA PRO I 165 -3.48 16.41 -19.22
C PRO I 165 -3.80 15.82 -20.59
N VAL I 166 -3.61 14.51 -20.78
CA VAL I 166 -3.92 13.90 -22.07
C VAL I 166 -5.41 14.00 -22.35
N ALA I 167 -6.25 13.88 -21.32
CA ALA I 167 -7.68 14.04 -21.51
C ALA I 167 -8.04 15.49 -21.76
N ALA I 168 -7.28 16.43 -21.17
CA ALA I 168 -7.62 17.85 -21.28
C ALA I 168 -7.19 18.45 -22.61
N ALA I 169 -6.09 17.99 -23.18
CA ALA I 169 -5.55 18.62 -24.39
C ALA I 169 -6.55 18.64 -25.54
N PRO I 170 -7.17 17.53 -25.92
CA PRO I 170 -8.11 17.60 -27.06
C PRO I 170 -9.31 18.48 -26.81
N LEU I 171 -9.70 18.65 -25.55
CA LEU I 171 -10.91 19.41 -25.24
C LEU I 171 -10.71 20.92 -25.41
N THR I 172 -9.48 21.39 -25.59
CA THR I 172 -9.25 22.80 -25.89
C THR I 172 -9.76 23.17 -27.28
N ASP I 173 -9.93 22.18 -28.15
CA ASP I 173 -10.50 22.40 -29.48
C ASP I 173 -11.69 21.47 -29.73
N ALA I 174 -11.48 20.15 -29.64
CA ALA I 174 -12.56 19.21 -29.90
C ALA I 174 -13.71 19.35 -28.90
N GLY I 175 -13.46 19.96 -27.74
CA GLY I 175 -14.51 20.21 -26.78
C GLY I 175 -15.02 21.64 -26.86
N LEU I 176 -14.10 22.60 -26.86
CA LEU I 176 -14.48 24.00 -26.85
C LEU I 176 -15.23 24.40 -28.11
N THR I 177 -14.79 23.91 -29.27
CA THR I 177 -15.40 24.34 -30.52
C THR I 177 -16.85 23.86 -30.65
N PRO I 178 -17.16 22.58 -30.46
CA PRO I 178 -18.58 22.19 -30.47
C PRO I 178 -19.37 22.82 -29.32
N TYR I 179 -18.73 23.00 -28.16
CA TYR I 179 -19.43 23.61 -27.03
C TYR I 179 -19.89 25.02 -27.38
N HIS I 180 -19.03 25.80 -28.03
CA HIS I 180 -19.40 27.15 -28.42
C HIS I 180 -20.53 27.13 -29.45
N ALA I 181 -20.41 26.28 -30.47
CA ALA I 181 -21.45 26.18 -31.48
C ALA I 181 -22.80 25.85 -30.84
N ILE I 182 -22.82 24.88 -29.92
CA ILE I 182 -24.05 24.52 -29.23
C ILE I 182 -24.54 25.68 -28.37
N SER I 183 -23.63 26.32 -27.64
CA SER I 183 -24.04 27.39 -26.72
C SER I 183 -24.69 28.55 -27.45
N ARG I 184 -24.32 28.79 -28.71
CA ARG I 184 -24.89 29.91 -29.45
C ARG I 184 -26.40 29.83 -29.53
N VAL I 185 -26.96 28.62 -29.49
CA VAL I 185 -28.40 28.43 -29.68
C VAL I 185 -28.97 27.49 -28.62
N LEU I 186 -28.26 27.33 -27.51
CA LEU I 186 -28.72 26.40 -26.48
C LEU I 186 -30.14 26.70 -25.99
N PRO I 187 -30.57 27.97 -25.85
CA PRO I 187 -31.95 28.22 -25.41
C PRO I 187 -32.99 27.59 -26.32
N LEU I 188 -32.66 27.33 -27.59
CA LEU I 188 -33.61 26.68 -28.49
C LEU I 188 -33.73 25.19 -28.25
N LEU I 189 -32.78 24.59 -27.53
CA LEU I 189 -32.68 23.14 -27.42
C LEU I 189 -33.31 22.64 -26.12
N GLY I 190 -34.60 22.94 -25.95
CA GLY I 190 -35.33 22.50 -24.80
C GLY I 190 -35.90 21.11 -25.01
N PRO I 191 -36.55 20.57 -23.98
CA PRO I 191 -37.22 19.26 -24.16
C PRO I 191 -38.21 19.33 -25.31
N GLY I 192 -38.24 18.27 -26.11
CA GLY I 192 -39.04 18.25 -27.32
C GLY I 192 -38.32 18.71 -28.56
N SER I 193 -37.17 19.34 -28.42
CA SER I 193 -36.39 19.77 -29.57
C SER I 193 -35.54 18.61 -30.09
N THR I 194 -35.08 18.76 -31.34
CA THR I 194 -34.23 17.78 -31.97
C THR I 194 -32.98 18.47 -32.50
N ALA I 195 -31.82 17.93 -32.18
CA ALA I 195 -30.54 18.44 -32.66
C ALA I 195 -29.89 17.37 -33.54
N VAL I 196 -29.47 17.77 -34.73
CA VAL I 196 -28.81 16.88 -35.67
C VAL I 196 -27.31 17.17 -35.66
N VAL I 197 -26.51 16.13 -35.53
CA VAL I 197 -25.06 16.22 -35.57
C VAL I 197 -24.58 15.48 -36.81
N ILE I 198 -24.01 16.21 -37.76
CA ILE I 198 -23.43 15.62 -38.96
C ILE I 198 -21.93 15.53 -38.77
N GLY I 199 -21.39 14.33 -38.94
CA GLY I 199 -19.98 14.10 -38.69
C GLY I 199 -19.73 13.73 -37.26
N VAL I 200 -19.44 12.45 -37.01
CA VAL I 200 -19.23 11.95 -35.66
C VAL I 200 -17.75 11.62 -35.48
N GLY I 201 -16.88 12.47 -36.02
CA GLY I 201 -15.46 12.38 -35.74
C GLY I 201 -15.17 12.92 -34.36
N GLY I 202 -13.97 13.48 -34.18
CA GLY I 202 -13.63 14.03 -32.87
C GLY I 202 -14.59 15.09 -32.41
N LEU I 203 -14.89 16.05 -33.28
CA LEU I 203 -15.73 17.18 -32.89
C LEU I 203 -17.17 16.73 -32.63
N GLY I 204 -17.76 15.99 -33.56
CA GLY I 204 -19.14 15.56 -33.37
C GLY I 204 -19.29 14.58 -32.23
N HIS I 205 -18.31 13.72 -32.04
CA HIS I 205 -18.35 12.77 -30.93
C HIS I 205 -18.50 13.49 -29.61
N VAL I 206 -17.68 14.53 -29.38
CA VAL I 206 -17.79 15.30 -28.15
C VAL I 206 -19.01 16.19 -28.18
N GLY I 207 -19.40 16.67 -29.36
CA GLY I 207 -20.61 17.48 -29.46
C GLY I 207 -21.84 16.75 -28.98
N ILE I 208 -21.96 15.46 -29.29
CA ILE I 208 -23.09 14.68 -28.81
C ILE I 208 -23.06 14.60 -27.29
N GLN I 209 -21.89 14.33 -26.72
CA GLN I 209 -21.77 14.25 -25.27
C GLN I 209 -22.14 15.59 -24.62
N ILE I 210 -21.77 16.69 -25.25
CA ILE I 210 -22.13 18.00 -24.71
C ILE I 210 -23.64 18.19 -24.73
N LEU I 211 -24.27 17.86 -25.87
CA LEU I 211 -25.71 18.03 -25.98
C LEU I 211 -26.46 17.25 -24.92
N ARG I 212 -25.99 16.03 -24.62
CA ARG I 212 -26.66 15.22 -23.60
C ARG I 212 -26.48 15.80 -22.21
N ALA I 213 -25.36 16.50 -21.97
CA ALA I 213 -25.06 16.98 -20.63
C ALA I 213 -25.75 18.30 -20.32
N VAL I 214 -25.92 19.17 -21.32
CA VAL I 214 -26.39 20.53 -21.08
C VAL I 214 -27.79 20.77 -21.67
N SER I 215 -28.43 19.73 -22.19
CA SER I 215 -29.76 19.91 -22.75
C SER I 215 -30.50 18.57 -22.76
N ALA I 216 -31.82 18.65 -22.94
CA ALA I 216 -32.67 17.49 -23.06
C ALA I 216 -33.07 17.21 -24.50
N ALA I 217 -32.38 17.82 -25.46
CA ALA I 217 -32.74 17.65 -26.86
C ALA I 217 -32.49 16.21 -27.30
N ARG I 218 -33.33 15.74 -28.22
CA ARG I 218 -33.09 14.47 -28.90
C ARG I 218 -31.99 14.68 -29.93
N VAL I 219 -31.00 13.77 -29.92
CA VAL I 219 -29.82 13.89 -30.76
C VAL I 219 -29.90 12.82 -31.85
N ILE I 220 -29.86 13.25 -33.11
CA ILE I 220 -29.82 12.37 -34.26
C ILE I 220 -28.50 12.59 -34.97
N ALA I 221 -27.71 11.54 -35.12
CA ALA I 221 -26.39 11.63 -35.71
C ALA I 221 -26.42 11.25 -37.18
N VAL I 222 -25.49 11.82 -37.94
CA VAL I 222 -25.35 11.54 -39.36
C VAL I 222 -23.87 11.37 -39.66
N ASP I 223 -23.52 10.31 -40.38
CA ASP I 223 -22.12 10.07 -40.72
C ASP I 223 -22.04 9.11 -41.90
N LEU I 224 -20.86 9.06 -42.51
CA LEU I 224 -20.62 8.21 -43.65
C LEU I 224 -20.36 6.76 -43.24
N ASP I 225 -19.72 6.55 -42.09
CA ASP I 225 -19.16 5.26 -41.72
C ASP I 225 -20.05 4.57 -40.69
N ASP I 226 -20.27 3.26 -40.88
CA ASP I 226 -21.12 2.50 -39.98
C ASP I 226 -20.59 2.50 -38.55
N ASP I 227 -19.26 2.39 -38.39
CA ASP I 227 -18.69 2.33 -37.05
C ASP I 227 -18.87 3.66 -36.32
N ARG I 228 -18.86 4.78 -37.04
CA ARG I 228 -19.07 6.08 -36.41
C ARG I 228 -20.53 6.27 -36.03
N LEU I 229 -21.46 5.68 -36.78
CA LEU I 229 -22.85 5.70 -36.37
C LEU I 229 -23.04 4.94 -35.07
N ALA I 230 -22.40 3.76 -34.95
CA ALA I 230 -22.48 3.00 -33.71
C ALA I 230 -21.85 3.77 -32.56
N LEU I 231 -20.74 4.47 -32.82
CA LEU I 231 -20.12 5.30 -31.79
C LEU I 231 -21.08 6.38 -31.31
N ALA I 232 -21.81 7.00 -32.24
CA ALA I 232 -22.75 8.05 -31.86
C ALA I 232 -23.80 7.52 -30.90
N ARG I 233 -24.37 6.35 -31.18
CA ARG I 233 -25.37 5.78 -30.29
C ARG I 233 -24.78 5.50 -28.91
N GLU I 234 -23.54 5.02 -28.88
CA GLU I 234 -22.91 4.68 -27.61
C GLU I 234 -22.79 5.90 -26.69
N VAL I 235 -22.59 7.09 -27.26
CA VAL I 235 -22.37 8.30 -26.46
C VAL I 235 -23.62 9.14 -26.33
N GLY I 236 -24.79 8.61 -26.68
CA GLY I 236 -26.05 9.25 -26.36
C GLY I 236 -26.94 9.64 -27.53
N ALA I 237 -26.50 9.49 -28.78
CA ALA I 237 -27.40 9.75 -29.90
C ALA I 237 -28.57 8.79 -29.84
N ASP I 238 -29.79 9.33 -29.88
CA ASP I 238 -30.97 8.47 -29.88
C ASP I 238 -31.09 7.68 -31.17
N ALA I 239 -30.62 8.25 -32.28
CA ALA I 239 -30.71 7.60 -33.57
C ALA I 239 -29.56 8.08 -34.44
N ALA I 240 -29.27 7.30 -35.47
CA ALA I 240 -28.17 7.60 -36.38
C ALA I 240 -28.51 7.08 -37.77
N VAL I 241 -28.24 7.91 -38.78
CA VAL I 241 -28.49 7.56 -40.18
C VAL I 241 -27.23 7.88 -40.98
N LYS I 242 -27.15 7.29 -42.17
CA LYS I 242 -26.00 7.50 -43.02
C LYS I 242 -26.14 8.79 -43.81
N SER I 243 -25.02 9.50 -43.95
CA SER I 243 -25.00 10.71 -44.76
C SER I 243 -25.13 10.36 -46.24
N GLY I 244 -25.59 11.32 -47.02
CA GLY I 244 -25.76 11.15 -48.44
C GLY I 244 -27.07 11.73 -48.91
N ALA I 245 -27.46 11.35 -50.12
CA ALA I 245 -28.66 11.94 -50.74
C ALA I 245 -29.91 11.65 -49.92
N GLY I 246 -30.01 10.46 -49.34
CA GLY I 246 -31.17 10.08 -48.57
C GLY I 246 -31.15 10.50 -47.11
N ALA I 247 -30.09 11.19 -46.67
CA ALA I 247 -29.96 11.50 -45.26
C ALA I 247 -31.10 12.39 -44.77
N ALA I 248 -31.50 13.38 -45.57
CA ALA I 248 -32.56 14.30 -45.13
C ALA I 248 -33.88 13.56 -44.95
N ASP I 249 -34.23 12.68 -45.89
CA ASP I 249 -35.45 11.89 -45.75
C ASP I 249 -35.39 11.00 -44.51
N ALA I 250 -34.24 10.35 -44.29
CA ALA I 250 -34.13 9.42 -43.17
C ALA I 250 -34.30 10.14 -41.84
N ILE I 251 -33.78 11.37 -41.74
CA ILE I 251 -33.97 12.16 -40.53
C ILE I 251 -35.45 12.49 -40.34
N ARG I 252 -36.08 13.05 -41.37
CA ARG I 252 -37.49 13.40 -41.27
C ARG I 252 -38.37 12.17 -41.07
N GLU I 253 -37.90 11.00 -41.49
CA GLU I 253 -38.59 9.76 -41.15
C GLU I 253 -38.62 9.57 -39.64
N LEU I 254 -37.49 9.82 -38.98
CA LEU I 254 -37.39 9.60 -37.53
C LEU I 254 -38.12 10.67 -36.74
N THR I 255 -38.26 11.88 -37.28
CA THR I 255 -38.91 12.98 -36.58
C THR I 255 -40.39 13.10 -36.93
N GLY I 256 -40.93 12.18 -37.73
CA GLY I 256 -42.31 12.30 -38.16
C GLY I 256 -42.56 13.43 -39.13
N GLY I 257 -41.52 13.90 -39.83
CA GLY I 257 -41.65 14.96 -40.80
C GLY I 257 -41.50 16.36 -40.25
N GLN I 258 -41.06 16.52 -39.00
CA GLN I 258 -41.05 17.84 -38.39
C GLN I 258 -39.78 18.62 -38.73
N GLY I 259 -38.62 17.98 -38.69
CA GLY I 259 -37.38 18.69 -38.92
C GLY I 259 -36.73 19.16 -37.63
N ALA I 260 -35.42 19.40 -37.72
CA ALA I 260 -34.58 19.55 -36.55
C ALA I 260 -34.47 21.01 -36.12
N THR I 261 -34.56 21.23 -34.80
CA THR I 261 -34.40 22.57 -34.25
C THR I 261 -33.05 23.16 -34.60
N ALA I 262 -31.99 22.35 -34.52
CA ALA I 262 -30.64 22.79 -34.83
C ALA I 262 -29.90 21.68 -35.54
N VAL I 263 -29.04 22.07 -36.48
CA VAL I 263 -28.16 21.15 -37.20
C VAL I 263 -26.73 21.63 -37.02
N PHE I 264 -25.90 20.79 -36.41
CA PHE I 264 -24.49 21.08 -36.21
C PHE I 264 -23.69 20.24 -37.20
N ASP I 265 -23.18 20.90 -38.24
CA ASP I 265 -22.49 20.23 -39.33
C ASP I 265 -20.98 20.31 -39.09
N PHE I 266 -20.42 19.26 -38.49
CA PHE I 266 -18.99 19.20 -38.21
C PHE I 266 -18.19 18.70 -39.39
N VAL I 267 -18.84 18.42 -40.52
CA VAL I 267 -18.15 18.02 -41.74
C VAL I 267 -17.92 19.28 -42.58
N GLY I 268 -19.00 20.00 -42.88
CA GLY I 268 -18.91 21.23 -43.63
C GLY I 268 -18.82 21.07 -45.13
N ALA I 269 -18.93 19.85 -45.65
CA ALA I 269 -18.99 19.66 -47.09
C ALA I 269 -20.28 20.28 -47.64
N GLN I 270 -20.24 20.60 -48.94
CA GLN I 270 -21.44 21.16 -49.56
C GLN I 270 -22.61 20.19 -49.46
N SER I 271 -22.35 18.89 -49.58
CA SER I 271 -23.43 17.91 -49.50
C SER I 271 -24.03 17.86 -48.11
N THR I 272 -23.20 17.96 -47.07
CA THR I 272 -23.72 17.94 -45.70
C THR I 272 -24.48 19.23 -45.40
N ILE I 273 -23.98 20.37 -45.89
CA ILE I 273 -24.70 21.62 -45.71
C ILE I 273 -26.04 21.56 -46.41
N ASP I 274 -26.08 20.97 -47.62
CA ASP I 274 -27.34 20.80 -48.32
C ASP I 274 -28.32 20.00 -47.48
N THR I 275 -27.85 18.88 -46.90
CA THR I 275 -28.70 18.07 -46.04
C THR I 275 -29.25 18.89 -44.89
N ALA I 276 -28.40 19.70 -44.25
CA ALA I 276 -28.84 20.51 -43.12
C ALA I 276 -29.97 21.44 -43.52
N GLN I 277 -29.85 22.06 -44.70
CA GLN I 277 -30.89 22.99 -45.14
C GLN I 277 -32.20 22.28 -45.45
N GLN I 278 -32.14 21.00 -45.79
CA GLN I 278 -33.33 20.22 -46.10
C GLN I 278 -34.01 19.61 -44.87
N VAL I 279 -33.35 19.66 -43.70
CA VAL I 279 -33.93 19.11 -42.49
C VAL I 279 -34.12 20.15 -41.39
N VAL I 280 -33.47 21.31 -41.46
CA VAL I 280 -33.61 22.30 -40.41
C VAL I 280 -35.07 22.77 -40.34
N ALA I 281 -35.53 23.06 -39.13
CA ALA I 281 -36.89 23.47 -38.90
C ALA I 281 -37.06 24.97 -39.09
N VAL I 282 -38.30 25.37 -39.37
CA VAL I 282 -38.64 26.79 -39.38
C VAL I 282 -38.21 27.41 -38.06
N ASP I 283 -37.55 28.56 -38.14
CA ASP I 283 -37.01 29.28 -36.98
C ASP I 283 -35.92 28.49 -36.28
N GLY I 284 -35.24 27.59 -36.98
CA GLY I 284 -34.18 26.77 -36.42
C GLY I 284 -32.81 27.38 -36.59
N HIS I 285 -31.79 26.52 -36.62
CA HIS I 285 -30.41 26.97 -36.72
C HIS I 285 -29.57 25.92 -37.43
N ILE I 286 -28.63 26.39 -38.26
CA ILE I 286 -27.60 25.56 -38.85
C ILE I 286 -26.25 26.14 -38.47
N SER I 287 -25.37 25.30 -37.93
CA SER I 287 -24.02 25.70 -37.53
C SER I 287 -23.03 24.95 -38.41
N VAL I 288 -22.32 25.70 -39.25
CA VAL I 288 -21.30 25.13 -40.14
C VAL I 288 -19.97 25.21 -39.41
N VAL I 289 -19.61 24.12 -38.72
CA VAL I 289 -18.41 24.08 -37.88
C VAL I 289 -17.23 23.49 -38.63
N GLY I 290 -17.47 22.50 -39.49
CA GLY I 290 -16.40 21.94 -40.28
C GLY I 290 -16.11 22.76 -41.52
N ILE I 291 -14.86 22.72 -41.97
CA ILE I 291 -14.38 23.55 -43.07
C ILE I 291 -14.13 22.67 -44.28
N HIS I 292 -14.79 23.00 -45.39
CA HIS I 292 -14.44 22.50 -46.71
C HIS I 292 -14.40 23.72 -47.62
N ALA I 293 -13.21 24.08 -48.09
CA ALA I 293 -13.02 25.32 -48.84
C ALA I 293 -14.06 25.46 -49.94
N GLY I 294 -14.81 26.56 -49.91
CA GLY I 294 -15.82 26.84 -50.90
C GLY I 294 -17.22 26.39 -50.53
N ALA I 295 -17.35 25.39 -49.66
CA ALA I 295 -18.67 24.95 -49.23
C ALA I 295 -19.37 26.07 -48.47
N HIS I 296 -20.66 26.25 -48.74
CA HIS I 296 -21.39 27.34 -48.11
C HIS I 296 -22.87 27.01 -48.09
N ALA I 297 -23.53 27.47 -47.04
CA ALA I 297 -24.98 27.46 -47.01
C ALA I 297 -25.51 28.58 -47.91
N LYS I 298 -26.69 28.36 -48.46
CA LYS I 298 -27.33 29.30 -49.38
C LYS I 298 -28.58 29.82 -48.69
N VAL I 299 -28.45 30.97 -48.02
CA VAL I 299 -29.50 31.51 -47.18
C VAL I 299 -30.30 32.50 -48.03
N GLY I 300 -31.45 32.07 -48.51
CA GLY I 300 -32.32 32.90 -49.30
C GLY I 300 -33.74 32.40 -49.22
N PHE I 301 -34.66 33.26 -49.65
CA PHE I 301 -36.08 32.93 -49.56
C PHE I 301 -36.38 31.68 -50.39
N PHE I 302 -37.09 30.74 -49.78
CA PHE I 302 -37.52 29.48 -50.39
C PHE I 302 -36.36 28.57 -50.75
N MET I 303 -35.14 28.90 -50.32
CA MET I 303 -34.01 27.98 -50.36
C MET I 303 -33.62 27.49 -48.97
N ILE I 304 -34.23 28.04 -47.92
CA ILE I 304 -34.01 27.63 -46.54
C ILE I 304 -35.30 28.01 -45.82
N PRO I 305 -35.74 27.25 -44.80
CA PRO I 305 -36.98 27.62 -44.10
C PRO I 305 -36.89 29.01 -43.50
N PHE I 306 -38.05 29.65 -43.35
CA PHE I 306 -38.11 30.96 -42.71
C PHE I 306 -37.51 30.90 -41.31
N GLY I 307 -36.76 31.93 -40.96
CA GLY I 307 -36.25 32.09 -39.61
C GLY I 307 -35.13 31.16 -39.21
N ALA I 308 -34.67 30.30 -40.11
CA ALA I 308 -33.57 29.38 -39.79
C ALA I 308 -32.25 30.10 -40.02
N SER I 309 -31.58 30.47 -38.93
CA SER I 309 -30.32 31.20 -39.01
C SER I 309 -29.15 30.27 -39.26
N VAL I 310 -28.15 30.78 -39.97
CA VAL I 310 -26.94 30.02 -40.29
C VAL I 310 -25.73 30.83 -39.88
N VAL I 311 -24.70 30.15 -39.37
CA VAL I 311 -23.48 30.82 -38.93
C VAL I 311 -22.32 29.85 -39.07
N THR I 312 -21.12 30.41 -39.21
CA THR I 312 -19.88 29.66 -39.11
C THR I 312 -19.20 30.04 -37.80
N PRO I 313 -19.35 29.27 -36.72
CA PRO I 313 -18.75 29.66 -35.45
C PRO I 313 -17.25 29.46 -35.47
N TYR I 314 -16.57 30.13 -34.54
CA TYR I 314 -15.12 30.09 -34.45
C TYR I 314 -14.70 29.74 -33.03
N TRP I 315 -14.12 28.54 -32.86
CA TRP I 315 -13.48 28.12 -31.60
C TRP I 315 -14.46 28.37 -30.45
N GLY I 316 -14.06 29.06 -29.38
CA GLY I 316 -14.97 29.33 -28.29
C GLY I 316 -14.41 30.40 -27.38
N THR I 317 -15.20 30.75 -26.37
CA THR I 317 -14.82 31.77 -25.41
C THR I 317 -14.08 31.16 -24.23
N ARG I 318 -13.50 32.04 -23.41
CA ARG I 318 -12.74 31.57 -22.25
C ARG I 318 -13.65 30.94 -21.21
N SER I 319 -14.77 31.60 -20.89
CA SER I 319 -15.71 31.02 -19.94
C SER I 319 -16.24 29.70 -20.43
N GLU I 320 -16.43 29.56 -21.74
CA GLU I 320 -16.86 28.28 -22.30
C GLU I 320 -15.79 27.21 -22.09
N LEU I 321 -14.52 27.57 -22.25
CA LEU I 321 -13.45 26.61 -22.01
C LEU I 321 -13.46 26.15 -20.56
N MET I 322 -13.72 27.06 -19.62
CA MET I 322 -13.85 26.66 -18.23
C MET I 322 -15.01 25.68 -18.06
N GLU I 323 -16.12 25.93 -18.75
CA GLU I 323 -17.27 25.03 -18.63
C GLU I 323 -16.94 23.65 -19.20
N VAL I 324 -16.19 23.60 -20.30
CA VAL I 324 -15.79 22.31 -20.87
C VAL I 324 -14.94 21.54 -19.88
N VAL I 325 -14.02 22.23 -19.21
CA VAL I 325 -13.17 21.57 -18.22
C VAL I 325 -14.00 21.02 -17.07
N ALA I 326 -14.96 21.82 -16.60
CA ALA I 326 -15.85 21.34 -15.54
C ALA I 326 -16.63 20.11 -15.98
N LEU I 327 -17.11 20.11 -17.23
CA LEU I 327 -17.80 18.93 -17.75
C LEU I 327 -16.86 17.73 -17.75
N ALA I 328 -15.63 17.92 -18.23
CA ALA I 328 -14.68 16.81 -18.29
C ALA I 328 -14.34 16.30 -16.90
N ARG I 329 -14.16 17.21 -15.94
CA ARG I 329 -13.82 16.78 -14.58
C ARG I 329 -14.99 16.10 -13.89
N ALA I 330 -16.22 16.35 -14.33
CA ALA I 330 -17.39 15.64 -13.82
C ALA I 330 -17.63 14.32 -14.54
N GLY I 331 -16.79 13.96 -15.51
CA GLY I 331 -16.93 12.69 -16.19
C GLY I 331 -17.96 12.67 -17.29
N ARG I 332 -18.35 13.82 -17.83
CA ARG I 332 -19.37 13.89 -18.86
C ARG I 332 -18.81 13.93 -20.27
N LEU I 333 -17.49 14.00 -20.44
CA LEU I 333 -16.87 14.08 -21.76
C LEU I 333 -15.75 13.05 -21.85
N ASP I 334 -15.73 12.30 -22.95
CA ASP I 334 -14.73 11.28 -23.19
C ASP I 334 -14.35 11.28 -24.66
N ILE I 335 -13.03 11.20 -24.92
CA ILE I 335 -12.51 11.11 -26.28
C ILE I 335 -11.35 10.13 -26.26
N HIS I 336 -11.32 9.22 -27.22
CA HIS I 336 -10.20 8.30 -27.34
C HIS I 336 -8.94 9.06 -27.74
N THR I 337 -7.84 8.72 -27.09
CA THR I 337 -6.56 9.40 -27.31
C THR I 337 -5.49 8.39 -27.64
N GLU I 338 -4.50 8.83 -28.40
CA GLU I 338 -3.31 8.05 -28.73
C GLU I 338 -2.10 8.90 -28.40
N THR I 339 -1.30 8.46 -27.45
CA THR I 339 -0.20 9.26 -26.93
C THR I 339 1.08 9.01 -27.72
N PHE I 340 1.80 10.09 -28.01
CA PHE I 340 3.06 10.04 -28.72
C PHE I 340 4.10 10.85 -27.96
N THR I 341 5.37 10.61 -28.27
CA THR I 341 6.47 11.44 -27.80
C THR I 341 6.75 12.53 -28.82
N LEU I 342 7.59 13.48 -28.44
CA LEU I 342 7.97 14.55 -29.37
C LEU I 342 8.63 13.98 -30.62
N ASP I 343 9.56 13.04 -30.44
CA ASP I 343 10.24 12.45 -31.58
C ASP I 343 9.26 11.74 -32.51
N GLU I 344 8.15 11.25 -31.97
CA GLU I 344 7.10 10.66 -32.79
C GLU I 344 6.15 11.70 -33.38
N GLY I 345 6.41 12.99 -33.15
CA GLY I 345 5.53 14.04 -33.61
C GLY I 345 5.20 13.93 -35.09
N PRO I 346 6.22 14.07 -35.94
CA PRO I 346 5.97 13.95 -37.39
C PRO I 346 5.31 12.65 -37.77
N ALA I 347 5.65 11.55 -37.10
CA ALA I 347 5.01 10.27 -37.39
C ALA I 347 3.52 10.32 -37.05
N ALA I 348 3.17 11.00 -35.95
CA ALA I 348 1.76 11.12 -35.59
C ALA I 348 0.98 11.89 -36.64
N TYR I 349 1.58 12.93 -37.22
CA TYR I 349 0.89 13.70 -38.25
C TYR I 349 0.66 12.85 -39.50
N ARG I 350 1.67 12.08 -39.92
CA ARG I 350 1.47 11.17 -41.04
C ARG I 350 0.37 10.17 -40.75
N ARG I 351 0.32 9.66 -39.51
CA ARG I 351 -0.80 8.82 -39.10
C ARG I 351 -2.12 9.59 -39.16
N LEU I 352 -2.09 10.87 -38.80
CA LEU I 352 -3.28 11.69 -38.89
C LEU I 352 -3.70 11.90 -40.35
N ARG I 353 -2.73 12.16 -41.23
CA ARG I 353 -3.05 12.38 -42.64
C ARG I 353 -3.68 11.15 -43.26
N GLU I 354 -3.13 9.96 -42.97
CA GLU I 354 -3.70 8.74 -43.51
C GLU I 354 -4.99 8.35 -42.82
N GLY I 355 -5.41 9.07 -41.78
CA GLY I 355 -6.70 8.85 -41.17
C GLY I 355 -6.80 7.60 -40.31
N SER I 356 -5.70 7.21 -39.66
CA SER I 356 -5.68 6.00 -38.84
C SER I 356 -5.89 6.26 -37.35
N ILE I 357 -5.95 7.52 -36.94
CA ILE I 357 -6.14 7.87 -35.53
C ILE I 357 -7.63 7.93 -35.25
N ARG I 358 -8.09 7.14 -34.29
CA ARG I 358 -9.46 7.22 -33.79
C ARG I 358 -9.47 8.13 -32.57
N GLY I 359 -10.23 9.20 -32.64
CA GLY I 359 -10.25 10.21 -31.58
C GLY I 359 -9.27 11.33 -31.86
N ARG I 360 -8.27 11.48 -31.00
CA ARG I 360 -7.31 12.57 -31.11
C ARG I 360 -5.92 12.10 -30.71
N GLY I 361 -4.93 12.49 -31.51
CA GLY I 361 -3.55 12.28 -31.13
C GLY I 361 -3.08 13.34 -30.15
N VAL I 362 -2.21 12.93 -29.23
CA VAL I 362 -1.71 13.80 -28.17
C VAL I 362 -0.23 13.50 -27.96
N VAL I 363 0.60 14.54 -28.02
CA VAL I 363 2.03 14.41 -27.80
C VAL I 363 2.32 14.69 -26.33
N VAL I 364 2.98 13.75 -25.66
CA VAL I 364 3.29 13.85 -24.24
C VAL I 364 4.81 13.95 -24.10
N PRO I 365 5.36 15.11 -23.73
CA PRO I 365 6.79 15.18 -23.41
C PRO I 365 7.15 14.36 -22.18
N ARG J 17 -27.36 -10.60 -18.86
CA ARG J 17 -26.06 -10.16 -19.34
C ARG J 17 -25.91 -10.42 -20.84
N GLY J 18 -26.76 -11.28 -21.38
CA GLY J 18 -26.71 -11.61 -22.79
C GLY J 18 -26.34 -13.06 -23.05
N SER J 19 -27.17 -13.76 -23.81
CA SER J 19 -26.91 -15.17 -24.11
C SER J 19 -25.75 -15.35 -25.08
N HIS J 20 -25.34 -14.30 -25.79
CA HIS J 20 -24.23 -14.38 -26.72
C HIS J 20 -23.30 -13.19 -26.47
N MET J 21 -22.04 -13.36 -26.87
CA MET J 21 -21.01 -12.35 -26.63
C MET J 21 -20.10 -12.23 -27.84
N LYS J 22 -19.41 -11.10 -27.91
CA LYS J 22 -18.43 -10.85 -28.97
C LYS J 22 -17.07 -11.40 -28.54
N ALA J 23 -16.32 -11.91 -29.50
CA ALA J 23 -15.00 -12.46 -29.23
C ALA J 23 -14.16 -12.39 -30.49
N VAL J 24 -12.84 -12.42 -30.31
CA VAL J 24 -11.88 -12.45 -31.41
C VAL J 24 -11.22 -13.81 -31.40
N GLN J 25 -11.44 -14.58 -32.47
CA GLN J 25 -11.05 -15.98 -32.51
C GLN J 25 -10.10 -16.26 -33.67
N TYR J 26 -9.19 -17.19 -33.44
CA TYR J 26 -8.34 -17.76 -34.48
C TYR J 26 -9.04 -19.01 -35.00
N THR J 27 -9.55 -18.95 -36.23
CA THR J 27 -10.45 -19.96 -36.76
C THR J 27 -9.84 -20.88 -37.80
N GLU J 28 -8.90 -20.38 -38.61
CA GLU J 28 -8.27 -21.17 -39.66
C GLU J 28 -6.77 -20.95 -39.63
N ILE J 29 -6.02 -22.01 -39.93
CA ILE J 29 -4.56 -21.92 -39.94
C ILE J 29 -4.13 -21.02 -41.10
N GLY J 30 -3.21 -20.10 -40.80
CA GLY J 30 -2.74 -19.16 -41.80
C GLY J 30 -3.69 -18.02 -42.08
N SER J 31 -4.87 -18.00 -41.45
CA SER J 31 -5.85 -16.95 -41.63
C SER J 31 -5.79 -15.98 -40.44
N GLU J 32 -6.15 -14.72 -40.71
CA GLU J 32 -6.20 -13.73 -39.65
C GLU J 32 -7.34 -14.06 -38.69
N PRO J 33 -7.26 -13.57 -37.46
CA PRO J 33 -8.39 -13.74 -36.53
C PRO J 33 -9.55 -12.85 -36.94
N VAL J 34 -10.75 -13.26 -36.51
CA VAL J 34 -11.98 -12.55 -36.87
C VAL J 34 -12.85 -12.39 -35.63
N VAL J 35 -13.73 -11.40 -35.70
CA VAL J 35 -14.74 -11.20 -34.67
C VAL J 35 -15.86 -12.21 -34.88
N VAL J 36 -16.31 -12.84 -33.79
CA VAL J 36 -17.33 -13.87 -33.86
C VAL J 36 -18.38 -13.60 -32.79
N ASP J 37 -19.57 -14.15 -33.01
CA ASP J 37 -20.67 -14.12 -32.05
C ASP J 37 -20.87 -15.52 -31.52
N ILE J 38 -20.48 -15.75 -30.27
CA ILE J 38 -20.52 -17.08 -29.69
C ILE J 38 -21.28 -17.02 -28.37
N PRO J 39 -21.73 -18.17 -27.86
CA PRO J 39 -22.52 -18.17 -26.63
C PRO J 39 -21.73 -17.60 -25.45
N THR J 40 -22.43 -16.88 -24.59
CA THR J 40 -21.82 -16.40 -23.36
C THR J 40 -21.62 -17.56 -22.41
N PRO J 41 -20.39 -17.91 -22.03
CA PRO J 41 -20.19 -19.07 -21.17
C PRO J 41 -20.84 -18.88 -19.81
N THR J 42 -21.16 -20.00 -19.18
CA THR J 42 -21.72 -20.02 -17.83
C THR J 42 -20.77 -20.77 -16.91
N PRO J 43 -20.45 -20.23 -15.74
CA PRO J 43 -19.42 -20.88 -14.90
C PRO J 43 -19.95 -22.14 -14.24
N GLY J 44 -19.22 -23.24 -14.44
CA GLY J 44 -19.52 -24.47 -13.74
C GLY J 44 -18.97 -24.45 -12.33
N PRO J 45 -19.19 -25.56 -11.61
CA PRO J 45 -18.68 -25.66 -10.24
C PRO J 45 -17.18 -25.43 -10.20
N GLY J 46 -16.77 -24.52 -9.32
CA GLY J 46 -15.36 -24.19 -9.16
C GLY J 46 -14.84 -23.14 -10.11
N GLU J 47 -15.60 -22.79 -11.15
CA GLU J 47 -15.17 -21.82 -12.14
C GLU J 47 -15.67 -20.41 -11.78
N ILE J 48 -15.10 -19.42 -12.46
CA ILE J 48 -15.50 -18.03 -12.30
C ILE J 48 -15.66 -17.41 -13.68
N LEU J 49 -16.73 -16.64 -13.86
CA LEU J 49 -16.98 -15.90 -15.08
C LEU J 49 -16.60 -14.44 -14.85
N LEU J 50 -15.73 -13.92 -15.71
CA LEU J 50 -15.28 -12.54 -15.62
C LEU J 50 -15.86 -11.72 -16.76
N LYS J 51 -16.24 -10.49 -16.46
CA LYS J 51 -16.48 -9.48 -17.49
C LYS J 51 -15.15 -8.84 -17.81
N VAL J 52 -14.64 -9.10 -19.01
CA VAL J 52 -13.31 -8.62 -19.38
C VAL J 52 -13.31 -7.10 -19.42
N THR J 53 -12.29 -6.49 -18.80
CA THR J 53 -12.08 -5.05 -18.87
C THR J 53 -10.88 -4.66 -19.71
N ALA J 54 -9.94 -5.57 -19.92
CA ALA J 54 -8.81 -5.31 -20.80
C ALA J 54 -8.19 -6.64 -21.21
N ALA J 55 -7.74 -6.73 -22.45
CA ALA J 55 -7.13 -7.95 -22.99
C ALA J 55 -5.93 -7.54 -23.83
N GLY J 56 -4.73 -7.84 -23.33
CA GLY J 56 -3.53 -7.44 -24.04
C GLY J 56 -3.16 -8.39 -25.15
N LEU J 57 -2.45 -7.87 -26.13
CA LEU J 57 -1.89 -8.64 -27.23
C LEU J 57 -0.38 -8.46 -27.25
N CYS J 58 0.34 -9.50 -27.69
CA CYS J 58 1.79 -9.46 -27.72
C CYS J 58 2.28 -10.38 -28.83
N HIS J 59 3.60 -10.31 -29.07
CA HIS J 59 4.18 -11.04 -30.20
C HIS J 59 3.93 -12.54 -30.11
N SER J 60 3.81 -13.07 -28.89
CA SER J 60 3.57 -14.51 -28.73
C SER J 60 2.30 -14.95 -29.45
N ASP J 61 1.32 -14.06 -29.56
CA ASP J 61 0.11 -14.40 -30.30
C ASP J 61 0.42 -14.65 -31.77
N ILE J 62 1.30 -13.84 -32.36
CA ILE J 62 1.69 -14.05 -33.75
C ILE J 62 2.47 -15.34 -33.89
N PHE J 63 3.42 -15.59 -32.98
CA PHE J 63 4.17 -16.83 -33.02
C PHE J 63 3.24 -18.04 -33.10
N VAL J 64 2.17 -18.03 -32.31
CA VAL J 64 1.22 -19.14 -32.31
C VAL J 64 0.48 -19.20 -33.64
N MET J 65 -0.01 -18.05 -34.10
CA MET J 65 -0.79 -18.03 -35.35
C MET J 65 0.08 -18.23 -36.58
N ASP J 66 1.39 -18.05 -36.46
CA ASP J 66 2.32 -18.30 -37.56
C ASP J 66 2.70 -19.76 -37.68
N MET J 67 2.28 -20.61 -36.74
CA MET J 67 2.64 -22.02 -36.80
C MET J 67 2.09 -22.63 -38.09
N PRO J 68 2.86 -23.46 -38.79
CA PRO J 68 2.37 -24.05 -40.03
C PRO J 68 1.24 -25.05 -39.79
N ALA J 69 0.50 -25.33 -40.87
CA ALA J 69 -0.62 -26.26 -40.79
C ALA J 69 -0.14 -27.70 -40.59
N ALA J 70 1.05 -28.03 -41.09
CA ALA J 70 1.56 -29.39 -40.96
C ALA J 70 1.64 -29.82 -39.51
N GLN J 71 1.84 -28.88 -38.59
CA GLN J 71 2.01 -29.18 -37.17
C GLN J 71 0.72 -28.94 -36.37
N TYR J 72 -0.42 -28.82 -37.05
CA TYR J 72 -1.68 -28.53 -36.38
C TYR J 72 -2.32 -29.81 -35.87
N ALA J 73 -2.83 -29.78 -34.65
CA ALA J 73 -3.47 -30.93 -34.03
C ALA J 73 -4.96 -30.68 -33.78
N TYR J 74 -5.32 -29.77 -32.87
CA TYR J 74 -6.70 -29.67 -32.44
C TYR J 74 -7.10 -28.31 -31.84
N GLY J 75 -6.26 -27.28 -32.01
CA GLY J 75 -6.45 -26.06 -31.24
C GLY J 75 -7.64 -25.22 -31.63
N LEU J 76 -8.19 -25.40 -32.86
CA LEU J 76 -9.15 -24.42 -33.35
C LEU J 76 -10.58 -24.84 -33.09
N PRO J 77 -11.51 -23.88 -32.92
CA PRO J 77 -11.31 -22.42 -32.91
C PRO J 77 -10.82 -21.94 -31.55
N LEU J 78 -9.99 -20.89 -31.51
CA LEU J 78 -9.34 -20.44 -30.29
C LEU J 78 -9.67 -18.96 -30.06
N THR J 79 -10.29 -18.66 -28.92
CA THR J 79 -10.44 -17.28 -28.49
C THR J 79 -9.10 -16.79 -27.96
N LEU J 80 -8.55 -15.77 -28.60
CA LEU J 80 -7.22 -15.29 -28.27
C LEU J 80 -7.23 -14.47 -26.98
N GLY J 81 -6.03 -14.21 -26.47
CA GLY J 81 -5.87 -13.34 -25.31
C GLY J 81 -5.38 -14.05 -24.07
N HIS J 82 -4.06 -14.01 -23.83
CA HIS J 82 -3.47 -14.60 -22.64
C HIS J 82 -3.05 -13.55 -21.61
N GLU J 83 -3.49 -12.30 -21.78
CA GLU J 83 -3.18 -11.20 -20.86
C GLU J 83 -4.52 -10.58 -20.44
N GLY J 84 -5.19 -11.23 -19.51
CA GLY J 84 -6.59 -10.95 -19.21
C GLY J 84 -6.77 -10.23 -17.88
N VAL J 85 -7.65 -9.23 -17.89
CA VAL J 85 -8.07 -8.51 -16.69
CA VAL J 85 -8.07 -8.55 -16.68
C VAL J 85 -9.57 -8.29 -16.80
N GLY J 86 -10.25 -8.34 -15.66
CA GLY J 86 -11.68 -8.14 -15.67
C GLY J 86 -12.24 -8.04 -14.27
N THR J 87 -13.56 -8.09 -14.19
CA THR J 87 -14.30 -8.04 -12.93
C THR J 87 -15.14 -9.30 -12.80
N VAL J 88 -15.22 -9.82 -11.57
CA VAL J 88 -15.98 -11.03 -11.33
C VAL J 88 -17.45 -10.77 -11.63
N ALA J 89 -17.99 -11.50 -12.61
CA ALA J 89 -19.38 -11.34 -13.02
C ALA J 89 -20.30 -12.39 -12.39
N GLU J 90 -19.85 -13.63 -12.27
CA GLU J 90 -20.65 -14.69 -11.68
C GLU J 90 -19.72 -15.73 -11.07
N LEU J 91 -20.03 -16.15 -9.85
CA LEU J 91 -19.26 -17.17 -9.16
C LEU J 91 -19.87 -18.55 -9.40
N GLY J 92 -19.03 -19.51 -9.76
CA GLY J 92 -19.48 -20.87 -9.90
C GLY J 92 -19.80 -21.49 -8.54
N GLU J 93 -20.48 -22.64 -8.61
CA GLU J 93 -20.88 -23.32 -7.39
C GLU J 93 -19.68 -23.61 -6.50
N GLY J 94 -19.79 -23.21 -5.23
CA GLY J 94 -18.78 -23.50 -4.24
C GLY J 94 -17.57 -22.59 -4.26
N VAL J 95 -17.54 -21.58 -5.12
CA VAL J 95 -16.39 -20.69 -5.22
C VAL J 95 -16.52 -19.62 -4.14
N THR J 96 -15.44 -19.43 -3.38
CA THR J 96 -15.34 -18.35 -2.41
C THR J 96 -13.96 -17.72 -2.53
N GLY J 97 -13.84 -16.51 -1.97
CA GLY J 97 -12.63 -15.74 -2.04
C GLY J 97 -12.76 -14.46 -2.84
N PHE J 98 -13.76 -14.38 -3.72
CA PHE J 98 -14.00 -13.18 -4.51
C PHE J 98 -15.50 -12.90 -4.53
N GLY J 99 -15.83 -11.61 -4.56
CA GLY J 99 -17.21 -11.19 -4.69
C GLY J 99 -17.47 -10.60 -6.06
N VAL J 100 -18.75 -10.51 -6.45
CA VAL J 100 -19.10 -9.91 -7.73
C VAL J 100 -18.59 -8.49 -7.76
N GLY J 101 -17.88 -8.13 -8.84
CA GLY J 101 -17.34 -6.81 -9.02
C GLY J 101 -15.86 -6.67 -8.73
N ASP J 102 -15.24 -7.68 -8.11
CA ASP J 102 -13.82 -7.58 -7.77
C ASP J 102 -12.98 -7.51 -9.04
N ALA J 103 -12.06 -6.54 -9.08
CA ALA J 103 -11.12 -6.43 -10.18
C ALA J 103 -9.98 -7.42 -9.98
N VAL J 104 -9.71 -8.21 -11.01
CA VAL J 104 -8.72 -9.29 -10.92
C VAL J 104 -7.99 -9.43 -12.25
N ALA J 105 -6.72 -9.80 -12.17
CA ALA J 105 -5.93 -10.20 -13.32
C ALA J 105 -5.89 -11.71 -13.40
N VAL J 106 -5.77 -12.22 -14.63
CA VAL J 106 -5.80 -13.66 -14.86
C VAL J 106 -4.37 -14.18 -14.91
N TYR J 107 -4.05 -15.13 -14.02
CA TYR J 107 -2.78 -15.82 -14.07
C TYR J 107 -2.75 -16.74 -15.28
N GLY J 108 -1.73 -16.56 -16.12
CA GLY J 108 -1.68 -17.20 -17.43
C GLY J 108 -1.34 -18.68 -17.42
N PRO J 109 -0.16 -19.02 -16.91
CA PRO J 109 0.33 -20.42 -17.06
C PRO J 109 -0.34 -21.42 -16.11
N TRP J 110 -1.56 -21.80 -16.46
CA TRP J 110 -2.34 -22.69 -15.61
C TRP J 110 -1.64 -24.03 -15.42
N GLY J 111 -1.69 -24.55 -14.20
CA GLY J 111 -1.14 -25.86 -13.88
C GLY J 111 -2.18 -26.74 -13.22
N CYS J 112 -1.73 -27.95 -12.87
CA CYS J 112 -2.63 -28.93 -12.27
C CYS J 112 -2.99 -28.56 -10.83
N GLY J 113 -2.10 -27.86 -10.13
CA GLY J 113 -2.35 -27.46 -8.76
C GLY J 113 -2.11 -28.54 -7.72
N ALA J 114 -1.63 -29.72 -8.13
CA ALA J 114 -1.48 -30.84 -7.22
C ALA J 114 -0.09 -31.46 -7.21
N CYS J 115 0.78 -31.14 -8.17
CA CYS J 115 2.11 -31.71 -8.18
C CYS J 115 3.03 -30.91 -7.23
N HIS J 116 4.25 -31.42 -7.06
CA HIS J 116 5.19 -30.76 -6.17
C HIS J 116 5.48 -29.33 -6.61
N ALA J 117 5.69 -29.12 -7.91
CA ALA J 117 5.96 -27.78 -8.40
C ALA J 117 4.77 -26.85 -8.15
N CYS J 118 3.56 -27.34 -8.41
CA CYS J 118 2.37 -26.54 -8.17
C CYS J 118 2.18 -26.24 -6.69
N ALA J 119 2.43 -27.23 -5.82
CA ALA J 119 2.27 -27.03 -4.40
C ALA J 119 3.27 -26.02 -3.85
N ARG J 120 4.36 -25.76 -4.57
CA ARG J 120 5.33 -24.76 -4.17
C ARG J 120 5.02 -23.38 -4.76
N GLY J 121 3.91 -23.23 -5.46
CA GLY J 121 3.55 -21.98 -6.09
C GLY J 121 4.05 -21.83 -7.52
N ARG J 122 4.93 -22.70 -7.98
CA ARG J 122 5.55 -22.59 -9.29
C ARG J 122 4.71 -23.33 -10.34
N GLU J 123 3.48 -22.86 -10.51
CA GLU J 123 2.57 -23.50 -11.47
C GLU J 123 3.08 -23.39 -12.89
N ASN J 124 3.85 -22.35 -13.20
CA ASN J 124 4.41 -22.22 -14.55
C ASN J 124 5.35 -23.37 -14.88
N TYR J 125 5.81 -24.12 -13.88
CA TYR J 125 6.66 -25.29 -14.07
C TYR J 125 5.95 -26.58 -13.68
N CYS J 126 4.62 -26.59 -13.77
CA CYS J 126 3.84 -27.79 -13.47
C CYS J 126 4.29 -28.94 -14.35
N THR J 127 4.56 -30.08 -13.73
CA THR J 127 5.06 -31.25 -14.44
C THR J 127 3.94 -32.18 -14.93
N ARG J 128 2.68 -31.78 -14.77
CA ARG J 128 1.55 -32.59 -15.20
C ARG J 128 0.66 -31.88 -16.21
N ALA J 129 0.84 -30.58 -16.45
CA ALA J 129 -0.06 -29.84 -17.32
C ALA J 129 -0.06 -30.39 -18.74
N ALA J 130 1.12 -30.70 -19.27
CA ALA J 130 1.19 -31.22 -20.63
C ALA J 130 0.46 -32.54 -20.76
N ASP J 131 0.68 -33.45 -19.81
CA ASP J 131 0.01 -34.75 -19.87
C ASP J 131 -1.50 -34.62 -19.72
N LEU J 132 -1.96 -33.64 -18.95
CA LEU J 132 -3.38 -33.45 -18.69
C LEU J 132 -4.04 -32.50 -19.67
N GLY J 133 -3.28 -31.90 -20.59
CA GLY J 133 -3.86 -30.97 -21.54
C GLY J 133 -4.30 -29.66 -20.95
N ILE J 134 -3.69 -29.24 -19.85
CA ILE J 134 -3.99 -27.94 -19.25
C ILE J 134 -3.21 -26.87 -19.98
N THR J 135 -3.91 -25.97 -20.65
CA THR J 135 -3.32 -24.92 -21.46
C THR J 135 -3.69 -23.54 -20.91
N PRO J 136 -2.89 -22.52 -21.19
CA PRO J 136 -3.21 -21.18 -20.69
C PRO J 136 -4.40 -20.60 -21.43
N PRO J 137 -5.04 -19.58 -20.87
CA PRO J 137 -6.09 -18.88 -21.62
C PRO J 137 -5.49 -18.17 -22.83
N GLY J 138 -6.15 -18.33 -23.98
CA GLY J 138 -5.66 -17.74 -25.22
C GLY J 138 -4.58 -18.55 -25.91
N LEU J 139 -4.17 -19.69 -25.35
CA LEU J 139 -3.16 -20.55 -25.96
C LEU J 139 -3.56 -22.01 -25.81
N GLY J 140 -4.84 -22.30 -26.02
CA GLY J 140 -5.37 -23.65 -25.88
C GLY J 140 -6.71 -23.65 -25.19
N SER J 141 -6.87 -22.77 -24.22
CA SER J 141 -8.14 -22.51 -23.57
C SER J 141 -8.68 -21.15 -24.00
N PRO J 142 -9.99 -20.94 -23.93
CA PRO J 142 -10.56 -19.66 -24.38
C PRO J 142 -9.91 -18.48 -23.66
N GLY J 143 -9.47 -17.51 -24.44
CA GLY J 143 -8.72 -16.38 -23.93
C GLY J 143 -9.60 -15.25 -23.43
N SER J 144 -8.95 -14.09 -23.24
CA SER J 144 -9.60 -12.93 -22.65
C SER J 144 -10.12 -11.93 -23.68
N MET J 145 -9.82 -12.11 -24.96
CA MET J 145 -10.29 -11.18 -25.99
C MET J 145 -11.75 -11.48 -26.31
N ALA J 146 -12.60 -11.18 -25.32
CA ALA J 146 -14.03 -11.37 -25.44
C ALA J 146 -14.70 -10.56 -24.33
N GLU J 147 -16.00 -10.36 -24.47
CA GLU J 147 -16.74 -9.62 -23.45
C GLU J 147 -16.73 -10.36 -22.13
N TYR J 148 -16.66 -11.69 -22.17
CA TYR J 148 -16.61 -12.51 -20.96
C TYR J 148 -15.66 -13.67 -21.18
N MET J 149 -15.13 -14.20 -20.07
CA MET J 149 -14.25 -15.35 -20.14
C MET J 149 -14.43 -16.18 -18.88
N ILE J 150 -14.09 -17.46 -18.99
CA ILE J 150 -14.11 -18.39 -17.86
C ILE J 150 -12.69 -18.57 -17.35
N VAL J 151 -12.53 -18.52 -16.04
CA VAL J 151 -11.29 -18.90 -15.37
C VAL J 151 -11.55 -20.21 -14.64
N ASP J 152 -10.64 -21.16 -14.81
CA ASP J 152 -10.88 -22.52 -14.31
C ASP J 152 -10.98 -22.58 -12.79
N SER J 153 -10.23 -21.73 -12.09
CA SER J 153 -10.13 -21.83 -10.64
C SER J 153 -9.84 -20.45 -10.06
N ALA J 154 -10.28 -20.26 -8.81
CA ALA J 154 -10.05 -18.99 -8.13
C ALA J 154 -8.57 -18.72 -7.90
N ARG J 155 -7.74 -19.76 -7.87
CA ARG J 155 -6.31 -19.56 -7.65
C ARG J 155 -5.59 -19.01 -8.87
N HIS J 156 -6.31 -18.78 -9.98
CA HIS J 156 -5.73 -18.14 -11.15
C HIS J 156 -6.24 -16.71 -11.31
N LEU J 157 -6.84 -16.14 -10.27
CA LEU J 157 -7.22 -14.74 -10.23
C LEU J 157 -6.37 -14.02 -9.19
N VAL J 158 -5.86 -12.85 -9.56
CA VAL J 158 -5.01 -12.04 -8.69
C VAL J 158 -5.67 -10.67 -8.54
N PRO J 159 -6.05 -10.25 -7.34
CA PRO J 159 -6.70 -8.93 -7.20
C PRO J 159 -5.77 -7.81 -7.61
N ILE J 160 -6.35 -6.79 -8.25
CA ILE J 160 -5.61 -5.59 -8.66
C ILE J 160 -6.17 -4.33 -8.04
N GLY J 161 -7.23 -4.42 -7.24
CA GLY J 161 -7.76 -3.23 -6.61
C GLY J 161 -8.26 -2.23 -7.64
N ASP J 162 -7.90 -0.97 -7.45
CA ASP J 162 -8.29 0.11 -8.36
C ASP J 162 -7.28 0.35 -9.46
N LEU J 163 -6.33 -0.56 -9.66
CA LEU J 163 -5.36 -0.40 -10.74
C LEU J 163 -6.08 -0.39 -12.08
N ASP J 164 -5.66 0.52 -12.96
CA ASP J 164 -6.26 0.64 -14.28
C ASP J 164 -6.13 -0.69 -15.02
N PRO J 165 -7.23 -1.32 -15.45
CA PRO J 165 -7.10 -2.60 -16.16
C PRO J 165 -6.22 -2.51 -17.40
N VAL J 166 -6.22 -1.39 -18.10
CA VAL J 166 -5.39 -1.25 -19.29
C VAL J 166 -3.91 -1.31 -18.93
N ALA J 167 -3.54 -0.78 -17.76
CA ALA J 167 -2.15 -0.86 -17.32
C ALA J 167 -1.82 -2.22 -16.73
N ALA J 168 -2.83 -2.91 -16.17
CA ALA J 168 -2.59 -4.21 -15.56
C ALA J 168 -2.40 -5.30 -16.60
N ALA J 169 -3.13 -5.22 -17.72
CA ALA J 169 -3.13 -6.32 -18.69
C ALA J 169 -1.75 -6.65 -19.21
N PRO J 170 -0.95 -5.69 -19.71
CA PRO J 170 0.39 -6.06 -20.21
C PRO J 170 1.30 -6.63 -19.15
N LEU J 171 1.04 -6.36 -17.87
CA LEU J 171 1.93 -6.85 -16.82
C LEU J 171 1.69 -8.31 -16.49
N THR J 172 0.57 -8.89 -16.92
CA THR J 172 0.38 -10.33 -16.76
C THR J 172 1.40 -11.13 -17.56
N ASP J 173 2.00 -10.50 -18.57
CA ASP J 173 3.02 -11.17 -19.38
C ASP J 173 4.29 -10.33 -19.44
N ALA J 174 4.18 -9.10 -19.92
CA ALA J 174 5.36 -8.25 -20.09
C ALA J 174 5.98 -7.86 -18.76
N GLY J 175 5.23 -7.97 -17.66
CA GLY J 175 5.79 -7.71 -16.35
C GLY J 175 6.20 -8.98 -15.65
N LEU J 176 5.32 -9.99 -15.69
CA LEU J 176 5.57 -11.24 -14.99
C LEU J 176 6.79 -11.97 -15.57
N THR J 177 6.92 -11.97 -16.90
CA THR J 177 7.99 -12.76 -17.51
C THR J 177 9.36 -12.22 -17.17
N PRO J 178 9.65 -10.92 -17.32
CA PRO J 178 10.95 -10.42 -16.84
C PRO J 178 11.10 -10.53 -15.33
N TYR J 179 10.01 -10.29 -14.59
CA TYR J 179 10.09 -10.36 -13.13
C TYR J 179 10.53 -11.76 -12.68
N HIS J 180 9.99 -12.81 -13.31
CA HIS J 180 10.40 -14.16 -12.95
C HIS J 180 11.87 -14.39 -13.30
N ALA J 181 12.26 -14.01 -14.52
CA ALA J 181 13.64 -14.22 -14.94
C ALA J 181 14.62 -13.54 -13.99
N ILE J 182 14.30 -12.31 -13.57
CA ILE J 182 15.16 -11.61 -12.62
C ILE J 182 15.11 -12.26 -11.25
N SER J 183 13.92 -12.72 -10.84
CA SER J 183 13.76 -13.28 -9.51
C SER J 183 14.57 -14.57 -9.34
N ARG J 184 14.85 -15.27 -10.44
CA ARG J 184 15.55 -16.56 -10.34
C ARG J 184 16.96 -16.39 -9.79
N VAL J 185 17.57 -15.21 -9.95
CA VAL J 185 18.94 -14.98 -9.49
C VAL J 185 19.04 -13.66 -8.75
N LEU J 186 17.92 -13.18 -8.19
CA LEU J 186 17.95 -11.92 -7.46
C LEU J 186 19.01 -11.88 -6.36
N PRO J 187 19.27 -12.94 -5.61
CA PRO J 187 20.31 -12.87 -4.58
C PRO J 187 21.70 -12.53 -5.11
N LEU J 188 21.98 -12.76 -6.40
CA LEU J 188 23.27 -12.41 -6.96
C LEU J 188 23.39 -10.92 -7.28
N LEU J 189 22.26 -10.22 -7.38
CA LEU J 189 22.24 -8.84 -7.87
C LEU J 189 22.28 -7.85 -6.70
N GLY J 190 23.33 -7.98 -5.89
CA GLY J 190 23.55 -7.08 -4.78
C GLY J 190 24.31 -5.84 -5.21
N PRO J 191 24.57 -4.94 -4.25
CA PRO J 191 25.35 -3.74 -4.58
C PRO J 191 26.71 -4.11 -5.11
N GLY J 192 27.12 -3.43 -6.19
CA GLY J 192 28.35 -3.76 -6.88
C GLY J 192 28.17 -4.73 -8.03
N SER J 193 27.03 -5.40 -8.12
CA SER J 193 26.76 -6.30 -9.23
C SER J 193 26.38 -5.50 -10.47
N THR J 194 26.41 -6.16 -11.61
CA THR J 194 26.04 -5.56 -12.88
C THR J 194 25.08 -6.49 -13.61
N ALA J 195 23.97 -5.92 -14.11
CA ALA J 195 22.98 -6.68 -14.86
C ALA J 195 22.85 -6.07 -16.24
N VAL J 196 23.03 -6.88 -17.27
CA VAL J 196 22.92 -6.45 -18.66
C VAL J 196 21.55 -6.82 -19.19
N VAL J 197 20.90 -5.86 -19.84
CA VAL J 197 19.58 -6.07 -20.45
C VAL J 197 19.75 -5.89 -21.95
N ILE J 198 19.55 -6.97 -22.70
CA ILE J 198 19.66 -6.94 -24.16
C ILE J 198 18.25 -6.89 -24.74
N GLY J 199 17.95 -5.83 -25.50
CA GLY J 199 16.63 -5.62 -26.02
C GLY J 199 15.79 -4.81 -25.05
N VAL J 200 15.59 -3.53 -25.36
CA VAL J 200 14.84 -2.64 -24.47
C VAL J 200 13.45 -2.41 -25.06
N GLY J 201 12.92 -3.42 -25.73
CA GLY J 201 11.55 -3.37 -26.18
C GLY J 201 10.58 -3.50 -25.02
N GLY J 202 9.42 -4.10 -25.26
CA GLY J 202 8.43 -4.26 -24.21
C GLY J 202 8.97 -4.91 -22.96
N LEU J 203 9.43 -6.15 -23.07
CA LEU J 203 9.88 -6.89 -21.89
C LEU J 203 11.12 -6.26 -21.26
N GLY J 204 12.06 -5.81 -22.09
CA GLY J 204 13.33 -5.35 -21.56
C GLY J 204 13.23 -4.08 -20.75
N HIS J 205 12.41 -3.13 -21.20
CA HIS J 205 12.33 -1.86 -20.49
C HIS J 205 11.48 -2.00 -19.22
N VAL J 206 10.55 -2.94 -19.19
CA VAL J 206 9.92 -3.31 -17.93
C VAL J 206 10.95 -4.01 -17.03
N GLY J 207 11.81 -4.83 -17.63
CA GLY J 207 12.86 -5.48 -16.87
C GLY J 207 13.81 -4.49 -16.21
N ILE J 208 14.13 -3.40 -16.91
CA ILE J 208 14.99 -2.37 -16.33
C ILE J 208 14.33 -1.78 -15.09
N GLN J 209 13.04 -1.45 -15.19
CA GLN J 209 12.33 -0.87 -14.06
C GLN J 209 12.28 -1.84 -12.88
N ILE J 210 12.13 -3.14 -13.16
CA ILE J 210 12.11 -4.14 -12.09
C ILE J 210 13.46 -4.17 -11.40
N LEU J 211 14.54 -4.22 -12.19
CA LEU J 211 15.89 -4.30 -11.60
C LEU J 211 16.15 -3.11 -10.68
N ARG J 212 15.73 -1.90 -11.09
CA ARG J 212 15.95 -0.74 -10.26
C ARG J 212 15.08 -0.77 -9.01
N ALA J 213 13.92 -1.40 -9.08
CA ALA J 213 12.99 -1.36 -7.95
C ALA J 213 13.32 -2.41 -6.89
N VAL J 214 13.90 -3.54 -7.27
CA VAL J 214 14.09 -4.66 -6.35
C VAL J 214 15.55 -5.00 -6.13
N SER J 215 16.47 -4.21 -6.69
CA SER J 215 17.89 -4.49 -6.48
C SER J 215 18.70 -3.21 -6.61
N ALA J 216 19.93 -3.26 -6.13
CA ALA J 216 20.89 -2.18 -6.29
C ALA J 216 21.87 -2.43 -7.42
N ALA J 217 21.55 -3.38 -8.32
CA ALA J 217 22.46 -3.71 -9.40
C ALA J 217 22.59 -2.56 -10.39
N ARG J 218 23.79 -2.42 -10.93
CA ARG J 218 24.01 -1.47 -12.02
C ARG J 218 23.49 -2.09 -13.32
N VAL J 219 22.69 -1.32 -14.05
CA VAL J 219 21.98 -1.81 -15.23
C VAL J 219 22.62 -1.23 -16.48
N ILE J 220 23.06 -2.10 -17.37
CA ILE J 220 23.59 -1.72 -18.68
C ILE J 220 22.64 -2.26 -19.74
N ALA J 221 22.17 -1.38 -20.62
CA ALA J 221 21.23 -1.73 -21.66
C ALA J 221 21.94 -1.92 -22.99
N VAL J 222 21.39 -2.80 -23.82
CA VAL J 222 21.93 -3.10 -25.15
C VAL J 222 20.77 -3.18 -26.12
N ASP J 223 20.85 -2.43 -27.22
CA ASP J 223 19.80 -2.43 -28.22
C ASP J 223 20.35 -1.91 -29.53
N LEU J 224 19.56 -2.09 -30.60
CA LEU J 224 19.96 -1.65 -31.93
C LEU J 224 19.68 -0.16 -32.13
N ASP J 225 18.45 0.26 -31.87
CA ASP J 225 18.05 1.63 -32.17
C ASP J 225 18.73 2.61 -31.23
N ASP J 226 19.18 3.74 -31.79
CA ASP J 226 19.68 4.82 -30.97
C ASP J 226 18.59 5.40 -30.08
N ASP J 227 17.35 5.37 -30.55
CA ASP J 227 16.23 5.84 -29.74
C ASP J 227 16.03 4.95 -28.52
N ARG J 228 16.23 3.65 -28.68
CA ARG J 228 16.01 2.71 -27.58
C ARG J 228 17.04 2.91 -26.48
N LEU J 229 18.27 3.25 -26.84
CA LEU J 229 19.31 3.48 -25.83
C LEU J 229 18.94 4.66 -24.93
N ALA J 230 18.45 5.75 -25.53
CA ALA J 230 18.04 6.90 -24.74
C ALA J 230 16.87 6.55 -23.82
N LEU J 231 15.91 5.78 -24.33
CA LEU J 231 14.79 5.35 -23.50
C LEU J 231 15.27 4.49 -22.33
N ALA J 232 16.17 3.55 -22.61
CA ALA J 232 16.73 2.72 -21.55
C ALA J 232 17.30 3.58 -20.42
N ARG J 233 18.05 4.62 -20.78
CA ARG J 233 18.59 5.52 -19.76
C ARG J 233 17.48 6.21 -18.99
N GLU J 234 16.40 6.57 -19.68
CA GLU J 234 15.31 7.30 -19.03
C GLU J 234 14.63 6.46 -17.96
N VAL J 235 14.46 5.16 -18.22
CA VAL J 235 13.71 4.29 -17.30
C VAL J 235 14.58 3.70 -16.19
N GLY J 236 15.89 3.92 -16.22
CA GLY J 236 16.72 3.52 -15.09
C GLY J 236 18.08 2.94 -15.43
N ALA J 237 18.34 2.66 -16.70
CA ALA J 237 19.63 2.09 -17.07
C ALA J 237 20.75 3.09 -16.80
N ASP J 238 21.80 2.64 -16.11
CA ASP J 238 22.92 3.52 -15.82
C ASP J 238 23.78 3.76 -17.06
N ALA J 239 23.81 2.80 -17.98
CA ALA J 239 24.59 2.93 -19.20
C ALA J 239 23.88 2.16 -20.31
N ALA J 240 24.16 2.55 -21.54
CA ALA J 240 23.57 1.92 -22.72
C ALA J 240 24.61 1.86 -23.82
N VAL J 241 24.67 0.72 -24.52
CA VAL J 241 25.59 0.52 -25.62
C VAL J 241 24.82 -0.08 -26.79
N LYS J 242 25.40 0.03 -27.98
CA LYS J 242 24.75 -0.43 -29.19
C LYS J 242 24.92 -1.93 -29.35
N SER J 243 23.84 -2.60 -29.76
CA SER J 243 23.90 -4.03 -30.04
C SER J 243 24.69 -4.28 -31.32
N GLY J 244 25.38 -5.41 -31.36
CA GLY J 244 26.11 -5.82 -32.54
C GLY J 244 27.42 -6.49 -32.15
N ALA J 245 28.33 -6.56 -33.12
CA ALA J 245 29.59 -7.25 -32.91
C ALA J 245 30.45 -6.56 -31.85
N GLY J 246 30.27 -5.26 -31.66
CA GLY J 246 31.03 -4.51 -30.68
C GLY J 246 30.42 -4.40 -29.31
N ALA J 247 29.23 -4.97 -29.10
CA ALA J 247 28.56 -4.83 -27.81
C ALA J 247 29.38 -5.49 -26.70
N ALA J 248 29.94 -6.67 -26.96
CA ALA J 248 30.70 -7.38 -25.93
C ALA J 248 31.85 -6.52 -25.43
N ASP J 249 32.62 -5.92 -26.35
CA ASP J 249 33.72 -5.06 -25.94
C ASP J 249 33.21 -3.82 -25.20
N ALA J 250 32.16 -3.20 -25.71
CA ALA J 250 31.62 -2.00 -25.07
C ALA J 250 31.16 -2.30 -23.66
N ILE J 251 30.50 -3.45 -23.46
CA ILE J 251 30.06 -3.82 -22.11
C ILE J 251 31.26 -4.02 -21.21
N ARG J 252 32.25 -4.79 -21.66
CA ARG J 252 33.43 -5.04 -20.85
C ARG J 252 34.21 -3.76 -20.56
N GLU J 253 34.19 -2.79 -21.49
CA GLU J 253 34.79 -1.50 -21.22
C GLU J 253 34.13 -0.85 -19.99
N LEU J 254 32.80 -0.93 -19.90
CA LEU J 254 32.10 -0.30 -18.80
C LEU J 254 32.31 -1.05 -17.49
N THR J 255 32.46 -2.37 -17.55
CA THR J 255 32.66 -3.19 -16.35
C THR J 255 34.12 -3.39 -16.00
N GLY J 256 35.04 -2.86 -16.81
CA GLY J 256 36.45 -2.99 -16.49
C GLY J 256 37.01 -4.38 -16.65
N GLY J 257 36.38 -5.22 -17.47
CA GLY J 257 36.84 -6.58 -17.67
C GLY J 257 36.38 -7.57 -16.63
N GLN J 258 35.63 -7.13 -15.62
CA GLN J 258 35.15 -8.04 -14.59
C GLN J 258 33.98 -8.90 -15.06
N GLY J 259 33.29 -8.50 -16.12
CA GLY J 259 32.12 -9.19 -16.59
C GLY J 259 30.86 -8.76 -15.86
N ALA J 260 29.72 -9.19 -16.41
CA ALA J 260 28.42 -8.85 -15.87
C ALA J 260 27.90 -10.00 -15.02
N THR J 261 27.40 -9.67 -13.82
CA THR J 261 26.88 -10.70 -12.92
C THR J 261 25.77 -11.50 -13.58
N ALA J 262 24.84 -10.82 -14.23
CA ALA J 262 23.73 -11.48 -14.91
C ALA J 262 23.46 -10.78 -16.22
N VAL J 263 23.07 -11.56 -17.22
CA VAL J 263 22.69 -11.06 -18.54
C VAL J 263 21.29 -11.58 -18.83
N PHE J 264 20.35 -10.66 -19.03
CA PHE J 264 18.97 -11.00 -19.37
C PHE J 264 18.76 -10.65 -20.84
N ASP J 265 18.72 -11.67 -21.68
CA ASP J 265 18.62 -11.51 -23.13
C ASP J 265 17.15 -11.61 -23.52
N PHE J 266 16.51 -10.46 -23.72
CA PHE J 266 15.12 -10.41 -24.14
C PHE J 266 14.96 -10.44 -25.65
N VAL J 267 16.05 -10.51 -26.40
CA VAL J 267 15.98 -10.72 -27.84
C VAL J 267 15.99 -12.21 -28.18
N GLY J 268 16.95 -12.95 -27.63
CA GLY J 268 17.03 -14.37 -27.84
C GLY J 268 17.66 -14.79 -29.15
N ALA J 269 18.16 -13.85 -29.94
CA ALA J 269 18.86 -14.21 -31.17
C ALA J 269 20.20 -14.86 -30.83
N GLN J 270 20.76 -15.57 -31.81
CA GLN J 270 22.04 -16.24 -31.58
C GLN J 270 23.14 -15.23 -31.31
N SER J 271 23.12 -14.09 -31.99
CA SER J 271 24.15 -13.08 -31.80
C SER J 271 24.07 -12.47 -30.42
N THR J 272 22.85 -12.20 -29.93
CA THR J 272 22.71 -11.64 -28.59
C THR J 272 23.12 -12.65 -27.52
N ILE J 273 22.80 -13.93 -27.74
CA ILE J 273 23.25 -14.97 -26.81
C ILE J 273 24.77 -15.08 -26.83
N ASP J 274 25.37 -14.97 -28.02
CA ASP J 274 26.82 -15.00 -28.11
C ASP J 274 27.44 -13.85 -27.32
N THR J 275 26.87 -12.65 -27.43
CA THR J 275 27.37 -11.53 -26.65
C THR J 275 27.20 -11.78 -25.15
N ALA J 276 26.07 -12.39 -24.76
CA ALA J 276 25.86 -12.72 -23.36
C ALA J 276 26.99 -13.60 -22.84
N GLN J 277 27.32 -14.67 -23.56
CA GLN J 277 28.38 -15.56 -23.11
C GLN J 277 29.73 -14.87 -23.06
N GLN J 278 29.92 -13.82 -23.88
CA GLN J 278 31.19 -13.12 -23.93
C GLN J 278 31.37 -12.12 -22.81
N VAL J 279 30.29 -11.69 -22.16
CA VAL J 279 30.37 -10.69 -21.11
C VAL J 279 29.98 -11.22 -19.74
N VAL J 280 29.27 -12.35 -19.66
CA VAL J 280 28.82 -12.84 -18.36
C VAL J 280 30.03 -13.13 -17.47
N ALA J 281 29.88 -12.84 -16.19
CA ALA J 281 30.97 -13.00 -15.24
C ALA J 281 31.10 -14.45 -14.79
N VAL J 282 32.28 -14.76 -14.23
CA VAL J 282 32.47 -16.05 -13.58
C VAL J 282 31.45 -16.19 -12.46
N ASP J 283 30.80 -17.35 -12.39
CA ASP J 283 29.76 -17.62 -11.41
C ASP J 283 28.52 -16.77 -11.63
N GLY J 284 28.34 -16.24 -12.83
CA GLY J 284 27.22 -15.37 -13.16
C GLY J 284 26.02 -16.14 -13.67
N HIS J 285 25.23 -15.48 -14.51
CA HIS J 285 23.99 -16.05 -15.00
C HIS J 285 23.63 -15.43 -16.34
N ILE J 286 23.07 -16.24 -17.24
CA ILE J 286 22.47 -15.76 -18.48
C ILE J 286 21.04 -16.28 -18.51
N SER J 287 20.09 -15.39 -18.78
CA SER J 287 18.67 -15.72 -18.90
C SER J 287 18.24 -15.45 -20.33
N VAL J 288 17.92 -16.53 -21.07
CA VAL J 288 17.47 -16.42 -22.46
C VAL J 288 15.94 -16.31 -22.39
N VAL J 289 15.45 -15.08 -22.39
CA VAL J 289 14.01 -14.82 -22.28
C VAL J 289 13.36 -14.69 -23.65
N GLY J 290 14.00 -14.00 -24.58
CA GLY J 290 13.44 -13.85 -25.91
C GLY J 290 13.55 -15.12 -26.72
N ILE J 291 12.64 -15.29 -27.67
CA ILE J 291 12.53 -16.51 -28.46
C ILE J 291 12.93 -16.20 -29.90
N HIS J 292 13.95 -16.89 -30.38
CA HIS J 292 14.31 -16.94 -31.79
C HIS J 292 14.56 -18.41 -32.12
N ALA J 293 13.71 -19.00 -32.95
CA ALA J 293 13.75 -20.44 -33.20
C ALA J 293 15.15 -20.90 -33.56
N GLY J 294 15.67 -21.86 -32.79
CA GLY J 294 16.97 -22.43 -33.04
C GLY J 294 18.10 -21.79 -32.26
N ALA J 295 17.95 -20.54 -31.83
CA ALA J 295 19.00 -19.87 -31.06
C ALA J 295 19.19 -20.58 -29.72
N HIS J 296 20.45 -20.69 -29.30
CA HIS J 296 20.74 -21.41 -28.07
C HIS J 296 22.11 -21.00 -27.55
N ALA J 297 22.23 -20.92 -26.23
CA ALA J 297 23.53 -20.78 -25.61
C ALA J 297 24.28 -22.12 -25.68
N LYS J 298 25.60 -22.04 -25.70
CA LYS J 298 26.47 -23.21 -25.78
C LYS J 298 27.24 -23.29 -24.47
N VAL J 299 26.78 -24.14 -23.57
CA VAL J 299 27.30 -24.23 -22.21
C VAL J 299 28.29 -25.39 -22.17
N GLY J 300 29.58 -25.07 -22.23
CA GLY J 300 30.63 -26.07 -22.15
C GLY J 300 31.89 -25.43 -21.63
N PHE J 301 32.86 -26.29 -21.30
CA PHE J 301 34.11 -25.79 -20.73
C PHE J 301 34.82 -24.89 -21.74
N PHE J 302 35.27 -23.73 -21.26
CA PHE J 302 36.02 -22.76 -22.04
C PHE J 302 35.22 -22.17 -23.19
N MET J 303 33.91 -22.42 -23.23
CA MET J 303 32.99 -21.70 -24.10
C MET J 303 32.09 -20.76 -23.29
N ILE J 304 32.27 -20.73 -21.97
CA ILE J 304 31.47 -19.91 -21.06
C ILE J 304 32.24 -19.91 -19.74
N PRO J 305 32.22 -18.82 -18.97
CA PRO J 305 32.99 -18.81 -17.72
C PRO J 305 32.49 -19.88 -16.76
N PHE J 306 33.43 -20.39 -15.95
CA PHE J 306 33.07 -21.34 -14.89
C PHE J 306 31.94 -20.77 -14.03
N GLY J 307 30.99 -21.63 -13.69
CA GLY J 307 29.94 -21.30 -12.75
C GLY J 307 28.85 -20.40 -13.28
N ALA J 308 28.91 -19.99 -14.54
CA ALA J 308 27.88 -19.15 -15.13
C ALA J 308 26.73 -20.03 -15.62
N SER J 309 25.60 -19.98 -14.93
CA SER J 309 24.45 -20.80 -15.29
C SER J 309 23.64 -20.14 -16.39
N VAL J 310 22.93 -20.97 -17.16
CA VAL J 310 22.10 -20.51 -18.26
C VAL J 310 20.77 -21.23 -18.19
N VAL J 311 19.68 -20.51 -18.48
CA VAL J 311 18.34 -21.08 -18.43
C VAL J 311 17.44 -20.33 -19.39
N THR J 312 16.42 -21.02 -19.87
CA THR J 312 15.31 -20.39 -20.59
C THR J 312 14.12 -20.36 -19.64
N PRO J 313 13.86 -19.26 -18.94
CA PRO J 313 12.72 -19.22 -18.02
C PRO J 313 11.40 -19.16 -18.77
N TYR J 314 10.32 -19.45 -18.04
CA TYR J 314 8.98 -19.52 -18.62
C TYR J 314 8.02 -18.73 -17.74
N TRP J 315 7.47 -17.65 -18.28
CA TRP J 315 6.41 -16.85 -17.66
C TRP J 315 6.79 -16.59 -16.20
N GLY J 316 5.91 -16.84 -15.23
CA GLY J 316 6.23 -16.60 -13.84
C GLY J 316 5.24 -17.28 -12.92
N THR J 317 5.53 -17.22 -11.63
CA THR J 317 4.70 -17.84 -10.61
C THR J 317 3.58 -16.90 -10.19
N ARG J 318 2.63 -17.43 -9.42
CA ARG J 318 1.49 -16.63 -8.98
C ARG J 318 1.91 -15.57 -7.98
N SER J 319 2.74 -15.93 -6.99
CA SER J 319 3.21 -14.94 -6.04
C SER J 319 3.98 -13.84 -6.76
N GLU J 320 4.71 -14.17 -7.82
CA GLU J 320 5.43 -13.16 -8.57
C GLU J 320 4.48 -12.20 -9.27
N LEU J 321 3.37 -12.72 -9.82
CA LEU J 321 2.37 -11.85 -10.41
C LEU J 321 1.78 -10.92 -9.35
N MET J 322 1.56 -11.43 -8.15
CA MET J 322 1.14 -10.56 -7.04
C MET J 322 2.15 -9.46 -6.80
N GLU J 323 3.44 -9.80 -6.83
CA GLU J 323 4.48 -8.81 -6.58
C GLU J 323 4.58 -7.81 -7.74
N VAL J 324 4.36 -8.27 -8.97
CA VAL J 324 4.33 -7.35 -10.10
C VAL J 324 3.19 -6.36 -9.95
N VAL J 325 2.01 -6.84 -9.53
CA VAL J 325 0.87 -5.96 -9.32
C VAL J 325 1.18 -4.93 -8.24
N ALA J 326 1.84 -5.37 -7.17
CA ALA J 326 2.20 -4.44 -6.10
C ALA J 326 3.17 -3.38 -6.58
N LEU J 327 4.11 -3.75 -7.45
CA LEU J 327 5.02 -2.77 -8.02
C LEU J 327 4.27 -1.76 -8.88
N ALA J 328 3.31 -2.24 -9.68
CA ALA J 328 2.55 -1.34 -10.53
C ALA J 328 1.73 -0.36 -9.70
N ARG J 329 1.07 -0.85 -8.66
CA ARG J 329 0.23 0.02 -7.84
C ARG J 329 1.06 1.00 -7.03
N ALA J 330 2.35 0.73 -6.83
CA ALA J 330 3.26 1.69 -6.22
C ALA J 330 3.89 2.63 -7.26
N GLY J 331 3.50 2.52 -8.52
CA GLY J 331 4.00 3.41 -9.55
C GLY J 331 5.42 3.13 -10.01
N ARG J 332 5.94 1.94 -9.72
CA ARG J 332 7.31 1.60 -10.12
C ARG J 332 7.38 0.98 -11.52
N LEU J 333 6.25 0.61 -12.11
CA LEU J 333 6.23 -0.02 -13.42
C LEU J 333 5.35 0.78 -14.37
N ASP J 334 5.81 0.91 -15.62
CA ASP J 334 5.10 1.68 -16.62
C ASP J 334 5.43 1.13 -18.00
N ILE J 335 4.39 0.81 -18.77
CA ILE J 335 4.53 0.33 -20.14
C ILE J 335 3.54 1.12 -20.99
N HIS J 336 4.02 1.70 -22.09
CA HIS J 336 3.14 2.40 -23.00
C HIS J 336 2.09 1.44 -23.56
N THR J 337 0.84 1.89 -23.57
CA THR J 337 -0.27 1.08 -24.06
C THR J 337 -1.02 1.82 -25.15
N GLU J 338 -1.69 1.03 -25.99
CA GLU J 338 -2.54 1.55 -27.06
C GLU J 338 -3.80 0.71 -27.08
N THR J 339 -4.95 1.36 -26.94
CA THR J 339 -6.21 0.65 -26.72
C THR J 339 -6.97 0.46 -28.03
N PHE J 340 -7.68 -0.66 -28.11
CA PHE J 340 -8.52 -0.98 -29.26
C PHE J 340 -9.85 -1.52 -28.76
N THR J 341 -10.84 -1.53 -29.66
CA THR J 341 -12.11 -2.18 -29.40
C THR J 341 -12.05 -3.64 -29.81
N LEU J 342 -13.04 -4.41 -29.38
CA LEU J 342 -13.13 -5.80 -29.80
C LEU J 342 -13.27 -5.90 -31.31
N ASP J 343 -14.06 -5.00 -31.91
CA ASP J 343 -14.17 -4.99 -33.37
C ASP J 343 -12.85 -4.67 -34.04
N GLU J 344 -11.97 -3.92 -33.37
CA GLU J 344 -10.66 -3.59 -33.89
C GLU J 344 -9.63 -4.68 -33.62
N GLY J 345 -10.03 -5.79 -33.01
CA GLY J 345 -9.11 -6.85 -32.66
C GLY J 345 -8.24 -7.29 -33.82
N PRO J 346 -8.86 -7.84 -34.88
CA PRO J 346 -8.08 -8.26 -36.03
C PRO J 346 -7.16 -7.18 -36.57
N ALA J 347 -7.63 -5.93 -36.61
CA ALA J 347 -6.79 -4.83 -37.07
C ALA J 347 -5.62 -4.59 -36.12
N ALA J 348 -5.85 -4.78 -34.82
CA ALA J 348 -4.77 -4.61 -33.85
C ALA J 348 -3.66 -5.63 -34.07
N TYR J 349 -4.03 -6.89 -34.34
CA TYR J 349 -3.01 -7.90 -34.58
C TYR J 349 -2.24 -7.64 -35.86
N ARG J 350 -2.89 -7.03 -36.86
CA ARG J 350 -2.15 -6.60 -38.04
C ARG J 350 -1.15 -5.51 -37.71
N ARG J 351 -1.56 -4.53 -36.90
CA ARG J 351 -0.64 -3.50 -36.44
C ARG J 351 0.57 -4.11 -35.75
N LEU J 352 0.35 -5.12 -34.92
CA LEU J 352 1.45 -5.75 -34.21
C LEU J 352 2.38 -6.47 -35.20
N ARG J 353 1.82 -7.10 -36.23
CA ARG J 353 2.65 -7.81 -37.21
C ARG J 353 3.64 -6.86 -37.87
N GLU J 354 3.17 -5.69 -38.31
CA GLU J 354 4.05 -4.72 -38.94
C GLU J 354 4.92 -3.97 -37.94
N GLY J 355 4.85 -4.30 -36.66
CA GLY J 355 5.69 -3.64 -35.67
C GLY J 355 5.40 -2.17 -35.53
N SER J 356 4.13 -1.79 -35.62
CA SER J 356 3.73 -0.38 -35.51
C SER J 356 3.36 0.03 -34.10
N ILE J 357 3.19 -0.91 -33.18
CA ILE J 357 2.77 -0.62 -31.82
C ILE J 357 4.01 -0.37 -30.96
N ARG J 358 4.04 0.78 -30.29
CA ARG J 358 5.03 1.05 -29.26
C ARG J 358 4.45 0.63 -27.91
N GLY J 359 5.19 -0.19 -27.20
CA GLY J 359 4.72 -0.72 -25.91
C GLY J 359 3.88 -1.98 -26.12
N ARG J 360 2.60 -1.89 -25.76
CA ARG J 360 1.72 -3.05 -25.81
C ARG J 360 0.32 -2.61 -26.21
N GLY J 361 -0.29 -3.37 -27.12
CA GLY J 361 -1.68 -3.14 -27.48
C GLY J 361 -2.62 -3.83 -26.50
N VAL J 362 -3.73 -3.18 -26.21
CA VAL J 362 -4.72 -3.67 -25.26
C VAL J 362 -6.11 -3.52 -25.86
N VAL J 363 -6.89 -4.59 -25.82
CA VAL J 363 -8.27 -4.58 -26.33
C VAL J 363 -9.19 -4.35 -25.14
N VAL J 364 -10.06 -3.35 -25.27
CA VAL J 364 -10.99 -2.97 -24.22
C VAL J 364 -12.41 -3.20 -24.73
N PRO J 365 -13.06 -4.30 -24.30
CA PRO J 365 -14.45 -4.56 -24.71
C PRO J 365 -15.40 -3.42 -24.33
N PRO K 16 56.62 54.29 55.91
CA PRO K 16 55.17 54.23 55.71
C PRO K 16 54.51 55.60 55.83
N ARG K 17 53.19 55.65 55.63
CA ARG K 17 52.43 56.89 55.79
C ARG K 17 51.01 56.49 56.18
N GLY K 18 50.73 56.54 57.48
CA GLY K 18 49.44 56.11 58.00
C GLY K 18 49.61 55.16 59.17
N SER K 19 48.99 55.50 60.30
CA SER K 19 49.15 54.68 61.50
C SER K 19 48.44 53.34 61.38
N HIS K 20 47.41 53.24 60.54
CA HIS K 20 46.65 52.01 60.39
C HIS K 20 46.77 51.49 58.96
N MET K 21 46.56 50.19 58.79
CA MET K 21 46.67 49.57 57.49
C MET K 21 45.67 48.42 57.39
N LYS K 22 45.33 48.08 56.15
CA LYS K 22 44.42 46.97 55.88
C LYS K 22 45.20 45.66 55.81
N ALA K 23 44.55 44.58 56.21
CA ALA K 23 45.19 43.27 56.22
C ALA K 23 44.12 42.19 56.25
N VAL K 24 44.52 40.98 55.86
CA VAL K 24 43.69 39.79 55.93
C VAL K 24 44.31 38.84 56.95
N GLN K 25 43.52 38.42 57.93
CA GLN K 25 44.04 37.67 59.06
C GLN K 25 43.19 36.44 59.34
N TYR K 26 43.87 35.39 59.78
CA TYR K 26 43.23 34.18 60.32
C TYR K 26 43.12 34.38 61.82
N THR K 27 41.89 34.59 62.31
CA THR K 27 41.68 35.10 63.66
C THR K 27 41.20 34.06 64.67
N GLU K 28 40.41 33.08 64.24
CA GLU K 28 39.99 32.01 65.14
C GLU K 28 39.92 30.71 64.35
N ILE K 29 40.25 29.60 65.04
CA ILE K 29 40.37 28.32 64.36
C ILE K 29 39.01 27.90 63.81
N GLY K 30 39.03 27.33 62.60
CA GLY K 30 37.82 26.88 61.95
C GLY K 30 37.05 27.94 61.20
N SER K 31 37.44 29.21 61.31
CA SER K 31 36.74 30.31 60.67
C SER K 31 37.54 30.82 59.48
N GLU K 32 36.84 31.50 58.57
CA GLU K 32 37.47 32.02 57.38
C GLU K 32 38.26 33.28 57.70
N PRO K 33 39.24 33.63 56.85
CA PRO K 33 39.98 34.88 57.07
C PRO K 33 39.06 36.08 56.93
N VAL K 34 39.49 37.19 57.53
CA VAL K 34 38.69 38.41 57.59
C VAL K 34 39.59 39.59 57.25
N VAL K 35 39.01 40.59 56.56
CA VAL K 35 39.69 41.86 56.37
C VAL K 35 39.64 42.63 57.68
N VAL K 36 40.79 43.18 58.09
CA VAL K 36 40.92 43.88 59.35
C VAL K 36 41.65 45.20 59.14
N ASP K 37 41.56 46.06 60.14
CA ASP K 37 42.30 47.32 60.18
C ASP K 37 43.21 47.27 61.40
N ILE K 38 44.52 47.25 61.16
CA ILE K 38 45.51 47.08 62.23
C ILE K 38 46.59 48.14 62.07
N PRO K 39 47.35 48.39 63.13
CA PRO K 39 48.36 49.45 63.06
C PRO K 39 49.46 49.14 62.06
N THR K 40 50.01 50.20 61.48
CA THR K 40 51.14 50.06 60.57
C THR K 40 52.41 49.78 61.37
N PRO K 41 53.13 48.69 61.09
CA PRO K 41 54.32 48.38 61.89
C PRO K 41 55.48 49.33 61.57
N THR K 42 56.39 49.44 62.53
CA THR K 42 57.57 50.25 62.39
C THR K 42 58.81 49.37 62.38
N PRO K 43 59.74 49.56 61.45
CA PRO K 43 60.91 48.69 61.38
C PRO K 43 61.87 48.96 62.53
N GLY K 44 62.19 47.91 63.30
CA GLY K 44 63.21 48.01 64.30
C GLY K 44 64.60 47.86 63.72
N PRO K 45 65.60 47.92 64.59
CA PRO K 45 66.99 47.77 64.12
C PRO K 45 67.19 46.44 63.40
N GLY K 46 67.69 46.52 62.17
CA GLY K 46 67.93 45.35 61.36
C GLY K 46 66.75 44.90 60.50
N GLU K 47 65.58 45.50 60.69
CA GLU K 47 64.38 45.13 59.95
C GLU K 47 64.16 46.09 58.78
N ILE K 48 63.26 45.70 57.89
CA ILE K 48 62.87 46.49 56.74
C ILE K 48 61.36 46.49 56.63
N LEU K 49 60.78 47.65 56.35
CA LEU K 49 59.36 47.78 56.09
C LEU K 49 59.15 47.84 54.58
N LEU K 50 58.28 46.98 54.07
CA LEU K 50 57.95 46.91 52.66
C LEU K 50 56.53 47.40 52.42
N LYS K 51 56.35 48.21 51.39
CA LYS K 51 55.02 48.46 50.85
C LYS K 51 54.70 47.30 49.92
N VAL K 52 53.74 46.47 50.31
CA VAL K 52 53.43 45.27 49.56
C VAL K 52 52.89 45.63 48.18
N THR K 53 53.46 45.03 47.14
CA THR K 53 52.97 45.18 45.78
C THR K 53 52.26 43.94 45.26
N ALA K 54 52.47 42.79 45.88
CA ALA K 54 51.82 41.55 45.48
C ALA K 54 51.98 40.48 46.54
N ALA K 55 50.89 39.82 46.92
CA ALA K 55 50.90 38.75 47.90
C ALA K 55 50.11 37.58 47.36
N GLY K 56 50.78 36.44 47.16
CA GLY K 56 50.14 35.30 46.53
C GLY K 56 49.50 34.34 47.52
N LEU K 57 48.46 33.66 47.06
CA LEU K 57 47.79 32.62 47.81
C LEU K 57 48.21 31.25 47.28
N CYS K 58 48.17 30.24 48.15
CA CYS K 58 48.41 28.87 47.72
C CYS K 58 47.71 27.95 48.70
N HIS K 59 47.59 26.68 48.29
CA HIS K 59 46.81 25.72 49.07
C HIS K 59 47.40 25.48 50.45
N SER K 60 48.70 25.75 50.65
CA SER K 60 49.28 25.58 51.97
C SER K 60 48.58 26.44 53.01
N ASP K 61 48.06 27.60 52.60
CA ASP K 61 47.26 28.41 53.50
C ASP K 61 45.99 27.67 53.92
N ILE K 62 45.39 26.92 52.98
CA ILE K 62 44.21 26.13 53.30
C ILE K 62 44.58 25.06 54.33
N PHE K 63 45.70 24.36 54.11
CA PHE K 63 46.11 23.30 55.02
C PHE K 63 46.32 23.84 56.43
N VAL K 64 46.95 25.01 56.55
CA VAL K 64 47.17 25.59 57.87
C VAL K 64 45.84 25.93 58.54
N MET K 65 44.93 26.56 57.79
CA MET K 65 43.64 26.95 58.34
C MET K 65 42.73 25.76 58.61
N ASP K 66 43.03 24.60 58.00
CA ASP K 66 42.28 23.38 58.26
C ASP K 66 42.81 22.61 59.46
N MET K 67 43.93 23.03 60.04
CA MET K 67 44.47 22.34 61.20
C MET K 67 43.49 22.45 62.37
N PRO K 68 43.25 21.36 63.10
CA PRO K 68 42.39 21.46 64.29
C PRO K 68 42.97 22.39 65.34
N ALA K 69 42.23 22.60 66.44
CA ALA K 69 42.71 23.48 67.49
C ALA K 69 43.99 22.95 68.13
N ALA K 70 44.06 21.64 68.36
CA ALA K 70 45.22 21.06 69.02
C ALA K 70 46.45 21.09 68.12
N GLN K 71 46.28 20.67 66.86
CA GLN K 71 47.44 20.58 65.97
C GLN K 71 48.01 21.95 65.64
N TYR K 72 47.14 22.92 65.34
CA TYR K 72 47.60 24.25 64.95
C TYR K 72 48.47 24.86 66.04
N ALA K 73 49.66 25.29 65.65
CA ALA K 73 50.63 25.87 66.58
C ALA K 73 51.40 27.01 65.89
N TYR K 74 50.66 27.93 65.26
CA TYR K 74 51.25 29.03 64.52
C TYR K 74 50.80 30.40 65.01
N GLY K 75 49.94 30.47 66.04
CA GLY K 75 49.63 31.72 66.68
C GLY K 75 48.58 32.57 65.98
N LEU K 76 47.64 33.11 66.76
CA LEU K 76 46.57 33.96 66.25
C LEU K 76 46.59 35.31 66.97
N PRO K 77 46.22 36.41 66.29
CA PRO K 77 45.82 36.50 64.88
C PRO K 77 47.03 36.39 63.95
N LEU K 78 46.82 36.05 62.68
CA LEU K 78 47.92 35.79 61.76
C LEU K 78 47.61 36.48 60.44
N THR K 79 48.41 37.50 60.10
CA THR K 79 48.35 38.11 58.78
C THR K 79 48.87 37.10 57.76
N LEU K 80 47.97 36.62 56.89
CA LEU K 80 48.33 35.57 55.95
C LEU K 80 49.27 36.11 54.87
N GLY K 81 49.80 35.18 54.07
CA GLY K 81 50.63 35.53 52.94
C GLY K 81 52.09 35.21 53.11
N HIS K 82 52.52 34.06 52.59
CA HIS K 82 53.93 33.67 52.63
C HIS K 82 54.60 33.79 51.26
N GLU K 83 53.97 34.50 50.32
CA GLU K 83 54.55 34.79 49.00
C GLU K 83 54.50 36.30 48.82
N GLY K 84 55.51 36.99 49.36
CA GLY K 84 55.49 38.44 49.43
C GLY K 84 56.42 39.09 48.42
N VAL K 85 55.94 40.18 47.83
CA VAL K 85 56.73 41.05 46.97
C VAL K 85 56.34 42.49 47.28
N GLY K 86 57.31 43.39 47.23
CA GLY K 86 57.01 44.78 47.53
C GLY K 86 58.19 45.67 47.24
N THR K 87 58.07 46.91 47.70
CA THR K 87 59.12 47.92 47.57
C THR K 87 59.57 48.35 48.96
N VAL K 88 60.86 48.64 49.10
CA VAL K 88 61.39 49.07 50.39
C VAL K 88 60.75 50.41 50.75
N ALA K 89 60.09 50.45 51.90
CA ALA K 89 59.42 51.67 52.38
C ALA K 89 60.23 52.38 53.46
N GLU K 90 60.86 51.64 54.35
CA GLU K 90 61.69 52.24 55.40
C GLU K 90 62.73 51.23 55.85
N LEU K 91 63.96 51.70 56.03
CA LEU K 91 65.07 50.86 56.46
C LEU K 91 65.27 51.01 57.96
N GLY K 92 65.21 49.89 58.67
CA GLY K 92 65.53 49.90 60.08
C GLY K 92 66.96 50.35 60.32
N GLU K 93 67.25 50.62 61.59
CA GLU K 93 68.56 51.10 61.96
C GLU K 93 69.64 50.09 61.59
N GLY K 94 70.71 50.57 60.96
CA GLY K 94 71.84 49.73 60.59
C GLY K 94 71.64 48.91 59.33
N VAL K 95 70.45 48.95 58.72
CA VAL K 95 70.18 48.14 57.54
C VAL K 95 70.79 48.84 56.33
N THR K 96 71.82 48.23 55.76
CA THR K 96 72.45 48.70 54.54
C THR K 96 72.49 47.56 53.53
N GLY K 97 72.17 47.87 52.27
CA GLY K 97 72.12 46.87 51.24
C GLY K 97 70.95 47.07 50.29
N PHE K 98 70.01 47.94 50.68
CA PHE K 98 68.86 48.26 49.85
C PHE K 98 68.51 49.73 50.03
N GLY K 99 67.96 50.32 48.98
CA GLY K 99 67.48 51.69 49.04
C GLY K 99 65.97 51.75 49.02
N VAL K 100 65.40 52.85 49.53
CA VAL K 100 63.95 52.99 49.50
C VAL K 100 63.47 52.97 48.05
N GLY K 101 62.40 52.22 47.80
CA GLY K 101 61.87 52.07 46.47
C GLY K 101 62.31 50.81 45.74
N ASP K 102 63.36 50.14 46.24
CA ASP K 102 63.86 48.93 45.58
C ASP K 102 62.80 47.83 45.61
N ALA K 103 62.55 47.23 44.45
CA ALA K 103 61.61 46.12 44.37
C ALA K 103 62.30 44.84 44.79
N VAL K 104 61.68 44.11 45.72
CA VAL K 104 62.29 42.92 46.31
C VAL K 104 61.23 41.86 46.55
N ALA K 105 61.65 40.60 46.45
CA ALA K 105 60.84 39.46 46.85
C ALA K 105 61.25 39.01 48.24
N VAL K 106 60.32 38.41 48.96
CA VAL K 106 60.53 37.99 50.34
C VAL K 106 60.87 36.51 50.35
N TYR K 107 62.08 36.19 50.83
CA TYR K 107 62.45 34.80 51.04
C TYR K 107 61.67 34.24 52.22
N GLY K 108 60.98 33.12 51.98
CA GLY K 108 60.00 32.63 52.92
C GLY K 108 60.55 31.91 54.13
N PRO K 109 61.27 30.79 53.90
CA PRO K 109 61.65 29.94 55.03
C PRO K 109 62.76 30.54 55.87
N TRP K 110 62.40 31.46 56.76
CA TRP K 110 63.38 32.13 57.60
C TRP K 110 64.09 31.15 58.51
N GLY K 111 65.41 31.33 58.66
CA GLY K 111 66.21 30.52 59.55
C GLY K 111 67.01 31.40 60.51
N CYS K 112 67.85 30.73 61.31
CA CYS K 112 68.62 31.44 62.33
C CYS K 112 69.82 32.17 61.74
N GLY K 113 70.33 31.72 60.59
CA GLY K 113 71.46 32.36 59.95
C GLY K 113 72.81 32.03 60.54
N ALA K 114 72.86 31.19 61.57
CA ALA K 114 74.10 30.91 62.29
C ALA K 114 74.47 29.43 62.36
N CYS K 115 73.56 28.51 62.09
CA CYS K 115 73.86 27.09 62.14
C CYS K 115 74.57 26.66 60.84
N HIS K 116 75.07 25.42 60.86
CA HIS K 116 75.84 24.92 59.73
C HIS K 116 75.01 24.92 58.45
N ALA K 117 73.74 24.54 58.54
CA ALA K 117 72.88 24.55 57.35
C ALA K 117 72.67 25.96 56.84
N CYS K 118 72.43 26.92 57.75
CA CYS K 118 72.25 28.30 57.33
C CYS K 118 73.54 28.86 56.72
N ALA K 119 74.69 28.53 57.30
CA ALA K 119 75.96 29.01 56.77
C ALA K 119 76.24 28.48 55.38
N ARG K 120 75.66 27.33 55.03
CA ARG K 120 75.80 26.77 53.68
C ARG K 120 74.82 27.36 52.69
N GLY K 121 73.97 28.30 53.11
CA GLY K 121 72.94 28.84 52.26
C GLY K 121 71.63 28.10 52.31
N ARG K 122 71.54 27.00 53.05
CA ARG K 122 70.33 26.19 53.12
C ARG K 122 69.51 26.56 54.35
N GLU K 123 69.03 27.81 54.36
CA GLU K 123 68.24 28.30 55.49
C GLU K 123 66.93 27.53 55.63
N ASN K 124 66.37 27.04 54.52
CA ASN K 124 65.13 26.27 54.59
C ASN K 124 65.31 25.02 55.45
N TYR K 125 66.53 24.52 55.60
CA TYR K 125 66.82 23.37 56.43
C TYR K 125 67.54 23.77 57.73
N CYS K 126 67.23 24.95 58.24
CA CYS K 126 67.82 25.42 59.49
C CYS K 126 67.45 24.46 60.62
N THR K 127 68.44 24.08 61.41
CA THR K 127 68.27 23.12 62.49
C THR K 127 67.93 23.79 63.83
N ARG K 128 67.91 25.12 63.87
CA ARG K 128 67.59 25.84 65.10
C ARG K 128 66.32 26.68 65.01
N ALA K 129 65.72 26.81 63.81
CA ALA K 129 64.56 27.68 63.66
C ALA K 129 63.42 27.26 64.57
N ALA K 130 63.14 25.96 64.64
CA ALA K 130 62.03 25.48 65.48
C ALA K 130 62.29 25.80 66.95
N ASP K 131 63.51 25.54 67.43
CA ASP K 131 63.84 25.82 68.82
C ASP K 131 63.70 27.31 69.13
N LEU K 132 64.06 28.16 68.18
CA LEU K 132 64.07 29.60 68.39
C LEU K 132 62.77 30.28 68.01
N GLY K 133 61.76 29.52 67.56
CA GLY K 133 60.49 30.12 67.19
C GLY K 133 60.53 30.95 65.92
N ILE K 134 61.52 30.73 65.07
CA ILE K 134 61.61 31.46 63.80
C ILE K 134 60.63 30.83 62.81
N THR K 135 59.64 31.61 62.38
CA THR K 135 58.60 31.13 61.50
C THR K 135 58.53 31.97 60.23
N PRO K 136 58.05 31.42 59.12
CA PRO K 136 57.98 32.19 57.88
C PRO K 136 56.88 33.23 57.92
N PRO K 137 56.94 34.26 57.08
CA PRO K 137 55.83 35.20 56.98
C PRO K 137 54.56 34.48 56.54
N GLY K 138 53.45 34.79 57.20
CA GLY K 138 52.18 34.18 56.90
C GLY K 138 52.01 32.77 57.42
N LEU K 139 53.03 32.21 58.07
CA LEU K 139 52.97 30.87 58.65
C LEU K 139 53.54 30.89 60.06
N GLY K 140 53.20 31.92 60.83
CA GLY K 140 53.71 32.08 62.17
C GLY K 140 54.09 33.52 62.46
N SER K 141 54.62 34.19 61.45
CA SER K 141 54.95 35.61 61.52
C SER K 141 54.03 36.39 60.58
N PRO K 142 53.88 37.70 60.80
CA PRO K 142 52.98 38.49 59.95
C PRO K 142 53.33 38.37 58.48
N GLY K 143 52.34 38.02 57.67
CA GLY K 143 52.55 37.74 56.27
C GLY K 143 52.48 38.98 55.40
N SER K 144 52.44 38.75 54.09
CA SER K 144 52.50 39.81 53.10
C SER K 144 51.11 40.32 52.70
N MET K 145 50.04 39.65 53.12
CA MET K 145 48.68 40.06 52.74
C MET K 145 48.24 41.28 53.54
N ALA K 146 48.97 42.37 53.35
CA ALA K 146 48.68 43.63 54.00
C ALA K 146 49.31 44.74 53.16
N GLU K 147 48.90 45.98 53.44
CA GLU K 147 49.45 47.12 52.72
C GLU K 147 50.94 47.24 52.97
N TYR K 148 51.39 46.95 54.18
CA TYR K 148 52.80 46.97 54.55
C TYR K 148 53.13 45.71 55.33
N MET K 149 54.41 45.33 55.31
CA MET K 149 54.87 44.17 56.06
C MET K 149 56.29 44.42 56.54
N ILE K 150 56.67 43.66 57.56
CA ILE K 150 58.00 43.72 58.15
C ILE K 150 58.76 42.46 57.72
N VAL K 151 60.02 42.64 57.33
CA VAL K 151 60.93 41.54 57.07
C VAL K 151 62.06 41.61 58.09
N ASP K 152 62.35 40.47 58.71
CA ASP K 152 63.23 40.46 59.89
C ASP K 152 64.65 40.89 59.55
N SER K 153 65.14 40.55 58.36
CA SER K 153 66.54 40.77 58.03
C SER K 153 66.68 41.09 56.54
N ALA K 154 67.77 41.77 56.20
CA ALA K 154 68.03 42.13 54.81
C ALA K 154 68.36 40.91 53.96
N ARG K 155 68.90 39.85 54.57
CA ARG K 155 69.24 38.67 53.80
C ARG K 155 68.00 37.89 53.35
N HIS K 156 66.83 38.22 53.87
CA HIS K 156 65.58 37.61 53.42
C HIS K 156 64.90 38.43 52.33
N LEU K 157 65.64 39.34 51.69
CA LEU K 157 65.14 40.12 50.57
C LEU K 157 65.97 39.79 49.34
N VAL K 158 65.29 39.53 48.22
CA VAL K 158 65.92 39.20 46.95
C VAL K 158 65.46 40.23 45.93
N PRO K 159 66.36 40.95 45.26
CA PRO K 159 65.92 41.95 44.29
C PRO K 159 65.32 41.31 43.05
N ILE K 160 64.30 41.99 42.50
CA ILE K 160 63.60 41.52 41.31
C ILE K 160 63.68 42.52 40.17
N GLY K 161 64.27 43.68 40.38
CA GLY K 161 64.36 44.67 39.31
C GLY K 161 62.99 45.11 38.85
N ASP K 162 62.83 45.25 37.54
CA ASP K 162 61.58 45.69 36.94
C ASP K 162 60.61 44.54 36.69
N LEU K 163 60.87 43.36 37.25
CA LEU K 163 59.94 42.24 37.09
C LEU K 163 58.58 42.57 37.69
N ASP K 164 57.53 42.21 36.98
CA ASP K 164 56.17 42.49 37.44
C ASP K 164 55.95 41.88 38.82
N PRO K 165 55.56 42.67 39.83
CA PRO K 165 55.34 42.08 41.16
C PRO K 165 54.35 40.94 41.16
N VAL K 166 53.27 41.04 40.39
CA VAL K 166 52.28 39.97 40.34
C VAL K 166 52.89 38.70 39.79
N ALA K 167 53.77 38.83 38.78
CA ALA K 167 54.45 37.66 38.24
C ALA K 167 55.50 37.14 39.21
N ALA K 168 56.08 38.02 40.02
CA ALA K 168 57.14 37.61 40.93
C ALA K 168 56.62 36.88 42.16
N ALA K 169 55.43 37.22 42.63
CA ALA K 169 54.94 36.65 43.89
C ALA K 169 54.85 35.13 43.84
N PRO K 170 54.28 34.50 42.82
CA PRO K 170 54.26 33.03 42.79
C PRO K 170 55.64 32.40 42.78
N LEU K 171 56.65 33.11 42.25
CA LEU K 171 58.00 32.55 42.19
C LEU K 171 58.51 32.19 43.58
N THR K 172 58.07 32.91 44.61
CA THR K 172 58.58 32.67 45.96
C THR K 172 58.20 31.29 46.48
N ASP K 173 57.12 30.71 45.95
CA ASP K 173 56.70 29.37 46.38
C ASP K 173 56.48 28.46 45.17
N ALA K 174 55.59 28.86 44.26
CA ALA K 174 55.30 28.02 43.11
C ALA K 174 56.52 27.83 42.22
N GLY K 175 57.47 28.76 42.25
CA GLY K 175 58.70 28.61 41.50
C GLY K 175 59.82 28.01 42.32
N LEU K 176 60.02 28.55 43.52
CA LEU K 176 61.14 28.12 44.36
C LEU K 176 61.00 26.66 44.78
N THR K 177 59.77 26.23 45.12
CA THR K 177 59.61 24.88 45.64
C THR K 177 59.89 23.82 44.58
N PRO K 178 59.31 23.87 43.37
CA PRO K 178 59.72 22.90 42.34
C PRO K 178 61.19 23.04 41.97
N TYR K 179 61.71 24.28 41.92
CA TYR K 179 63.10 24.47 41.55
C TYR K 179 64.04 23.77 42.52
N HIS K 180 63.75 23.86 43.82
CA HIS K 180 64.60 23.19 44.81
C HIS K 180 64.54 21.68 44.66
N ALA K 181 63.33 21.14 44.47
CA ALA K 181 63.18 19.70 44.32
C ALA K 181 64.00 19.19 43.13
N ILE K 182 63.90 19.88 42.00
CA ILE K 182 64.68 19.48 40.82
C ILE K 182 66.17 19.67 41.08
N SER K 183 66.55 20.77 41.73
CA SER K 183 67.97 21.05 41.94
C SER K 183 68.63 19.99 42.81
N ARG K 184 67.87 19.33 43.68
CA ARG K 184 68.45 18.33 44.57
C ARG K 184 69.04 17.15 43.80
N VAL K 185 68.58 16.89 42.58
CA VAL K 185 69.05 15.75 41.81
C VAL K 185 69.35 16.17 40.36
N LEU K 186 69.56 17.46 40.13
CA LEU K 186 69.81 17.93 38.78
C LEU K 186 70.97 17.23 38.10
N PRO K 187 72.07 16.87 38.80
CA PRO K 187 73.15 16.15 38.11
C PRO K 187 72.72 14.83 37.49
N LEU K 188 71.61 14.24 37.94
CA LEU K 188 71.13 13.00 37.34
C LEU K 188 70.37 13.22 36.03
N LEU K 189 69.92 14.45 35.78
CA LEU K 189 69.03 14.73 34.65
C LEU K 189 69.81 15.21 33.43
N GLY K 190 70.72 14.34 32.97
CA GLY K 190 71.49 14.60 31.79
C GLY K 190 70.75 14.19 30.53
N PRO K 191 71.36 14.43 29.37
CA PRO K 191 70.76 13.97 28.11
C PRO K 191 70.58 12.46 28.13
N GLY K 192 69.38 12.01 27.75
CA GLY K 192 69.02 10.62 27.83
C GLY K 192 68.22 10.26 29.06
N SER K 193 68.20 11.12 30.07
CA SER K 193 67.40 10.89 31.26
C SER K 193 65.94 11.22 31.00
N THR K 194 65.07 10.76 31.89
CA THR K 194 63.65 11.02 31.83
C THR K 194 63.16 11.48 33.19
N ALA K 195 62.39 12.57 33.21
CA ALA K 195 61.84 13.12 34.43
C ALA K 195 60.32 13.10 34.33
N VAL K 196 59.67 12.47 35.31
CA VAL K 196 58.22 12.35 35.35
C VAL K 196 57.66 13.43 36.27
N VAL K 197 56.65 14.14 35.80
CA VAL K 197 55.98 15.19 36.58
C VAL K 197 54.54 14.75 36.80
N ILE K 198 54.19 14.44 38.04
CA ILE K 198 52.84 14.03 38.40
C ILE K 198 52.13 15.24 38.99
N GLY K 199 51.01 15.62 38.36
CA GLY K 199 50.30 16.82 38.75
C GLY K 199 50.80 18.03 37.99
N VAL K 200 49.95 18.60 37.14
CA VAL K 200 50.34 19.70 36.27
C VAL K 200 49.59 20.96 36.69
N GLY K 201 49.32 21.09 37.98
CA GLY K 201 48.65 22.27 38.50
C GLY K 201 49.59 23.44 38.65
N GLY K 202 49.51 24.12 39.79
CA GLY K 202 50.35 25.27 40.04
C GLY K 202 51.84 24.96 39.97
N LEU K 203 52.29 24.03 40.82
CA LEU K 203 53.71 23.74 40.91
C LEU K 203 54.19 22.88 39.74
N GLY K 204 53.36 21.94 39.28
CA GLY K 204 53.82 21.00 38.29
C GLY K 204 54.16 21.65 36.96
N HIS K 205 53.29 22.54 36.48
CA HIS K 205 53.55 23.18 35.20
C HIS K 205 54.71 24.17 35.28
N VAL K 206 55.01 24.68 36.48
CA VAL K 206 56.25 25.44 36.66
C VAL K 206 57.44 24.49 36.68
N GLY K 207 57.27 23.30 37.26
CA GLY K 207 58.35 22.33 37.27
C GLY K 207 58.77 21.91 35.87
N ILE K 208 57.79 21.78 34.97
CA ILE K 208 58.11 21.42 33.59
C ILE K 208 58.97 22.50 32.94
N GLN K 209 58.55 23.76 33.07
CA GLN K 209 59.33 24.85 32.51
C GLN K 209 60.74 24.88 33.08
N ILE K 210 60.88 24.61 34.37
CA ILE K 210 62.20 24.57 34.98
C ILE K 210 63.03 23.45 34.37
N LEU K 211 62.45 22.26 34.23
CA LEU K 211 63.17 21.12 33.68
C LEU K 211 63.68 21.42 32.27
N ARG K 212 62.85 22.06 31.44
CA ARG K 212 63.28 22.38 30.09
C ARG K 212 64.38 23.45 30.07
N ALA K 213 64.44 24.30 31.10
CA ALA K 213 65.38 25.40 31.07
C ALA K 213 66.75 25.01 31.60
N VAL K 214 66.81 24.13 32.60
CA VAL K 214 68.05 23.82 33.29
C VAL K 214 68.52 22.40 32.99
N SER K 215 67.86 21.68 32.09
CA SER K 215 68.28 20.32 31.78
C SER K 215 67.79 19.94 30.39
N ALA K 216 68.38 18.87 29.87
CA ALA K 216 67.96 18.26 28.61
C ALA K 216 67.16 16.99 28.83
N ALA K 217 66.57 16.82 30.00
CA ALA K 217 65.82 15.62 30.30
C ALA K 217 64.53 15.58 29.48
N ARG K 218 64.11 14.37 29.14
CA ARG K 218 62.79 14.15 28.55
C ARG K 218 61.73 14.23 29.66
N VAL K 219 60.71 15.05 29.44
CA VAL K 219 59.69 15.32 30.45
C VAL K 219 58.41 14.59 30.04
N ILE K 220 57.92 13.74 30.93
CA ILE K 220 56.66 13.03 30.76
C ILE K 220 55.74 13.42 31.91
N ALA K 221 54.54 13.89 31.58
CA ALA K 221 53.61 14.41 32.57
C ALA K 221 52.51 13.40 32.87
N VAL K 222 51.98 13.48 34.10
CA VAL K 222 50.90 12.63 34.57
C VAL K 222 49.87 13.51 35.27
N ASP K 223 48.62 13.40 34.85
CA ASP K 223 47.55 14.17 35.49
C ASP K 223 46.22 13.50 35.18
N LEU K 224 45.13 14.12 35.67
CA LEU K 224 43.81 13.51 35.66
C LEU K 224 42.95 13.94 34.47
N ASP K 225 43.22 15.10 33.89
CA ASP K 225 42.32 15.72 32.92
C ASP K 225 42.95 15.76 31.54
N ASP K 226 42.13 15.51 30.52
CA ASP K 226 42.56 15.76 29.15
C ASP K 226 43.05 17.19 28.99
N ASP K 227 42.40 18.13 29.68
CA ASP K 227 42.85 19.52 29.64
C ASP K 227 44.23 19.67 30.27
N ARG K 228 44.46 19.03 31.41
CA ARG K 228 45.76 19.13 32.07
C ARG K 228 46.85 18.45 31.24
N LEU K 229 46.53 17.32 30.60
CA LEU K 229 47.53 16.66 29.76
C LEU K 229 47.89 17.54 28.57
N ALA K 230 46.90 18.23 27.98
CA ALA K 230 47.19 19.14 26.88
C ALA K 230 48.05 20.32 27.34
N LEU K 231 47.75 20.86 28.51
CA LEU K 231 48.55 21.95 29.06
C LEU K 231 50.00 21.51 29.25
N ALA K 232 50.20 20.30 29.81
CA ALA K 232 51.55 19.80 30.02
C ALA K 232 52.34 19.77 28.71
N ARG K 233 51.72 19.29 27.64
CA ARG K 233 52.39 19.29 26.34
C ARG K 233 52.68 20.71 25.87
N GLU K 234 51.79 21.65 26.18
CA GLU K 234 51.98 23.03 25.74
C GLU K 234 53.17 23.68 26.46
N VAL K 235 53.38 23.34 27.73
CA VAL K 235 54.45 23.98 28.50
C VAL K 235 55.82 23.35 28.26
N GLY K 236 55.88 22.18 27.64
CA GLY K 236 57.16 21.59 27.29
C GLY K 236 57.28 20.10 27.49
N ALA K 237 56.26 19.47 28.06
CA ALA K 237 56.27 18.02 28.22
C ALA K 237 56.31 17.35 26.85
N ASP K 238 57.22 16.39 26.69
CA ASP K 238 57.28 15.63 25.43
C ASP K 238 56.09 14.70 25.29
N ALA K 239 55.58 14.18 26.39
CA ALA K 239 54.45 13.27 26.37
C ALA K 239 53.69 13.38 27.69
N ALA K 240 52.43 12.98 27.66
CA ALA K 240 51.60 13.04 28.85
C ALA K 240 50.63 11.85 28.86
N VAL K 241 50.42 11.28 30.03
CA VAL K 241 49.54 10.14 30.21
C VAL K 241 48.64 10.42 31.40
N LYS K 242 47.49 9.73 31.43
CA LYS K 242 46.52 9.91 32.49
C LYS K 242 47.00 9.24 33.78
N SER K 243 46.70 9.87 34.91
CA SER K 243 47.01 9.28 36.20
C SER K 243 46.11 8.09 36.47
N GLY K 244 46.53 7.25 37.42
CA GLY K 244 45.77 6.11 37.84
C GLY K 244 46.63 4.87 37.94
N ALA K 245 45.96 3.72 38.06
CA ALA K 245 46.68 2.46 38.21
C ALA K 245 47.55 2.16 36.99
N GLY K 246 47.08 2.52 35.81
CA GLY K 246 47.83 2.29 34.59
C GLY K 246 48.89 3.32 34.27
N ALA K 247 49.07 4.34 35.11
CA ALA K 247 50.00 5.41 34.79
C ALA K 247 51.41 4.87 34.62
N ALA K 248 51.86 4.04 35.55
CA ALA K 248 53.23 3.54 35.50
C ALA K 248 53.50 2.77 34.22
N ASP K 249 52.58 1.88 33.84
CA ASP K 249 52.76 1.12 32.60
C ASP K 249 52.73 2.04 31.38
N ALA K 250 51.89 3.08 31.42
CA ALA K 250 51.84 4.01 30.30
C ALA K 250 53.16 4.73 30.12
N ILE K 251 53.80 5.11 31.23
CA ILE K 251 55.11 5.76 31.16
C ILE K 251 56.15 4.78 30.61
N ARG K 252 56.15 3.55 31.14
CA ARG K 252 57.14 2.57 30.71
C ARG K 252 56.95 2.21 29.23
N GLU K 253 55.73 2.34 28.72
CA GLU K 253 55.52 2.16 27.29
C GLU K 253 56.28 3.21 26.49
N LEU K 254 56.25 4.46 26.96
CA LEU K 254 56.90 5.54 26.22
C LEU K 254 58.42 5.47 26.33
N THR K 255 58.95 4.89 27.40
CA THR K 255 60.38 4.82 27.63
C THR K 255 61.00 3.51 27.19
N GLY K 256 60.23 2.62 26.58
CA GLY K 256 60.73 1.30 26.25
C GLY K 256 60.89 0.38 27.43
N GLY K 257 60.21 0.67 28.55
CA GLY K 257 60.31 -0.15 29.73
C GLY K 257 61.50 0.11 30.60
N GLN K 258 62.16 1.27 30.45
CA GLN K 258 63.42 1.53 31.14
C GLN K 258 63.21 2.07 32.56
N GLY K 259 62.22 2.93 32.77
CA GLY K 259 62.04 3.56 34.06
C GLY K 259 62.53 5.00 34.05
N ALA K 260 61.94 5.81 34.93
CA ALA K 260 62.20 7.24 34.95
C ALA K 260 63.35 7.58 35.90
N THR K 261 64.26 8.44 35.43
CA THR K 261 65.39 8.84 36.27
C THR K 261 64.90 9.52 37.55
N ALA K 262 63.92 10.42 37.43
CA ALA K 262 63.39 11.13 38.57
C ALA K 262 61.90 11.30 38.41
N VAL K 263 61.17 11.17 39.51
CA VAL K 263 59.73 11.41 39.55
C VAL K 263 59.48 12.54 40.54
N PHE K 264 58.87 13.61 40.07
CA PHE K 264 58.53 14.76 40.90
C PHE K 264 57.02 14.74 41.10
N ASP K 265 56.60 14.23 42.26
CA ASP K 265 55.18 14.08 42.59
C ASP K 265 54.71 15.38 43.24
N PHE K 266 54.03 16.22 42.47
CA PHE K 266 53.48 17.46 42.99
C PHE K 266 52.06 17.29 43.51
N VAL K 267 51.49 16.10 43.41
CA VAL K 267 50.19 15.82 44.01
C VAL K 267 50.34 15.34 45.45
N GLY K 268 51.18 14.32 45.66
CA GLY K 268 51.47 13.83 47.00
C GLY K 268 50.50 12.80 47.53
N ALA K 269 49.47 12.43 46.79
CA ALA K 269 48.55 11.41 47.24
C ALA K 269 49.25 10.06 47.27
N GLN K 270 48.66 9.13 48.01
CA GLN K 270 49.25 7.79 48.12
C GLN K 270 49.28 7.10 46.76
N SER K 271 48.22 7.30 45.96
CA SER K 271 48.19 6.67 44.63
C SER K 271 49.30 7.21 43.73
N THR K 272 49.53 8.52 43.76
CA THR K 272 50.58 9.09 42.92
C THR K 272 51.96 8.68 43.41
N ILE K 273 52.14 8.56 44.73
CA ILE K 273 53.39 8.05 45.26
C ILE K 273 53.59 6.61 44.84
N ASP K 274 52.52 5.80 44.88
CA ASP K 274 52.61 4.42 44.42
C ASP K 274 53.04 4.37 42.96
N THR K 275 52.44 5.20 42.11
CA THR K 275 52.86 5.26 40.72
C THR K 275 54.34 5.60 40.61
N ALA K 276 54.81 6.56 41.42
CA ALA K 276 56.20 6.97 41.36
C ALA K 276 57.14 5.81 41.68
N GLN K 277 56.78 4.99 42.67
CA GLN K 277 57.62 3.85 43.03
C GLN K 277 57.59 2.77 41.96
N GLN K 278 56.49 2.68 41.21
CA GLN K 278 56.37 1.69 40.15
C GLN K 278 57.09 2.11 38.86
N VAL K 279 57.39 3.39 38.72
CA VAL K 279 57.97 3.91 37.47
C VAL K 279 59.41 4.40 37.66
N VAL K 280 59.85 4.68 38.87
CA VAL K 280 61.19 5.24 39.08
C VAL K 280 62.23 4.20 38.68
N ALA K 281 63.34 4.67 38.11
CA ALA K 281 64.38 3.79 37.64
C ALA K 281 65.31 3.39 38.77
N VAL K 282 66.09 2.33 38.50
CA VAL K 282 67.16 1.94 39.42
C VAL K 282 68.12 3.10 39.58
N ASP K 283 68.50 3.40 40.82
CA ASP K 283 69.39 4.51 41.14
C ASP K 283 68.75 5.86 40.83
N GLY K 284 67.42 5.91 40.74
CA GLY K 284 66.69 7.12 40.44
C GLY K 284 66.37 7.93 41.67
N HIS K 285 65.25 8.65 41.61
CA HIS K 285 64.86 9.56 42.68
C HIS K 285 63.37 9.84 42.62
N ILE K 286 62.73 9.85 43.79
CA ILE K 286 61.35 10.29 43.93
C ILE K 286 61.31 11.48 44.87
N SER K 287 60.72 12.58 44.41
CA SER K 287 60.56 13.78 45.22
C SER K 287 59.07 13.95 45.51
N VAL K 288 58.69 13.76 46.78
CA VAL K 288 57.31 13.92 47.20
C VAL K 288 57.13 15.38 47.61
N VAL K 289 56.60 16.19 46.70
CA VAL K 289 56.50 17.62 46.89
C VAL K 289 55.10 18.02 47.35
N GLY K 290 54.06 17.37 46.83
CA GLY K 290 52.71 17.69 47.23
C GLY K 290 52.37 17.11 48.59
N ILE K 291 51.45 17.79 49.28
CA ILE K 291 51.09 17.47 50.66
C ILE K 291 49.74 16.77 50.66
N HIS K 292 49.72 15.53 51.15
CA HIS K 292 48.47 14.83 51.45
C HIS K 292 48.67 14.13 52.78
N ALA K 293 47.98 14.60 53.81
CA ALA K 293 48.19 14.12 55.17
C ALA K 293 48.13 12.60 55.23
N GLY K 294 49.22 11.98 55.69
CA GLY K 294 49.32 10.56 55.86
C GLY K 294 49.97 9.83 54.69
N ALA K 295 49.88 10.39 53.49
CA ALA K 295 50.50 9.76 52.33
C ALA K 295 52.01 9.68 52.52
N HIS K 296 52.60 8.56 52.11
CA HIS K 296 54.02 8.36 52.32
C HIS K 296 54.54 7.31 51.35
N ALA K 297 55.78 7.49 50.89
CA ALA K 297 56.46 6.45 50.16
C ALA K 297 56.92 5.36 51.13
N LYS K 298 56.97 4.13 50.62
CA LYS K 298 57.35 2.96 51.41
C LYS K 298 58.69 2.47 50.88
N VAL K 299 59.77 2.97 51.47
CA VAL K 299 61.12 2.72 50.99
C VAL K 299 61.64 1.46 51.69
N GLY K 300 61.56 0.33 51.00
CA GLY K 300 62.10 -0.92 51.51
C GLY K 300 62.41 -1.83 50.34
N PHE K 301 63.17 -2.88 50.64
CA PHE K 301 63.54 -3.84 49.60
C PHE K 301 62.30 -4.52 49.06
N PHE K 302 62.26 -4.68 47.73
CA PHE K 302 61.18 -5.29 46.95
C PHE K 302 60.00 -4.34 46.79
N MET K 303 59.99 -3.19 47.46
CA MET K 303 58.95 -2.19 47.28
C MET K 303 59.41 -0.98 46.49
N ILE K 304 60.70 -0.90 46.16
CA ILE K 304 61.27 0.23 45.43
C ILE K 304 62.56 -0.27 44.78
N PRO K 305 62.92 0.20 43.59
CA PRO K 305 64.16 -0.26 42.97
C PRO K 305 65.38 0.12 43.81
N PHE K 306 66.45 -0.66 43.63
CA PHE K 306 67.71 -0.37 44.30
C PHE K 306 68.17 1.05 43.96
N GLY K 307 68.70 1.74 44.98
CA GLY K 307 69.33 3.02 44.77
C GLY K 307 68.41 4.19 44.49
N ALA K 308 67.10 3.97 44.42
CA ALA K 308 66.15 5.05 44.17
C ALA K 308 65.87 5.77 45.49
N SER K 309 66.41 6.97 45.63
CA SER K 309 66.24 7.75 46.85
C SER K 309 64.90 8.46 46.84
N VAL K 310 64.34 8.64 48.04
CA VAL K 310 63.08 9.35 48.22
C VAL K 310 63.28 10.43 49.27
N VAL K 311 62.65 11.58 49.06
CA VAL K 311 62.78 12.71 49.98
C VAL K 311 61.53 13.57 49.88
N THR K 312 61.21 14.24 51.00
CA THR K 312 60.21 15.29 51.03
C THR K 312 60.93 16.63 51.13
N PRO K 313 61.15 17.35 50.03
CA PRO K 313 61.85 18.62 50.12
C PRO K 313 60.97 19.71 50.71
N TYR K 314 61.61 20.77 51.18
CA TYR K 314 60.93 21.88 51.83
C TYR K 314 61.38 23.19 51.18
N TRP K 315 60.44 23.85 50.49
CA TRP K 315 60.63 25.20 49.95
C TRP K 315 61.94 25.21 49.16
N GLY K 316 62.84 26.17 49.38
CA GLY K 316 64.11 26.21 48.69
C GLY K 316 65.07 27.14 49.38
N THR K 317 66.27 27.22 48.84
CA THR K 317 67.33 28.06 49.37
C THR K 317 67.24 29.46 48.79
N ARG K 318 67.99 30.39 49.39
CA ARG K 318 67.97 31.77 48.91
C ARG K 318 68.67 31.90 47.56
N SER K 319 69.79 31.21 47.38
CA SER K 319 70.45 31.23 46.08
C SER K 319 69.57 30.63 44.99
N GLU K 320 68.72 29.66 45.36
CA GLU K 320 67.80 29.09 44.39
C GLU K 320 66.73 30.10 43.99
N LEU K 321 66.22 30.87 44.95
CA LEU K 321 65.24 31.89 44.63
C LEU K 321 65.83 32.96 43.73
N MET K 322 67.12 33.28 43.91
CA MET K 322 67.79 34.19 42.99
C MET K 322 67.84 33.60 41.59
N GLU K 323 68.10 32.29 41.49
CA GLU K 323 68.12 31.65 40.17
C GLU K 323 66.71 31.60 39.57
N VAL K 324 65.70 31.38 40.40
CA VAL K 324 64.33 31.39 39.91
C VAL K 324 63.97 32.77 39.34
N VAL K 325 64.40 33.82 40.02
CA VAL K 325 64.13 35.18 39.53
C VAL K 325 64.88 35.42 38.23
N ALA K 326 66.10 34.91 38.12
CA ALA K 326 66.87 35.06 36.89
C ALA K 326 66.18 34.36 35.73
N LEU K 327 65.59 33.19 35.98
CA LEU K 327 64.83 32.50 34.93
C LEU K 327 63.63 33.33 34.51
N ALA K 328 62.87 33.86 35.48
CA ALA K 328 61.69 34.64 35.15
C ALA K 328 62.06 35.91 34.38
N ARG K 329 63.14 36.57 34.78
CA ARG K 329 63.55 37.79 34.10
C ARG K 329 64.07 37.53 32.69
N ALA K 330 64.50 36.31 32.40
CA ALA K 330 64.95 35.94 31.07
C ALA K 330 63.83 35.37 30.21
N GLY K 331 62.60 35.35 30.70
CA GLY K 331 61.47 34.86 29.94
C GLY K 331 61.29 33.36 29.95
N ARG K 332 62.02 32.64 30.80
CA ARG K 332 61.95 31.19 30.82
C ARG K 332 60.87 30.64 31.76
N LEU K 333 60.23 31.50 32.56
CA LEU K 333 59.20 31.07 33.50
C LEU K 333 57.94 31.89 33.28
N ASP K 334 56.84 31.20 32.97
CA ASP K 334 55.55 31.84 32.73
C ASP K 334 54.53 31.16 33.62
N ILE K 335 53.99 31.91 34.59
CA ILE K 335 52.99 31.41 35.53
C ILE K 335 51.71 32.20 35.33
N HIS K 336 50.61 31.49 35.07
CA HIS K 336 49.32 32.15 34.95
C HIS K 336 48.89 32.70 36.30
N THR K 337 48.19 33.83 36.27
CA THR K 337 47.85 34.55 37.49
C THR K 337 46.49 35.20 37.36
N GLU K 338 45.81 35.32 38.50
CA GLU K 338 44.60 36.14 38.62
C GLU K 338 44.76 37.02 39.85
N THR K 339 44.42 38.30 39.71
CA THR K 339 44.67 39.29 40.73
C THR K 339 43.41 39.55 41.56
N PHE K 340 43.63 39.94 42.81
CA PHE K 340 42.53 40.23 43.73
C PHE K 340 42.86 41.49 44.52
N THR K 341 41.80 42.14 45.01
CA THR K 341 41.92 43.28 45.90
C THR K 341 42.05 42.79 47.33
N LEU K 342 42.71 43.59 48.18
CA LEU K 342 42.86 43.23 49.58
C LEU K 342 41.52 42.92 50.22
N ASP K 343 40.52 43.79 50.00
CA ASP K 343 39.17 43.49 50.44
C ASP K 343 38.70 42.13 49.93
N GLU K 344 39.05 41.79 48.70
CA GLU K 344 38.70 40.50 48.09
C GLU K 344 39.52 39.34 48.63
N GLY K 345 40.36 39.55 49.66
CA GLY K 345 41.18 38.50 50.20
C GLY K 345 40.40 37.27 50.61
N PRO K 346 39.52 37.43 51.59
CA PRO K 346 38.73 36.27 52.04
C PRO K 346 37.96 35.60 50.91
N ALA K 347 37.43 36.37 49.97
CA ALA K 347 36.74 35.77 48.83
C ALA K 347 37.70 34.95 47.99
N ALA K 348 38.94 35.43 47.82
CA ALA K 348 39.92 34.70 47.03
C ALA K 348 40.23 33.35 47.67
N TYR K 349 40.28 33.29 49.01
CA TYR K 349 40.54 32.02 49.67
C TYR K 349 39.37 31.06 49.52
N ARG K 350 38.14 31.59 49.51
CA ARG K 350 36.99 30.76 49.19
C ARG K 350 37.14 30.14 47.81
N ARG K 351 37.56 30.93 46.83
CA ARG K 351 37.83 30.40 45.50
C ARG K 351 38.88 29.30 45.55
N LEU K 352 39.91 29.50 46.37
CA LEU K 352 40.99 28.50 46.47
C LEU K 352 40.46 27.19 47.05
N ARG K 353 39.52 27.27 47.99
CA ARG K 353 38.96 26.05 48.58
C ARG K 353 38.24 25.22 47.52
N GLU K 354 37.35 25.85 46.77
CA GLU K 354 36.58 25.16 45.73
C GLU K 354 37.40 24.89 44.47
N GLY K 355 38.68 25.25 44.46
CA GLY K 355 39.51 25.01 43.29
C GLY K 355 39.06 25.76 42.06
N SER K 356 38.59 26.99 42.24
CA SER K 356 38.10 27.80 41.13
C SER K 356 39.15 28.79 40.62
N ILE K 357 40.36 28.77 41.15
CA ILE K 357 41.42 29.68 40.75
C ILE K 357 42.30 28.96 39.74
N ARG K 358 42.31 29.45 38.50
CA ARG K 358 43.22 28.96 37.49
C ARG K 358 44.57 29.65 37.66
N GLY K 359 45.63 28.86 37.73
CA GLY K 359 46.94 29.39 38.02
C GLY K 359 47.10 29.68 39.50
N ARG K 360 47.71 30.82 39.83
CA ARG K 360 47.92 31.22 41.21
C ARG K 360 47.29 32.58 41.46
N GLY K 361 46.59 32.71 42.59
CA GLY K 361 46.00 33.98 42.95
C GLY K 361 47.00 34.93 43.57
N VAL K 362 46.76 36.22 43.39
CA VAL K 362 47.65 37.27 43.88
C VAL K 362 46.81 38.45 44.34
N VAL K 363 47.01 38.88 45.57
CA VAL K 363 46.35 40.05 46.12
C VAL K 363 47.28 41.25 45.93
N VAL K 364 46.73 42.33 45.37
CA VAL K 364 47.48 43.54 45.08
C VAL K 364 46.91 44.67 45.93
N PRO K 365 47.59 45.06 47.01
CA PRO K 365 47.12 46.22 47.80
C PRO K 365 47.31 47.54 47.05
N ARG L 17 33.50 45.08 -21.42
CA ARG L 17 34.68 45.43 -20.64
C ARG L 17 35.71 46.17 -21.49
N GLY L 18 36.81 45.50 -21.81
CA GLY L 18 37.87 46.14 -22.60
C GLY L 18 39.19 46.11 -21.84
N SER L 19 40.24 45.67 -22.53
CA SER L 19 41.52 45.48 -21.86
C SER L 19 42.24 46.80 -21.60
N HIS L 20 41.94 47.85 -22.37
CA HIS L 20 42.59 49.15 -22.18
C HIS L 20 41.56 50.26 -22.25
N MET L 21 41.94 51.43 -21.75
CA MET L 21 41.03 52.56 -21.65
C MET L 21 41.82 53.85 -21.85
N LYS L 22 41.11 54.90 -22.26
CA LYS L 22 41.70 56.22 -22.39
C LYS L 22 41.76 56.91 -21.02
N ALA L 23 42.80 57.72 -20.83
CA ALA L 23 42.97 58.45 -19.58
C ALA L 23 43.80 59.70 -19.84
N VAL L 24 43.38 60.81 -19.24
CA VAL L 24 44.15 62.05 -19.30
C VAL L 24 45.19 62.00 -18.19
N GLN L 25 46.47 62.07 -18.57
CA GLN L 25 47.56 61.84 -17.64
C GLN L 25 48.57 62.98 -17.70
N TYR L 26 49.09 63.34 -16.54
CA TYR L 26 50.30 64.15 -16.42
C TYR L 26 51.47 63.18 -16.47
N THR L 27 52.24 63.21 -17.56
CA THR L 27 53.22 62.17 -17.86
C THR L 27 54.65 62.57 -17.56
N GLU L 28 54.99 63.85 -17.65
CA GLU L 28 56.33 64.32 -17.31
C GLU L 28 56.25 65.77 -16.89
N ILE L 29 57.21 66.19 -16.06
CA ILE L 29 57.12 67.51 -15.44
C ILE L 29 57.24 68.58 -16.51
N GLY L 30 56.40 69.61 -16.39
CA GLY L 30 56.38 70.71 -17.33
C GLY L 30 55.58 70.46 -18.59
N SER L 31 55.12 69.23 -18.82
CA SER L 31 54.36 68.91 -20.01
C SER L 31 52.88 69.17 -19.80
N GLU L 32 52.13 69.15 -20.89
CA GLU L 32 50.69 69.27 -20.85
C GLU L 32 50.05 67.90 -20.66
N PRO L 33 48.84 67.84 -20.12
CA PRO L 33 48.13 66.55 -20.05
C PRO L 33 47.85 66.01 -21.45
N VAL L 34 47.82 64.69 -21.55
CA VAL L 34 47.59 64.01 -22.82
C VAL L 34 46.63 62.85 -22.60
N VAL L 35 45.84 62.55 -23.63
CA VAL L 35 44.95 61.41 -23.61
C VAL L 35 45.73 60.20 -24.09
N VAL L 36 46.02 59.27 -23.18
CA VAL L 36 46.80 58.08 -23.49
C VAL L 36 45.96 56.85 -23.17
N ASP L 37 46.40 55.71 -23.71
CA ASP L 37 45.74 54.44 -23.49
C ASP L 37 46.48 53.66 -22.41
N ILE L 38 45.75 53.21 -21.39
CA ILE L 38 46.34 52.43 -20.31
C ILE L 38 45.43 51.24 -20.02
N PRO L 39 45.92 50.24 -19.31
CA PRO L 39 45.08 49.08 -19.01
C PRO L 39 43.88 49.46 -18.17
N THR L 40 42.75 48.84 -18.47
CA THR L 40 41.56 49.04 -17.65
C THR L 40 41.78 48.34 -16.31
N PRO L 41 41.73 49.04 -15.19
CA PRO L 41 42.00 48.38 -13.91
C PRO L 41 40.90 47.41 -13.52
N THR L 42 41.25 46.48 -12.65
CA THR L 42 40.33 45.52 -12.09
C THR L 42 40.30 45.63 -10.58
N PRO L 43 39.13 45.57 -9.94
CA PRO L 43 39.04 45.84 -8.50
C PRO L 43 39.47 44.63 -7.68
N GLY L 44 40.45 44.83 -6.81
CA GLY L 44 40.79 43.84 -5.81
C GLY L 44 39.78 43.83 -4.68
N PRO L 45 40.06 42.99 -3.69
CA PRO L 45 39.13 42.91 -2.54
C PRO L 45 39.01 44.24 -1.84
N GLY L 46 37.76 44.64 -1.58
CA GLY L 46 37.47 45.91 -0.95
C GLY L 46 37.34 47.08 -1.91
N GLU L 47 37.89 46.97 -3.12
CA GLU L 47 37.85 48.07 -4.07
C GLU L 47 36.55 48.05 -4.87
N ILE L 48 36.29 49.15 -5.55
CA ILE L 48 35.13 49.30 -6.42
C ILE L 48 35.58 49.95 -7.72
N LEU L 49 35.16 49.38 -8.84
CA LEU L 49 35.41 49.96 -10.16
C LEU L 49 34.19 50.74 -10.60
N LEU L 50 34.40 51.99 -11.00
CA LEU L 50 33.34 52.87 -11.47
C LEU L 50 33.48 53.11 -12.96
N LYS L 51 32.34 53.20 -13.64
CA LYS L 51 32.29 53.74 -15.00
C LYS L 51 32.08 55.25 -14.84
N VAL L 52 33.11 56.03 -15.15
CA VAL L 52 33.09 57.46 -14.86
C VAL L 52 32.02 58.12 -15.72
N THR L 53 31.14 58.89 -15.07
CA THR L 53 30.13 59.67 -15.79
C THR L 53 30.46 61.15 -15.85
N ALA L 54 31.31 61.65 -14.96
CA ALA L 54 31.75 63.04 -15.02
C ALA L 54 33.02 63.20 -14.19
N ALA L 55 33.92 64.04 -14.68
CA ALA L 55 35.20 64.30 -14.00
C ALA L 55 35.50 65.78 -14.09
N GLY L 56 35.53 66.47 -12.95
CA GLY L 56 35.68 67.90 -12.92
C GLY L 56 37.14 68.34 -12.95
N LEU L 57 37.35 69.54 -13.50
CA LEU L 57 38.65 70.21 -13.51
C LEU L 57 38.61 71.43 -12.61
N CYS L 58 39.73 71.72 -11.97
CA CYS L 58 39.85 72.90 -11.13
C CYS L 58 41.29 73.36 -11.10
N HIS L 59 41.48 74.62 -10.67
CA HIS L 59 42.80 75.23 -10.72
C HIS L 59 43.83 74.50 -9.86
N SER L 60 43.38 73.72 -8.87
CA SER L 60 44.32 72.92 -8.10
C SER L 60 45.09 71.95 -9.00
N ASP L 61 44.46 71.46 -10.06
CA ASP L 61 45.17 70.63 -11.03
C ASP L 61 46.32 71.41 -11.66
N ILE L 62 46.10 72.68 -11.98
CA ILE L 62 47.14 73.50 -12.57
C ILE L 62 48.29 73.69 -11.57
N PHE L 63 47.94 74.05 -10.32
CA PHE L 63 48.96 74.22 -9.30
C PHE L 63 49.86 73.00 -9.19
N VAL L 64 49.28 71.81 -9.30
CA VAL L 64 50.08 70.59 -9.18
C VAL L 64 50.98 70.42 -10.40
N MET L 65 50.46 70.72 -11.59
CA MET L 65 51.25 70.56 -12.80
C MET L 65 52.32 71.63 -12.96
N ASP L 66 52.18 72.74 -12.26
CA ASP L 66 53.21 73.78 -12.23
C ASP L 66 54.26 73.53 -11.16
N MET L 67 54.10 72.48 -10.36
CA MET L 67 55.10 72.12 -9.38
C MET L 67 56.44 71.87 -10.10
N PRO L 68 57.55 72.39 -9.58
CA PRO L 68 58.82 72.27 -10.32
C PRO L 68 59.40 70.87 -10.23
N ALA L 69 60.23 70.56 -11.24
CA ALA L 69 60.85 69.25 -11.29
C ALA L 69 61.83 69.04 -10.14
N ALA L 70 62.50 70.11 -9.70
CA ALA L 70 63.37 69.98 -8.54
C ALA L 70 62.59 69.52 -7.32
N GLN L 71 61.38 70.05 -7.13
CA GLN L 71 60.51 69.58 -6.05
C GLN L 71 60.03 68.15 -6.29
N TYR L 72 60.01 67.70 -7.54
CA TYR L 72 59.42 66.41 -7.86
C TYR L 72 60.33 65.28 -7.42
N ALA L 73 59.71 64.17 -6.99
CA ALA L 73 60.45 62.98 -6.58
C ALA L 73 59.81 61.72 -7.14
N TYR L 74 58.47 61.70 -7.22
CA TYR L 74 57.75 60.53 -7.70
C TYR L 74 56.29 60.90 -7.93
N GLY L 75 55.60 60.07 -8.70
CA GLY L 75 54.18 60.24 -8.92
C GLY L 75 53.75 60.17 -10.37
N LEU L 76 54.70 59.95 -11.29
CA LEU L 76 54.37 59.95 -12.72
C LEU L 76 54.41 58.53 -13.28
N PRO L 77 53.51 58.18 -14.21
CA PRO L 77 52.42 58.99 -14.76
C PRO L 77 51.25 59.09 -13.78
N LEU L 78 50.41 60.11 -13.90
CA LEU L 78 49.30 60.33 -12.97
C LEU L 78 48.04 60.62 -13.77
N THR L 79 47.02 59.78 -13.59
CA THR L 79 45.71 60.09 -14.16
C THR L 79 45.07 61.23 -13.36
N LEU L 80 44.71 62.30 -14.06
CA LEU L 80 44.17 63.48 -13.41
C LEU L 80 42.71 63.24 -13.00
N GLY L 81 42.20 64.16 -12.18
CA GLY L 81 40.80 64.16 -11.81
C GLY L 81 40.53 63.80 -10.37
N HIS L 82 40.32 64.80 -9.52
CA HIS L 82 39.97 64.59 -8.12
C HIS L 82 38.51 64.97 -7.84
N GLU L 83 37.73 65.24 -8.87
CA GLU L 83 36.29 65.55 -8.76
C GLU L 83 35.54 64.52 -9.59
N GLY L 84 35.33 63.33 -9.01
CA GLY L 84 34.89 62.17 -9.76
C GLY L 84 33.47 61.75 -9.42
N VAL L 85 32.71 61.37 -10.45
CA VAL L 85 31.38 60.80 -10.32
CA VAL L 85 31.40 60.76 -10.28
C VAL L 85 31.28 59.65 -11.31
N GLY L 86 30.49 58.64 -10.97
CA GLY L 86 30.34 57.52 -11.88
C GLY L 86 29.26 56.57 -11.40
N THR L 87 29.16 55.45 -12.12
CA THR L 87 28.25 54.37 -11.78
C THR L 87 29.07 53.12 -11.46
N VAL L 88 28.63 52.39 -10.44
CA VAL L 88 29.35 51.18 -10.05
C VAL L 88 29.35 50.20 -11.20
N ALA L 89 30.54 49.75 -11.59
CA ALA L 89 30.71 48.81 -12.69
C ALA L 89 31.04 47.40 -12.22
N GLU L 90 31.88 47.27 -11.19
CA GLU L 90 32.26 45.96 -10.68
C GLU L 90 32.67 46.11 -9.23
N LEU L 91 32.21 45.19 -8.38
CA LEU L 91 32.52 45.20 -6.96
C LEU L 91 33.68 44.24 -6.69
N GLY L 92 34.67 44.70 -5.95
CA GLY L 92 35.73 43.83 -5.49
C GLY L 92 35.21 42.81 -4.51
N GLU L 93 36.04 41.79 -4.25
CA GLU L 93 35.66 40.71 -3.36
C GLU L 93 35.27 41.25 -1.99
N GLY L 94 34.11 40.84 -1.50
CA GLY L 94 33.67 41.17 -0.17
C GLY L 94 33.01 42.52 -0.01
N VAL L 95 32.94 43.32 -1.08
CA VAL L 95 32.37 44.66 -0.98
C VAL L 95 30.85 44.57 -0.89
N THR L 96 30.28 45.21 0.11
CA THR L 96 28.84 45.29 0.29
C THR L 96 28.45 46.73 0.57
N GLY L 97 27.25 47.11 0.13
CA GLY L 97 26.75 48.45 0.34
C GLY L 97 26.27 49.12 -0.93
N PHE L 98 26.75 48.63 -2.07
CA PHE L 98 26.39 49.20 -3.37
C PHE L 98 26.17 48.06 -4.37
N GLY L 99 25.34 48.35 -5.38
CA GLY L 99 25.10 47.41 -6.45
C GLY L 99 25.57 47.95 -7.79
N VAL L 100 25.69 47.08 -8.78
CA VAL L 100 26.13 47.53 -10.10
C VAL L 100 25.14 48.53 -10.65
N GLY L 101 25.64 49.66 -11.14
CA GLY L 101 24.82 50.71 -11.69
C GLY L 101 24.49 51.84 -10.72
N ASP L 102 24.83 51.70 -9.45
CA ASP L 102 24.56 52.75 -8.49
C ASP L 102 25.35 54.01 -8.83
N ALA L 103 24.68 55.15 -8.82
CA ALA L 103 25.33 56.43 -9.08
C ALA L 103 25.93 56.97 -7.80
N VAL L 104 27.23 57.27 -7.83
CA VAL L 104 27.97 57.66 -6.63
C VAL L 104 28.99 58.74 -6.98
N ALA L 105 29.22 59.63 -6.03
CA ALA L 105 30.31 60.59 -6.08
C ALA L 105 31.49 60.07 -5.27
N VAL L 106 32.69 60.46 -5.69
CA VAL L 106 33.92 59.98 -5.06
C VAL L 106 34.37 60.99 -4.02
N TYR L 107 34.49 60.54 -2.78
CA TYR L 107 35.06 61.36 -1.72
C TYR L 107 36.56 61.49 -1.94
N GLY L 108 37.04 62.72 -2.06
CA GLY L 108 38.38 62.99 -2.51
C GLY L 108 39.48 62.71 -1.51
N PRO L 109 39.43 63.36 -0.34
CA PRO L 109 40.56 63.27 0.60
C PRO L 109 40.61 61.97 1.39
N TRP L 110 41.10 60.92 0.75
CA TRP L 110 41.15 59.60 1.36
C TRP L 110 42.03 59.58 2.60
N GLY L 111 41.60 58.84 3.61
CA GLY L 111 42.35 58.69 4.84
C GLY L 111 42.48 57.23 5.23
N CYS L 112 43.21 57.00 6.33
CA CYS L 112 43.49 55.63 6.77
C CYS L 112 42.23 54.94 7.27
N GLY L 113 41.25 55.71 7.76
CA GLY L 113 40.02 55.14 8.26
C GLY L 113 40.10 54.56 9.66
N ALA L 114 41.27 54.64 10.32
CA ALA L 114 41.47 54.01 11.62
C ALA L 114 42.03 54.94 12.69
N CYS L 115 42.48 56.14 12.34
CA CYS L 115 42.96 57.07 13.35
C CYS L 115 41.79 57.78 14.02
N HIS L 116 42.09 58.64 14.99
CA HIS L 116 41.03 59.33 15.71
C HIS L 116 40.25 60.26 14.79
N ALA L 117 40.96 61.04 13.96
CA ALA L 117 40.28 61.94 13.05
C ALA L 117 39.39 61.19 12.08
N CYS L 118 39.86 60.05 11.56
CA CYS L 118 39.07 59.29 10.60
C CYS L 118 37.82 58.71 11.26
N ALA L 119 37.95 58.17 12.47
CA ALA L 119 36.80 57.60 13.15
C ALA L 119 35.74 58.66 13.46
N ARG L 120 36.14 59.92 13.59
CA ARG L 120 35.20 61.01 13.82
C ARG L 120 34.53 61.50 12.54
N GLY L 121 34.86 60.93 11.39
CA GLY L 121 34.35 61.39 10.12
C GLY L 121 35.22 62.40 9.41
N ARG L 122 36.29 62.87 10.04
CA ARG L 122 37.13 63.92 9.48
C ARG L 122 38.36 63.29 8.82
N GLU L 123 38.10 62.57 7.72
CA GLU L 123 39.18 61.91 7.00
C GLU L 123 40.09 62.92 6.32
N ASN L 124 39.56 64.08 5.93
CA ASN L 124 40.41 65.12 5.35
C ASN L 124 41.50 65.58 6.30
N TYR L 125 41.37 65.30 7.60
CA TYR L 125 42.37 65.63 8.59
C TYR L 125 43.01 64.37 9.19
N CYS L 126 43.05 63.30 8.41
CA CYS L 126 43.68 62.06 8.84
C CYS L 126 45.15 62.31 9.17
N THR L 127 45.58 61.85 10.34
CA THR L 127 46.93 62.08 10.81
C THR L 127 47.91 61.00 10.37
N ARG L 128 47.45 59.98 9.63
CA ARG L 128 48.31 58.88 9.21
C ARG L 128 48.41 58.75 7.69
N ALA L 129 47.61 59.50 6.92
CA ALA L 129 47.62 59.35 5.48
C ALA L 129 48.99 59.63 4.89
N ALA L 130 49.66 60.67 5.37
CA ALA L 130 50.98 61.01 4.85
C ALA L 130 51.98 59.88 5.08
N ASP L 131 52.04 59.36 6.31
CA ASP L 131 53.00 58.32 6.62
C ASP L 131 52.75 57.06 5.81
N LEU L 132 51.48 56.71 5.60
CA LEU L 132 51.12 55.51 4.88
C LEU L 132 51.06 55.71 3.37
N GLY L 133 51.31 56.93 2.89
CA GLY L 133 51.25 57.19 1.46
C GLY L 133 49.86 57.08 0.86
N ILE L 134 48.84 57.52 1.59
CA ILE L 134 47.47 57.53 1.10
C ILE L 134 47.19 58.89 0.49
N THR L 135 46.94 58.91 -0.82
CA THR L 135 46.77 60.16 -1.56
C THR L 135 45.41 60.20 -2.23
N PRO L 136 44.86 61.39 -2.47
CA PRO L 136 43.54 61.48 -3.09
C PRO L 136 43.59 61.03 -4.54
N PRO L 137 42.45 60.65 -5.13
CA PRO L 137 42.44 60.33 -6.56
C PRO L 137 42.70 61.58 -7.39
N GLY L 138 43.60 61.46 -8.36
CA GLY L 138 44.01 62.59 -9.16
C GLY L 138 45.09 63.45 -8.54
N LEU L 139 45.55 63.11 -7.34
CA LEU L 139 46.61 63.86 -6.66
C LEU L 139 47.58 62.90 -5.99
N GLY L 140 47.94 61.83 -6.68
CA GLY L 140 48.82 60.81 -6.13
C GLY L 140 48.31 59.42 -6.43
N SER L 141 47.00 59.28 -6.49
CA SER L 141 46.32 58.05 -6.90
C SER L 141 45.62 58.27 -8.23
N PRO L 142 45.34 57.21 -8.98
CA PRO L 142 44.70 57.39 -10.29
C PRO L 142 43.36 58.09 -10.15
N GLY L 143 43.18 59.15 -10.94
CA GLY L 143 42.02 60.01 -10.84
C GLY L 143 40.86 59.53 -11.69
N SER L 144 39.84 60.38 -11.77
CA SER L 144 38.58 60.06 -12.43
C SER L 144 38.56 60.45 -13.90
N MET L 145 39.54 61.20 -14.37
CA MET L 145 39.55 61.66 -15.76
C MET L 145 39.95 60.49 -16.67
N ALA L 146 39.02 59.54 -16.79
CA ALA L 146 39.24 58.33 -17.57
C ALA L 146 37.91 57.61 -17.70
N GLU L 147 37.91 56.53 -18.49
CA GLU L 147 36.69 55.77 -18.70
C GLU L 147 36.30 55.00 -17.45
N TYR L 148 37.27 54.52 -16.69
CA TYR L 148 37.02 53.77 -15.46
C TYR L 148 38.02 54.22 -14.40
N MET L 149 37.63 54.04 -13.13
CA MET L 149 38.51 54.38 -12.03
C MET L 149 38.27 53.40 -10.89
N ILE L 150 39.32 53.16 -10.11
CA ILE L 150 39.27 52.33 -8.92
C ILE L 150 39.10 53.24 -7.71
N VAL L 151 38.20 52.85 -6.81
CA VAL L 151 38.05 53.50 -5.51
C VAL L 151 38.50 52.50 -4.44
N ASP L 152 39.33 52.96 -3.53
CA ASP L 152 39.99 52.06 -2.58
C ASP L 152 38.99 51.37 -1.67
N SER L 153 37.91 52.04 -1.28
CA SER L 153 37.00 51.50 -0.29
C SER L 153 35.60 52.05 -0.53
N ALA L 154 34.60 51.26 -0.12
CA ALA L 154 33.21 51.67 -0.28
C ALA L 154 32.87 52.91 0.54
N ARG L 155 33.62 53.18 1.61
CA ARG L 155 33.33 54.35 2.42
C ARG L 155 33.67 55.65 1.70
N HIS L 156 34.37 55.59 0.57
CA HIS L 156 34.70 56.78 -0.21
C HIS L 156 33.74 57.00 -1.38
N LEU L 157 32.58 56.34 -1.35
CA LEU L 157 31.52 56.55 -2.33
C LEU L 157 30.31 57.13 -1.62
N VAL L 158 29.71 58.17 -2.21
CA VAL L 158 28.53 58.82 -1.67
C VAL L 158 27.44 58.75 -2.73
N PRO L 159 26.28 58.16 -2.43
CA PRO L 159 25.22 58.08 -3.46
C PRO L 159 24.67 59.45 -3.81
N ILE L 160 24.30 59.60 -5.08
CA ILE L 160 23.72 60.84 -5.58
C ILE L 160 22.35 60.63 -6.20
N GLY L 161 21.84 59.40 -6.20
CA GLY L 161 20.52 59.16 -6.77
C GLY L 161 20.48 59.53 -8.24
N ASP L 162 19.43 60.27 -8.63
CA ASP L 162 19.24 60.68 -10.01
C ASP L 162 19.82 62.07 -10.29
N LEU L 163 20.66 62.59 -9.40
CA LEU L 163 21.32 63.86 -9.66
C LEU L 163 22.18 63.76 -10.91
N ASP L 164 22.12 64.79 -11.74
CA ASP L 164 22.91 64.82 -12.96
C ASP L 164 24.39 64.72 -12.62
N PRO L 165 25.11 63.70 -13.12
CA PRO L 165 26.54 63.59 -12.77
C PRO L 165 27.33 64.85 -13.07
N VAL L 166 26.97 65.58 -14.13
CA VAL L 166 27.70 66.80 -14.47
C VAL L 166 27.53 67.83 -13.36
N ALA L 167 26.33 67.92 -12.80
CA ALA L 167 26.10 68.85 -11.70
C ALA L 167 26.74 68.35 -10.40
N ALA L 168 26.87 67.03 -10.25
CA ALA L 168 27.43 66.47 -9.03
C ALA L 168 28.95 66.57 -8.99
N ALA L 169 29.61 66.55 -10.15
CA ALA L 169 31.07 66.53 -10.17
C ALA L 169 31.68 67.72 -9.44
N PRO L 170 31.28 68.97 -9.71
CA PRO L 170 31.87 70.09 -8.95
C PRO L 170 31.56 70.05 -7.47
N LEU L 171 30.50 69.36 -7.05
CA LEU L 171 30.17 69.29 -5.63
C LEU L 171 31.26 68.60 -4.83
N THR L 172 32.03 67.71 -5.46
CA THR L 172 33.05 66.97 -4.74
C THR L 172 34.17 67.88 -4.23
N ASP L 173 34.36 69.04 -4.85
CA ASP L 173 35.39 69.98 -4.43
C ASP L 173 34.82 71.39 -4.32
N ALA L 174 34.30 71.92 -5.43
CA ALA L 174 33.80 73.30 -5.43
C ALA L 174 32.65 73.48 -4.45
N GLY L 175 31.93 72.41 -4.10
CA GLY L 175 30.88 72.50 -3.12
C GLY L 175 31.36 72.09 -1.74
N LEU L 176 32.17 71.03 -1.69
CA LEU L 176 32.61 70.50 -0.40
C LEU L 176 33.54 71.48 0.31
N THR L 177 34.50 72.04 -0.41
CA THR L 177 35.52 72.88 0.23
C THR L 177 34.92 74.13 0.87
N PRO L 178 34.09 74.93 0.19
CA PRO L 178 33.45 76.06 0.89
C PRO L 178 32.48 75.61 1.96
N TYR L 179 31.77 74.51 1.74
CA TYR L 179 30.84 74.01 2.76
C TYR L 179 31.57 73.67 4.05
N HIS L 180 32.74 73.03 3.94
CA HIS L 180 33.52 72.72 5.13
C HIS L 180 34.02 73.98 5.81
N ALA L 181 34.51 74.95 5.02
CA ALA L 181 35.00 76.20 5.60
C ALA L 181 33.90 76.91 6.37
N ILE L 182 32.70 76.98 5.80
CA ILE L 182 31.58 77.60 6.50
C ILE L 182 31.17 76.77 7.71
N SER L 183 31.17 75.43 7.55
CA SER L 183 30.72 74.56 8.63
C SER L 183 31.57 74.72 9.89
N ARG L 184 32.84 75.06 9.73
CA ARG L 184 33.74 75.15 10.88
C ARG L 184 33.28 76.21 11.89
N VAL L 185 32.51 77.20 11.45
CA VAL L 185 32.12 78.30 12.33
C VAL L 185 30.64 78.63 12.12
N LEU L 186 29.87 77.66 11.60
CA LEU L 186 28.46 77.92 11.34
C LEU L 186 27.70 78.38 12.58
N PRO L 187 27.95 77.86 13.78
CA PRO L 187 27.21 78.34 14.95
C PRO L 187 27.36 79.82 15.22
N LEU L 188 28.39 80.47 14.69
CA LEU L 188 28.57 81.91 14.87
C LEU L 188 27.72 82.73 13.92
N LEU L 189 27.15 82.13 12.87
CA LEU L 189 26.47 82.86 11.81
C LEU L 189 24.96 82.81 11.99
N GLY L 190 24.50 83.29 13.15
CA GLY L 190 23.10 83.43 13.40
C GLY L 190 22.56 84.73 12.85
N PRO L 191 21.27 84.96 13.07
CA PRO L 191 20.67 86.24 12.66
C PRO L 191 21.37 87.41 13.33
N GLY L 192 21.70 88.43 12.54
CA GLY L 192 22.46 89.55 13.00
C GLY L 192 23.94 89.46 12.71
N SER L 193 24.44 88.27 12.38
CA SER L 193 25.83 88.09 11.99
C SER L 193 26.03 88.59 10.56
N THR L 194 27.30 88.76 10.19
CA THR L 194 27.68 89.16 8.84
C THR L 194 28.83 88.29 8.36
N ALA L 195 28.68 87.72 7.18
CA ALA L 195 29.71 86.91 6.54
C ALA L 195 30.22 87.63 5.30
N VAL L 196 31.54 87.80 5.21
CA VAL L 196 32.17 88.44 4.07
C VAL L 196 32.80 87.36 3.21
N VAL L 197 32.50 87.39 1.90
CA VAL L 197 33.01 86.44 0.94
C VAL L 197 33.90 87.21 -0.04
N ILE L 198 35.20 86.96 0.01
CA ILE L 198 36.16 87.61 -0.87
C ILE L 198 36.44 86.68 -2.04
N GLY L 199 36.11 87.13 -3.25
CA GLY L 199 36.23 86.29 -4.43
C GLY L 199 34.95 85.52 -4.67
N VAL L 200 34.05 86.08 -5.48
CA VAL L 200 32.71 85.53 -5.66
C VAL L 200 32.60 84.68 -6.92
N GLY L 201 33.70 84.46 -7.63
CA GLY L 201 33.73 83.44 -8.65
C GLY L 201 34.18 82.10 -8.10
N GLY L 202 33.96 81.06 -8.89
CA GLY L 202 34.40 79.74 -8.48
C GLY L 202 33.76 79.33 -7.17
N LEU L 203 34.61 79.12 -6.15
CA LEU L 203 34.13 78.60 -4.88
C LEU L 203 33.31 79.63 -4.10
N GLY L 204 33.65 80.91 -4.22
CA GLY L 204 32.89 81.92 -3.51
C GLY L 204 31.43 81.97 -3.93
N HIS L 205 31.17 81.78 -5.21
CA HIS L 205 29.79 81.72 -5.68
C HIS L 205 29.03 80.60 -5.00
N VAL L 206 29.67 79.44 -4.84
CA VAL L 206 29.04 78.33 -4.12
C VAL L 206 28.91 78.68 -2.64
N GLY L 207 29.94 79.29 -2.06
CA GLY L 207 29.88 79.66 -0.65
C GLY L 207 28.70 80.56 -0.33
N ILE L 208 28.42 81.52 -1.22
CA ILE L 208 27.28 82.41 -1.01
C ILE L 208 25.98 81.61 -0.97
N GLN L 209 25.81 80.70 -1.94
CA GLN L 209 24.61 79.87 -1.97
C GLN L 209 24.50 79.05 -0.69
N ILE L 210 25.61 78.48 -0.23
CA ILE L 210 25.58 77.69 1.01
C ILE L 210 25.17 78.56 2.18
N LEU L 211 25.71 79.78 2.26
CA LEU L 211 25.43 80.65 3.41
C LEU L 211 23.95 80.99 3.50
N ARG L 212 23.30 81.21 2.36
CA ARG L 212 21.87 81.53 2.38
C ARG L 212 21.02 80.31 2.71
N ALA L 213 21.52 79.10 2.47
CA ALA L 213 20.74 77.89 2.71
C ALA L 213 20.84 77.39 4.15
N VAL L 214 21.99 77.55 4.80
CA VAL L 214 22.22 76.97 6.12
C VAL L 214 22.38 78.04 7.20
N SER L 215 22.14 79.32 6.86
CA SER L 215 22.32 80.37 7.85
C SER L 215 21.49 81.58 7.45
N ALA L 216 21.27 82.47 8.42
CA ALA L 216 20.58 83.73 8.21
C ALA L 216 21.55 84.91 8.24
N ALA L 217 22.84 84.66 8.08
CA ALA L 217 23.83 85.72 8.13
C ALA L 217 23.68 86.65 6.94
N ARG L 218 23.93 87.94 7.18
CA ARG L 218 24.04 88.90 6.09
C ARG L 218 25.34 88.64 5.33
N VAL L 219 25.23 88.58 4.00
CA VAL L 219 26.35 88.21 3.14
C VAL L 219 26.80 89.43 2.36
N ILE L 220 28.10 89.75 2.46
CA ILE L 220 28.71 90.86 1.73
C ILE L 220 29.70 90.26 0.74
N ALA L 221 29.50 90.55 -0.54
CA ALA L 221 30.36 90.04 -1.60
C ALA L 221 31.47 91.03 -1.91
N VAL L 222 32.69 90.50 -2.08
CA VAL L 222 33.86 91.28 -2.41
C VAL L 222 34.55 90.62 -3.59
N ASP L 223 34.84 91.41 -4.63
CA ASP L 223 35.47 90.89 -5.83
C ASP L 223 35.99 92.05 -6.67
N LEU L 224 36.91 91.73 -7.57
CA LEU L 224 37.46 92.72 -8.48
C LEU L 224 36.53 93.03 -9.63
N ASP L 225 35.78 92.05 -10.11
CA ASP L 225 34.98 92.19 -11.32
C ASP L 225 33.57 92.66 -10.97
N ASP L 226 33.11 93.69 -11.69
CA ASP L 226 31.76 94.21 -11.47
C ASP L 226 30.70 93.18 -11.83
N ASP L 227 30.88 92.49 -12.97
CA ASP L 227 29.91 91.49 -13.38
C ASP L 227 29.77 90.40 -12.34
N ARG L 228 30.90 89.89 -11.83
CA ARG L 228 30.85 88.85 -10.82
C ARG L 228 30.05 89.31 -9.60
N LEU L 229 30.20 90.57 -9.21
CA LEU L 229 29.48 91.08 -8.04
C LEU L 229 27.98 91.05 -8.26
N ALA L 230 27.52 91.39 -9.47
CA ALA L 230 26.09 91.40 -9.74
C ALA L 230 25.51 89.99 -9.70
N LEU L 231 26.24 89.01 -10.24
CA LEU L 231 25.78 87.63 -10.16
C LEU L 231 25.81 87.10 -8.72
N ALA L 232 26.75 87.58 -7.92
CA ALA L 232 26.77 87.22 -6.50
C ALA L 232 25.50 87.69 -5.81
N ARG L 233 24.99 88.86 -6.20
CA ARG L 233 23.73 89.35 -5.65
C ARG L 233 22.57 88.45 -6.04
N GLU L 234 22.59 87.94 -7.28
CA GLU L 234 21.50 87.09 -7.75
C GLU L 234 21.33 85.86 -6.88
N VAL L 235 22.42 85.34 -6.31
CA VAL L 235 22.37 84.11 -5.53
C VAL L 235 22.35 84.39 -4.03
N GLY L 236 22.23 85.66 -3.62
CA GLY L 236 21.93 85.96 -2.24
C GLY L 236 22.75 87.02 -1.55
N ALA L 237 23.80 87.53 -2.21
CA ALA L 237 24.62 88.57 -1.59
C ALA L 237 23.78 89.82 -1.36
N ASP L 238 23.70 90.25 -0.09
CA ASP L 238 22.92 91.43 0.25
C ASP L 238 23.63 92.73 -0.10
N ALA L 239 24.95 92.70 -0.25
CA ALA L 239 25.71 93.89 -0.64
C ALA L 239 26.95 93.44 -1.40
N ALA L 240 27.49 94.35 -2.19
CA ALA L 240 28.66 94.09 -3.01
C ALA L 240 29.69 95.19 -2.81
N VAL L 241 30.96 94.81 -2.82
CA VAL L 241 32.08 95.73 -2.61
C VAL L 241 33.19 95.36 -3.58
N LYS L 242 33.82 96.37 -4.17
CA LYS L 242 34.93 96.13 -5.08
C LYS L 242 36.20 95.89 -4.28
N SER L 243 36.86 94.76 -4.55
CA SER L 243 38.10 94.42 -3.87
C SER L 243 39.14 95.50 -4.10
N GLY L 244 40.04 95.66 -3.13
CA GLY L 244 41.13 96.60 -3.25
C GLY L 244 41.35 97.34 -1.96
N ALA L 245 42.02 98.49 -2.06
CA ALA L 245 42.40 99.24 -0.88
C ALA L 245 41.18 99.80 -0.15
N GLY L 246 40.16 100.23 -0.90
CA GLY L 246 38.96 100.76 -0.30
C GLY L 246 37.97 99.73 0.20
N ALA L 247 38.25 98.44 0.00
CA ALA L 247 37.30 97.40 0.40
C ALA L 247 37.05 97.42 1.90
N ALA L 248 38.11 97.58 2.70
CA ALA L 248 37.96 97.51 4.15
C ALA L 248 37.02 98.60 4.66
N ASP L 249 37.27 99.86 4.27
CA ASP L 249 36.41 100.94 4.71
C ASP L 249 34.99 100.77 4.18
N ALA L 250 34.85 100.28 2.95
CA ALA L 250 33.52 100.05 2.40
C ALA L 250 32.77 99.00 3.21
N ILE L 251 33.45 97.93 3.60
CA ILE L 251 32.81 96.88 4.38
C ILE L 251 32.41 97.41 5.76
N ARG L 252 33.32 98.11 6.42
CA ARG L 252 32.99 98.69 7.73
C ARG L 252 31.86 99.69 7.62
N GLU L 253 31.75 100.38 6.49
CA GLU L 253 30.63 101.30 6.29
C GLU L 253 29.30 100.55 6.23
N LEU L 254 29.31 99.33 5.71
CA LEU L 254 28.08 98.55 5.64
C LEU L 254 27.72 97.95 7.00
N THR L 255 28.72 97.48 7.74
CA THR L 255 28.48 96.85 9.04
C THR L 255 28.36 97.85 10.17
N GLY L 256 28.35 99.14 9.89
CA GLY L 256 28.27 100.14 10.94
C GLY L 256 29.50 100.21 11.81
N GLY L 257 30.64 99.70 11.35
CA GLY L 257 31.87 99.73 12.11
C GLY L 257 32.03 98.60 13.11
N GLN L 258 31.10 97.64 13.14
CA GLN L 258 31.18 96.54 14.09
C GLN L 258 31.99 95.35 13.56
N GLY L 259 32.35 95.35 12.28
CA GLY L 259 33.12 94.27 11.70
C GLY L 259 32.26 93.10 11.26
N ALA L 260 32.91 92.15 10.60
CA ALA L 260 32.24 90.98 10.04
C ALA L 260 32.51 89.77 10.93
N THR L 261 31.44 89.05 11.28
CA THR L 261 31.58 87.87 12.13
C THR L 261 32.57 86.87 11.52
N ALA L 262 32.48 86.65 10.21
CA ALA L 262 33.35 85.70 9.54
C ALA L 262 33.74 86.24 8.18
N VAL L 263 34.99 86.01 7.79
CA VAL L 263 35.50 86.38 6.47
C VAL L 263 35.99 85.11 5.81
N PHE L 264 35.42 84.77 4.66
CA PHE L 264 35.80 83.61 3.87
C PHE L 264 36.54 84.12 2.64
N ASP L 265 37.87 84.07 2.70
CA ASP L 265 38.72 84.59 1.62
C ASP L 265 39.01 83.44 0.65
N PHE L 266 38.31 83.44 -0.48
CA PHE L 266 38.50 82.43 -1.51
C PHE L 266 39.56 82.82 -2.53
N VAL L 267 40.12 84.02 -2.42
CA VAL L 267 41.26 84.40 -3.24
C VAL L 267 42.57 83.95 -2.62
N GLY L 268 42.77 84.25 -1.33
CA GLY L 268 43.95 83.82 -0.62
C GLY L 268 45.18 84.66 -0.86
N ALA L 269 45.07 85.77 -1.60
CA ALA L 269 46.20 86.65 -1.81
C ALA L 269 46.47 87.46 -0.54
N GLN L 270 47.70 87.96 -0.43
CA GLN L 270 48.07 88.72 0.75
C GLN L 270 47.19 89.94 0.93
N SER L 271 46.86 90.61 -0.18
CA SER L 271 46.03 91.82 -0.10
C SER L 271 44.64 91.50 0.44
N THR L 272 44.07 90.37 0.02
CA THR L 272 42.73 90.01 0.48
C THR L 272 42.75 89.55 1.93
N ILE L 273 43.82 88.84 2.33
CA ILE L 273 43.96 88.48 3.74
C ILE L 273 44.11 89.73 4.59
N ASP L 274 44.92 90.69 4.13
CA ASP L 274 45.04 91.96 4.84
C ASP L 274 43.67 92.60 5.02
N THR L 275 42.84 92.61 3.98
CA THR L 275 41.50 93.15 4.09
C THR L 275 40.68 92.38 5.13
N ALA L 276 40.82 91.05 5.14
CA ALA L 276 40.06 90.24 6.09
C ALA L 276 40.38 90.62 7.52
N GLN L 277 41.66 90.79 7.85
CA GLN L 277 42.04 91.13 9.21
C GLN L 277 41.55 92.52 9.60
N GLN L 278 41.36 93.40 8.63
CA GLN L 278 40.90 94.76 8.90
C GLN L 278 39.39 94.86 9.09
N VAL L 279 38.64 93.83 8.70
CA VAL L 279 37.19 93.87 8.80
C VAL L 279 36.63 92.80 9.73
N VAL L 280 37.39 91.76 10.08
CA VAL L 280 36.87 90.73 10.95
C VAL L 280 36.51 91.34 12.30
N ALA L 281 35.41 90.89 12.87
CA ALA L 281 34.94 91.42 14.14
C ALA L 281 35.70 90.78 15.30
N VAL L 282 35.57 91.42 16.47
CA VAL L 282 36.11 90.83 17.70
C VAL L 282 35.44 89.48 17.91
N ASP L 283 36.26 88.46 18.19
CA ASP L 283 35.79 87.10 18.40
C ASP L 283 35.27 86.46 17.13
N GLY L 284 35.67 86.97 15.97
CA GLY L 284 35.21 86.48 14.69
C GLY L 284 36.06 85.35 14.14
N HIS L 285 36.08 85.24 12.82
CA HIS L 285 36.79 84.15 12.15
C HIS L 285 37.23 84.60 10.77
N ILE L 286 38.38 84.08 10.34
CA ILE L 286 38.88 84.29 8.99
C ILE L 286 39.29 82.93 8.44
N SER L 287 38.73 82.56 7.29
CA SER L 287 39.02 81.28 6.65
C SER L 287 39.75 81.56 5.35
N VAL L 288 41.02 81.15 5.28
CA VAL L 288 41.84 81.31 4.10
C VAL L 288 41.67 80.06 3.25
N VAL L 289 40.80 80.13 2.25
CA VAL L 289 40.48 79.00 1.39
C VAL L 289 41.25 79.03 0.09
N GLY L 290 41.37 80.21 -0.53
CA GLY L 290 42.20 80.34 -1.71
C GLY L 290 43.67 80.24 -1.36
N ILE L 291 44.46 79.76 -2.33
CA ILE L 291 45.87 79.46 -2.12
C ILE L 291 46.70 80.37 -3.00
N HIS L 292 47.52 81.21 -2.38
CA HIS L 292 48.57 81.96 -3.07
C HIS L 292 49.87 81.74 -2.29
N ALA L 293 50.84 81.11 -2.94
CA ALA L 293 52.08 80.73 -2.27
C ALA L 293 52.68 81.91 -1.53
N GLY L 294 52.98 81.70 -0.24
CA GLY L 294 53.60 82.71 0.59
C GLY L 294 52.62 83.61 1.32
N ALA L 295 51.44 83.83 0.76
CA ALA L 295 50.45 84.67 1.42
C ALA L 295 50.00 84.02 2.73
N HIS L 296 49.85 84.84 3.76
CA HIS L 296 49.52 84.31 5.08
C HIS L 296 48.89 85.40 5.92
N ALA L 297 47.95 85.00 6.78
CA ALA L 297 47.47 85.87 7.83
C ALA L 297 48.50 85.96 8.95
N LYS L 298 48.61 87.14 9.55
CA LYS L 298 49.56 87.38 10.63
C LYS L 298 48.76 87.57 11.90
N VAL L 299 48.74 86.52 12.73
CA VAL L 299 47.90 86.46 13.93
C VAL L 299 48.77 86.83 15.11
N GLY L 300 48.64 88.07 15.58
CA GLY L 300 49.37 88.53 16.75
C GLY L 300 48.58 89.64 17.41
N PHE L 301 49.00 89.99 18.62
CA PHE L 301 48.29 91.00 19.39
C PHE L 301 48.34 92.35 18.69
N PHE L 302 47.17 92.96 18.52
CA PHE L 302 46.97 94.27 17.92
C PHE L 302 47.20 94.28 16.42
N MET L 303 47.57 93.15 15.82
CA MET L 303 47.54 92.97 14.38
C MET L 303 46.26 92.26 13.92
N ILE L 304 45.42 91.85 14.84
CA ILE L 304 44.15 91.20 14.54
C ILE L 304 43.26 91.37 15.77
N PRO L 305 41.94 91.49 15.61
CA PRO L 305 41.08 91.68 16.78
C PRO L 305 41.17 90.50 17.74
N PHE L 306 40.90 90.78 19.01
CA PHE L 306 40.91 89.74 20.03
C PHE L 306 39.92 88.65 19.68
N GLY L 307 40.34 87.39 19.84
CA GLY L 307 39.46 86.26 19.68
C GLY L 307 39.10 85.89 18.26
N ALA L 308 39.64 86.60 17.27
CA ALA L 308 39.36 86.30 15.87
C ALA L 308 40.29 85.19 15.42
N SER L 309 39.73 83.99 15.25
CA SER L 309 40.53 82.83 14.85
C SER L 309 40.75 82.82 13.35
N VAL L 310 41.87 82.23 12.93
CA VAL L 310 42.23 82.10 11.53
C VAL L 310 42.64 80.66 11.27
N VAL L 311 42.23 80.13 10.11
CA VAL L 311 42.54 78.75 9.75
C VAL L 311 42.60 78.65 8.23
N THR L 312 43.41 77.72 7.75
CA THR L 312 43.39 77.30 6.36
C THR L 312 42.72 75.93 6.29
N PRO L 313 41.43 75.84 5.96
CA PRO L 313 40.77 74.53 5.93
C PRO L 313 41.20 73.71 4.72
N TYR L 314 40.90 72.42 4.79
CA TYR L 314 41.28 71.47 3.73
C TYR L 314 40.07 70.65 3.34
N TRP L 315 39.59 70.83 2.11
CA TRP L 315 38.55 70.01 1.51
C TRP L 315 37.38 69.89 2.49
N GLY L 316 36.86 68.71 2.77
CA GLY L 316 35.78 68.56 3.72
C GLY L 316 35.63 67.12 4.15
N THR L 317 34.66 66.88 5.04
CA THR L 317 34.39 65.56 5.56
C THR L 317 33.38 64.83 4.68
N ARG L 318 33.32 63.51 4.85
CA ARG L 318 32.38 62.71 4.07
C ARG L 318 30.94 63.11 4.38
N SER L 319 30.60 63.22 5.66
CA SER L 319 29.25 63.63 6.03
C SER L 319 28.92 65.01 5.46
N GLU L 320 29.92 65.88 5.34
CA GLU L 320 29.69 67.18 4.72
C GLU L 320 29.39 67.03 3.23
N LEU L 321 30.07 66.10 2.55
CA LEU L 321 29.78 65.86 1.14
C LEU L 321 28.35 65.38 0.96
N MET L 322 27.87 64.51 1.85
CA MET L 322 26.47 64.09 1.81
C MET L 322 25.54 65.28 1.95
N GLU L 323 25.84 66.18 2.88
CA GLU L 323 25.03 67.38 3.06
C GLU L 323 25.08 68.25 1.82
N VAL L 324 26.25 68.39 1.20
CA VAL L 324 26.37 69.15 -0.04
C VAL L 324 25.51 68.52 -1.12
N VAL L 325 25.52 67.19 -1.21
CA VAL L 325 24.68 66.50 -2.18
C VAL L 325 23.21 66.74 -1.85
N ALA L 326 22.87 66.75 -0.57
CA ALA L 326 21.48 67.00 -0.19
C ALA L 326 21.02 68.38 -0.62
N LEU L 327 21.88 69.39 -0.49
CA LEU L 327 21.53 70.73 -0.93
C LEU L 327 21.28 70.76 -2.44
N ALA L 328 22.16 70.12 -3.21
CA ALA L 328 22.02 70.12 -4.67
C ALA L 328 20.73 69.44 -5.09
N ARG L 329 20.45 68.26 -4.51
CA ARG L 329 19.22 67.55 -4.84
C ARG L 329 17.97 68.30 -4.38
N ALA L 330 18.10 69.16 -3.37
CA ALA L 330 16.98 69.99 -2.93
C ALA L 330 16.83 71.27 -3.74
N GLY L 331 17.70 71.49 -4.73
CA GLY L 331 17.61 72.68 -5.55
C GLY L 331 18.26 73.92 -4.98
N ARG L 332 19.05 73.79 -3.91
CA ARG L 332 19.67 74.93 -3.26
C ARG L 332 21.07 75.23 -3.80
N LEU L 333 21.65 74.33 -4.58
CA LEU L 333 23.00 74.50 -5.10
C LEU L 333 22.98 74.30 -6.60
N ASP L 334 23.39 75.32 -7.35
CA ASP L 334 23.56 75.23 -8.79
C ASP L 334 24.89 75.85 -9.17
N ILE L 335 25.73 75.08 -9.85
CA ILE L 335 27.03 75.52 -10.31
C ILE L 335 27.05 75.39 -11.82
N HIS L 336 27.29 76.50 -12.52
CA HIS L 336 27.34 76.46 -13.97
C HIS L 336 28.51 75.58 -14.42
N THR L 337 28.25 74.76 -15.44
CA THR L 337 29.21 73.77 -15.89
C THR L 337 29.37 73.86 -17.40
N GLU L 338 30.61 73.83 -17.86
CA GLU L 338 30.93 73.66 -19.28
C GLU L 338 31.41 72.24 -19.48
N THR L 339 30.74 71.51 -20.37
CA THR L 339 31.00 70.08 -20.55
C THR L 339 32.00 69.87 -21.67
N PHE L 340 32.93 68.94 -21.43
CA PHE L 340 33.92 68.53 -22.42
C PHE L 340 33.89 67.01 -22.53
N THR L 341 34.36 66.51 -23.67
CA THR L 341 34.55 65.08 -23.85
C THR L 341 35.93 64.68 -23.31
N LEU L 342 36.12 63.37 -23.14
CA LEU L 342 37.40 62.89 -22.63
C LEU L 342 38.55 63.29 -23.55
N ASP L 343 38.32 63.27 -24.87
CA ASP L 343 39.34 63.70 -25.80
C ASP L 343 39.65 65.18 -25.65
N GLU L 344 38.67 65.99 -25.30
CA GLU L 344 38.87 67.41 -25.07
C GLU L 344 39.53 67.70 -23.73
N GLY L 345 39.89 66.68 -22.96
CA GLY L 345 40.48 66.85 -21.66
C GLY L 345 41.64 67.83 -21.65
N PRO L 346 42.69 67.54 -22.42
CA PRO L 346 43.82 68.47 -22.48
C PRO L 346 43.42 69.86 -22.95
N ALA L 347 42.49 69.95 -23.91
CA ALA L 347 42.03 71.26 -24.35
C ALA L 347 41.34 72.02 -23.22
N ALA L 348 40.53 71.32 -22.43
CA ALA L 348 39.87 71.96 -21.30
C ALA L 348 40.88 72.50 -20.29
N TYR L 349 41.94 71.73 -20.03
CA TYR L 349 42.95 72.18 -19.09
C TYR L 349 43.68 73.42 -19.61
N ARG L 350 43.88 73.50 -20.93
CA ARG L 350 44.42 74.73 -21.52
C ARG L 350 43.42 75.87 -21.35
N ARG L 351 42.13 75.59 -21.59
CA ARG L 351 41.10 76.60 -21.35
C ARG L 351 41.13 77.08 -19.91
N LEU L 352 41.42 76.18 -18.97
CA LEU L 352 41.43 76.56 -17.56
C LEU L 352 42.57 77.52 -17.25
N ARG L 353 43.73 77.30 -17.86
CA ARG L 353 44.86 78.19 -17.61
C ARG L 353 44.54 79.63 -18.01
N GLU L 354 43.89 79.81 -19.15
CA GLU L 354 43.55 81.13 -19.66
C GLU L 354 42.22 81.66 -19.10
N GLY L 355 41.62 80.95 -18.14
CA GLY L 355 40.40 81.42 -17.52
C GLY L 355 39.22 81.54 -18.48
N SER L 356 39.22 80.77 -19.57
CA SER L 356 38.15 80.86 -20.56
C SER L 356 36.92 80.06 -20.17
N ILE L 357 36.97 79.28 -19.09
CA ILE L 357 35.84 78.47 -18.67
C ILE L 357 34.95 79.30 -17.76
N ARG L 358 33.72 79.52 -18.19
CA ARG L 358 32.69 80.11 -17.33
C ARG L 358 31.95 78.97 -16.63
N GLY L 359 31.95 78.99 -15.30
CA GLY L 359 31.44 77.87 -14.53
C GLY L 359 32.55 76.94 -14.15
N ARG L 360 32.27 75.63 -14.16
CA ARG L 360 33.25 74.62 -13.80
C ARG L 360 33.32 73.59 -14.92
N GLY L 361 34.53 73.36 -15.46
CA GLY L 361 34.68 72.37 -16.51
C GLY L 361 34.40 70.98 -16.00
N VAL L 362 33.71 70.19 -16.81
CA VAL L 362 33.38 68.81 -16.49
C VAL L 362 33.61 67.95 -17.72
N VAL L 363 34.40 66.89 -17.56
CA VAL L 363 34.68 65.94 -18.64
C VAL L 363 33.74 64.76 -18.48
N VAL L 364 33.10 64.37 -19.57
CA VAL L 364 32.13 63.27 -19.58
C VAL L 364 32.64 62.19 -20.52
N PRO L 365 33.30 61.15 -19.99
CA PRO L 365 33.72 60.02 -20.84
C PRO L 365 32.54 59.37 -21.55
#